data_6IYN
#
_entry.id   6IYN
#
_entity_poly.entity_id   1
_entity_poly.type   'polypeptide(L)'
_entity_poly.pdbx_seq_one_letter_code
;MQLQLVESGGGLVQAGGSLRLSCAASGRTFSSYAMGWFRQAPGKEREFVAVVNWSGRRTYYADSVKGRFTISRDNAKNTV
YLQMNSLKPEDTAVYNCAAGKWDGSYYGAPDYWGQGTQVTVSSLEHHHHHH
;
_entity_poly.pdbx_strand_id   A
#
# COMPACT_ATOMS: atom_id res chain seq x y z
N MET A 1 12.84 7.91 19.84
CA MET A 1 12.08 6.70 19.41
C MET A 1 11.82 6.75 17.88
N GLN A 2 11.48 5.59 17.31
CA GLN A 2 11.19 5.45 15.86
C GLN A 2 9.68 5.21 15.64
N LEU A 3 9.25 5.29 14.38
CA LEU A 3 7.87 4.95 13.98
C LEU A 3 7.88 3.51 13.43
N GLN A 4 7.22 2.61 14.18
CA GLN A 4 7.14 1.17 13.86
C GLN A 4 5.87 0.91 13.04
N LEU A 5 6.04 0.41 11.80
CA LEU A 5 4.93 0.05 10.89
C LEU A 5 4.97 -1.48 10.67
N VAL A 6 3.86 -2.16 10.99
CA VAL A 6 3.71 -3.62 10.88
C VAL A 6 2.61 -3.94 9.86
N GLU A 7 3.02 -4.34 8.66
CA GLU A 7 2.11 -4.63 7.56
C GLU A 7 1.56 -6.06 7.69
N SER A 8 0.31 -6.24 7.24
CA SER A 8 -0.46 -7.49 7.42
C SER A 8 -1.64 -7.50 6.44
N GLY A 9 -2.43 -8.59 6.46
CA GLY A 9 -3.61 -8.74 5.59
C GLY A 9 -3.26 -9.18 4.16
N GLY A 10 -1.96 -9.48 3.92
CA GLY A 10 -1.47 -9.90 2.60
C GLY A 10 -1.85 -11.35 2.28
N GLY A 11 -2.32 -11.57 1.05
CA GLY A 11 -2.77 -12.88 0.61
C GLY A 11 -2.92 -12.96 -0.91
N LEU A 12 -3.30 -14.15 -1.41
CA LEU A 12 -3.50 -14.41 -2.84
C LEU A 12 -5.00 -14.33 -3.21
N VAL A 13 -5.29 -13.72 -4.36
CA VAL A 13 -6.66 -13.57 -4.91
C VAL A 13 -6.57 -13.51 -6.45
N GLN A 14 -7.63 -13.95 -7.14
CA GLN A 14 -7.65 -14.01 -8.62
C GLN A 14 -7.71 -12.61 -9.26
N ALA A 15 -7.30 -12.55 -10.55
CA ALA A 15 -7.34 -11.31 -11.36
C ALA A 15 -8.79 -10.82 -11.54
N GLY A 16 -9.05 -9.56 -11.11
CA GLY A 16 -10.39 -8.97 -11.08
C GLY A 16 -11.02 -9.03 -9.69
N GLY A 17 -10.34 -9.72 -8.76
CA GLY A 17 -10.80 -9.85 -7.37
C GLY A 17 -10.39 -8.67 -6.48
N SER A 18 -10.48 -8.85 -5.16
CA SER A 18 -10.22 -7.78 -4.19
C SER A 18 -9.63 -8.36 -2.88
N LEU A 19 -8.89 -7.51 -2.14
CA LEU A 19 -8.17 -7.90 -0.92
C LEU A 19 -8.03 -6.66 0.00
N ARG A 20 -8.27 -6.85 1.31
CA ARG A 20 -8.05 -5.78 2.31
C ARG A 20 -6.71 -6.00 3.02
N LEU A 21 -5.94 -4.91 3.13
CA LEU A 21 -4.64 -4.88 3.80
C LEU A 21 -4.76 -4.14 5.14
N SER A 22 -3.79 -4.38 6.03
CA SER A 22 -3.74 -3.78 7.36
C SER A 22 -2.31 -3.34 7.69
N CYS A 23 -2.19 -2.38 8.61
CA CYS A 23 -0.90 -1.85 9.09
C CYS A 23 -1.06 -1.35 10.54
N ALA A 24 -0.38 -2.04 11.48
CA ALA A 24 -0.35 -1.67 12.90
C ALA A 24 0.75 -0.60 13.10
N ALA A 25 0.35 0.60 13.54
CA ALA A 25 1.26 1.73 13.73
C ALA A 25 1.51 1.95 15.23
N SER A 26 2.80 1.95 15.60
CA SER A 26 3.28 2.13 16.98
C SER A 26 4.58 2.97 16.96
N GLY A 27 5.17 3.20 18.15
CA GLY A 27 6.36 4.05 18.29
C GLY A 27 5.98 5.51 18.31
N ARG A 28 6.44 6.31 17.32
CA ARG A 28 6.03 7.73 17.17
C ARG A 28 4.56 7.82 16.75
N THR A 29 3.91 8.96 17.10
CA THR A 29 2.52 9.23 16.72
C THR A 29 2.43 9.45 15.20
N PHE A 30 1.86 8.47 14.47
CA PHE A 30 1.63 8.56 13.01
C PHE A 30 0.60 9.68 12.69
N SER A 31 -0.11 10.15 13.73
CA SER A 31 -1.02 11.30 13.65
C SER A 31 -0.25 12.65 13.48
N SER A 32 1.09 12.58 13.51
CA SER A 32 1.98 13.71 13.20
C SER A 32 2.70 13.47 11.84
N TYR A 33 2.28 12.41 11.12
CA TYR A 33 2.94 11.93 9.87
C TYR A 33 1.89 11.58 8.80
N ALA A 34 2.33 11.63 7.53
CA ALA A 34 1.59 11.06 6.40
C ALA A 34 2.31 9.77 5.97
N MET A 35 1.54 8.70 5.77
CA MET A 35 2.09 7.36 5.42
C MET A 35 1.56 6.94 4.04
N GLY A 36 2.42 6.29 3.26
CA GLY A 36 2.06 5.79 1.94
C GLY A 36 2.39 4.32 1.77
N TRP A 37 1.66 3.66 0.87
CA TRP A 37 1.90 2.27 0.47
C TRP A 37 2.72 2.28 -0.83
N PHE A 38 3.85 1.58 -0.78
CA PHE A 38 4.77 1.38 -1.92
C PHE A 38 4.89 -0.13 -2.16
N ARG A 39 5.32 -0.57 -3.35
CA ARG A 39 5.45 -2.03 -3.64
C ARG A 39 6.72 -2.33 -4.44
N GLN A 40 7.10 -3.62 -4.43
CA GLN A 40 8.20 -4.17 -5.24
C GLN A 40 8.14 -5.70 -5.26
N ALA A 41 8.68 -6.29 -6.35
CA ALA A 41 8.95 -7.74 -6.49
C ALA A 41 9.40 -8.08 -7.95
N PRO A 42 8.60 -7.73 -9.04
CA PRO A 42 8.98 -8.06 -10.42
C PRO A 42 9.86 -6.96 -11.07
N GLY A 43 11.17 -7.00 -10.73
CA GLY A 43 12.14 -6.03 -11.27
C GLY A 43 11.91 -4.60 -10.78
N LYS A 44 11.30 -4.48 -9.58
CA LYS A 44 10.82 -3.21 -9.02
C LYS A 44 11.57 -2.82 -7.73
N GLU A 45 11.70 -1.50 -7.53
CA GLU A 45 12.01 -0.88 -6.22
C GLU A 45 10.67 -0.42 -5.59
N ARG A 46 10.70 0.16 -4.37
CA ARG A 46 9.47 0.74 -3.75
C ARG A 46 8.96 1.89 -4.64
N GLU A 47 7.90 1.60 -5.40
CA GLU A 47 7.26 2.54 -6.33
C GLU A 47 6.02 3.13 -5.68
N PHE A 48 5.70 4.40 -6.00
CA PHE A 48 4.50 5.09 -5.50
C PHE A 48 3.23 4.34 -5.96
N VAL A 49 2.50 3.79 -4.98
CA VAL A 49 1.19 3.15 -5.20
C VAL A 49 0.09 4.12 -4.72
N ALA A 50 0.19 4.51 -3.44
CA ALA A 50 -0.76 5.41 -2.79
C ALA A 50 -0.11 6.09 -1.58
N VAL A 51 -0.59 7.30 -1.23
CA VAL A 51 -0.19 8.04 0.00
C VAL A 51 -1.45 8.65 0.63
N VAL A 52 -1.51 8.65 1.97
CA VAL A 52 -2.60 9.25 2.74
C VAL A 52 -2.01 10.07 3.91
N ASN A 53 -2.66 11.19 4.25
CA ASN A 53 -2.39 11.90 5.50
C ASN A 53 -3.16 11.21 6.64
N TRP A 54 -2.67 11.40 7.86
CA TRP A 54 -3.25 10.78 9.09
C TRP A 54 -4.77 11.06 9.21
N SER A 55 -5.18 12.27 8.85
CA SER A 55 -6.58 12.73 8.94
C SER A 55 -7.49 12.00 7.93
N GLY A 56 -6.88 11.54 6.82
CA GLY A 56 -7.61 11.07 5.64
C GLY A 56 -8.04 12.24 4.75
N ARG A 57 -7.48 13.42 5.06
CA ARG A 57 -7.77 14.70 4.39
C ARG A 57 -7.34 14.66 2.91
N ARG A 58 -6.18 14.03 2.67
CA ARG A 58 -5.62 13.87 1.32
C ARG A 58 -5.28 12.40 1.05
N THR A 59 -5.79 11.90 -0.08
CA THR A 59 -5.47 10.58 -0.64
C THR A 59 -4.91 10.77 -2.06
N TYR A 60 -3.77 10.14 -2.33
CA TYR A 60 -3.04 10.22 -3.61
C TYR A 60 -2.92 8.80 -4.17
N TYR A 61 -3.13 8.65 -5.50
CA TYR A 61 -3.12 7.33 -6.16
C TYR A 61 -2.30 7.39 -7.46
N ALA A 62 -1.51 6.33 -7.70
CA ALA A 62 -0.75 6.14 -8.94
C ALA A 62 -1.68 5.59 -10.04
N ASP A 63 -1.42 5.96 -11.30
CA ASP A 63 -2.30 5.62 -12.46
C ASP A 63 -2.49 4.10 -12.64
N SER A 64 -1.50 3.31 -12.21
CA SER A 64 -1.53 1.84 -12.27
C SER A 64 -2.66 1.24 -11.40
N VAL A 65 -2.94 1.91 -10.27
CA VAL A 65 -3.83 1.43 -9.20
C VAL A 65 -4.96 2.45 -8.88
N LYS A 66 -5.03 3.53 -9.66
CA LYS A 66 -5.93 4.67 -9.39
C LYS A 66 -7.39 4.28 -9.67
N GLY A 67 -8.32 4.80 -8.84
CA GLY A 67 -9.77 4.56 -8.99
C GLY A 67 -10.25 3.25 -8.35
N ARG A 68 -9.32 2.29 -8.17
CA ARG A 68 -9.64 0.94 -7.66
C ARG A 68 -8.96 0.67 -6.30
N PHE A 69 -7.93 1.46 -5.94
CA PHE A 69 -7.33 1.43 -4.60
C PHE A 69 -7.88 2.59 -3.76
N THR A 70 -7.98 2.37 -2.44
CA THR A 70 -8.39 3.38 -1.46
C THR A 70 -7.69 3.11 -0.13
N ILE A 71 -7.18 4.17 0.55
CA ILE A 71 -6.56 4.04 1.89
C ILE A 71 -7.58 4.51 2.94
N SER A 72 -7.47 3.95 4.14
CA SER A 72 -8.25 4.35 5.33
C SER A 72 -7.36 4.17 6.57
N ARG A 73 -7.70 4.85 7.69
CA ARG A 73 -6.98 4.69 8.96
C ARG A 73 -7.83 5.18 10.15
N ASP A 74 -7.91 4.35 11.19
CA ASP A 74 -8.46 4.71 12.50
C ASP A 74 -7.33 5.30 13.34
N ASN A 75 -7.35 6.62 13.56
CA ASN A 75 -6.33 7.34 14.33
C ASN A 75 -6.43 6.98 15.84
N ALA A 76 -7.66 6.73 16.30
CA ALA A 76 -7.96 6.34 17.69
C ALA A 76 -7.40 4.93 18.00
N LYS A 77 -7.56 4.01 17.04
CA LYS A 77 -7.12 2.61 17.18
C LYS A 77 -5.74 2.35 16.52
N ASN A 78 -5.17 3.42 15.93
CA ASN A 78 -3.78 3.45 15.39
C ASN A 78 -3.53 2.41 14.26
N THR A 79 -4.60 2.04 13.52
CA THR A 79 -4.51 1.01 12.47
C THR A 79 -4.88 1.60 11.09
N VAL A 80 -4.04 1.32 10.08
CA VAL A 80 -4.25 1.71 8.69
C VAL A 80 -4.72 0.48 7.89
N TYR A 81 -5.55 0.72 6.86
CA TYR A 81 -6.08 -0.31 5.96
C TYR A 81 -5.90 0.14 4.50
N LEU A 82 -5.77 -0.82 3.58
CA LEU A 82 -5.67 -0.55 2.13
C LEU A 82 -6.64 -1.47 1.37
N GLN A 83 -7.72 -0.88 0.86
CA GLN A 83 -8.74 -1.57 0.09
C GLN A 83 -8.30 -1.70 -1.38
N MET A 84 -7.85 -2.89 -1.76
CA MET A 84 -7.52 -3.24 -3.15
C MET A 84 -8.78 -3.79 -3.82
N ASN A 85 -9.20 -3.16 -4.93
CA ASN A 85 -10.34 -3.61 -5.74
C ASN A 85 -9.85 -3.85 -7.18
N SER A 86 -10.36 -4.91 -7.84
CA SER A 86 -10.07 -5.25 -9.26
C SER A 86 -8.54 -5.36 -9.51
N LEU A 87 -7.90 -6.32 -8.80
CA LEU A 87 -6.45 -6.54 -8.89
C LEU A 87 -6.05 -7.14 -10.24
N LYS A 88 -5.24 -6.36 -10.98
CA LYS A 88 -4.64 -6.78 -12.25
C LYS A 88 -3.48 -7.76 -11.96
N PRO A 89 -3.17 -8.74 -12.87
CA PRO A 89 -2.12 -9.79 -12.63
C PRO A 89 -0.70 -9.23 -12.30
N GLU A 90 -0.47 -7.94 -12.64
CA GLU A 90 0.83 -7.26 -12.44
C GLU A 90 1.10 -6.87 -10.97
N ASP A 91 0.03 -6.81 -10.14
CA ASP A 91 0.10 -6.24 -8.77
C ASP A 91 0.75 -7.19 -7.73
N THR A 92 1.16 -8.40 -8.17
CA THR A 92 1.85 -9.39 -7.33
C THR A 92 3.21 -8.81 -6.84
N ALA A 93 3.22 -8.35 -5.58
CA ALA A 93 4.37 -7.64 -4.98
C ALA A 93 4.23 -7.55 -3.45
N VAL A 94 5.36 -7.30 -2.80
CA VAL A 94 5.40 -7.01 -1.35
C VAL A 94 5.23 -5.48 -1.12
N TYR A 95 4.13 -5.11 -0.45
CA TYR A 95 3.77 -3.71 -0.17
C TYR A 95 4.33 -3.24 1.18
N ASN A 96 5.22 -2.25 1.13
CA ASN A 96 5.84 -1.63 2.30
C ASN A 96 5.16 -0.29 2.61
N CYS A 97 4.77 -0.11 3.87
CA CYS A 97 4.24 1.15 4.40
C CYS A 97 5.42 2.02 4.81
N ALA A 98 5.48 3.22 4.25
CA ALA A 98 6.60 4.15 4.42
C ALA A 98 6.07 5.56 4.74
N ALA A 99 6.45 6.09 5.91
CA ALA A 99 5.96 7.37 6.42
C ALA A 99 7.10 8.38 6.60
N GLY A 100 6.72 9.64 6.83
CA GLY A 100 7.67 10.71 7.12
C GLY A 100 7.21 12.04 6.57
N LYS A 101 8.18 12.85 6.15
CA LYS A 101 7.94 14.16 5.52
C LYS A 101 7.63 13.95 4.01
N TRP A 102 6.39 14.27 3.60
CA TRP A 102 6.03 14.38 2.17
C TRP A 102 6.29 15.82 1.71
N ASP A 103 6.94 15.96 0.55
CA ASP A 103 7.42 17.26 0.04
C ASP A 103 6.78 17.57 -1.33
N GLY A 104 7.21 16.80 -2.34
CA GLY A 104 6.84 17.05 -3.74
C GLY A 104 7.80 16.35 -4.68
N SER A 105 9.08 16.34 -4.28
CA SER A 105 10.15 15.60 -5.00
C SER A 105 9.80 14.11 -5.13
N TYR A 106 9.85 13.58 -6.37
CA TYR A 106 9.43 12.19 -6.67
C TYR A 106 10.56 11.17 -6.37
N TYR A 107 11.70 11.67 -5.84
CA TYR A 107 12.79 10.81 -5.34
C TYR A 107 12.30 10.06 -4.08
N GLY A 108 11.93 8.78 -4.28
CA GLY A 108 11.31 7.96 -3.23
C GLY A 108 12.30 7.47 -2.17
N ALA A 109 12.62 8.36 -1.23
CA ALA A 109 13.49 8.05 -0.07
C ALA A 109 12.75 8.47 1.22
N PRO A 110 12.07 7.50 1.92
CA PRO A 110 11.26 7.79 3.13
C PRO A 110 12.13 7.97 4.39
N ASP A 111 11.56 8.64 5.42
CA ASP A 111 12.18 8.80 6.74
C ASP A 111 12.03 7.49 7.54
N TYR A 112 10.83 6.90 7.44
CA TYR A 112 10.47 5.64 8.10
C TYR A 112 9.85 4.69 7.07
N TRP A 113 10.09 3.39 7.25
CA TRP A 113 9.55 2.33 6.38
C TRP A 113 9.33 1.06 7.21
N GLY A 114 8.44 0.19 6.73
CA GLY A 114 8.06 -1.03 7.43
C GLY A 114 8.71 -2.28 6.86
N GLN A 115 8.14 -3.44 7.23
CA GLN A 115 8.65 -4.78 6.90
C GLN A 115 8.25 -5.20 5.48
N GLY A 116 6.94 -5.06 5.20
CA GLY A 116 6.36 -5.42 3.90
C GLY A 116 5.38 -6.57 4.03
N THR A 117 4.23 -6.48 3.32
CA THR A 117 3.20 -7.52 3.27
C THR A 117 3.09 -8.08 1.83
N GLN A 118 3.43 -9.37 1.69
CA GLN A 118 3.41 -10.08 0.39
C GLN A 118 1.96 -10.35 -0.03
N VAL A 119 1.51 -9.67 -1.11
CA VAL A 119 0.23 -9.95 -1.77
C VAL A 119 0.51 -10.59 -3.14
N THR A 120 -0.35 -11.52 -3.54
CA THR A 120 -0.27 -12.20 -4.83
C THR A 120 -1.63 -12.08 -5.52
N VAL A 121 -1.60 -11.83 -6.83
CA VAL A 121 -2.79 -11.85 -7.67
C VAL A 121 -2.59 -12.92 -8.75
N SER A 122 -3.42 -13.98 -8.66
CA SER A 122 -3.40 -15.12 -9.58
C SER A 122 -3.66 -14.63 -11.01
N SER A 123 -2.61 -14.76 -11.85
CA SER A 123 -2.59 -14.31 -13.24
C SER A 123 -3.44 -15.23 -14.14
N LEU A 124 -3.40 -14.97 -15.46
CA LEU A 124 -4.16 -15.68 -16.49
C LEU A 124 -5.66 -15.34 -16.34
N GLU A 125 -6.10 -14.38 -17.17
CA GLU A 125 -7.51 -13.95 -17.28
C GLU A 125 -8.43 -15.12 -17.71
N HIS A 126 -7.83 -16.10 -18.43
CA HIS A 126 -8.43 -17.43 -18.74
C HIS A 126 -9.48 -17.39 -19.88
N HIS A 127 -10.23 -16.28 -20.01
CA HIS A 127 -11.38 -16.21 -20.94
C HIS A 127 -10.90 -16.25 -22.42
N HIS A 128 -10.95 -17.45 -23.00
CA HIS A 128 -10.70 -17.65 -24.44
C HIS A 128 -11.97 -17.26 -25.22
N HIS A 129 -13.14 -17.56 -24.59
CA HIS A 129 -14.49 -17.27 -25.12
C HIS A 129 -14.77 -18.14 -26.37
N HIS A 130 -14.20 -17.74 -27.51
CA HIS A 130 -14.18 -18.50 -28.78
C HIS A 130 -12.92 -18.11 -29.57
N HIS A 131 -12.55 -18.91 -30.57
CA HIS A 131 -11.44 -18.59 -31.48
C HIS A 131 -11.99 -17.75 -32.66
N MET A 1 14.32 3.50 18.56
CA MET A 1 13.11 4.34 18.70
C MET A 1 12.63 4.79 17.30
N GLN A 2 11.58 4.14 16.79
CA GLN A 2 11.02 4.44 15.45
C GLN A 2 9.54 4.07 15.38
N LEU A 3 8.90 4.42 14.26
CA LEU A 3 7.52 3.98 13.96
C LEU A 3 7.55 2.51 13.51
N GLN A 4 7.00 1.63 14.36
CA GLN A 4 6.83 0.21 14.03
C GLN A 4 5.52 0.03 13.26
N LEU A 5 5.64 -0.42 12.00
CA LEU A 5 4.51 -0.74 11.13
C LEU A 5 4.48 -2.27 10.93
N VAL A 6 3.30 -2.89 11.14
CA VAL A 6 3.12 -4.35 11.04
C VAL A 6 2.05 -4.65 9.98
N GLU A 7 2.48 -4.98 8.76
CA GLU A 7 1.58 -5.19 7.62
C GLU A 7 1.14 -6.65 7.56
N SER A 8 -0.15 -6.86 7.24
CA SER A 8 -0.80 -8.19 7.24
C SER A 8 -1.98 -8.19 6.26
N GLY A 9 -2.47 -9.39 5.91
CA GLY A 9 -3.63 -9.57 5.02
C GLY A 9 -3.24 -9.99 3.61
N GLY A 10 -1.93 -9.93 3.30
CA GLY A 10 -1.41 -10.29 1.97
C GLY A 10 -1.46 -11.79 1.72
N GLY A 11 -2.19 -12.19 0.66
CA GLY A 11 -2.32 -13.60 0.27
C GLY A 11 -2.75 -13.74 -1.18
N LEU A 12 -3.11 -14.98 -1.60
CA LEU A 12 -3.53 -15.26 -2.98
C LEU A 12 -5.00 -14.85 -3.22
N VAL A 13 -5.25 -14.18 -4.36
CA VAL A 13 -6.60 -13.76 -4.80
C VAL A 13 -6.63 -13.70 -6.34
N GLN A 14 -7.75 -14.15 -6.95
CA GLN A 14 -7.92 -14.19 -8.42
C GLN A 14 -7.83 -12.78 -9.06
N ALA A 15 -7.36 -12.73 -10.31
CA ALA A 15 -7.21 -11.47 -11.07
C ALA A 15 -8.59 -10.86 -11.37
N GLY A 16 -8.82 -9.66 -10.81
CA GLY A 16 -10.10 -8.95 -10.89
C GLY A 16 -10.78 -8.87 -9.53
N GLY A 17 -10.24 -9.62 -8.56
CA GLY A 17 -10.77 -9.66 -7.19
C GLY A 17 -10.32 -8.49 -6.32
N SER A 18 -10.63 -8.61 -5.02
CA SER A 18 -10.30 -7.59 -4.01
C SER A 18 -9.42 -8.21 -2.90
N LEU A 19 -8.74 -7.37 -2.12
CA LEU A 19 -7.88 -7.83 -1.00
C LEU A 19 -7.78 -6.72 0.06
N ARG A 20 -8.08 -7.07 1.31
CA ARG A 20 -8.02 -6.13 2.45
C ARG A 20 -6.71 -6.31 3.21
N LEU A 21 -5.90 -5.24 3.25
CA LEU A 21 -4.65 -5.16 4.00
C LEU A 21 -4.89 -4.35 5.29
N SER A 22 -4.08 -4.63 6.31
CA SER A 22 -4.14 -3.92 7.59
C SER A 22 -2.71 -3.80 8.16
N CYS A 23 -2.44 -2.70 8.86
CA CYS A 23 -1.11 -2.40 9.41
C CYS A 23 -1.22 -1.85 10.83
N ALA A 24 -0.54 -2.51 11.79
CA ALA A 24 -0.47 -2.05 13.18
C ALA A 24 0.69 -1.06 13.29
N ALA A 25 0.35 0.20 13.60
CA ALA A 25 1.33 1.30 13.70
C ALA A 25 1.58 1.60 15.17
N SER A 26 2.79 2.08 15.47
CA SER A 26 3.19 2.46 16.81
C SER A 26 2.51 3.77 17.25
N GLY A 27 2.54 4.04 18.58
CA GLY A 27 2.10 5.33 19.14
C GLY A 27 2.99 6.49 18.69
N ARG A 28 4.14 6.15 18.07
CA ARG A 28 5.03 7.10 17.35
C ARG A 28 4.19 7.89 16.31
N THR A 29 4.27 9.23 16.37
CA THR A 29 3.54 10.12 15.47
C THR A 29 3.89 9.93 13.98
N PHE A 30 3.14 9.01 13.33
CA PHE A 30 3.01 8.96 11.86
C PHE A 30 2.09 10.12 11.40
N SER A 31 1.33 10.65 12.37
CA SER A 31 0.44 11.80 12.20
C SER A 31 1.20 13.12 11.92
N SER A 32 2.53 13.11 12.15
CA SER A 32 3.40 14.26 11.82
C SER A 32 3.85 14.23 10.35
N TYR A 33 3.46 13.15 9.62
CA TYR A 33 3.92 12.89 8.24
C TYR A 33 2.74 12.52 7.33
N ALA A 34 3.01 12.50 6.00
CA ALA A 34 2.10 11.87 5.02
C ALA A 34 2.54 10.40 4.85
N MET A 35 1.60 9.48 5.12
CA MET A 35 1.89 8.02 5.16
C MET A 35 1.41 7.39 3.85
N GLY A 36 2.27 6.58 3.20
CA GLY A 36 1.94 5.94 1.94
C GLY A 36 2.31 4.46 1.89
N TRP A 37 1.59 3.73 1.05
CA TRP A 37 1.89 2.33 0.70
C TRP A 37 2.70 2.29 -0.59
N PHE A 38 3.69 1.42 -0.59
CA PHE A 38 4.65 1.20 -1.70
C PHE A 38 4.72 -0.31 -1.99
N ARG A 39 5.38 -0.71 -3.08
CA ARG A 39 5.54 -2.15 -3.43
C ARG A 39 6.78 -2.41 -4.28
N GLN A 40 7.21 -3.68 -4.32
CA GLN A 40 8.22 -4.16 -5.28
C GLN A 40 8.28 -5.70 -5.27
N ALA A 41 8.67 -6.28 -6.44
CA ALA A 41 8.97 -7.73 -6.62
C ALA A 41 9.14 -8.08 -8.12
N PRO A 42 8.09 -7.86 -9.01
CA PRO A 42 8.11 -8.37 -10.41
C PRO A 42 8.84 -7.42 -11.39
N GLY A 43 10.19 -7.35 -11.23
CA GLY A 43 11.01 -6.44 -12.01
C GLY A 43 10.83 -4.98 -11.59
N LYS A 44 10.26 -4.77 -10.40
CA LYS A 44 9.94 -3.45 -9.86
C LYS A 44 10.87 -3.08 -8.70
N GLU A 45 11.28 -1.80 -8.65
CA GLU A 45 11.86 -1.19 -7.44
C GLU A 45 10.71 -0.68 -6.56
N ARG A 46 11.00 -0.26 -5.31
CA ARG A 46 9.97 0.26 -4.40
C ARG A 46 9.35 1.54 -4.99
N GLU A 47 8.12 1.38 -5.51
CA GLU A 47 7.42 2.41 -6.29
C GLU A 47 6.27 3.01 -5.49
N PHE A 48 5.91 4.25 -5.84
CA PHE A 48 4.72 4.93 -5.31
C PHE A 48 3.45 4.21 -5.80
N VAL A 49 2.76 3.55 -4.85
CA VAL A 49 1.43 3.00 -5.09
C VAL A 49 0.39 4.07 -4.76
N ALA A 50 0.36 4.48 -3.49
CA ALA A 50 -0.61 5.48 -3.00
C ALA A 50 -0.17 6.05 -1.66
N VAL A 51 -0.25 7.39 -1.52
CA VAL A 51 0.02 8.10 -0.24
C VAL A 51 -1.28 8.78 0.22
N VAL A 52 -1.42 8.99 1.53
CA VAL A 52 -2.56 9.71 2.12
C VAL A 52 -2.03 10.72 3.16
N ASN A 53 -2.77 11.81 3.35
CA ASN A 53 -2.56 12.72 4.49
C ASN A 53 -2.99 11.98 5.80
N TRP A 54 -2.39 12.36 6.94
CA TRP A 54 -2.63 11.70 8.23
C TRP A 54 -4.11 11.78 8.69
N SER A 55 -4.75 12.92 8.39
CA SER A 55 -6.18 13.15 8.69
C SER A 55 -7.10 12.54 7.60
N GLY A 56 -6.47 12.01 6.53
CA GLY A 56 -7.21 11.56 5.35
C GLY A 56 -7.71 12.72 4.51
N ARG A 57 -7.09 13.91 4.70
CA ARG A 57 -7.50 15.18 4.04
C ARG A 57 -7.46 15.04 2.51
N ARG A 58 -6.36 14.50 1.99
CA ARG A 58 -6.18 14.22 0.56
C ARG A 58 -5.68 12.78 0.39
N THR A 59 -6.19 12.09 -0.65
CA THR A 59 -5.69 10.77 -1.06
C THR A 59 -5.00 10.92 -2.41
N TYR A 60 -3.78 10.39 -2.51
CA TYR A 60 -2.93 10.45 -3.71
C TYR A 60 -2.77 9.02 -4.23
N TYR A 61 -3.26 8.74 -5.44
CA TYR A 61 -3.14 7.41 -6.06
C TYR A 61 -2.26 7.51 -7.31
N ALA A 62 -1.43 6.47 -7.53
CA ALA A 62 -0.73 6.28 -8.81
C ALA A 62 -1.75 5.87 -9.87
N ASP A 63 -1.50 6.27 -11.12
CA ASP A 63 -2.39 5.95 -12.27
C ASP A 63 -2.60 4.42 -12.45
N SER A 64 -1.61 3.65 -11.97
CA SER A 64 -1.60 2.18 -12.02
C SER A 64 -2.65 1.54 -11.08
N VAL A 65 -3.02 2.27 -10.00
CA VAL A 65 -3.93 1.79 -8.94
C VAL A 65 -5.09 2.79 -8.69
N LYS A 66 -5.17 3.83 -9.54
CA LYS A 66 -6.10 4.97 -9.34
C LYS A 66 -7.56 4.53 -9.51
N GLY A 67 -8.37 4.79 -8.47
CA GLY A 67 -9.82 4.53 -8.50
C GLY A 67 -10.19 3.07 -8.18
N ARG A 68 -9.18 2.20 -7.96
CA ARG A 68 -9.40 0.79 -7.58
C ARG A 68 -8.74 0.46 -6.23
N PHE A 69 -7.89 1.36 -5.72
CA PHE A 69 -7.32 1.25 -4.35
C PHE A 69 -7.93 2.33 -3.43
N THR A 70 -7.79 2.13 -2.11
CA THR A 70 -8.28 3.06 -1.08
C THR A 70 -7.40 2.94 0.18
N ILE A 71 -6.93 4.07 0.72
CA ILE A 71 -6.20 4.09 2.01
C ILE A 71 -7.15 4.61 3.10
N SER A 72 -7.05 4.00 4.28
CA SER A 72 -7.80 4.40 5.47
C SER A 72 -6.85 4.29 6.69
N ARG A 73 -7.16 5.00 7.79
CA ARG A 73 -6.36 4.91 9.03
C ARG A 73 -7.19 5.39 10.24
N ASP A 74 -7.17 4.58 11.30
CA ASP A 74 -7.75 4.91 12.61
C ASP A 74 -6.63 5.38 13.54
N ASN A 75 -6.40 6.70 13.58
CA ASN A 75 -5.31 7.32 14.39
C ASN A 75 -5.52 7.06 15.89
N ALA A 76 -6.79 6.85 16.29
CA ALA A 76 -7.18 6.51 17.67
C ALA A 76 -6.57 5.16 18.11
N LYS A 77 -6.62 4.18 17.21
CA LYS A 77 -6.07 2.83 17.46
C LYS A 77 -4.63 2.71 16.96
N ASN A 78 -4.17 3.74 16.20
CA ASN A 78 -2.89 3.71 15.45
C ASN A 78 -2.88 2.52 14.46
N THR A 79 -4.00 2.35 13.76
CA THR A 79 -4.22 1.27 12.78
C THR A 79 -4.37 1.87 11.37
N VAL A 80 -3.92 1.11 10.35
CA VAL A 80 -4.02 1.50 8.94
C VAL A 80 -4.71 0.37 8.15
N TYR A 81 -5.41 0.73 7.06
CA TYR A 81 -6.06 -0.23 6.15
C TYR A 81 -5.73 0.17 4.69
N LEU A 82 -5.60 -0.83 3.82
CA LEU A 82 -5.42 -0.62 2.36
C LEU A 82 -6.37 -1.58 1.64
N GLN A 83 -7.44 -1.03 1.06
CA GLN A 83 -8.40 -1.79 0.26
C GLN A 83 -7.91 -1.88 -1.19
N MET A 84 -7.84 -3.11 -1.71
CA MET A 84 -7.54 -3.40 -3.11
C MET A 84 -8.83 -3.84 -3.81
N ASN A 85 -9.00 -3.41 -5.06
CA ASN A 85 -10.11 -3.85 -5.95
C ASN A 85 -9.54 -4.00 -7.37
N SER A 86 -10.06 -4.96 -8.15
CA SER A 86 -9.72 -5.14 -9.59
C SER A 86 -8.20 -5.37 -9.78
N LEU A 87 -7.66 -6.34 -9.03
CA LEU A 87 -6.22 -6.65 -9.04
C LEU A 87 -5.79 -7.33 -10.36
N LYS A 88 -4.85 -6.68 -11.06
CA LYS A 88 -4.20 -7.21 -12.26
C LYS A 88 -3.06 -8.16 -11.85
N PRO A 89 -2.72 -9.23 -12.66
CA PRO A 89 -1.70 -10.26 -12.28
C PRO A 89 -0.30 -9.70 -11.93
N GLU A 90 -0.02 -8.46 -12.36
CA GLU A 90 1.27 -7.78 -12.18
C GLU A 90 1.46 -7.23 -10.74
N ASP A 91 0.33 -7.05 -10.01
CA ASP A 91 0.34 -6.42 -8.66
C ASP A 91 0.98 -7.33 -7.58
N THR A 92 1.28 -8.61 -7.95
CA THR A 92 1.99 -9.56 -7.09
C THR A 92 3.35 -8.98 -6.64
N ALA A 93 3.40 -8.50 -5.39
CA ALA A 93 4.54 -7.76 -4.84
C ALA A 93 4.40 -7.58 -3.33
N VAL A 94 5.53 -7.32 -2.65
CA VAL A 94 5.52 -7.01 -1.22
C VAL A 94 5.12 -5.54 -1.02
N TYR A 95 3.94 -5.33 -0.41
CA TYR A 95 3.43 -4.00 -0.09
C TYR A 95 3.93 -3.55 1.28
N ASN A 96 4.79 -2.53 1.25
CA ASN A 96 5.41 -1.93 2.44
C ASN A 96 4.73 -0.59 2.74
N CYS A 97 4.20 -0.48 3.95
CA CYS A 97 3.66 0.77 4.47
C CYS A 97 4.84 1.58 5.02
N ALA A 98 4.90 2.84 4.64
CA ALA A 98 5.98 3.77 5.01
C ALA A 98 5.39 5.14 5.33
N ALA A 99 6.14 5.97 6.05
CA ALA A 99 5.74 7.34 6.41
C ALA A 99 6.95 8.25 6.29
N GLY A 100 6.71 9.56 6.18
CA GLY A 100 7.79 10.55 6.12
C GLY A 100 7.94 11.22 4.77
N LYS A 101 6.97 11.01 3.88
CA LYS A 101 6.90 11.73 2.60
C LYS A 101 6.14 13.05 2.83
N TRP A 102 6.49 14.07 2.04
CA TRP A 102 5.91 15.43 2.15
C TRP A 102 5.05 15.74 0.90
N ASP A 103 4.29 16.85 0.97
CA ASP A 103 3.40 17.30 -0.12
C ASP A 103 4.25 17.81 -1.30
N GLY A 104 4.37 16.97 -2.34
CA GLY A 104 5.27 17.25 -3.45
C GLY A 104 6.71 16.96 -3.10
N SER A 105 7.46 18.03 -2.75
CA SER A 105 8.89 17.96 -2.33
C SER A 105 9.77 17.36 -3.45
N TYR A 106 11.01 16.96 -3.11
CA TYR A 106 11.88 16.15 -3.98
C TYR A 106 12.07 14.79 -3.30
N TYR A 107 11.54 13.72 -3.94
CA TYR A 107 11.61 12.35 -3.39
C TYR A 107 13.07 11.87 -3.29
N GLY A 108 13.41 11.26 -2.15
CA GLY A 108 14.74 10.70 -1.90
C GLY A 108 14.67 9.47 -1.03
N ALA A 109 13.84 9.55 0.04
CA ALA A 109 13.63 8.47 1.01
C ALA A 109 12.48 8.83 1.99
N PRO A 110 11.69 7.82 2.48
CA PRO A 110 10.77 8.03 3.62
C PRO A 110 11.53 8.03 4.96
N ASP A 111 10.93 8.66 5.98
CA ASP A 111 11.53 8.77 7.33
C ASP A 111 11.39 7.44 8.09
N TYR A 112 10.29 6.73 7.80
CA TYR A 112 9.95 5.43 8.40
C TYR A 112 9.50 4.47 7.29
N TRP A 113 9.70 3.17 7.54
CA TRP A 113 9.31 2.09 6.62
C TRP A 113 8.95 0.84 7.43
N GLY A 114 8.03 0.03 6.89
CA GLY A 114 7.48 -1.12 7.61
C GLY A 114 8.22 -2.42 7.33
N GLN A 115 7.50 -3.55 7.52
CA GLN A 115 8.03 -4.91 7.36
C GLN A 115 7.67 -5.47 5.98
N GLY A 116 6.45 -5.15 5.52
CA GLY A 116 5.96 -5.54 4.20
C GLY A 116 5.10 -6.80 4.23
N THR A 117 3.99 -6.79 3.49
CA THR A 117 3.08 -7.93 3.33
C THR A 117 3.06 -8.34 1.84
N GLN A 118 3.57 -9.56 1.53
CA GLN A 118 3.61 -10.07 0.16
C GLN A 118 2.19 -10.44 -0.29
N VAL A 119 1.64 -9.64 -1.21
CA VAL A 119 0.35 -9.94 -1.85
C VAL A 119 0.63 -10.74 -3.14
N THR A 120 -0.28 -11.66 -3.45
CA THR A 120 -0.18 -12.52 -4.62
C THR A 120 -1.52 -12.52 -5.35
N VAL A 121 -1.58 -11.88 -6.51
CA VAL A 121 -2.76 -11.91 -7.35
C VAL A 121 -2.61 -13.04 -8.39
N SER A 122 -3.36 -14.14 -8.13
CA SER A 122 -3.45 -15.31 -9.00
C SER A 122 -3.91 -14.90 -10.41
N SER A 123 -3.05 -15.17 -11.39
CA SER A 123 -3.24 -14.78 -12.78
C SER A 123 -4.40 -15.59 -13.41
N LEU A 124 -5.38 -14.87 -13.97
CA LEU A 124 -6.57 -15.46 -14.62
C LEU A 124 -6.34 -15.55 -16.16
N GLU A 125 -5.05 -15.63 -16.56
CA GLU A 125 -4.60 -15.66 -17.98
C GLU A 125 -4.97 -14.35 -18.72
N HIS A 126 -4.62 -14.32 -20.02
CA HIS A 126 -5.07 -13.28 -20.96
C HIS A 126 -6.17 -13.92 -21.83
N HIS A 127 -5.80 -15.07 -22.43
CA HIS A 127 -6.69 -15.95 -23.22
C HIS A 127 -7.47 -15.19 -24.31
N HIS A 128 -6.73 -14.67 -25.30
CA HIS A 128 -7.30 -13.91 -26.42
C HIS A 128 -6.20 -13.52 -27.44
N HIS A 129 -5.02 -13.10 -26.89
CA HIS A 129 -3.96 -12.38 -27.66
C HIS A 129 -4.49 -10.99 -28.10
N HIS A 130 -3.64 -10.22 -28.81
CA HIS A 130 -3.98 -8.86 -29.30
C HIS A 130 -4.24 -7.91 -28.11
N HIS A 131 -3.18 -7.17 -27.71
CA HIS A 131 -3.02 -6.53 -26.38
C HIS A 131 -2.62 -7.62 -25.34
N MET A 1 13.62 8.55 15.43
CA MET A 1 13.41 7.08 15.37
C MET A 1 12.33 6.73 14.34
N GLN A 2 12.35 5.46 13.88
CA GLN A 2 11.44 4.96 12.85
C GLN A 2 10.03 4.70 13.39
N LEU A 3 9.05 4.82 12.50
CA LEU A 3 7.65 4.48 12.78
C LEU A 3 7.48 2.97 12.54
N GLN A 4 7.24 2.22 13.64
CA GLN A 4 7.08 0.76 13.58
C GLN A 4 5.74 0.39 12.94
N LEU A 5 5.81 -0.05 11.69
CA LEU A 5 4.66 -0.51 10.90
C LEU A 5 4.74 -2.04 10.78
N VAL A 6 3.64 -2.73 11.11
CA VAL A 6 3.54 -4.19 11.01
C VAL A 6 2.36 -4.53 10.08
N GLU A 7 2.69 -4.92 8.86
CA GLU A 7 1.71 -5.22 7.80
C GLU A 7 1.31 -6.70 7.85
N SER A 8 0.13 -7.00 7.30
CA SER A 8 -0.42 -8.36 7.23
C SER A 8 -1.50 -8.44 6.13
N GLY A 9 -1.96 -9.67 5.84
CA GLY A 9 -2.94 -9.92 4.77
C GLY A 9 -2.30 -10.61 3.57
N GLY A 10 -1.08 -11.16 3.77
CA GLY A 10 -0.33 -11.84 2.71
C GLY A 10 -0.97 -13.16 2.29
N GLY A 11 -1.83 -13.11 1.27
CA GLY A 11 -2.49 -14.29 0.71
C GLY A 11 -2.72 -14.14 -0.78
N LEU A 12 -3.32 -15.17 -1.39
CA LEU A 12 -3.62 -15.16 -2.84
C LEU A 12 -5.13 -15.01 -3.07
N VAL A 13 -5.49 -14.34 -4.18
CA VAL A 13 -6.88 -14.07 -4.59
C VAL A 13 -6.94 -14.03 -6.13
N GLN A 14 -8.05 -14.49 -6.73
CA GLN A 14 -8.17 -14.65 -8.20
C GLN A 14 -8.30 -13.29 -8.92
N ALA A 15 -7.95 -13.30 -10.23
CA ALA A 15 -8.00 -12.09 -11.10
C ALA A 15 -9.45 -11.56 -11.23
N GLY A 16 -9.67 -10.35 -10.70
CA GLY A 16 -11.01 -9.73 -10.66
C GLY A 16 -11.52 -9.60 -9.22
N GLY A 17 -10.81 -10.25 -8.28
CA GLY A 17 -11.16 -10.22 -6.86
C GLY A 17 -10.54 -9.03 -6.13
N SER A 18 -10.52 -9.11 -4.80
CA SER A 18 -10.05 -8.02 -3.94
C SER A 18 -9.32 -8.60 -2.71
N LEU A 19 -8.45 -7.79 -2.08
CA LEU A 19 -7.71 -8.18 -0.88
C LEU A 19 -7.45 -6.94 -0.01
N ARG A 20 -7.98 -6.96 1.22
CA ARG A 20 -7.83 -5.88 2.20
C ARG A 20 -6.66 -6.18 3.16
N LEU A 21 -5.63 -5.34 3.10
CA LEU A 21 -4.45 -5.44 3.97
C LEU A 21 -4.65 -4.60 5.25
N SER A 22 -3.92 -4.97 6.31
CA SER A 22 -3.95 -4.28 7.59
C SER A 22 -2.52 -4.02 8.08
N CYS A 23 -2.29 -2.89 8.76
CA CYS A 23 -0.97 -2.46 9.22
C CYS A 23 -1.07 -1.69 10.55
N ALA A 24 -0.43 -2.21 11.61
CA ALA A 24 -0.41 -1.56 12.92
C ALA A 24 0.74 -0.53 12.98
N ALA A 25 0.42 0.70 13.41
CA ALA A 25 1.37 1.83 13.48
C ALA A 25 1.75 2.11 14.95
N SER A 26 3.06 2.18 15.23
CA SER A 26 3.61 2.42 16.57
C SER A 26 4.86 3.31 16.47
N GLY A 27 5.22 3.96 17.59
CA GLY A 27 6.40 4.83 17.65
C GLY A 27 6.04 6.31 17.62
N ARG A 28 6.51 7.02 16.56
CA ARG A 28 6.34 8.48 16.43
C ARG A 28 4.90 8.80 15.97
N THR A 29 4.48 10.08 16.11
CA THR A 29 3.15 10.53 15.71
C THR A 29 3.01 10.54 14.16
N PHE A 30 2.39 9.46 13.62
CA PHE A 30 2.11 9.32 12.17
C PHE A 30 1.00 10.32 11.73
N SER A 31 0.19 10.73 12.72
CA SER A 31 -0.89 11.72 12.53
C SER A 31 -0.33 13.15 12.35
N SER A 32 1.01 13.31 12.38
CA SER A 32 1.68 14.58 12.08
C SER A 32 2.22 14.59 10.63
N TYR A 33 2.20 13.41 9.95
CA TYR A 33 2.82 13.23 8.62
C TYR A 33 1.82 12.74 7.57
N ALA A 34 2.26 12.77 6.31
CA ALA A 34 1.60 12.10 5.19
C ALA A 34 2.36 10.79 4.89
N MET A 35 1.62 9.67 4.88
CA MET A 35 2.21 8.32 4.66
C MET A 35 1.85 7.78 3.27
N GLY A 36 2.47 6.67 2.86
CA GLY A 36 2.20 6.08 1.54
C GLY A 36 2.64 4.62 1.43
N TRP A 37 1.93 3.86 0.60
CA TRP A 37 2.24 2.45 0.30
C TRP A 37 3.02 2.35 -1.02
N PHE A 38 4.01 1.43 -1.05
CA PHE A 38 4.90 1.21 -2.21
C PHE A 38 5.10 -0.31 -2.37
N ARG A 39 4.99 -0.82 -3.62
CA ARG A 39 5.03 -2.29 -3.88
C ARG A 39 6.26 -2.68 -4.70
N GLN A 40 6.64 -3.97 -4.64
CA GLN A 40 7.74 -4.54 -5.44
C GLN A 40 7.73 -6.08 -5.36
N ALA A 41 8.24 -6.75 -6.41
CA ALA A 41 8.40 -8.24 -6.43
C ALA A 41 9.03 -8.71 -7.78
N PRO A 42 8.39 -8.40 -8.98
CA PRO A 42 8.84 -8.98 -10.28
C PRO A 42 10.02 -8.19 -10.91
N GLY A 43 11.16 -8.21 -10.21
CA GLY A 43 12.34 -7.44 -10.61
C GLY A 43 12.15 -5.94 -10.41
N LYS A 44 11.20 -5.58 -9.54
CA LYS A 44 10.82 -4.18 -9.27
C LYS A 44 11.42 -3.69 -7.95
N GLU A 45 11.71 -2.37 -7.90
CA GLU A 45 11.97 -1.62 -6.67
C GLU A 45 10.63 -1.03 -6.17
N ARG A 46 10.66 -0.32 -5.02
CA ARG A 46 9.44 0.31 -4.46
C ARG A 46 8.88 1.35 -5.46
N GLU A 47 7.77 0.99 -6.12
CA GLU A 47 7.06 1.90 -7.04
C GLU A 47 5.89 2.56 -6.29
N PHE A 48 5.55 3.79 -6.71
CA PHE A 48 4.46 4.58 -6.14
C PHE A 48 3.12 3.87 -6.36
N VAL A 49 2.51 3.41 -5.25
CA VAL A 49 1.13 2.89 -5.26
C VAL A 49 0.18 4.05 -4.94
N ALA A 50 0.25 4.56 -3.68
CA ALA A 50 -0.66 5.61 -3.22
C ALA A 50 -0.17 6.25 -1.91
N VAL A 51 -0.21 7.59 -1.85
CA VAL A 51 0.11 8.38 -0.64
C VAL A 51 -1.18 9.03 -0.09
N VAL A 52 -1.40 8.90 1.22
CA VAL A 52 -2.58 9.46 1.92
C VAL A 52 -2.14 10.49 2.97
N ASN A 53 -3.02 11.47 3.22
CA ASN A 53 -2.90 12.42 4.35
C ASN A 53 -3.27 11.71 5.67
N TRP A 54 -2.78 12.22 6.81
CA TRP A 54 -3.01 11.63 8.15
C TRP A 54 -4.52 11.53 8.50
N SER A 55 -5.30 12.53 8.05
CA SER A 55 -6.74 12.61 8.31
C SER A 55 -7.57 12.02 7.16
N GLY A 56 -6.88 11.50 6.12
CA GLY A 56 -7.53 10.95 4.92
C GLY A 56 -8.13 12.04 4.02
N ARG A 57 -7.82 13.31 4.33
CA ARG A 57 -8.36 14.50 3.62
C ARG A 57 -7.90 14.52 2.15
N ARG A 58 -6.66 14.05 1.93
CA ARG A 58 -6.00 14.05 0.62
C ARG A 58 -5.53 12.62 0.29
N THR A 59 -5.71 12.19 -0.97
CA THR A 59 -5.24 10.88 -1.46
C THR A 59 -4.68 11.05 -2.89
N TYR A 60 -3.50 10.48 -3.11
CA TYR A 60 -2.77 10.53 -4.37
C TYR A 60 -2.59 9.10 -4.86
N TYR A 61 -3.21 8.74 -5.99
CA TYR A 61 -3.16 7.37 -6.52
C TYR A 61 -2.31 7.32 -7.78
N ALA A 62 -1.62 6.19 -7.99
CA ALA A 62 -1.00 5.86 -9.29
C ALA A 62 -2.11 5.45 -10.27
N ASP A 63 -1.93 5.76 -11.57
CA ASP A 63 -3.01 5.63 -12.58
C ASP A 63 -3.53 4.17 -12.71
N SER A 64 -2.62 3.19 -12.53
CA SER A 64 -2.97 1.75 -12.62
C SER A 64 -3.82 1.29 -11.41
N VAL A 65 -3.65 1.96 -10.24
CA VAL A 65 -4.32 1.58 -8.98
C VAL A 65 -5.41 2.61 -8.58
N LYS A 66 -5.60 3.64 -9.43
CA LYS A 66 -6.48 4.79 -9.14
C LYS A 66 -7.96 4.36 -9.10
N GLY A 67 -8.60 4.60 -7.93
CA GLY A 67 -10.04 4.38 -7.74
C GLY A 67 -10.41 2.95 -7.36
N ARG A 68 -9.57 1.98 -7.80
CA ARG A 68 -9.71 0.56 -7.44
C ARG A 68 -8.94 0.23 -6.15
N PHE A 69 -8.15 1.19 -5.64
CA PHE A 69 -7.50 1.09 -4.32
C PHE A 69 -8.14 2.12 -3.37
N THR A 70 -8.11 1.80 -2.07
CA THR A 70 -8.68 2.63 -1.02
C THR A 70 -7.74 2.60 0.19
N ILE A 71 -7.21 3.76 0.59
CA ILE A 71 -6.34 3.87 1.77
C ILE A 71 -7.18 4.47 2.90
N SER A 72 -7.18 3.80 4.03
CA SER A 72 -7.96 4.18 5.22
C SER A 72 -7.04 4.08 6.44
N ARG A 73 -7.39 4.79 7.52
CA ARG A 73 -6.66 4.71 8.80
C ARG A 73 -7.53 5.23 9.94
N ASP A 74 -7.30 4.68 11.14
CA ASP A 74 -7.90 5.14 12.38
C ASP A 74 -6.78 5.57 13.31
N ASN A 75 -6.69 6.87 13.59
CA ASN A 75 -5.62 7.46 14.42
C ASN A 75 -5.80 7.06 15.91
N ALA A 76 -7.07 6.79 16.30
CA ALA A 76 -7.42 6.33 17.66
C ALA A 76 -7.06 4.84 17.85
N LYS A 77 -7.25 4.04 16.78
CA LYS A 77 -6.82 2.62 16.77
C LYS A 77 -5.29 2.51 16.55
N ASN A 78 -4.71 3.55 15.91
CA ASN A 78 -3.31 3.57 15.46
C ASN A 78 -3.06 2.43 14.45
N THR A 79 -4.00 2.28 13.50
CA THR A 79 -3.96 1.20 12.49
C THR A 79 -4.38 1.73 11.09
N VAL A 80 -3.56 1.41 10.08
CA VAL A 80 -3.83 1.73 8.67
C VAL A 80 -4.36 0.48 7.93
N TYR A 81 -5.32 0.67 7.02
CA TYR A 81 -5.92 -0.40 6.21
C TYR A 81 -5.79 -0.03 4.73
N LEU A 82 -5.21 -0.93 3.92
CA LEU A 82 -5.06 -0.71 2.46
C LEU A 82 -5.95 -1.73 1.72
N GLN A 83 -7.13 -1.29 1.31
CA GLN A 83 -8.12 -2.14 0.64
C GLN A 83 -7.89 -2.10 -0.88
N MET A 84 -7.34 -3.21 -1.43
CA MET A 84 -7.16 -3.39 -2.88
C MET A 84 -8.43 -4.01 -3.47
N ASN A 85 -8.83 -3.52 -4.65
CA ASN A 85 -10.02 -4.02 -5.37
C ASN A 85 -9.65 -4.24 -6.85
N SER A 86 -10.29 -5.26 -7.47
CA SER A 86 -10.20 -5.53 -8.93
C SER A 86 -8.74 -5.80 -9.35
N LEU A 87 -8.16 -6.84 -8.75
CA LEU A 87 -6.73 -7.17 -8.91
C LEU A 87 -6.47 -7.92 -10.22
N LYS A 88 -5.50 -7.42 -11.00
CA LYS A 88 -5.03 -8.04 -12.25
C LYS A 88 -3.82 -8.94 -11.88
N PRO A 89 -3.50 -10.03 -12.67
CA PRO A 89 -2.32 -10.93 -12.41
C PRO A 89 -0.98 -10.20 -12.14
N GLU A 90 -0.87 -8.96 -12.67
CA GLU A 90 0.35 -8.10 -12.55
C GLU A 90 0.57 -7.53 -11.12
N ASP A 91 -0.51 -7.45 -10.32
CA ASP A 91 -0.49 -6.83 -8.96
C ASP A 91 0.20 -7.71 -7.88
N THR A 92 0.70 -8.90 -8.28
CA THR A 92 1.47 -9.80 -7.39
C THR A 92 2.78 -9.11 -6.92
N ALA A 93 2.78 -8.62 -5.67
CA ALA A 93 3.90 -7.82 -5.11
C ALA A 93 3.76 -7.63 -3.60
N VAL A 94 4.89 -7.40 -2.91
CA VAL A 94 4.89 -7.04 -1.49
C VAL A 94 4.55 -5.55 -1.33
N TYR A 95 3.37 -5.27 -0.74
CA TYR A 95 2.92 -3.91 -0.45
C TYR A 95 3.45 -3.51 0.93
N ASN A 96 4.35 -2.52 0.92
CA ASN A 96 5.02 -2.02 2.11
C ASN A 96 4.38 -0.69 2.52
N CYS A 97 4.01 -0.62 3.79
CA CYS A 97 3.50 0.61 4.41
C CYS A 97 4.71 1.45 4.81
N ALA A 98 4.69 2.72 4.41
CA ALA A 98 5.78 3.68 4.63
C ALA A 98 5.17 5.02 5.03
N ALA A 99 6.00 5.91 5.60
CA ALA A 99 5.63 7.30 5.92
C ALA A 99 6.81 8.21 5.55
N GLY A 100 6.50 9.32 4.87
CA GLY A 100 7.55 10.22 4.39
C GLY A 100 6.95 11.44 3.72
N LYS A 101 6.59 12.41 4.55
CA LYS A 101 6.02 13.68 4.11
C LYS A 101 7.11 14.60 3.54
N TRP A 102 6.90 15.13 2.33
CA TRP A 102 7.72 16.25 1.78
C TRP A 102 7.35 17.51 2.57
N ASP A 103 7.98 17.66 3.74
CA ASP A 103 7.79 18.84 4.60
C ASP A 103 8.75 19.94 4.17
N GLY A 104 10.02 19.54 4.00
CA GLY A 104 11.06 20.38 3.46
C GLY A 104 11.58 19.84 2.13
N SER A 105 12.48 20.59 1.49
CA SER A 105 13.15 20.16 0.25
C SER A 105 14.24 19.11 0.55
N TYR A 106 14.55 18.26 -0.46
CA TYR A 106 15.52 17.15 -0.37
C TYR A 106 14.98 15.99 0.50
N TYR A 107 13.66 15.97 0.75
CA TYR A 107 12.97 14.91 1.53
C TYR A 107 12.06 14.06 0.62
N GLY A 108 12.53 13.83 -0.63
CA GLY A 108 11.81 13.01 -1.60
C GLY A 108 12.12 11.52 -1.44
N ALA A 109 11.72 10.98 -0.28
CA ALA A 109 11.94 9.58 0.11
C ALA A 109 11.13 9.29 1.40
N PRO A 110 10.52 8.06 1.54
CA PRO A 110 9.84 7.68 2.78
C PRO A 110 10.85 7.35 3.90
N ASP A 111 10.94 8.24 4.91
CA ASP A 111 11.88 8.10 6.04
C ASP A 111 11.53 6.86 6.90
N TYR A 112 10.25 6.57 6.97
CA TYR A 112 9.69 5.48 7.78
C TYR A 112 9.15 4.38 6.85
N TRP A 113 9.18 3.12 7.32
CA TRP A 113 8.56 1.98 6.64
C TRP A 113 8.46 0.79 7.59
N GLY A 114 7.69 -0.23 7.18
CA GLY A 114 7.57 -1.48 7.93
C GLY A 114 8.19 -2.65 7.19
N GLN A 115 7.60 -3.85 7.39
CA GLN A 115 8.10 -5.12 6.83
C GLN A 115 7.58 -5.30 5.39
N GLY A 116 6.26 -5.11 5.23
CA GLY A 116 5.57 -5.33 3.94
C GLY A 116 4.84 -6.67 3.92
N THR A 117 3.74 -6.73 3.14
CA THR A 117 2.89 -7.93 3.02
C THR A 117 2.82 -8.38 1.53
N GLN A 118 3.43 -9.56 1.23
CA GLN A 118 3.45 -10.14 -0.13
C GLN A 118 2.07 -10.69 -0.50
N VAL A 119 1.45 -10.05 -1.49
CA VAL A 119 0.16 -10.49 -2.04
C VAL A 119 0.39 -11.20 -3.38
N THR A 120 -0.46 -12.21 -3.67
CA THR A 120 -0.45 -12.93 -4.94
C THR A 120 -1.86 -12.86 -5.55
N VAL A 121 -1.93 -12.76 -6.89
CA VAL A 121 -3.19 -12.73 -7.64
C VAL A 121 -3.13 -13.75 -8.79
N SER A 122 -4.14 -14.64 -8.81
CA SER A 122 -4.19 -15.83 -9.68
C SER A 122 -4.64 -15.46 -11.12
N SER A 123 -3.80 -15.79 -12.11
CA SER A 123 -4.11 -15.62 -13.54
C SER A 123 -5.03 -16.76 -14.03
N LEU A 124 -5.97 -16.44 -14.94
CA LEU A 124 -6.96 -17.42 -15.45
C LEU A 124 -6.37 -18.26 -16.61
N GLU A 125 -6.29 -17.64 -17.81
CA GLU A 125 -5.85 -18.33 -19.04
C GLU A 125 -4.32 -18.28 -19.18
N HIS A 126 -3.65 -19.25 -18.53
CA HIS A 126 -2.20 -19.46 -18.66
C HIS A 126 -1.91 -20.16 -20.01
N HIS A 127 -2.89 -20.96 -20.46
CA HIS A 127 -2.93 -21.57 -21.80
C HIS A 127 -4.39 -21.57 -22.30
N HIS A 128 -4.59 -21.34 -23.61
CA HIS A 128 -5.90 -21.46 -24.26
C HIS A 128 -5.74 -21.65 -25.77
N HIS A 129 -6.74 -22.25 -26.41
CA HIS A 129 -6.77 -22.49 -27.86
C HIS A 129 -8.22 -22.70 -28.32
N HIS A 130 -8.65 -21.95 -29.34
CA HIS A 130 -10.00 -22.10 -29.91
C HIS A 130 -10.07 -23.38 -30.76
N HIS A 131 -10.73 -24.41 -30.19
CA HIS A 131 -10.87 -25.76 -30.79
C HIS A 131 -9.49 -26.42 -30.96
N MET A 1 12.49 5.60 19.94
CA MET A 1 13.31 6.21 18.88
C MET A 1 12.51 6.28 17.56
N GLN A 2 12.25 5.09 16.97
CA GLN A 2 11.68 4.99 15.61
C GLN A 2 10.16 4.72 15.62
N LEU A 3 9.53 4.95 14.46
CA LEU A 3 8.16 4.52 14.18
C LEU A 3 8.20 3.08 13.65
N GLN A 4 7.70 2.14 14.47
CA GLN A 4 7.60 0.72 14.12
C GLN A 4 6.21 0.43 13.56
N LEU A 5 6.16 0.06 12.28
CA LEU A 5 4.92 -0.30 11.59
C LEU A 5 4.90 -1.83 11.37
N VAL A 6 3.90 -2.50 11.99
CA VAL A 6 3.75 -3.97 11.91
C VAL A 6 2.70 -4.26 10.82
N GLU A 7 3.21 -4.65 9.66
CA GLU A 7 2.43 -4.71 8.41
C GLU A 7 2.21 -6.16 7.97
N SER A 8 0.94 -6.53 7.77
CA SER A 8 0.51 -7.88 7.39
C SER A 8 -0.96 -7.87 6.89
N GLY A 9 -1.48 -9.05 6.54
CA GLY A 9 -2.87 -9.20 6.04
C GLY A 9 -2.92 -9.60 4.57
N GLY A 10 -1.72 -9.76 3.95
CA GLY A 10 -1.60 -10.18 2.56
C GLY A 10 -1.71 -11.69 2.37
N GLY A 11 -2.19 -12.08 1.18
CA GLY A 11 -2.36 -13.49 0.82
C GLY A 11 -2.65 -13.63 -0.67
N LEU A 12 -3.04 -14.84 -1.12
CA LEU A 12 -3.37 -15.10 -2.53
C LEU A 12 -4.88 -14.86 -2.80
N VAL A 13 -5.16 -14.36 -4.01
CA VAL A 13 -6.50 -13.98 -4.46
C VAL A 13 -6.55 -14.14 -5.99
N GLN A 14 -7.76 -14.25 -6.56
CA GLN A 14 -7.95 -14.38 -8.03
C GLN A 14 -8.01 -13.00 -8.71
N ALA A 15 -7.89 -12.99 -10.06
CA ALA A 15 -8.07 -11.80 -10.89
C ALA A 15 -9.56 -11.39 -10.91
N GLY A 16 -9.82 -10.10 -10.61
CA GLY A 16 -11.17 -9.60 -10.38
C GLY A 16 -11.57 -9.67 -8.91
N GLY A 17 -10.67 -10.26 -8.08
CA GLY A 17 -10.90 -10.42 -6.65
C GLY A 17 -10.53 -9.18 -5.84
N SER A 18 -10.44 -9.36 -4.52
CA SER A 18 -10.21 -8.28 -3.56
C SER A 18 -9.40 -8.79 -2.36
N LEU A 19 -8.74 -7.86 -1.64
CA LEU A 19 -7.87 -8.18 -0.49
C LEU A 19 -7.71 -6.92 0.40
N ARG A 20 -7.82 -7.09 1.71
CA ARG A 20 -7.66 -5.98 2.68
C ARG A 20 -6.35 -6.16 3.46
N LEU A 21 -5.53 -5.11 3.45
CA LEU A 21 -4.22 -5.06 4.12
C LEU A 21 -4.34 -4.23 5.40
N SER A 22 -3.43 -4.45 6.36
CA SER A 22 -3.44 -3.75 7.66
C SER A 22 -2.01 -3.49 8.15
N CYS A 23 -1.87 -2.45 8.99
CA CYS A 23 -0.59 -2.10 9.62
C CYS A 23 -0.84 -1.43 10.97
N ALA A 24 -0.11 -1.83 12.02
CA ALA A 24 -0.20 -1.20 13.36
C ALA A 24 0.93 -0.19 13.54
N ALA A 25 0.66 0.91 14.26
CA ALA A 25 1.66 1.96 14.54
C ALA A 25 2.13 1.85 15.99
N SER A 26 3.45 1.77 16.17
CA SER A 26 4.12 1.65 17.48
C SER A 26 5.29 2.63 17.55
N GLY A 27 5.70 2.99 18.77
CA GLY A 27 6.72 4.00 19.00
C GLY A 27 6.16 5.40 18.82
N ARG A 28 6.10 5.84 17.55
CA ARG A 28 5.48 7.12 17.16
C ARG A 28 4.02 6.90 16.73
N THR A 29 3.26 7.98 16.66
CA THR A 29 1.92 8.00 16.06
C THR A 29 2.06 8.53 14.62
N PHE A 30 1.63 7.70 13.64
CA PHE A 30 1.73 8.04 12.20
C PHE A 30 0.85 9.27 11.84
N SER A 31 -0.08 9.61 12.75
CA SER A 31 -1.01 10.74 12.57
C SER A 31 -0.31 12.12 12.60
N SER A 32 0.95 12.17 13.07
CA SER A 32 1.77 13.41 13.01
C SER A 32 2.62 13.44 11.73
N TYR A 33 2.36 12.48 10.81
CA TYR A 33 3.11 12.30 9.56
C TYR A 33 2.14 12.11 8.38
N ALA A 34 2.69 12.19 7.15
CA ALA A 34 2.01 11.71 5.94
C ALA A 34 2.43 10.25 5.69
N MET A 35 1.66 9.51 4.90
CA MET A 35 1.91 8.07 4.67
C MET A 35 1.65 7.72 3.20
N GLY A 36 2.25 6.62 2.71
CA GLY A 36 2.03 6.15 1.35
C GLY A 36 2.45 4.70 1.18
N TRP A 37 1.70 3.96 0.37
CA TRP A 37 1.97 2.53 0.08
C TRP A 37 2.78 2.43 -1.22
N PHE A 38 3.86 1.65 -1.17
CA PHE A 38 4.77 1.44 -2.31
C PHE A 38 5.05 -0.05 -2.45
N ARG A 39 4.88 -0.61 -3.67
CA ARG A 39 5.09 -2.06 -3.91
C ARG A 39 6.35 -2.30 -4.73
N GLN A 40 6.83 -3.54 -4.69
CA GLN A 40 7.98 -3.98 -5.46
C GLN A 40 8.05 -5.51 -5.42
N ALA A 41 8.57 -6.13 -6.50
CA ALA A 41 8.83 -7.59 -6.57
C ALA A 41 9.36 -7.99 -7.98
N PRO A 42 8.60 -7.74 -9.12
CA PRO A 42 8.96 -8.29 -10.45
C PRO A 42 10.04 -7.44 -11.17
N GLY A 43 11.25 -7.41 -10.58
CA GLY A 43 12.36 -6.61 -11.08
C GLY A 43 12.21 -5.11 -10.85
N LYS A 44 11.16 -4.73 -10.09
CA LYS A 44 10.84 -3.32 -9.80
C LYS A 44 11.21 -2.98 -8.35
N GLU A 45 11.65 -1.73 -8.13
CA GLU A 45 11.86 -1.16 -6.78
C GLU A 45 10.56 -0.50 -6.30
N ARG A 46 10.57 0.03 -5.06
CA ARG A 46 9.38 0.71 -4.46
C ARG A 46 8.82 1.80 -5.41
N GLU A 47 7.69 1.46 -6.05
CA GLU A 47 7.00 2.34 -7.00
C GLU A 47 5.86 3.06 -6.28
N PHE A 48 5.52 4.25 -6.77
CA PHE A 48 4.37 5.02 -6.29
C PHE A 48 3.06 4.25 -6.61
N VAL A 49 2.43 3.68 -5.57
CA VAL A 49 1.12 3.02 -5.68
C VAL A 49 0.03 3.98 -5.23
N ALA A 50 0.27 4.59 -4.06
CA ALA A 50 -0.65 5.56 -3.45
C ALA A 50 0.03 6.29 -2.30
N VAL A 51 -0.38 7.54 -2.06
CA VAL A 51 0.01 8.34 -0.88
C VAL A 51 -1.27 9.00 -0.33
N VAL A 52 -1.42 9.03 0.99
CA VAL A 52 -2.57 9.66 1.65
C VAL A 52 -2.05 10.57 2.78
N ASN A 53 -2.90 11.50 3.20
CA ASN A 53 -2.69 12.30 4.41
C ASN A 53 -3.20 11.52 5.63
N TRP A 54 -2.71 11.86 6.84
CA TRP A 54 -3.14 11.22 8.11
C TRP A 54 -4.67 11.34 8.33
N SER A 55 -5.23 12.49 7.95
CA SER A 55 -6.68 12.75 8.02
C SER A 55 -7.44 12.05 6.88
N GLY A 56 -6.72 11.76 5.80
CA GLY A 56 -7.32 11.39 4.53
C GLY A 56 -7.72 12.62 3.71
N ARG A 57 -7.28 13.81 4.19
CA ARG A 57 -7.62 15.13 3.61
C ARG A 57 -7.17 15.22 2.14
N ARG A 58 -5.99 14.65 1.87
CA ARG A 58 -5.44 14.51 0.52
C ARG A 58 -5.23 13.03 0.21
N THR A 59 -5.71 12.59 -0.97
CA THR A 59 -5.54 11.23 -1.47
C THR A 59 -4.82 11.29 -2.84
N TYR A 60 -3.80 10.44 -3.02
CA TYR A 60 -2.98 10.35 -4.23
C TYR A 60 -2.96 8.89 -4.67
N TYR A 61 -3.13 8.63 -5.98
CA TYR A 61 -3.15 7.28 -6.54
C TYR A 61 -2.29 7.22 -7.80
N ALA A 62 -1.69 6.06 -8.05
CA ALA A 62 -1.10 5.72 -9.35
C ALA A 62 -2.26 5.33 -10.27
N ASP A 63 -2.33 5.94 -11.46
CA ASP A 63 -3.47 5.76 -12.39
C ASP A 63 -3.65 4.29 -12.84
N SER A 64 -2.58 3.49 -12.70
CA SER A 64 -2.59 2.04 -12.98
C SER A 64 -3.53 1.30 -11.99
N VAL A 65 -3.43 1.66 -10.69
CA VAL A 65 -4.16 0.99 -9.59
C VAL A 65 -5.36 1.86 -9.09
N LYS A 66 -5.50 3.06 -9.66
CA LYS A 66 -6.53 4.03 -9.25
C LYS A 66 -7.93 3.51 -9.61
N GLY A 67 -8.85 3.64 -8.64
CA GLY A 67 -10.25 3.22 -8.81
C GLY A 67 -10.51 1.81 -8.30
N ARG A 68 -9.47 0.95 -8.30
CA ARG A 68 -9.55 -0.40 -7.73
C ARG A 68 -8.86 -0.46 -6.34
N PHE A 69 -7.99 0.53 -6.06
CA PHE A 69 -7.36 0.73 -4.72
C PHE A 69 -8.00 1.93 -4.02
N THR A 70 -8.02 1.87 -2.68
CA THR A 70 -8.41 2.98 -1.79
C THR A 70 -7.60 2.85 -0.49
N ILE A 71 -7.16 3.99 0.10
CA ILE A 71 -6.45 3.99 1.39
C ILE A 71 -7.42 4.41 2.49
N SER A 72 -7.31 3.78 3.65
CA SER A 72 -8.07 4.11 4.86
C SER A 72 -7.15 3.99 6.08
N ARG A 73 -7.45 4.72 7.16
CA ARG A 73 -6.65 4.66 8.40
C ARG A 73 -7.47 5.17 9.61
N ASP A 74 -7.46 4.38 10.69
CA ASP A 74 -8.03 4.77 11.98
C ASP A 74 -6.89 5.27 12.88
N ASN A 75 -6.74 6.60 12.95
CA ASN A 75 -5.74 7.28 13.79
C ASN A 75 -6.02 7.02 15.29
N ALA A 76 -7.31 6.73 15.60
CA ALA A 76 -7.78 6.39 16.94
C ALA A 76 -7.17 5.05 17.44
N LYS A 77 -7.25 4.01 16.58
CA LYS A 77 -6.66 2.68 16.87
C LYS A 77 -5.17 2.66 16.52
N ASN A 78 -4.70 3.72 15.81
CA ASN A 78 -3.33 3.81 15.29
C ASN A 78 -3.04 2.67 14.29
N THR A 79 -4.08 2.30 13.52
CA THR A 79 -4.05 1.20 12.55
C THR A 79 -4.44 1.70 11.14
N VAL A 80 -3.63 1.31 10.15
CA VAL A 80 -3.84 1.62 8.73
C VAL A 80 -4.47 0.42 8.00
N TYR A 81 -5.21 0.70 6.91
CA TYR A 81 -5.82 -0.32 6.04
C TYR A 81 -5.62 0.06 4.57
N LEU A 82 -5.57 -0.95 3.68
CA LEU A 82 -5.49 -0.73 2.22
C LEU A 82 -6.54 -1.63 1.57
N GLN A 83 -7.53 -1.00 0.94
CA GLN A 83 -8.66 -1.68 0.29
C GLN A 83 -8.32 -1.95 -1.18
N MET A 84 -7.97 -3.22 -1.48
CA MET A 84 -7.75 -3.69 -2.86
C MET A 84 -9.04 -4.34 -3.38
N ASN A 85 -9.37 -4.02 -4.64
CA ASN A 85 -10.51 -4.60 -5.37
C ASN A 85 -10.08 -4.80 -6.83
N SER A 86 -10.83 -5.65 -7.58
CA SER A 86 -10.73 -5.78 -9.05
C SER A 86 -9.29 -6.08 -9.52
N LEU A 87 -8.53 -6.79 -8.67
CA LEU A 87 -7.07 -6.98 -8.84
C LEU A 87 -6.70 -7.70 -10.14
N LYS A 88 -5.76 -7.11 -10.88
CA LYS A 88 -5.18 -7.72 -12.10
C LYS A 88 -3.83 -8.38 -11.73
N PRO A 89 -3.38 -9.45 -12.47
CA PRO A 89 -2.13 -10.22 -12.16
C PRO A 89 -0.87 -9.37 -11.86
N GLU A 90 -0.78 -8.14 -12.41
CA GLU A 90 0.38 -7.24 -12.23
C GLU A 90 0.49 -6.66 -10.80
N ASP A 91 -0.60 -6.73 -10.01
CA ASP A 91 -0.61 -6.23 -8.60
C ASP A 91 0.18 -7.18 -7.65
N THR A 92 0.54 -8.39 -8.15
CA THR A 92 1.37 -9.36 -7.40
C THR A 92 2.75 -8.76 -7.05
N ALA A 93 2.92 -8.40 -5.77
CA ALA A 93 4.15 -7.77 -5.24
C ALA A 93 4.06 -7.64 -3.72
N VAL A 94 5.21 -7.37 -3.08
CA VAL A 94 5.25 -7.02 -1.66
C VAL A 94 5.09 -5.49 -1.50
N TYR A 95 3.97 -5.09 -0.87
CA TYR A 95 3.64 -3.69 -0.58
C TYR A 95 4.28 -3.27 0.73
N ASN A 96 4.50 -1.97 0.89
CA ASN A 96 5.18 -1.43 2.06
C ASN A 96 4.59 -0.04 2.38
N CYS A 97 3.96 0.05 3.57
CA CYS A 97 3.35 1.29 4.07
C CYS A 97 4.44 2.13 4.73
N ALA A 98 4.84 3.20 4.04
CA ALA A 98 5.93 4.08 4.45
C ALA A 98 5.39 5.41 4.96
N ALA A 99 5.78 5.79 6.19
CA ALA A 99 5.31 7.01 6.86
C ALA A 99 6.49 7.96 7.16
N GLY A 100 6.20 9.25 7.19
CA GLY A 100 7.18 10.31 7.41
C GLY A 100 6.72 11.63 6.80
N LYS A 101 7.66 12.53 6.52
CA LYS A 101 7.36 13.80 5.81
C LYS A 101 7.38 13.54 4.29
N TRP A 102 6.28 13.86 3.60
CA TRP A 102 6.14 13.67 2.14
C TRP A 102 6.54 14.98 1.43
N ASP A 103 7.72 15.49 1.79
CA ASP A 103 8.28 16.75 1.27
C ASP A 103 9.53 16.46 0.45
N GLY A 104 9.86 17.39 -0.47
CA GLY A 104 11.00 17.23 -1.34
C GLY A 104 11.19 18.40 -2.29
N SER A 105 12.22 19.22 -2.03
CA SER A 105 12.64 20.30 -2.94
C SER A 105 13.26 19.68 -4.22
N TYR A 106 14.04 18.62 -4.00
CA TYR A 106 14.64 17.80 -5.07
C TYR A 106 14.55 16.33 -4.63
N TYR A 107 13.44 15.66 -5.04
CA TYR A 107 13.10 14.25 -4.66
C TYR A 107 12.88 14.11 -3.14
N GLY A 108 12.49 12.89 -2.72
CA GLY A 108 12.20 12.59 -1.32
C GLY A 108 12.33 11.11 -1.00
N ALA A 109 12.37 10.80 0.29
CA ALA A 109 12.46 9.42 0.80
C ALA A 109 11.76 9.35 2.17
N PRO A 110 10.81 8.38 2.38
CA PRO A 110 10.08 8.26 3.68
C PRO A 110 11.03 7.94 4.86
N ASP A 111 10.75 8.54 6.02
CA ASP A 111 11.56 8.40 7.24
C ASP A 111 11.56 6.95 7.74
N TYR A 112 10.37 6.32 7.75
CA TYR A 112 10.17 4.93 8.22
C TYR A 112 9.18 4.20 7.31
N TRP A 113 9.11 2.86 7.47
CA TRP A 113 8.17 2.00 6.74
C TRP A 113 7.92 0.69 7.49
N GLY A 114 6.90 -0.05 7.02
CA GLY A 114 6.44 -1.27 7.67
C GLY A 114 7.27 -2.50 7.37
N GLN A 115 6.76 -3.64 7.83
CA GLN A 115 7.38 -4.97 7.63
C GLN A 115 7.34 -5.37 6.13
N GLY A 116 6.27 -4.96 5.42
CA GLY A 116 6.05 -5.32 4.03
C GLY A 116 5.12 -6.52 3.91
N THR A 117 3.88 -6.28 3.44
CA THR A 117 2.86 -7.33 3.25
C THR A 117 2.78 -7.74 1.77
N GLN A 118 3.02 -9.04 1.50
CA GLN A 118 3.06 -9.57 0.12
C GLN A 118 1.66 -10.04 -0.30
N VAL A 119 1.20 -9.56 -1.47
CA VAL A 119 -0.10 -9.95 -2.08
C VAL A 119 0.19 -10.71 -3.38
N THR A 120 -0.59 -11.78 -3.65
CA THR A 120 -0.43 -12.61 -4.85
C THR A 120 -1.78 -12.71 -5.56
N VAL A 121 -1.91 -12.07 -6.72
CA VAL A 121 -3.13 -12.13 -7.54
C VAL A 121 -2.87 -13.00 -8.78
N SER A 122 -3.60 -14.13 -8.85
CA SER A 122 -3.54 -15.10 -9.95
C SER A 122 -4.23 -14.54 -11.21
N SER A 123 -3.72 -14.94 -12.38
CA SER A 123 -4.26 -14.52 -13.69
C SER A 123 -5.41 -15.46 -14.12
N LEU A 124 -6.65 -14.91 -14.11
CA LEU A 124 -7.86 -15.62 -14.56
C LEU A 124 -8.41 -14.90 -15.80
N GLU A 125 -8.09 -15.45 -16.99
CA GLU A 125 -8.61 -14.94 -18.27
C GLU A 125 -8.53 -16.07 -19.32
N HIS A 126 -9.61 -16.87 -19.38
CA HIS A 126 -9.80 -17.90 -20.41
C HIS A 126 -10.29 -17.20 -21.71
N HIS A 127 -9.46 -17.23 -22.77
CA HIS A 127 -9.84 -16.65 -24.08
C HIS A 127 -10.95 -17.49 -24.74
N HIS A 128 -11.88 -16.80 -25.41
CA HIS A 128 -13.08 -17.41 -25.99
C HIS A 128 -13.71 -16.46 -27.02
N HIS A 129 -14.43 -17.03 -28.01
CA HIS A 129 -15.21 -16.26 -29.00
C HIS A 129 -16.45 -15.64 -28.32
N HIS A 130 -16.24 -14.48 -27.69
CA HIS A 130 -17.27 -13.72 -26.96
C HIS A 130 -18.05 -12.82 -27.92
N HIS A 131 -19.36 -12.69 -27.72
CA HIS A 131 -20.22 -11.78 -28.50
C HIS A 131 -20.19 -10.38 -27.85
N MET A 1 14.13 6.84 16.49
CA MET A 1 15.11 6.35 15.48
C MET A 1 14.36 5.98 14.19
N GLN A 2 13.50 4.95 14.28
CA GLN A 2 12.61 4.52 13.19
C GLN A 2 11.14 4.60 13.64
N LEU A 3 10.22 4.33 12.72
CA LEU A 3 8.78 4.34 12.98
C LEU A 3 8.21 2.95 12.65
N GLN A 4 7.78 2.22 13.68
CA GLN A 4 7.40 0.80 13.54
C GLN A 4 6.03 0.66 12.84
N LEU A 5 6.04 -0.08 11.73
CA LEU A 5 4.85 -0.46 10.95
C LEU A 5 4.87 -1.99 10.75
N VAL A 6 3.70 -2.64 10.96
CA VAL A 6 3.53 -4.10 10.82
C VAL A 6 2.41 -4.36 9.81
N GLU A 7 2.79 -4.68 8.57
CA GLU A 7 1.85 -4.80 7.45
C GLU A 7 1.48 -6.27 7.24
N SER A 8 0.17 -6.52 7.05
CA SER A 8 -0.40 -7.86 6.81
C SER A 8 -1.64 -7.74 5.91
N GLY A 9 -2.26 -8.89 5.58
CA GLY A 9 -3.45 -8.95 4.71
C GLY A 9 -3.13 -9.49 3.32
N GLY A 10 -1.83 -9.60 3.00
CA GLY A 10 -1.38 -10.11 1.70
C GLY A 10 -1.52 -11.62 1.60
N GLY A 11 -2.00 -12.09 0.43
CA GLY A 11 -2.17 -13.52 0.16
C GLY A 11 -2.62 -13.77 -1.27
N LEU A 12 -3.03 -15.02 -1.57
CA LEU A 12 -3.43 -15.42 -2.94
C LEU A 12 -4.87 -14.95 -3.24
N VAL A 13 -5.06 -14.42 -4.47
CA VAL A 13 -6.35 -13.95 -4.99
C VAL A 13 -6.35 -14.10 -6.52
N GLN A 14 -7.53 -14.20 -7.15
CA GLN A 14 -7.66 -14.39 -8.61
C GLN A 14 -7.51 -13.03 -9.33
N ALA A 15 -7.09 -13.05 -10.62
CA ALA A 15 -6.96 -11.84 -11.46
C ALA A 15 -8.36 -11.27 -11.79
N GLY A 16 -8.66 -10.10 -11.21
CA GLY A 16 -10.00 -9.49 -11.24
C GLY A 16 -10.69 -9.54 -9.89
N GLY A 17 -9.95 -10.04 -8.88
CA GLY A 17 -10.48 -10.18 -7.51
C GLY A 17 -10.20 -8.98 -6.63
N SER A 18 -10.38 -9.17 -5.32
CA SER A 18 -10.23 -8.13 -4.29
C SER A 18 -9.38 -8.66 -3.12
N LEU A 19 -8.78 -7.74 -2.34
CA LEU A 19 -7.92 -8.12 -1.20
C LEU A 19 -7.94 -7.00 -0.13
N ARG A 20 -7.74 -7.38 1.13
CA ARG A 20 -7.79 -6.44 2.26
C ARG A 20 -6.45 -6.43 3.00
N LEU A 21 -5.76 -5.28 2.93
CA LEU A 21 -4.49 -5.02 3.61
C LEU A 21 -4.77 -4.16 4.85
N SER A 22 -3.94 -4.33 5.88
CA SER A 22 -4.00 -3.55 7.11
C SER A 22 -2.61 -3.48 7.76
N CYS A 23 -2.25 -2.32 8.30
CA CYS A 23 -0.95 -2.09 8.95
C CYS A 23 -1.16 -1.68 10.42
N ALA A 24 -0.57 -2.43 11.36
CA ALA A 24 -0.51 -2.08 12.78
C ALA A 24 0.68 -1.13 12.98
N ALA A 25 0.38 0.10 13.38
CA ALA A 25 1.35 1.19 13.47
C ALA A 25 1.66 1.49 14.96
N SER A 26 2.77 2.22 15.20
CA SER A 26 3.19 2.61 16.57
C SER A 26 2.21 3.60 17.22
N GLY A 27 2.40 3.83 18.54
CA GLY A 27 1.64 4.85 19.29
C GLY A 27 2.29 6.23 19.21
N ARG A 28 3.08 6.45 18.15
CA ARG A 28 3.81 7.71 17.87
C ARG A 28 2.89 8.77 17.25
N THR A 29 3.48 9.95 16.99
CA THR A 29 2.82 11.06 16.30
C THR A 29 2.80 10.83 14.77
N PHE A 30 1.98 9.86 14.35
CA PHE A 30 1.55 9.72 12.93
C PHE A 30 0.67 10.91 12.55
N SER A 31 0.10 11.54 13.58
CA SER A 31 -0.66 12.80 13.49
C SER A 31 0.21 13.95 12.92
N SER A 32 1.53 13.89 13.18
CA SER A 32 2.51 14.89 12.69
C SER A 32 3.08 14.48 11.31
N TYR A 33 2.88 13.21 10.93
CA TYR A 33 3.41 12.64 9.67
C TYR A 33 2.28 12.39 8.65
N ALA A 34 2.68 11.96 7.45
CA ALA A 34 1.80 11.36 6.43
C ALA A 34 2.29 9.92 6.20
N MET A 35 1.46 9.06 5.59
CA MET A 35 1.83 7.65 5.32
C MET A 35 1.27 7.24 3.95
N GLY A 36 1.92 6.27 3.29
CA GLY A 36 1.46 5.75 2.00
C GLY A 36 1.79 4.28 1.83
N TRP A 37 1.02 3.61 0.95
CA TRP A 37 1.26 2.22 0.55
C TRP A 37 2.06 2.22 -0.75
N PHE A 38 3.20 1.51 -0.71
CA PHE A 38 4.12 1.34 -1.85
C PHE A 38 4.29 -0.17 -2.08
N ARG A 39 4.95 -0.58 -3.19
CA ARG A 39 5.15 -2.03 -3.48
C ARG A 39 6.43 -2.29 -4.27
N GLN A 40 6.86 -3.58 -4.25
CA GLN A 40 8.00 -4.09 -5.05
C GLN A 40 8.06 -5.62 -4.97
N ALA A 41 8.60 -6.28 -6.04
CA ALA A 41 8.84 -7.75 -6.09
C ALA A 41 9.40 -8.18 -7.47
N PRO A 42 8.73 -7.82 -8.65
CA PRO A 42 9.19 -8.28 -9.99
C PRO A 42 10.39 -7.45 -10.53
N GLY A 43 11.53 -7.57 -9.82
CA GLY A 43 12.76 -6.83 -10.16
C GLY A 43 12.65 -5.31 -9.94
N LYS A 44 11.61 -4.89 -9.19
CA LYS A 44 11.27 -3.46 -9.03
C LYS A 44 11.66 -2.94 -7.63
N GLU A 45 11.77 -1.60 -7.55
CA GLU A 45 12.00 -0.86 -6.30
C GLU A 45 10.66 -0.43 -5.69
N ARG A 46 10.73 0.13 -4.48
CA ARG A 46 9.57 0.70 -3.76
C ARG A 46 8.94 1.83 -4.60
N GLU A 47 7.78 1.52 -5.22
CA GLU A 47 7.10 2.43 -6.18
C GLU A 47 5.85 3.05 -5.56
N PHE A 48 5.49 4.26 -6.00
CA PHE A 48 4.27 4.96 -5.56
C PHE A 48 3.01 4.21 -6.03
N VAL A 49 2.28 3.62 -5.09
CA VAL A 49 0.94 3.08 -5.34
C VAL A 49 -0.09 4.16 -4.98
N ALA A 50 -0.10 4.55 -3.69
CA ALA A 50 -1.06 5.53 -3.17
C ALA A 50 -0.61 6.05 -1.79
N VAL A 51 -0.77 7.37 -1.55
CA VAL A 51 -0.40 8.02 -0.26
C VAL A 51 -1.61 8.73 0.35
N VAL A 52 -1.77 8.61 1.67
CA VAL A 52 -2.83 9.27 2.46
C VAL A 52 -2.19 10.29 3.44
N ASN A 53 -2.99 11.28 3.85
CA ASN A 53 -2.64 12.20 4.96
C ASN A 53 -3.02 11.54 6.31
N TRP A 54 -2.47 12.06 7.42
CA TRP A 54 -2.75 11.53 8.79
C TRP A 54 -4.26 11.53 9.12
N SER A 55 -4.96 12.62 8.77
CA SER A 55 -6.40 12.76 8.98
C SER A 55 -7.21 12.06 7.88
N GLY A 56 -6.52 11.67 6.80
CA GLY A 56 -7.17 11.11 5.62
C GLY A 56 -7.88 12.17 4.78
N ARG A 57 -7.58 13.45 5.05
CA ARG A 57 -8.21 14.60 4.39
C ARG A 57 -7.71 14.75 2.94
N ARG A 58 -6.51 14.21 2.68
CA ARG A 58 -5.91 14.15 1.33
C ARG A 58 -5.60 12.68 0.99
N THR A 59 -5.94 12.26 -0.23
CA THR A 59 -5.61 10.93 -0.78
C THR A 59 -5.09 11.10 -2.22
N TYR A 60 -3.97 10.43 -2.51
CA TYR A 60 -3.26 10.48 -3.80
C TYR A 60 -3.12 9.05 -4.31
N TYR A 61 -3.42 8.82 -5.59
CA TYR A 61 -3.38 7.48 -6.21
C TYR A 61 -2.61 7.51 -7.53
N ALA A 62 -1.96 6.39 -7.86
CA ALA A 62 -1.42 6.13 -9.21
C ALA A 62 -2.60 5.79 -10.14
N ASP A 63 -2.50 6.20 -11.41
CA ASP A 63 -3.64 6.18 -12.36
C ASP A 63 -4.29 4.78 -12.52
N SER A 64 -3.45 3.72 -12.45
CA SER A 64 -3.89 2.33 -12.58
C SER A 64 -4.69 1.86 -11.33
N VAL A 65 -4.23 2.24 -10.14
CA VAL A 65 -4.85 1.82 -8.85
C VAL A 65 -5.94 2.82 -8.39
N LYS A 66 -6.07 3.93 -9.14
CA LYS A 66 -6.99 5.03 -8.81
C LYS A 66 -8.45 4.60 -9.05
N GLY A 67 -9.26 4.65 -7.97
CA GLY A 67 -10.70 4.35 -8.05
C GLY A 67 -11.05 2.88 -7.77
N ARG A 68 -10.01 2.02 -7.66
CA ARG A 68 -10.17 0.59 -7.30
C ARG A 68 -9.51 0.32 -5.92
N PHE A 69 -8.49 1.13 -5.59
CA PHE A 69 -7.88 1.16 -4.24
C PHE A 69 -8.46 2.31 -3.43
N THR A 70 -8.52 2.14 -2.10
CA THR A 70 -8.90 3.18 -1.14
C THR A 70 -8.10 2.98 0.16
N ILE A 71 -7.53 4.08 0.72
CA ILE A 71 -6.85 4.04 2.03
C ILE A 71 -7.78 4.65 3.08
N SER A 72 -7.84 3.98 4.24
CA SER A 72 -8.52 4.47 5.44
C SER A 72 -7.61 4.23 6.65
N ARG A 73 -7.83 4.93 7.78
CA ARG A 73 -7.05 4.70 9.01
C ARG A 73 -7.78 5.25 10.25
N ASP A 74 -7.32 4.80 11.42
CA ASP A 74 -7.79 5.25 12.73
C ASP A 74 -6.56 5.63 13.57
N ASN A 75 -6.35 6.94 13.75
CA ASN A 75 -5.16 7.51 14.44
C ASN A 75 -5.13 7.12 15.93
N ALA A 76 -6.31 6.96 16.54
CA ALA A 76 -6.46 6.52 17.95
C ALA A 76 -6.05 5.05 18.10
N LYS A 77 -6.53 4.21 17.16
CA LYS A 77 -6.30 2.75 17.15
C LYS A 77 -4.91 2.42 16.58
N ASN A 78 -4.28 3.42 15.94
CA ASN A 78 -2.96 3.30 15.29
C ASN A 78 -2.99 2.22 14.20
N THR A 79 -4.14 2.02 13.54
CA THR A 79 -4.30 0.97 12.53
C THR A 79 -4.70 1.60 11.19
N VAL A 80 -3.97 1.21 10.13
CA VAL A 80 -4.18 1.67 8.76
C VAL A 80 -4.83 0.53 7.95
N TYR A 81 -5.55 0.91 6.89
CA TYR A 81 -6.31 -0.01 6.04
C TYR A 81 -6.11 0.36 4.57
N LEU A 82 -6.01 -0.65 3.72
CA LEU A 82 -5.97 -0.52 2.25
C LEU A 82 -6.94 -1.54 1.68
N GLN A 83 -7.79 -1.09 0.77
CA GLN A 83 -8.83 -1.91 0.13
C GLN A 83 -8.46 -2.05 -1.36
N MET A 84 -8.43 -3.28 -1.86
CA MET A 84 -8.05 -3.61 -3.26
C MET A 84 -9.28 -4.12 -4.01
N ASN A 85 -9.49 -3.61 -5.22
CA ASN A 85 -10.45 -4.16 -6.19
C ASN A 85 -9.77 -4.23 -7.56
N SER A 86 -10.19 -5.23 -8.38
CA SER A 86 -9.79 -5.35 -9.79
C SER A 86 -8.26 -5.50 -9.94
N LEU A 87 -7.71 -6.49 -9.23
CA LEU A 87 -6.26 -6.74 -9.24
C LEU A 87 -5.83 -7.43 -10.55
N LYS A 88 -4.99 -6.73 -11.33
CA LYS A 88 -4.30 -7.30 -12.49
C LYS A 88 -3.24 -8.31 -12.00
N PRO A 89 -2.96 -9.44 -12.73
CA PRO A 89 -2.02 -10.51 -12.27
C PRO A 89 -0.56 -10.01 -12.04
N GLU A 90 -0.26 -8.80 -12.54
CA GLU A 90 1.05 -8.14 -12.43
C GLU A 90 1.19 -7.31 -11.11
N ASP A 91 0.10 -7.25 -10.30
CA ASP A 91 0.04 -6.46 -9.05
C ASP A 91 0.87 -7.14 -7.92
N THR A 92 1.12 -8.46 -8.09
CA THR A 92 1.87 -9.32 -7.13
C THR A 92 3.20 -8.67 -6.67
N ALA A 93 3.23 -8.23 -5.39
CA ALA A 93 4.34 -7.46 -4.82
C ALA A 93 4.16 -7.29 -3.31
N VAL A 94 5.29 -7.10 -2.59
CA VAL A 94 5.27 -6.82 -1.16
C VAL A 94 4.91 -5.33 -0.95
N TYR A 95 3.73 -5.09 -0.34
CA TYR A 95 3.24 -3.75 -0.06
C TYR A 95 3.81 -3.27 1.28
N ASN A 96 4.69 -2.27 1.17
CA ASN A 96 5.39 -1.66 2.28
C ASN A 96 4.82 -0.26 2.52
N CYS A 97 4.43 0.03 3.77
CA CYS A 97 3.95 1.34 4.18
C CYS A 97 5.16 2.23 4.50
N ALA A 98 5.29 3.32 3.75
CA ALA A 98 6.34 4.32 3.94
C ALA A 98 5.73 5.59 4.54
N ALA A 99 6.33 6.07 5.64
CA ALA A 99 5.77 7.17 6.46
C ALA A 99 6.75 8.35 6.59
N GLY A 100 6.23 9.46 7.13
CA GLY A 100 6.98 10.71 7.27
C GLY A 100 6.31 11.84 6.49
N LYS A 101 6.95 13.01 6.43
CA LYS A 101 6.41 14.18 5.71
C LYS A 101 6.53 13.94 4.19
N TRP A 102 5.37 13.75 3.52
CA TRP A 102 5.32 13.44 2.07
C TRP A 102 5.47 14.75 1.26
N ASP A 103 6.69 15.31 1.31
CA ASP A 103 7.07 16.60 0.71
C ASP A 103 8.53 16.89 1.03
N GLY A 104 9.23 17.61 0.14
CA GLY A 104 10.63 17.97 0.33
C GLY A 104 11.60 16.94 -0.26
N SER A 105 11.38 15.65 0.08
CA SER A 105 12.15 14.53 -0.46
C SER A 105 11.62 14.15 -1.87
N TYR A 106 12.15 14.84 -2.89
CA TYR A 106 11.91 14.51 -4.30
C TYR A 106 12.82 13.34 -4.67
N TYR A 107 12.21 12.13 -4.73
CA TYR A 107 12.92 10.85 -4.97
C TYR A 107 13.87 10.51 -3.80
N GLY A 108 14.82 9.58 -4.04
CA GLY A 108 15.77 9.15 -3.01
C GLY A 108 15.14 8.10 -2.11
N ALA A 109 14.43 8.57 -1.06
CA ALA A 109 13.76 7.71 -0.08
C ALA A 109 12.81 8.56 0.80
N PRO A 110 11.73 7.95 1.40
CA PRO A 110 10.92 8.61 2.46
C PRO A 110 11.69 8.68 3.80
N ASP A 111 11.09 9.31 4.82
CA ASP A 111 11.71 9.41 6.17
C ASP A 111 11.73 8.03 6.84
N TYR A 112 10.60 7.30 6.71
CA TYR A 112 10.39 6.02 7.38
C TYR A 112 9.77 5.00 6.40
N TRP A 113 9.91 3.72 6.73
CA TRP A 113 9.27 2.59 6.02
C TRP A 113 9.24 1.38 6.97
N GLY A 114 8.16 0.58 6.91
CA GLY A 114 7.99 -0.58 7.78
C GLY A 114 8.56 -1.85 7.20
N GLN A 115 7.87 -2.97 7.45
CA GLN A 115 8.27 -4.31 6.98
C GLN A 115 7.76 -4.55 5.54
N GLY A 116 6.44 -4.77 5.41
CA GLY A 116 5.81 -5.11 4.13
C GLY A 116 4.87 -6.30 4.24
N THR A 117 4.02 -6.49 3.21
CA THR A 117 3.06 -7.61 3.13
C THR A 117 2.93 -8.09 1.66
N GLN A 118 3.48 -9.29 1.36
CA GLN A 118 3.49 -9.87 0.01
C GLN A 118 2.08 -10.27 -0.43
N VAL A 119 1.54 -9.54 -1.42
CA VAL A 119 0.28 -9.87 -2.08
C VAL A 119 0.59 -10.73 -3.31
N THR A 120 -0.29 -11.69 -3.62
CA THR A 120 -0.14 -12.58 -4.78
C THR A 120 -1.48 -12.67 -5.52
N VAL A 121 -1.56 -12.01 -6.68
CA VAL A 121 -2.72 -12.10 -7.56
C VAL A 121 -2.41 -13.11 -8.69
N SER A 122 -2.98 -14.32 -8.52
CA SER A 122 -2.89 -15.45 -9.45
C SER A 122 -3.41 -15.07 -10.86
N SER A 123 -2.73 -15.60 -11.88
CA SER A 123 -3.08 -15.39 -13.29
C SER A 123 -4.44 -16.02 -13.64
N LEU A 124 -5.14 -15.41 -14.61
CA LEU A 124 -6.50 -15.83 -15.01
C LEU A 124 -6.82 -15.28 -16.41
N GLU A 125 -6.47 -14.00 -16.64
CA GLU A 125 -6.75 -13.28 -17.90
C GLU A 125 -5.75 -13.71 -19.00
N HIS A 126 -6.05 -14.84 -19.66
CA HIS A 126 -5.26 -15.34 -20.80
C HIS A 126 -5.81 -14.77 -22.12
N HIS A 127 -7.08 -14.34 -22.08
CA HIS A 127 -7.75 -13.66 -23.20
C HIS A 127 -7.89 -12.17 -22.85
N HIS A 128 -7.00 -11.32 -23.40
CA HIS A 128 -7.06 -9.86 -23.21
C HIS A 128 -8.21 -9.29 -24.05
N HIS A 129 -9.38 -9.16 -23.39
CA HIS A 129 -10.60 -8.69 -24.02
C HIS A 129 -11.51 -8.08 -22.94
N HIS A 130 -11.71 -6.76 -23.03
CA HIS A 130 -12.62 -5.99 -22.17
C HIS A 130 -13.78 -5.44 -23.00
N HIS A 131 -14.92 -5.22 -22.35
CA HIS A 131 -16.14 -4.65 -22.98
C HIS A 131 -16.63 -3.45 -22.14
N MET A 1 11.66 2.50 19.71
CA MET A 1 12.10 3.63 18.86
C MET A 1 11.45 3.51 17.47
N GLN A 2 11.41 4.65 16.74
CA GLN A 2 10.91 4.75 15.34
C GLN A 2 9.39 4.43 15.25
N LEU A 3 8.81 4.60 14.05
CA LEU A 3 7.45 4.14 13.75
C LEU A 3 7.51 2.68 13.28
N GLN A 4 7.01 1.77 14.12
CA GLN A 4 6.86 0.35 13.79
C GLN A 4 5.55 0.14 13.02
N LEU A 5 5.67 -0.10 11.71
CA LEU A 5 4.54 -0.45 10.84
C LEU A 5 4.52 -1.99 10.66
N VAL A 6 3.39 -2.61 11.04
CA VAL A 6 3.23 -4.08 11.00
C VAL A 6 2.16 -4.44 9.97
N GLU A 7 2.60 -4.88 8.79
CA GLU A 7 1.71 -5.23 7.67
C GLU A 7 1.04 -6.59 7.95
N SER A 8 -0.24 -6.68 7.55
CA SER A 8 -1.12 -7.82 7.84
C SER A 8 -2.25 -7.89 6.80
N GLY A 9 -2.96 -9.04 6.78
CA GLY A 9 -4.08 -9.26 5.85
C GLY A 9 -3.64 -9.60 4.42
N GLY A 10 -2.33 -9.89 4.25
CA GLY A 10 -1.77 -10.19 2.94
C GLY A 10 -1.94 -11.66 2.57
N GLY A 11 -2.27 -11.93 1.30
CA GLY A 11 -2.55 -13.29 0.83
C GLY A 11 -2.78 -13.34 -0.67
N LEU A 12 -3.36 -14.44 -1.15
CA LEU A 12 -3.65 -14.67 -2.58
C LEU A 12 -5.16 -14.55 -2.88
N VAL A 13 -5.47 -13.99 -4.06
CA VAL A 13 -6.83 -13.87 -4.60
C VAL A 13 -6.75 -13.87 -6.14
N GLN A 14 -7.83 -14.26 -6.82
CA GLN A 14 -7.85 -14.35 -8.29
C GLN A 14 -7.88 -12.94 -8.94
N ALA A 15 -7.64 -12.90 -10.27
CA ALA A 15 -7.65 -11.65 -11.06
C ALA A 15 -9.09 -11.12 -11.19
N GLY A 16 -9.29 -9.89 -10.71
CA GLY A 16 -10.63 -9.28 -10.58
C GLY A 16 -11.17 -9.38 -9.15
N GLY A 17 -10.35 -9.98 -8.26
CA GLY A 17 -10.71 -10.16 -6.85
C GLY A 17 -10.39 -8.95 -6.00
N SER A 18 -10.54 -9.08 -4.69
CA SER A 18 -10.27 -8.02 -3.71
C SER A 18 -9.48 -8.59 -2.52
N LEU A 19 -8.56 -7.78 -1.98
CA LEU A 19 -7.73 -8.14 -0.83
C LEU A 19 -7.59 -6.91 0.07
N ARG A 20 -7.96 -7.07 1.34
CA ARG A 20 -7.89 -6.02 2.36
C ARG A 20 -6.58 -6.14 3.15
N LEU A 21 -5.76 -5.10 3.11
CA LEU A 21 -4.52 -5.01 3.89
C LEU A 21 -4.77 -4.17 5.15
N SER A 22 -3.91 -4.38 6.14
CA SER A 22 -3.90 -3.63 7.41
C SER A 22 -2.44 -3.40 7.82
N CYS A 23 -2.20 -2.36 8.63
CA CYS A 23 -0.84 -2.02 9.12
C CYS A 23 -0.91 -1.34 10.50
N ALA A 24 -0.32 -1.99 11.52
CA ALA A 24 -0.32 -1.48 12.90
C ALA A 24 0.84 -0.49 13.08
N ALA A 25 0.51 0.77 13.43
CA ALA A 25 1.48 1.87 13.55
C ALA A 25 1.73 2.18 15.03
N SER A 26 3.00 2.15 15.46
CA SER A 26 3.38 2.27 16.89
C SER A 26 4.70 3.03 17.05
N GLY A 27 4.98 3.50 18.28
CA GLY A 27 6.22 4.21 18.61
C GLY A 27 6.15 5.70 18.28
N ARG A 28 6.54 6.06 17.05
CA ARG A 28 6.55 7.46 16.59
C ARG A 28 5.14 7.92 16.18
N THR A 29 4.90 9.25 16.24
CA THR A 29 3.62 9.85 15.87
C THR A 29 3.48 9.89 14.33
N PHE A 30 2.85 8.84 13.78
CA PHE A 30 2.51 8.72 12.35
C PHE A 30 1.55 9.87 11.90
N SER A 31 0.73 10.35 12.86
CA SER A 31 -0.26 11.41 12.62
C SER A 31 0.37 12.82 12.54
N SER A 32 1.70 12.91 12.70
CA SER A 32 2.46 14.15 12.44
C SER A 32 3.03 14.17 11.02
N TYR A 33 3.04 13.01 10.34
CA TYR A 33 3.65 12.84 8.99
C TYR A 33 2.57 12.46 7.95
N ALA A 34 2.99 12.43 6.68
CA ALA A 34 2.25 11.77 5.61
C ALA A 34 2.68 10.29 5.56
N MET A 35 1.86 9.44 4.93
CA MET A 35 2.12 7.99 4.88
C MET A 35 1.82 7.47 3.47
N GLY A 36 2.69 6.61 2.94
CA GLY A 36 2.55 6.07 1.60
C GLY A 36 2.92 4.59 1.53
N TRP A 37 2.15 3.83 0.75
CA TRP A 37 2.38 2.42 0.49
C TRP A 37 3.17 2.28 -0.81
N PHE A 38 4.19 1.40 -0.75
CA PHE A 38 5.08 1.08 -1.87
C PHE A 38 5.10 -0.45 -2.04
N ARG A 39 5.31 -0.95 -3.26
CA ARG A 39 5.37 -2.41 -3.51
C ARG A 39 6.54 -2.74 -4.44
N GLN A 40 6.95 -4.01 -4.44
CA GLN A 40 8.01 -4.51 -5.34
C GLN A 40 8.03 -6.04 -5.36
N ALA A 41 8.35 -6.62 -6.53
CA ALA A 41 8.64 -8.07 -6.69
C ALA A 41 9.06 -8.39 -8.15
N PRO A 42 8.16 -8.19 -9.22
CA PRO A 42 8.46 -8.66 -10.60
C PRO A 42 9.43 -7.71 -11.34
N GLY A 43 10.73 -7.81 -10.98
CA GLY A 43 11.77 -6.92 -11.53
C GLY A 43 11.62 -5.46 -11.08
N LYS A 44 10.82 -5.26 -10.02
CA LYS A 44 10.42 -3.92 -9.53
C LYS A 44 11.17 -3.57 -8.23
N GLU A 45 11.51 -2.29 -8.10
CA GLU A 45 11.90 -1.67 -6.81
C GLU A 45 10.63 -1.04 -6.19
N ARG A 46 10.72 -0.55 -4.93
CA ARG A 46 9.56 0.05 -4.23
C ARG A 46 9.04 1.28 -5.02
N GLU A 47 7.91 1.06 -5.71
CA GLU A 47 7.26 2.04 -6.57
C GLU A 47 6.17 2.79 -5.79
N PHE A 48 5.90 4.03 -6.20
CA PHE A 48 4.76 4.82 -5.69
C PHE A 48 3.45 4.09 -6.04
N VAL A 49 2.76 3.58 -5.02
CA VAL A 49 1.43 2.94 -5.19
C VAL A 49 0.34 3.92 -4.79
N ALA A 50 0.45 4.47 -3.56
CA ALA A 50 -0.55 5.42 -3.02
C ALA A 50 -0.02 6.14 -1.77
N VAL A 51 -0.26 7.46 -1.67
CA VAL A 51 0.05 8.28 -0.47
C VAL A 51 -1.24 8.95 0.04
N VAL A 52 -1.49 8.79 1.35
CA VAL A 52 -2.57 9.50 2.07
C VAL A 52 -1.93 10.40 3.13
N ASN A 53 -2.65 11.45 3.58
CA ASN A 53 -2.22 12.23 4.76
C ASN A 53 -2.74 11.55 6.04
N TRP A 54 -2.31 12.08 7.18
CA TRP A 54 -2.68 11.57 8.52
C TRP A 54 -4.20 11.67 8.81
N SER A 55 -4.87 12.64 8.17
CA SER A 55 -6.33 12.92 8.40
C SER A 55 -7.23 12.04 7.51
N GLY A 56 -6.68 11.55 6.38
CA GLY A 56 -7.47 10.84 5.36
C GLY A 56 -8.20 11.81 4.41
N ARG A 57 -7.83 13.11 4.49
CA ARG A 57 -8.43 14.21 3.70
C ARG A 57 -7.77 14.32 2.29
N ARG A 58 -6.54 13.82 2.18
CA ARG A 58 -5.74 13.85 0.95
C ARG A 58 -5.40 12.41 0.56
N THR A 59 -5.82 11.98 -0.63
CA THR A 59 -5.49 10.65 -1.20
C THR A 59 -4.91 10.83 -2.62
N TYR A 60 -3.77 10.19 -2.86
CA TYR A 60 -3.04 10.24 -4.13
C TYR A 60 -2.71 8.80 -4.52
N TYR A 61 -2.97 8.44 -5.78
CA TYR A 61 -2.77 7.07 -6.30
C TYR A 61 -1.93 7.10 -7.57
N ALA A 62 -1.17 6.02 -7.81
CA ALA A 62 -0.45 5.81 -9.07
C ALA A 62 -1.47 5.48 -10.16
N ASP A 63 -1.30 6.11 -11.34
CA ASP A 63 -2.26 5.99 -12.47
C ASP A 63 -2.54 4.51 -12.83
N SER A 64 -1.54 3.64 -12.62
CA SER A 64 -1.63 2.20 -12.88
C SER A 64 -2.69 1.51 -11.98
N VAL A 65 -2.73 1.87 -10.69
CA VAL A 65 -3.61 1.23 -9.67
C VAL A 65 -4.77 2.15 -9.23
N LYS A 66 -4.83 3.34 -9.83
CA LYS A 66 -5.76 4.41 -9.45
C LYS A 66 -7.20 4.02 -9.82
N GLY A 67 -8.13 4.24 -8.87
CA GLY A 67 -9.55 3.98 -9.06
C GLY A 67 -10.01 2.65 -8.50
N ARG A 68 -9.08 1.66 -8.39
CA ARG A 68 -9.39 0.32 -7.84
C ARG A 68 -8.77 0.15 -6.44
N PHE A 69 -7.73 0.95 -6.11
CA PHE A 69 -7.11 0.96 -4.76
C PHE A 69 -7.70 2.12 -3.92
N THR A 70 -7.58 1.97 -2.59
CA THR A 70 -8.04 2.97 -1.60
C THR A 70 -7.16 2.88 -0.34
N ILE A 71 -6.70 4.03 0.20
CA ILE A 71 -6.04 4.07 1.53
C ILE A 71 -7.04 4.59 2.57
N SER A 72 -6.98 4.01 3.76
CA SER A 72 -7.75 4.42 4.95
C SER A 72 -6.83 4.27 6.17
N ARG A 73 -7.18 4.95 7.27
CA ARG A 73 -6.46 4.80 8.55
C ARG A 73 -7.34 5.30 9.69
N ASP A 74 -6.89 5.10 10.92
CA ASP A 74 -7.55 5.62 12.12
C ASP A 74 -6.48 5.94 13.16
N ASN A 75 -6.39 7.22 13.55
CA ASN A 75 -5.34 7.75 14.45
C ASN A 75 -5.57 7.31 15.91
N ALA A 76 -6.84 7.02 16.27
CA ALA A 76 -7.23 6.58 17.62
C ALA A 76 -6.93 5.08 17.83
N LYS A 77 -7.15 4.29 16.77
CA LYS A 77 -6.89 2.83 16.77
C LYS A 77 -5.43 2.53 16.39
N ASN A 78 -4.74 3.55 15.83
CA ASN A 78 -3.32 3.47 15.38
C ASN A 78 -3.17 2.42 14.25
N THR A 79 -4.26 2.22 13.49
CA THR A 79 -4.34 1.14 12.48
C THR A 79 -4.65 1.72 11.09
N VAL A 80 -3.89 1.24 10.12
CA VAL A 80 -4.00 1.59 8.70
C VAL A 80 -4.69 0.44 7.94
N TYR A 81 -5.34 0.76 6.82
CA TYR A 81 -5.96 -0.21 5.91
C TYR A 81 -5.67 0.20 4.46
N LEU A 82 -5.42 -0.79 3.59
CA LEU A 82 -5.16 -0.56 2.16
C LEU A 82 -6.05 -1.55 1.38
N GLN A 83 -7.19 -1.05 0.88
CA GLN A 83 -8.18 -1.85 0.16
C GLN A 83 -7.80 -1.93 -1.33
N MET A 84 -7.52 -3.16 -1.81
CA MET A 84 -7.17 -3.42 -3.21
C MET A 84 -8.32 -4.20 -3.88
N ASN A 85 -9.16 -3.50 -4.64
CA ASN A 85 -10.28 -4.10 -5.39
C ASN A 85 -9.89 -4.29 -6.86
N SER A 86 -10.54 -5.27 -7.52
CA SER A 86 -10.42 -5.52 -8.98
C SER A 86 -8.94 -5.75 -9.38
N LEU A 87 -8.24 -6.54 -8.53
CA LEU A 87 -6.79 -6.77 -8.63
C LEU A 87 -6.34 -7.31 -9.99
N LYS A 88 -5.41 -6.60 -10.60
CA LYS A 88 -4.84 -6.92 -11.90
C LYS A 88 -3.60 -7.82 -11.69
N PRO A 89 -3.33 -8.85 -12.58
CA PRO A 89 -2.11 -9.73 -12.54
C PRO A 89 -0.79 -9.06 -12.06
N GLU A 90 -0.58 -7.82 -12.51
CA GLU A 90 0.68 -7.04 -12.29
C GLU A 90 0.82 -6.49 -10.85
N ASP A 91 -0.26 -6.55 -10.05
CA ASP A 91 -0.27 -6.08 -8.65
C ASP A 91 0.35 -7.09 -7.66
N THR A 92 0.76 -8.28 -8.17
CA THR A 92 1.50 -9.30 -7.39
C THR A 92 2.87 -8.73 -6.94
N ALA A 93 2.99 -8.41 -5.64
CA ALA A 93 4.20 -7.76 -5.06
C ALA A 93 4.09 -7.68 -3.53
N VAL A 94 5.25 -7.51 -2.86
CA VAL A 94 5.30 -7.29 -1.41
C VAL A 94 5.05 -5.79 -1.10
N TYR A 95 3.92 -5.50 -0.42
CA TYR A 95 3.53 -4.14 -0.01
C TYR A 95 4.14 -3.79 1.35
N ASN A 96 5.04 -2.82 1.33
CA ASN A 96 5.62 -2.23 2.52
C ASN A 96 5.04 -0.81 2.69
N CYS A 97 4.48 -0.52 3.87
CA CYS A 97 3.99 0.81 4.21
C CYS A 97 5.17 1.63 4.77
N ALA A 98 5.20 2.92 4.45
CA ALA A 98 6.28 3.85 4.85
C ALA A 98 5.70 5.19 5.25
N ALA A 99 6.45 5.99 6.03
CA ALA A 99 6.00 7.31 6.50
C ALA A 99 7.12 8.35 6.35
N GLY A 100 6.70 9.55 5.96
CA GLY A 100 7.58 10.69 5.70
C GLY A 100 6.82 11.75 4.94
N LYS A 101 7.36 12.98 4.87
CA LYS A 101 6.72 14.08 4.11
C LYS A 101 7.31 14.15 2.68
N TRP A 102 6.42 14.11 1.69
CA TRP A 102 6.77 14.31 0.25
C TRP A 102 6.35 15.72 -0.20
N ASP A 103 6.24 16.63 0.78
CA ASP A 103 5.87 18.04 0.57
C ASP A 103 7.11 18.86 0.18
N GLY A 104 6.92 19.82 -0.76
CA GLY A 104 7.99 20.70 -1.24
C GLY A 104 8.85 20.02 -2.29
N SER A 105 9.70 19.09 -1.82
CA SER A 105 10.59 18.29 -2.68
C SER A 105 9.78 17.21 -3.42
N TYR A 106 10.22 16.89 -4.65
CA TYR A 106 9.65 15.80 -5.48
C TYR A 106 10.12 14.43 -4.94
N TYR A 107 11.25 14.43 -4.20
CA TYR A 107 11.82 13.24 -3.55
C TYR A 107 11.84 13.48 -2.04
N GLY A 108 10.65 13.29 -1.42
CA GLY A 108 10.51 13.35 0.03
C GLY A 108 11.02 12.08 0.68
N ALA A 109 11.66 12.22 1.85
CA ALA A 109 12.33 11.11 2.56
C ALA A 109 11.32 10.27 3.36
N PRO A 110 11.09 8.96 2.97
CA PRO A 110 10.32 8.01 3.81
C PRO A 110 11.23 7.53 4.95
N ASP A 111 11.24 8.31 6.04
CA ASP A 111 12.14 8.09 7.20
C ASP A 111 11.77 6.82 7.97
N TYR A 112 10.50 6.43 7.85
CA TYR A 112 9.92 5.27 8.54
C TYR A 112 9.42 4.26 7.49
N TRP A 113 9.35 2.99 7.89
CA TRP A 113 8.72 1.91 7.11
C TRP A 113 8.49 0.69 8.00
N GLY A 114 7.79 -0.31 7.45
CA GLY A 114 7.50 -1.55 8.17
C GLY A 114 8.31 -2.73 7.67
N GLN A 115 7.70 -3.91 7.79
CA GLN A 115 8.28 -5.19 7.34
C GLN A 115 7.98 -5.38 5.84
N GLY A 116 6.66 -5.51 5.54
CA GLY A 116 6.17 -5.82 4.19
C GLY A 116 5.34 -7.10 4.19
N THR A 117 4.25 -7.13 3.39
CA THR A 117 3.36 -8.28 3.24
C THR A 117 3.31 -8.70 1.75
N GLN A 118 3.76 -9.94 1.46
CA GLN A 118 3.81 -10.48 0.09
C GLN A 118 2.41 -10.92 -0.35
N VAL A 119 1.79 -10.13 -1.24
CA VAL A 119 0.47 -10.43 -1.82
C VAL A 119 0.65 -11.01 -3.23
N THR A 120 -0.25 -11.92 -3.62
CA THR A 120 -0.27 -12.52 -4.95
C THR A 120 -1.69 -12.47 -5.53
N VAL A 121 -1.81 -12.06 -6.80
CA VAL A 121 -3.08 -12.09 -7.53
C VAL A 121 -2.97 -13.10 -8.69
N SER A 122 -3.64 -14.26 -8.50
CA SER A 122 -3.68 -15.36 -9.46
C SER A 122 -4.29 -14.90 -10.79
N SER A 123 -3.46 -14.87 -11.84
CA SER A 123 -3.85 -14.43 -13.19
C SER A 123 -4.58 -15.54 -13.95
N LEU A 124 -5.89 -15.35 -14.16
CA LEU A 124 -6.76 -16.26 -14.97
C LEU A 124 -6.69 -15.85 -16.46
N GLU A 125 -5.44 -15.62 -16.93
CA GLU A 125 -5.14 -15.10 -18.28
C GLU A 125 -5.40 -16.15 -19.37
N HIS A 126 -5.86 -15.67 -20.54
CA HIS A 126 -6.10 -16.50 -21.74
C HIS A 126 -5.70 -15.70 -22.99
N HIS A 127 -4.98 -16.35 -23.91
CA HIS A 127 -4.55 -15.72 -25.18
C HIS A 127 -5.76 -15.38 -26.07
N HIS A 128 -5.64 -14.32 -26.87
CA HIS A 128 -6.71 -13.86 -27.77
C HIS A 128 -6.86 -14.86 -28.95
N HIS A 129 -7.84 -15.79 -28.80
CA HIS A 129 -8.30 -16.71 -29.86
C HIS A 129 -7.32 -17.87 -30.14
N HIS A 130 -7.88 -19.07 -30.34
CA HIS A 130 -7.14 -20.26 -30.77
C HIS A 130 -6.64 -20.09 -32.22
N HIS A 131 -5.32 -19.82 -32.37
CA HIS A 131 -4.64 -19.61 -33.66
C HIS A 131 -5.20 -18.35 -34.37
N MET A 1 14.66 7.15 18.60
CA MET A 1 13.50 7.82 18.00
C MET A 1 13.17 7.18 16.63
N GLN A 2 12.11 6.35 16.61
CA GLN A 2 11.61 5.69 15.39
C GLN A 2 10.12 5.35 15.56
N LEU A 3 9.34 5.56 14.49
CA LEU A 3 7.95 5.09 14.38
C LEU A 3 7.96 3.66 13.79
N GLN A 4 7.58 2.68 14.63
CA GLN A 4 7.44 1.28 14.23
C GLN A 4 6.10 1.07 13.51
N LEU A 5 6.17 0.57 12.28
CA LEU A 5 5.01 0.18 11.47
C LEU A 5 5.01 -1.35 11.32
N VAL A 6 4.03 -2.02 11.96
CA VAL A 6 3.87 -3.47 11.86
C VAL A 6 2.78 -3.75 10.82
N GLU A 7 3.23 -4.09 9.61
CA GLU A 7 2.35 -4.34 8.48
C GLU A 7 1.81 -5.78 8.59
N SER A 8 0.48 -5.94 8.46
CA SER A 8 -0.21 -7.23 8.55
C SER A 8 -1.29 -7.30 7.46
N GLY A 9 -1.30 -8.37 6.66
CA GLY A 9 -2.26 -8.52 5.57
C GLY A 9 -1.67 -9.31 4.43
N GLY A 10 -2.22 -9.09 3.20
CA GLY A 10 -1.73 -9.75 1.98
C GLY A 10 -2.22 -11.18 1.85
N GLY A 11 -2.36 -11.65 0.60
CA GLY A 11 -2.80 -13.01 0.32
C GLY A 11 -2.82 -13.30 -1.16
N LEU A 12 -3.33 -14.49 -1.50
CA LEU A 12 -3.52 -14.90 -2.90
C LEU A 12 -5.00 -14.66 -3.32
N VAL A 13 -5.18 -14.06 -4.51
CA VAL A 13 -6.51 -13.77 -5.07
C VAL A 13 -6.41 -13.76 -6.61
N GLN A 14 -7.53 -13.98 -7.31
CA GLN A 14 -7.59 -13.94 -8.78
C GLN A 14 -7.70 -12.49 -9.28
N ALA A 15 -7.37 -12.26 -10.57
CA ALA A 15 -7.49 -10.94 -11.20
C ALA A 15 -8.96 -10.52 -11.34
N GLY A 16 -9.25 -9.28 -10.92
CA GLY A 16 -10.63 -8.78 -10.77
C GLY A 16 -11.11 -8.88 -9.32
N GLY A 17 -10.37 -9.67 -8.52
CA GLY A 17 -10.69 -9.90 -7.11
C GLY A 17 -10.28 -8.76 -6.19
N SER A 18 -10.38 -9.00 -4.88
CA SER A 18 -10.15 -7.99 -3.84
C SER A 18 -9.34 -8.59 -2.67
N LEU A 19 -8.72 -7.70 -1.87
CA LEU A 19 -7.77 -8.08 -0.81
C LEU A 19 -7.66 -6.91 0.21
N ARG A 20 -7.09 -7.18 1.41
CA ARG A 20 -6.87 -6.15 2.45
C ARG A 20 -5.44 -6.20 2.98
N LEU A 21 -4.88 -5.00 3.22
CA LEU A 21 -3.59 -4.76 3.88
C LEU A 21 -3.87 -3.91 5.14
N SER A 22 -2.96 -3.96 6.11
CA SER A 22 -3.12 -3.19 7.36
C SER A 22 -1.74 -2.85 7.95
N CYS A 23 -1.70 -1.90 8.88
CA CYS A 23 -0.47 -1.49 9.58
C CYS A 23 -0.80 -0.93 10.96
N ALA A 24 -0.21 -1.52 12.01
CA ALA A 24 -0.28 -1.00 13.38
C ALA A 24 0.86 0.03 13.56
N ALA A 25 0.51 1.23 14.03
CA ALA A 25 1.46 2.34 14.20
C ALA A 25 1.79 2.51 15.69
N SER A 26 3.08 2.71 15.98
CA SER A 26 3.64 2.76 17.34
C SER A 26 3.25 4.06 18.11
N GLY A 27 3.80 4.22 19.33
CA GLY A 27 3.46 5.32 20.24
C GLY A 27 3.78 6.71 19.69
N ARG A 28 4.66 6.78 18.68
CA ARG A 28 4.95 8.03 17.92
C ARG A 28 3.69 8.56 17.23
N THR A 29 3.58 9.90 17.13
CA THR A 29 2.47 10.54 16.42
C THR A 29 2.61 10.33 14.89
N PHE A 30 2.01 9.23 14.41
CA PHE A 30 1.81 8.97 12.96
C PHE A 30 0.96 10.10 12.33
N SER A 31 0.22 10.80 13.21
CA SER A 31 -0.57 12.00 12.89
C SER A 31 0.31 13.23 12.52
N SER A 32 1.65 13.07 12.52
CA SER A 32 2.58 14.11 12.04
C SER A 32 3.20 13.72 10.69
N TYR A 33 2.87 12.51 10.18
CA TYR A 33 3.45 11.98 8.93
C TYR A 33 2.35 11.63 7.92
N ALA A 34 2.73 11.63 6.64
CA ALA A 34 1.91 11.13 5.54
C ALA A 34 2.23 9.64 5.35
N MET A 35 1.19 8.81 5.39
CA MET A 35 1.29 7.35 5.40
C MET A 35 1.06 6.82 3.97
N GLY A 36 2.07 6.17 3.37
CA GLY A 36 2.03 5.75 1.96
C GLY A 36 2.47 4.32 1.74
N TRP A 37 1.78 3.64 0.81
CA TRP A 37 2.08 2.28 0.36
C TRP A 37 2.91 2.33 -0.92
N PHE A 38 3.98 1.51 -0.94
CA PHE A 38 4.85 1.28 -2.11
C PHE A 38 4.89 -0.22 -2.42
N ARG A 39 5.36 -0.62 -3.61
CA ARG A 39 5.45 -2.06 -3.97
C ARG A 39 6.70 -2.35 -4.80
N GLN A 40 7.16 -3.60 -4.72
CA GLN A 40 8.27 -4.14 -5.53
C GLN A 40 8.28 -5.66 -5.42
N ALA A 41 8.77 -6.38 -6.47
CA ALA A 41 9.12 -7.83 -6.40
C ALA A 41 9.55 -8.36 -7.81
N PRO A 42 8.64 -8.41 -8.86
CA PRO A 42 8.96 -9.06 -10.16
C PRO A 42 9.74 -8.11 -11.10
N GLY A 43 10.99 -7.82 -10.73
CA GLY A 43 11.83 -6.85 -11.47
C GLY A 43 11.38 -5.39 -11.25
N LYS A 44 10.40 -5.20 -10.37
CA LYS A 44 9.78 -3.89 -10.09
C LYS A 44 10.51 -3.21 -8.93
N GLU A 45 10.71 -1.89 -9.05
CA GLU A 45 11.29 -1.06 -7.96
C GLU A 45 10.17 -0.58 -7.04
N ARG A 46 10.53 0.02 -5.87
CA ARG A 46 9.55 0.69 -4.99
C ARG A 46 8.96 1.89 -5.76
N GLU A 47 7.72 1.72 -6.23
CA GLU A 47 7.00 2.77 -6.94
C GLU A 47 5.84 3.28 -6.10
N PHE A 48 5.43 4.52 -6.38
CA PHE A 48 4.27 5.15 -5.76
C PHE A 48 3.00 4.37 -6.11
N VAL A 49 2.44 3.69 -5.10
CA VAL A 49 1.12 3.05 -5.21
C VAL A 49 0.08 4.09 -4.82
N ALA A 50 0.13 4.53 -3.55
CA ALA A 50 -0.83 5.48 -3.00
C ALA A 50 -0.36 6.01 -1.64
N VAL A 51 -0.44 7.33 -1.44
CA VAL A 51 -0.13 7.98 -0.14
C VAL A 51 -1.39 8.70 0.38
N VAL A 52 -1.73 8.43 1.64
CA VAL A 52 -2.81 9.13 2.36
C VAL A 52 -2.19 10.10 3.36
N ASN A 53 -2.85 11.24 3.58
CA ASN A 53 -2.52 12.14 4.68
C ASN A 53 -3.10 11.52 5.97
N TRP A 54 -2.44 11.75 7.12
CA TRP A 54 -2.74 11.04 8.40
C TRP A 54 -4.24 11.00 8.80
N SER A 55 -4.99 12.06 8.45
CA SER A 55 -6.42 12.19 8.77
C SER A 55 -7.31 11.45 7.76
N GLY A 56 -6.86 11.41 6.49
CA GLY A 56 -7.62 10.79 5.41
C GLY A 56 -8.39 11.79 4.58
N ARG A 57 -8.41 13.06 5.03
CA ARG A 57 -9.04 14.20 4.30
C ARG A 57 -8.44 14.35 2.88
N ARG A 58 -7.10 14.20 2.80
CA ARG A 58 -6.37 14.16 1.52
C ARG A 58 -5.90 12.73 1.23
N THR A 59 -6.16 12.24 0.00
CA THR A 59 -5.69 10.93 -0.51
C THR A 59 -5.06 11.12 -1.90
N TYR A 60 -4.00 10.37 -2.18
CA TYR A 60 -3.24 10.42 -3.44
C TYR A 60 -3.07 8.98 -3.96
N TYR A 61 -3.43 8.73 -5.22
CA TYR A 61 -3.34 7.39 -5.84
C TYR A 61 -2.65 7.49 -7.20
N ALA A 62 -1.85 6.46 -7.54
CA ALA A 62 -1.25 6.30 -8.88
C ALA A 62 -2.33 5.84 -9.86
N ASP A 63 -2.25 6.28 -11.14
CA ASP A 63 -3.28 6.01 -12.17
C ASP A 63 -3.51 4.50 -12.40
N SER A 64 -2.43 3.73 -12.17
CA SER A 64 -2.39 2.26 -12.35
C SER A 64 -3.31 1.55 -11.34
N VAL A 65 -3.45 2.15 -10.13
CA VAL A 65 -4.22 1.57 -9.01
C VAL A 65 -5.40 2.48 -8.59
N LYS A 66 -5.54 3.65 -9.23
CA LYS A 66 -6.55 4.67 -8.85
C LYS A 66 -7.96 4.23 -9.26
N GLY A 67 -8.93 4.43 -8.36
CA GLY A 67 -10.34 4.05 -8.58
C GLY A 67 -10.66 2.65 -8.05
N ARG A 68 -9.63 1.80 -7.95
CA ARG A 68 -9.77 0.41 -7.46
C ARG A 68 -9.04 0.21 -6.11
N PHE A 69 -8.21 1.19 -5.71
CA PHE A 69 -7.56 1.22 -4.38
C PHE A 69 -8.17 2.34 -3.52
N THR A 70 -8.28 2.10 -2.20
CA THR A 70 -8.76 3.08 -1.22
C THR A 70 -7.97 2.88 0.10
N ILE A 71 -7.42 3.97 0.66
CA ILE A 71 -6.68 3.91 1.93
C ILE A 71 -7.60 4.43 3.05
N SER A 72 -7.87 3.58 4.04
CA SER A 72 -8.71 3.93 5.20
C SER A 72 -7.93 3.67 6.48
N ARG A 73 -8.04 4.57 7.46
CA ARG A 73 -7.25 4.50 8.71
C ARG A 73 -8.09 4.95 9.90
N ASP A 74 -7.98 4.21 11.00
CA ASP A 74 -8.63 4.53 12.27
C ASP A 74 -7.58 5.06 13.23
N ASN A 75 -7.54 6.39 13.39
CA ASN A 75 -6.56 7.09 14.25
C ASN A 75 -6.81 6.76 15.75
N ALA A 76 -8.06 6.32 16.05
CA ALA A 76 -8.46 5.83 17.39
C ALA A 76 -7.75 4.51 17.73
N LYS A 77 -7.71 3.60 16.74
CA LYS A 77 -7.06 2.27 16.88
C LYS A 77 -5.56 2.35 16.55
N ASN A 78 -5.14 3.51 15.98
CA ASN A 78 -3.75 3.77 15.53
C ASN A 78 -3.35 2.79 14.39
N THR A 79 -4.36 2.32 13.63
CA THR A 79 -4.19 1.29 12.59
C THR A 79 -4.63 1.82 11.22
N VAL A 80 -3.79 1.62 10.19
CA VAL A 80 -4.08 1.97 8.79
C VAL A 80 -4.50 0.70 8.03
N TYR A 81 -5.22 0.87 6.92
CA TYR A 81 -5.68 -0.22 6.04
C TYR A 81 -5.52 0.21 4.56
N LEU A 82 -5.39 -0.77 3.67
CA LEU A 82 -5.44 -0.56 2.22
C LEU A 82 -6.43 -1.57 1.65
N GLN A 83 -7.45 -1.07 0.96
CA GLN A 83 -8.51 -1.85 0.37
C GLN A 83 -8.20 -2.04 -1.13
N MET A 84 -7.76 -3.25 -1.47
CA MET A 84 -7.51 -3.65 -2.87
C MET A 84 -8.80 -4.16 -3.48
N ASN A 85 -9.19 -3.58 -4.62
CA ASN A 85 -10.30 -4.07 -5.47
C ASN A 85 -9.79 -4.18 -6.90
N SER A 86 -10.41 -5.08 -7.70
CA SER A 86 -10.22 -5.17 -9.16
C SER A 86 -8.73 -5.31 -9.54
N LEU A 87 -8.04 -6.23 -8.84
CA LEU A 87 -6.58 -6.40 -8.95
C LEU A 87 -6.15 -6.91 -10.33
N LYS A 88 -5.18 -6.21 -10.94
CA LYS A 88 -4.49 -6.62 -12.17
C LYS A 88 -3.30 -7.52 -11.79
N PRO A 89 -2.78 -8.39 -12.72
CA PRO A 89 -1.57 -9.24 -12.45
C PRO A 89 -0.29 -8.43 -12.09
N GLU A 90 -0.30 -7.10 -12.39
CA GLU A 90 0.80 -6.16 -12.08
C GLU A 90 1.03 -6.00 -10.57
N ASP A 91 -0.03 -6.24 -9.77
CA ASP A 91 -0.02 -5.98 -8.33
C ASP A 91 0.74 -7.05 -7.53
N THR A 92 1.08 -8.20 -8.16
CA THR A 92 1.86 -9.28 -7.49
C THR A 92 3.23 -8.74 -7.05
N ALA A 93 3.34 -8.39 -5.76
CA ALA A 93 4.52 -7.69 -5.21
C ALA A 93 4.40 -7.56 -3.68
N VAL A 94 5.57 -7.39 -3.02
CA VAL A 94 5.60 -7.07 -1.58
C VAL A 94 5.33 -5.57 -1.38
N TYR A 95 4.16 -5.27 -0.77
CA TYR A 95 3.72 -3.91 -0.45
C TYR A 95 4.26 -3.49 0.91
N ASN A 96 5.05 -2.42 0.92
CA ASN A 96 5.72 -1.89 2.11
C ASN A 96 4.95 -0.66 2.62
N CYS A 97 4.57 -0.69 3.90
CA CYS A 97 3.89 0.42 4.57
C CYS A 97 4.92 1.42 5.09
N ALA A 98 4.99 2.58 4.43
CA ALA A 98 5.94 3.65 4.79
C ALA A 98 5.20 4.84 5.43
N ALA A 99 5.94 5.67 6.18
CA ALA A 99 5.45 6.93 6.77
C ALA A 99 6.57 7.97 6.69
N GLY A 100 6.28 9.11 6.06
CA GLY A 100 7.26 10.16 5.87
C GLY A 100 6.60 11.48 5.52
N LYS A 101 7.43 12.53 5.35
CA LYS A 101 6.94 13.86 5.00
C LYS A 101 6.71 13.92 3.49
N TRP A 102 5.43 13.67 3.08
CA TRP A 102 4.98 13.61 1.67
C TRP A 102 5.60 12.38 0.96
N ASP A 103 6.89 12.50 0.60
CA ASP A 103 7.69 11.48 -0.12
C ASP A 103 9.11 12.06 -0.31
N GLY A 104 9.15 13.28 -0.87
CA GLY A 104 10.38 14.01 -1.14
C GLY A 104 10.11 15.24 -1.98
N SER A 105 11.05 15.61 -2.87
CA SER A 105 10.84 16.67 -3.87
C SER A 105 11.64 16.37 -5.15
N TYR A 106 12.98 16.55 -5.09
CA TYR A 106 13.88 16.22 -6.21
C TYR A 106 14.35 14.76 -6.06
N TYR A 107 14.51 14.33 -4.79
CA TYR A 107 14.84 12.94 -4.42
C TYR A 107 13.73 12.42 -3.48
N GLY A 108 13.32 11.16 -3.66
CA GLY A 108 12.31 10.52 -2.82
C GLY A 108 12.95 9.54 -1.85
N ALA A 109 12.59 9.64 -0.55
CA ALA A 109 13.13 8.77 0.52
C ALA A 109 12.17 8.75 1.73
N PRO A 110 11.38 7.63 1.94
CA PRO A 110 10.48 7.50 3.12
C PRO A 110 11.28 7.45 4.44
N ASP A 111 10.89 8.32 5.40
CA ASP A 111 11.55 8.44 6.72
C ASP A 111 11.48 7.11 7.51
N TYR A 112 10.28 6.52 7.53
CA TYR A 112 10.01 5.24 8.22
C TYR A 112 9.35 4.27 7.23
N TRP A 113 9.42 2.96 7.54
CA TRP A 113 8.78 1.90 6.75
C TRP A 113 8.52 0.67 7.62
N GLY A 114 7.68 -0.23 7.10
CA GLY A 114 7.23 -1.42 7.81
C GLY A 114 7.76 -2.71 7.21
N GLN A 115 7.23 -3.83 7.69
CA GLN A 115 7.65 -5.18 7.29
C GLN A 115 7.34 -5.44 5.80
N GLY A 116 6.05 -5.29 5.45
CA GLY A 116 5.55 -5.51 4.09
C GLY A 116 5.14 -6.95 3.85
N THR A 117 4.17 -7.16 2.93
CA THR A 117 3.61 -8.50 2.63
C THR A 117 3.58 -8.75 1.12
N GLN A 118 3.99 -9.96 0.70
CA GLN A 118 3.88 -10.40 -0.69
C GLN A 118 2.42 -10.77 -0.98
N VAL A 119 1.76 -9.91 -1.78
CA VAL A 119 0.44 -10.21 -2.33
C VAL A 119 0.65 -10.91 -3.69
N THR A 120 -0.16 -11.93 -3.96
CA THR A 120 -0.06 -12.71 -5.22
C THR A 120 -1.43 -12.72 -5.91
N VAL A 121 -1.55 -11.93 -6.98
CA VAL A 121 -2.77 -11.87 -7.79
C VAL A 121 -2.59 -12.70 -9.06
N SER A 122 -3.32 -13.83 -9.09
CA SER A 122 -3.37 -14.76 -10.22
C SER A 122 -3.81 -14.04 -11.52
N SER A 123 -2.95 -14.12 -12.54
CA SER A 123 -3.22 -13.57 -13.88
C SER A 123 -4.43 -14.28 -14.52
N LEU A 124 -5.62 -13.68 -14.34
CA LEU A 124 -6.89 -14.19 -14.88
C LEU A 124 -7.42 -13.14 -15.88
N GLU A 125 -7.22 -13.42 -17.17
CA GLU A 125 -7.67 -12.58 -18.28
C GLU A 125 -7.50 -13.36 -19.59
N HIS A 126 -8.54 -13.35 -20.45
CA HIS A 126 -8.53 -14.09 -21.72
C HIS A 126 -7.42 -13.57 -22.66
N HIS A 127 -6.58 -14.51 -23.14
CA HIS A 127 -5.54 -14.23 -24.12
C HIS A 127 -5.02 -15.55 -24.72
N HIS A 128 -4.65 -15.51 -26.00
CA HIS A 128 -4.15 -16.66 -26.75
C HIS A 128 -3.23 -16.18 -27.87
N HIS A 129 -2.05 -16.80 -27.98
CA HIS A 129 -1.11 -16.53 -29.09
C HIS A 129 -1.26 -17.63 -30.15
N HIS A 130 -0.96 -17.28 -31.40
CA HIS A 130 -1.00 -18.22 -32.54
C HIS A 130 -0.10 -17.68 -33.67
N HIS A 131 -0.01 -18.44 -34.77
CA HIS A 131 0.63 -17.97 -36.01
C HIS A 131 -0.47 -17.50 -37.00
N MET A 1 11.85 5.83 19.96
CA MET A 1 12.93 5.61 18.96
C MET A 1 12.40 5.89 17.54
N GLN A 2 11.52 5.00 17.07
CA GLN A 2 11.02 5.00 15.68
C GLN A 2 9.51 4.69 15.63
N LEU A 3 8.93 4.79 14.41
CA LEU A 3 7.54 4.43 14.16
C LEU A 3 7.50 2.98 13.62
N GLN A 4 6.98 2.07 14.45
CA GLN A 4 6.84 0.66 14.10
C GLN A 4 5.60 0.47 13.21
N LEU A 5 5.84 0.15 11.93
CA LEU A 5 4.78 -0.14 10.95
C LEU A 5 4.74 -1.66 10.72
N VAL A 6 3.64 -2.32 11.15
CA VAL A 6 3.46 -3.78 10.99
C VAL A 6 2.36 -4.05 9.96
N GLU A 7 2.76 -4.41 8.73
CA GLU A 7 1.81 -4.75 7.65
C GLU A 7 1.38 -6.22 7.78
N SER A 8 0.14 -6.49 7.34
CA SER A 8 -0.48 -7.82 7.39
C SER A 8 -1.65 -7.88 6.39
N GLY A 9 -2.16 -9.10 6.13
CA GLY A 9 -3.30 -9.31 5.22
C GLY A 9 -2.89 -9.82 3.86
N GLY A 10 -1.57 -9.89 3.59
CA GLY A 10 -1.04 -10.31 2.30
C GLY A 10 -1.11 -11.83 2.11
N GLY A 11 -1.72 -12.25 1.00
CA GLY A 11 -1.85 -13.68 0.65
C GLY A 11 -2.23 -13.87 -0.81
N LEU A 12 -2.69 -15.08 -1.16
CA LEU A 12 -3.10 -15.42 -2.54
C LEU A 12 -4.56 -15.00 -2.79
N VAL A 13 -4.81 -14.49 -4.00
CA VAL A 13 -6.11 -13.98 -4.45
C VAL A 13 -6.19 -14.17 -5.98
N GLN A 14 -7.41 -14.17 -6.55
CA GLN A 14 -7.61 -14.38 -7.99
C GLN A 14 -7.55 -13.05 -8.77
N ALA A 15 -7.42 -13.17 -10.11
CA ALA A 15 -7.51 -12.01 -11.04
C ALA A 15 -8.92 -11.42 -11.00
N GLY A 16 -9.02 -10.14 -10.63
CA GLY A 16 -10.31 -9.46 -10.49
C GLY A 16 -10.89 -9.60 -9.08
N GLY A 17 -10.12 -10.22 -8.17
CA GLY A 17 -10.52 -10.36 -6.77
C GLY A 17 -10.29 -9.10 -5.95
N SER A 18 -10.57 -9.19 -4.64
CA SER A 18 -10.37 -8.05 -3.71
C SER A 18 -9.68 -8.55 -2.44
N LEU A 19 -9.04 -7.61 -1.72
CA LEU A 19 -8.20 -7.92 -0.56
C LEU A 19 -8.07 -6.69 0.33
N ARG A 20 -8.05 -6.88 1.65
CA ARG A 20 -7.79 -5.79 2.62
C ARG A 20 -6.44 -6.02 3.29
N LEU A 21 -5.55 -5.04 3.16
CA LEU A 21 -4.28 -4.99 3.90
C LEU A 21 -4.48 -4.10 5.13
N SER A 22 -3.73 -4.39 6.20
CA SER A 22 -3.81 -3.64 7.45
C SER A 22 -2.41 -3.44 8.02
N CYS A 23 -2.05 -2.18 8.26
CA CYS A 23 -0.78 -1.81 8.89
C CYS A 23 -1.05 -1.22 10.27
N ALA A 24 -0.26 -1.63 11.28
CA ALA A 24 -0.40 -1.14 12.65
C ALA A 24 0.81 -0.27 13.00
N ALA A 25 0.56 1.00 13.33
CA ALA A 25 1.61 1.97 13.65
C ALA A 25 1.65 2.22 15.16
N SER A 26 2.86 2.24 15.73
CA SER A 26 3.09 2.47 17.16
C SER A 26 4.44 3.16 17.37
N GLY A 27 4.64 3.75 18.56
CA GLY A 27 5.88 4.44 18.91
C GLY A 27 5.80 5.93 18.67
N ARG A 28 6.29 6.39 17.49
CA ARG A 28 6.25 7.81 17.10
C ARG A 28 4.81 8.30 16.85
N THR A 29 4.67 9.63 16.81
CA THR A 29 3.39 10.30 16.57
C THR A 29 2.95 10.13 15.10
N PHE A 30 2.29 8.99 14.79
CA PHE A 30 1.79 8.67 13.41
C PHE A 30 0.81 9.76 12.91
N SER A 31 0.10 10.39 13.86
CA SER A 31 -0.83 11.49 13.62
C SER A 31 -0.12 12.82 13.22
N SER A 32 1.22 12.80 13.14
CA SER A 32 2.04 13.93 12.65
C SER A 32 2.73 13.58 11.31
N TYR A 33 2.66 12.28 10.91
CA TYR A 33 3.35 11.79 9.71
C TYR A 33 2.35 11.34 8.64
N ALA A 34 2.65 11.67 7.39
CA ALA A 34 1.95 11.10 6.22
C ALA A 34 2.53 9.70 5.92
N MET A 35 1.77 8.84 5.23
CA MET A 35 2.22 7.48 4.92
C MET A 35 1.78 7.08 3.51
N GLY A 36 2.59 6.26 2.84
CA GLY A 36 2.31 5.82 1.48
C GLY A 36 2.70 4.37 1.25
N TRP A 37 1.98 3.71 0.34
CA TRP A 37 2.21 2.31 -0.02
C TRP A 37 3.07 2.25 -1.31
N PHE A 38 4.18 1.49 -1.23
CA PHE A 38 5.09 1.25 -2.36
C PHE A 38 5.28 -0.28 -2.50
N ARG A 39 5.16 -0.81 -3.74
CA ARG A 39 5.26 -2.26 -4.00
C ARG A 39 6.47 -2.58 -4.88
N GLN A 40 6.93 -3.84 -4.83
CA GLN A 40 7.97 -4.38 -5.74
C GLN A 40 8.06 -5.89 -5.55
N ALA A 41 8.50 -6.63 -6.59
CA ALA A 41 8.76 -8.10 -6.50
C ALA A 41 9.20 -8.68 -7.87
N PRO A 42 8.41 -8.47 -9.00
CA PRO A 42 8.73 -9.12 -10.31
C PRO A 42 9.88 -8.38 -11.05
N GLY A 43 11.09 -8.48 -10.49
CA GLY A 43 12.29 -7.85 -11.07
C GLY A 43 12.23 -6.33 -11.15
N LYS A 44 11.37 -5.72 -10.32
CA LYS A 44 11.11 -4.27 -10.35
C LYS A 44 11.55 -3.59 -9.05
N GLU A 45 11.81 -2.28 -9.17
CA GLU A 45 12.13 -1.39 -8.05
C GLU A 45 10.84 -1.00 -7.29
N ARG A 46 11.01 -0.35 -6.11
CA ARG A 46 9.87 0.20 -5.35
C ARG A 46 9.12 1.26 -6.19
N GLU A 47 7.97 0.87 -6.73
CA GLU A 47 7.13 1.73 -7.57
C GLU A 47 6.04 2.39 -6.71
N PHE A 48 5.68 3.62 -7.08
CA PHE A 48 4.61 4.39 -6.42
C PHE A 48 3.24 3.71 -6.65
N VAL A 49 2.57 3.33 -5.55
CA VAL A 49 1.19 2.82 -5.59
C VAL A 49 0.24 3.94 -5.17
N ALA A 50 0.52 4.51 -3.98
CA ALA A 50 -0.36 5.50 -3.35
C ALA A 50 0.34 6.18 -2.16
N VAL A 51 -0.09 7.40 -1.83
CA VAL A 51 0.31 8.15 -0.61
C VAL A 51 -0.93 8.87 -0.06
N VAL A 52 -1.00 9.01 1.26
CA VAL A 52 -2.11 9.70 1.96
C VAL A 52 -1.53 10.52 3.14
N ASN A 53 -2.22 11.59 3.53
CA ASN A 53 -1.92 12.28 4.81
C ASN A 53 -2.50 11.48 5.99
N TRP A 54 -1.99 11.76 7.20
CA TRP A 54 -2.52 11.21 8.46
C TRP A 54 -4.03 11.52 8.60
N SER A 55 -4.40 12.74 8.18
CA SER A 55 -5.79 13.26 8.24
C SER A 55 -6.68 12.63 7.17
N GLY A 56 -6.04 12.07 6.12
CA GLY A 56 -6.76 11.68 4.91
C GLY A 56 -7.08 12.89 4.04
N ARG A 57 -6.35 14.01 4.28
CA ARG A 57 -6.56 15.30 3.60
C ARG A 57 -6.39 15.15 2.07
N ARG A 58 -5.17 14.82 1.64
CA ARG A 58 -4.82 14.59 0.23
C ARG A 58 -4.49 13.12 0.01
N THR A 59 -5.13 12.50 -1.00
CA THR A 59 -4.86 11.13 -1.44
C THR A 59 -4.28 11.16 -2.86
N TYR A 60 -3.17 10.47 -3.06
CA TYR A 60 -2.47 10.34 -4.34
C TYR A 60 -2.53 8.85 -4.75
N TYR A 61 -3.00 8.58 -5.97
CA TYR A 61 -3.07 7.21 -6.51
C TYR A 61 -2.20 7.11 -7.78
N ALA A 62 -1.69 5.90 -8.03
CA ALA A 62 -1.09 5.54 -9.32
C ALA A 62 -2.23 5.23 -10.29
N ASP A 63 -2.21 5.81 -11.48
CA ASP A 63 -3.32 5.76 -12.45
C ASP A 63 -3.69 4.33 -12.87
N SER A 64 -2.72 3.41 -12.74
CA SER A 64 -2.91 1.97 -13.01
C SER A 64 -3.88 1.32 -11.98
N VAL A 65 -3.72 1.70 -10.70
CA VAL A 65 -4.49 1.14 -9.57
C VAL A 65 -5.54 2.16 -9.03
N LYS A 66 -5.65 3.31 -9.70
CA LYS A 66 -6.55 4.41 -9.31
C LYS A 66 -8.02 4.02 -9.50
N GLY A 67 -8.83 4.21 -8.43
CA GLY A 67 -10.27 3.96 -8.49
C GLY A 67 -10.65 2.53 -8.13
N ARG A 68 -9.67 1.60 -8.16
CA ARG A 68 -9.86 0.22 -7.71
C ARG A 68 -9.20 0.05 -6.32
N PHE A 69 -8.28 0.97 -5.98
CA PHE A 69 -7.67 1.04 -4.63
C PHE A 69 -8.31 2.17 -3.81
N THR A 70 -8.19 2.05 -2.48
CA THR A 70 -8.60 3.08 -1.53
C THR A 70 -7.67 2.97 -0.30
N ILE A 71 -7.15 4.12 0.18
CA ILE A 71 -6.40 4.17 1.45
C ILE A 71 -7.33 4.77 2.51
N SER A 72 -7.41 4.09 3.65
CA SER A 72 -8.11 4.58 4.84
C SER A 72 -7.21 4.37 6.05
N ARG A 73 -7.49 5.09 7.14
CA ARG A 73 -6.73 4.94 8.40
C ARG A 73 -7.58 5.43 9.57
N ASP A 74 -7.11 5.11 10.77
CA ASP A 74 -7.74 5.54 12.01
C ASP A 74 -6.64 6.07 12.91
N ASN A 75 -6.64 7.39 13.17
CA ASN A 75 -5.55 8.09 13.90
C ASN A 75 -5.60 7.81 15.40
N ALA A 76 -6.74 7.30 15.90
CA ALA A 76 -6.90 6.91 17.30
C ALA A 76 -6.22 5.55 17.54
N LYS A 77 -6.56 4.56 16.69
CA LYS A 77 -5.98 3.19 16.75
C LYS A 77 -4.60 3.13 16.07
N ASN A 78 -4.28 4.20 15.30
CA ASN A 78 -3.02 4.33 14.53
C ASN A 78 -2.89 3.21 13.46
N THR A 79 -4.04 2.71 12.97
CA THR A 79 -4.08 1.55 12.07
C THR A 79 -4.58 1.97 10.66
N VAL A 80 -3.85 1.56 9.63
CA VAL A 80 -4.15 1.83 8.21
C VAL A 80 -4.81 0.60 7.58
N TYR A 81 -5.65 0.83 6.55
CA TYR A 81 -6.35 -0.22 5.80
C TYR A 81 -6.26 0.10 4.29
N LEU A 82 -5.52 -0.72 3.52
CA LEU A 82 -5.44 -0.60 2.06
C LEU A 82 -6.51 -1.52 1.45
N GLN A 83 -7.61 -0.92 1.00
CA GLN A 83 -8.77 -1.63 0.45
C GLN A 83 -8.60 -1.79 -1.08
N MET A 84 -8.24 -3.02 -1.49
CA MET A 84 -8.06 -3.42 -2.89
C MET A 84 -9.38 -3.95 -3.49
N ASN A 85 -9.65 -3.58 -4.75
CA ASN A 85 -10.78 -4.12 -5.55
C ASN A 85 -10.25 -4.44 -6.95
N SER A 86 -10.70 -5.57 -7.53
CA SER A 86 -10.44 -5.94 -8.93
C SER A 86 -8.92 -5.94 -9.26
N LEU A 87 -8.18 -6.78 -8.50
CA LEU A 87 -6.71 -6.83 -8.57
C LEU A 87 -6.23 -7.30 -9.94
N LYS A 88 -5.36 -6.47 -10.54
CA LYS A 88 -4.81 -6.68 -11.88
C LYS A 88 -3.79 -7.84 -11.81
N PRO A 89 -3.67 -8.70 -12.85
CA PRO A 89 -2.73 -9.87 -12.83
C PRO A 89 -1.24 -9.49 -12.57
N GLU A 90 -0.91 -8.22 -12.84
CA GLU A 90 0.44 -7.64 -12.68
C GLU A 90 0.67 -6.99 -11.28
N ASP A 91 -0.33 -7.11 -10.39
CA ASP A 91 -0.36 -6.40 -9.07
C ASP A 91 0.52 -7.15 -8.03
N THR A 92 0.84 -8.43 -8.32
CA THR A 92 1.64 -9.32 -7.45
C THR A 92 3.00 -8.68 -7.05
N ALA A 93 3.11 -8.30 -5.76
CA ALA A 93 4.29 -7.60 -5.22
C ALA A 93 4.20 -7.45 -3.70
N VAL A 94 5.35 -7.20 -3.03
CA VAL A 94 5.39 -6.89 -1.61
C VAL A 94 5.06 -5.40 -1.37
N TYR A 95 3.92 -5.15 -0.71
CA TYR A 95 3.43 -3.81 -0.34
C TYR A 95 4.02 -3.39 1.00
N ASN A 96 4.62 -2.19 1.03
CA ASN A 96 5.28 -1.65 2.22
C ASN A 96 4.69 -0.27 2.56
N CYS A 97 4.57 0.00 3.86
CA CYS A 97 4.18 1.30 4.39
C CYS A 97 5.44 2.14 4.67
N ALA A 98 5.61 3.19 3.88
CA ALA A 98 6.68 4.17 4.07
C ALA A 98 6.07 5.45 4.67
N ALA A 99 6.45 5.75 5.92
CA ALA A 99 5.87 6.88 6.70
C ALA A 99 6.88 8.02 6.85
N GLY A 100 6.38 9.16 7.34
CA GLY A 100 7.18 10.36 7.52
C GLY A 100 6.61 11.50 6.71
N LYS A 101 7.47 12.41 6.27
CA LYS A 101 7.09 13.47 5.33
C LYS A 101 7.43 13.04 3.90
N TRP A 102 6.40 12.92 3.06
CA TRP A 102 6.56 12.67 1.61
C TRP A 102 6.41 14.02 0.84
N ASP A 103 6.10 15.09 1.58
CA ASP A 103 5.71 16.39 1.00
C ASP A 103 6.88 17.40 1.10
N GLY A 104 6.72 18.58 0.46
CA GLY A 104 7.69 19.68 0.51
C GLY A 104 8.80 19.50 -0.51
N SER A 105 9.79 18.66 -0.16
CA SER A 105 10.94 18.31 -1.02
C SER A 105 11.43 16.91 -0.63
N TYR A 106 10.50 16.07 -0.13
CA TYR A 106 10.79 14.71 0.36
C TYR A 106 9.95 13.67 -0.40
N TYR A 107 9.62 13.98 -1.67
CA TYR A 107 8.85 13.11 -2.56
C TYR A 107 9.73 11.91 -2.97
N GLY A 108 9.48 10.76 -2.33
CA GLY A 108 10.26 9.54 -2.55
C GLY A 108 11.17 9.19 -1.37
N ALA A 109 11.39 10.18 -0.49
CA ALA A 109 12.22 10.05 0.72
C ALA A 109 11.32 9.91 1.97
N PRO A 110 11.13 8.66 2.52
CA PRO A 110 10.41 8.46 3.79
C PRO A 110 11.35 8.64 5.01
N ASP A 111 10.75 8.85 6.18
CA ASP A 111 11.48 8.80 7.47
C ASP A 111 11.48 7.36 8.01
N TYR A 112 10.38 6.64 7.76
CA TYR A 112 10.13 5.30 8.32
C TYR A 112 9.80 4.32 7.20
N TRP A 113 10.11 3.05 7.46
CA TRP A 113 9.89 1.94 6.52
C TRP A 113 9.20 0.79 7.28
N GLY A 114 8.22 0.14 6.64
CA GLY A 114 7.42 -0.89 7.28
C GLY A 114 8.02 -2.30 7.17
N GLN A 115 7.22 -3.29 7.54
CA GLN A 115 7.59 -4.72 7.42
C GLN A 115 7.59 -5.16 5.95
N GLY A 116 6.45 -4.94 5.29
CA GLY A 116 6.23 -5.37 3.91
C GLY A 116 5.41 -6.65 3.85
N THR A 117 4.13 -6.53 3.46
CA THR A 117 3.22 -7.67 3.28
C THR A 117 3.08 -8.01 1.77
N GLN A 118 3.42 -9.26 1.40
CA GLN A 118 3.45 -9.70 -0.02
C GLN A 118 2.05 -10.18 -0.44
N VAL A 119 1.52 -9.59 -1.53
CA VAL A 119 0.24 -10.01 -2.13
C VAL A 119 0.52 -10.75 -3.46
N THR A 120 -0.24 -11.82 -3.74
CA THR A 120 -0.11 -12.59 -4.99
C THR A 120 -1.49 -12.74 -5.64
N VAL A 121 -1.70 -12.01 -6.74
CA VAL A 121 -2.88 -12.14 -7.59
C VAL A 121 -2.56 -13.12 -8.72
N SER A 122 -3.43 -14.13 -8.89
CA SER A 122 -3.27 -15.19 -9.88
C SER A 122 -3.44 -14.61 -11.29
N SER A 123 -2.34 -14.57 -12.05
CA SER A 123 -2.32 -14.01 -13.40
C SER A 123 -2.96 -14.99 -14.41
N LEU A 124 -4.31 -14.97 -14.46
CA LEU A 124 -5.10 -15.81 -15.34
C LEU A 124 -5.16 -15.19 -16.74
N GLU A 125 -4.01 -15.27 -17.46
CA GLU A 125 -3.83 -14.73 -18.82
C GLU A 125 -3.01 -15.71 -19.67
N HIS A 126 -3.09 -15.55 -21.00
CA HIS A 126 -2.24 -16.29 -21.95
C HIS A 126 -0.83 -15.66 -22.04
N HIS A 127 -0.75 -14.35 -21.67
CA HIS A 127 0.52 -13.58 -21.61
C HIS A 127 1.21 -13.50 -22.99
N HIS A 128 0.39 -13.55 -24.06
CA HIS A 128 0.87 -13.59 -25.46
C HIS A 128 1.02 -12.15 -26.02
N HIS A 129 1.70 -11.28 -25.26
CA HIS A 129 2.12 -9.95 -25.73
C HIS A 129 3.35 -10.12 -26.62
N HIS A 130 4.26 -10.99 -26.15
CA HIS A 130 5.38 -11.51 -26.93
C HIS A 130 5.79 -12.84 -26.27
N HIS A 131 6.49 -12.74 -25.13
CA HIS A 131 6.85 -13.87 -24.25
C HIS A 131 7.58 -13.33 -23.00
N MET A 1 14.17 6.20 12.00
CA MET A 1 13.09 5.24 11.71
C MET A 1 12.80 4.40 12.97
N GLN A 2 11.81 4.84 13.80
CA GLN A 2 11.37 4.08 14.98
C GLN A 2 9.86 4.24 15.19
N LEU A 3 9.12 3.73 14.21
CA LEU A 3 7.67 3.57 14.23
C LEU A 3 7.35 2.12 13.86
N GLN A 4 6.82 1.36 14.83
CA GLN A 4 6.46 -0.04 14.63
C GLN A 4 5.20 -0.12 13.75
N LEU A 5 5.42 -0.45 12.47
CA LEU A 5 4.35 -0.63 11.47
C LEU A 5 4.30 -2.11 11.08
N VAL A 6 3.31 -2.84 11.62
CA VAL A 6 3.18 -4.29 11.43
C VAL A 6 2.16 -4.53 10.32
N GLU A 7 2.65 -4.78 9.12
CA GLU A 7 1.79 -4.98 7.94
C GLU A 7 1.35 -6.45 7.85
N SER A 8 0.10 -6.65 7.42
CA SER A 8 -0.53 -7.97 7.39
C SER A 8 -1.70 -7.98 6.38
N GLY A 9 -2.25 -9.18 6.15
CA GLY A 9 -3.27 -9.41 5.13
C GLY A 9 -2.67 -9.75 3.77
N GLY A 10 -1.33 -9.95 3.74
CA GLY A 10 -0.61 -10.30 2.53
C GLY A 10 -0.73 -11.79 2.24
N GLY A 11 -1.30 -12.13 1.08
CA GLY A 11 -1.50 -13.52 0.67
C GLY A 11 -1.88 -13.62 -0.79
N LEU A 12 -2.39 -14.79 -1.21
CA LEU A 12 -2.84 -15.00 -2.60
C LEU A 12 -4.22 -14.36 -2.81
N VAL A 13 -4.43 -13.88 -4.03
CA VAL A 13 -5.70 -13.26 -4.46
C VAL A 13 -5.84 -13.49 -5.98
N GLN A 14 -7.07 -13.73 -6.44
CA GLN A 14 -7.37 -14.01 -7.86
C GLN A 14 -7.08 -12.78 -8.76
N ALA A 15 -6.78 -13.03 -10.05
CA ALA A 15 -6.51 -11.96 -11.04
C ALA A 15 -7.80 -11.11 -11.26
N GLY A 16 -7.75 -9.87 -10.79
CA GLY A 16 -8.87 -8.94 -10.90
C GLY A 16 -9.78 -8.96 -9.67
N GLY A 17 -9.31 -9.64 -8.61
CA GLY A 17 -10.04 -9.73 -7.34
C GLY A 17 -9.68 -8.61 -6.38
N SER A 18 -10.14 -8.75 -5.12
CA SER A 18 -9.96 -7.73 -4.08
C SER A 18 -9.23 -8.34 -2.86
N LEU A 19 -8.46 -7.49 -2.17
CA LEU A 19 -7.70 -7.88 -0.97
C LEU A 19 -7.52 -6.63 -0.08
N ARG A 20 -7.96 -6.70 1.18
CA ARG A 20 -7.87 -5.57 2.11
C ARG A 20 -6.65 -5.73 3.05
N LEU A 21 -5.65 -4.88 2.86
CA LEU A 21 -4.42 -4.86 3.66
C LEU A 21 -4.62 -4.02 4.93
N SER A 22 -3.80 -4.28 5.95
CA SER A 22 -3.86 -3.56 7.23
C SER A 22 -2.46 -3.44 7.84
N CYS A 23 -2.28 -2.46 8.72
CA CYS A 23 -1.00 -2.20 9.41
C CYS A 23 -1.27 -1.78 10.87
N ALA A 24 -0.73 -2.54 11.83
CA ALA A 24 -0.79 -2.22 13.25
C ALA A 24 0.37 -1.26 13.59
N ALA A 25 0.04 0.01 13.88
CA ALA A 25 1.03 1.07 14.09
C ALA A 25 1.17 1.34 15.59
N SER A 26 2.42 1.55 16.02
CA SER A 26 2.77 1.74 17.43
C SER A 26 4.12 2.46 17.54
N GLY A 27 4.36 3.10 18.70
CA GLY A 27 5.60 3.83 18.95
C GLY A 27 5.38 5.34 18.91
N ARG A 28 5.61 5.94 17.73
CA ARG A 28 5.49 7.39 17.53
C ARG A 28 4.05 7.73 17.04
N THR A 29 3.59 8.96 17.30
CA THR A 29 2.28 9.44 16.83
C THR A 29 2.29 9.66 15.29
N PHE A 30 2.03 8.56 14.55
CA PHE A 30 1.93 8.57 13.07
C PHE A 30 0.75 9.45 12.59
N SER A 31 -0.19 9.70 13.52
CA SER A 31 -1.38 10.54 13.34
C SER A 31 -1.06 11.92 12.72
N SER A 32 0.05 12.51 13.17
CA SER A 32 0.51 13.85 12.73
C SER A 32 1.18 13.81 11.35
N TYR A 33 1.67 12.62 10.93
CA TYR A 33 2.42 12.44 9.68
C TYR A 33 1.50 11.94 8.56
N ALA A 34 1.81 12.34 7.32
CA ALA A 34 1.23 11.72 6.12
C ALA A 34 1.91 10.35 5.87
N MET A 35 1.22 9.46 5.17
CA MET A 35 1.66 8.06 4.98
C MET A 35 1.37 7.58 3.56
N GLY A 36 2.29 6.81 2.97
CA GLY A 36 2.13 6.27 1.62
C GLY A 36 2.49 4.80 1.52
N TRP A 37 1.73 4.06 0.70
CA TRP A 37 1.99 2.66 0.34
C TRP A 37 2.72 2.63 -1.01
N PHE A 38 3.85 1.89 -1.06
CA PHE A 38 4.73 1.79 -2.24
C PHE A 38 5.07 0.31 -2.49
N ARG A 39 5.17 -0.12 -3.77
CA ARG A 39 5.37 -1.56 -4.13
C ARG A 39 6.59 -1.78 -5.03
N GLN A 40 7.15 -3.01 -5.00
CA GLN A 40 8.20 -3.47 -5.92
C GLN A 40 8.36 -5.00 -5.86
N ALA A 41 8.65 -5.61 -7.04
CA ALA A 41 8.88 -7.07 -7.23
C ALA A 41 8.90 -7.48 -8.74
N PRO A 42 7.86 -7.08 -9.59
CA PRO A 42 7.74 -7.58 -11.00
C PRO A 42 8.69 -6.86 -11.99
N GLY A 43 10.01 -6.99 -11.74
CA GLY A 43 11.03 -6.32 -12.54
C GLY A 43 11.02 -4.80 -12.40
N LYS A 44 10.43 -4.32 -11.28
CA LYS A 44 10.20 -2.87 -11.04
C LYS A 44 10.76 -2.47 -9.68
N GLU A 45 11.18 -1.20 -9.58
CA GLU A 45 11.66 -0.58 -8.33
C GLU A 45 10.47 0.00 -7.55
N ARG A 46 10.74 0.48 -6.32
CA ARG A 46 9.69 0.93 -5.39
C ARG A 46 9.03 2.22 -5.89
N GLU A 47 7.78 2.07 -6.33
CA GLU A 47 7.02 3.11 -7.04
C GLU A 47 5.85 3.63 -6.18
N PHE A 48 5.40 4.86 -6.52
CA PHE A 48 4.19 5.46 -5.93
C PHE A 48 2.93 4.65 -6.31
N VAL A 49 2.21 4.18 -5.29
CA VAL A 49 0.90 3.55 -5.45
C VAL A 49 -0.18 4.52 -4.95
N ALA A 50 -0.18 4.79 -3.64
CA ALA A 50 -1.22 5.60 -2.99
C ALA A 50 -0.66 6.27 -1.73
N VAL A 51 -0.93 7.57 -1.56
CA VAL A 51 -0.53 8.36 -0.36
C VAL A 51 -1.79 8.97 0.27
N VAL A 52 -1.72 9.27 1.57
CA VAL A 52 -2.80 9.95 2.31
C VAL A 52 -2.17 11.01 3.21
N ASN A 53 -2.91 12.08 3.49
CA ASN A 53 -2.50 13.09 4.48
C ASN A 53 -2.93 12.66 5.90
N TRP A 54 -2.44 13.40 6.89
CA TRP A 54 -2.54 13.03 8.32
C TRP A 54 -4.01 12.89 8.82
N SER A 55 -4.86 13.84 8.42
CA SER A 55 -6.30 13.83 8.78
C SER A 55 -7.14 13.04 7.75
N GLY A 56 -6.49 12.52 6.71
CA GLY A 56 -7.17 11.81 5.62
C GLY A 56 -7.88 12.74 4.64
N ARG A 57 -7.59 14.05 4.76
CA ARG A 57 -8.22 15.11 3.94
C ARG A 57 -7.91 14.94 2.44
N ARG A 58 -6.66 14.54 2.16
CA ARG A 58 -6.19 14.30 0.78
C ARG A 58 -5.83 12.83 0.61
N THR A 59 -6.26 12.24 -0.51
CA THR A 59 -5.85 10.89 -0.92
C THR A 59 -5.29 10.98 -2.35
N TYR A 60 -4.10 10.42 -2.54
CA TYR A 60 -3.35 10.41 -3.80
C TYR A 60 -3.35 8.98 -4.35
N TYR A 61 -3.47 8.84 -5.67
CA TYR A 61 -3.55 7.53 -6.35
C TYR A 61 -2.76 7.58 -7.67
N ALA A 62 -2.14 6.46 -8.02
CA ALA A 62 -1.65 6.22 -9.39
C ALA A 62 -2.86 5.93 -10.31
N ASP A 63 -2.74 6.27 -11.60
CA ASP A 63 -3.85 6.16 -12.59
C ASP A 63 -4.53 4.77 -12.61
N SER A 64 -3.69 3.74 -12.37
CA SER A 64 -4.10 2.33 -12.39
C SER A 64 -4.91 1.96 -11.14
N VAL A 65 -4.45 2.46 -9.97
CA VAL A 65 -5.03 2.13 -8.66
C VAL A 65 -6.12 3.15 -8.25
N LYS A 66 -6.28 4.19 -9.09
CA LYS A 66 -7.26 5.26 -8.85
C LYS A 66 -8.70 4.73 -8.98
N GLY A 67 -9.53 5.01 -7.95
CA GLY A 67 -10.95 4.64 -7.94
C GLY A 67 -11.23 3.23 -7.43
N ARG A 68 -10.23 2.34 -7.56
CA ARG A 68 -10.35 0.92 -7.14
C ARG A 68 -9.63 0.68 -5.79
N PHE A 69 -8.64 1.52 -5.46
CA PHE A 69 -7.99 1.51 -4.13
C PHE A 69 -8.61 2.60 -3.25
N THR A 70 -8.41 2.46 -1.93
CA THR A 70 -8.77 3.46 -0.91
C THR A 70 -7.77 3.38 0.24
N ILE A 71 -7.29 4.55 0.74
CA ILE A 71 -6.43 4.61 1.93
C ILE A 71 -7.30 5.03 3.12
N SER A 72 -7.06 4.40 4.28
CA SER A 72 -7.73 4.71 5.54
C SER A 72 -6.73 4.58 6.69
N ARG A 73 -6.92 5.38 7.74
CA ARG A 73 -6.08 5.32 8.95
C ARG A 73 -6.92 5.74 10.16
N ASP A 74 -6.79 5.01 11.26
CA ASP A 74 -7.49 5.31 12.52
C ASP A 74 -6.43 5.62 13.58
N ASN A 75 -6.46 6.85 14.09
CA ASN A 75 -5.43 7.38 14.99
C ASN A 75 -5.68 7.00 16.46
N ALA A 76 -6.91 6.52 16.76
CA ALA A 76 -7.30 6.08 18.12
C ALA A 76 -6.91 4.61 18.32
N LYS A 77 -7.22 3.77 17.32
CA LYS A 77 -6.86 2.34 17.29
C LYS A 77 -5.38 2.17 16.92
N ASN A 78 -4.82 3.24 16.30
CA ASN A 78 -3.45 3.26 15.78
C ASN A 78 -3.29 2.20 14.67
N THR A 79 -4.34 2.05 13.83
CA THR A 79 -4.37 1.00 12.80
C THR A 79 -4.73 1.59 11.42
N VAL A 80 -3.94 1.21 10.41
CA VAL A 80 -4.12 1.60 9.01
C VAL A 80 -4.84 0.48 8.23
N TYR A 81 -5.64 0.87 7.21
CA TYR A 81 -6.34 -0.06 6.32
C TYR A 81 -6.15 0.42 4.87
N LEU A 82 -5.97 -0.53 3.93
CA LEU A 82 -5.82 -0.24 2.50
C LEU A 82 -6.73 -1.19 1.72
N GLN A 83 -7.86 -0.65 1.21
CA GLN A 83 -8.85 -1.42 0.45
C GLN A 83 -8.41 -1.51 -1.02
N MET A 84 -7.94 -2.69 -1.45
CA MET A 84 -7.53 -2.92 -2.85
C MET A 84 -8.63 -3.70 -3.57
N ASN A 85 -9.06 -3.20 -4.74
CA ASN A 85 -10.05 -3.87 -5.61
C ASN A 85 -9.47 -3.95 -7.03
N SER A 86 -9.77 -5.06 -7.74
CA SER A 86 -9.34 -5.29 -9.14
C SER A 86 -7.80 -5.23 -9.30
N LEU A 87 -7.13 -6.18 -8.64
CA LEU A 87 -5.66 -6.31 -8.69
C LEU A 87 -5.24 -6.97 -10.02
N LYS A 88 -4.42 -6.25 -10.81
CA LYS A 88 -3.85 -6.78 -12.06
C LYS A 88 -2.73 -7.78 -11.72
N PRO A 89 -2.43 -8.80 -12.58
CA PRO A 89 -1.32 -9.78 -12.33
C PRO A 89 0.04 -9.14 -11.92
N GLU A 90 0.26 -7.89 -12.37
CA GLU A 90 1.50 -7.12 -12.09
C GLU A 90 1.58 -6.61 -10.63
N ASP A 91 0.41 -6.50 -9.96
CA ASP A 91 0.32 -6.07 -8.54
C ASP A 91 0.95 -7.09 -7.56
N THR A 92 1.37 -8.28 -8.10
CA THR A 92 2.17 -9.25 -7.34
C THR A 92 3.51 -8.58 -6.96
N ALA A 93 3.56 -8.11 -5.72
CA ALA A 93 4.65 -7.25 -5.23
C ALA A 93 4.55 -7.08 -3.72
N VAL A 94 5.67 -6.72 -3.10
CA VAL A 94 5.70 -6.35 -1.69
C VAL A 94 5.37 -4.85 -1.55
N TYR A 95 4.23 -4.57 -0.92
CA TYR A 95 3.78 -3.22 -0.57
C TYR A 95 4.38 -2.85 0.79
N ASN A 96 4.63 -1.57 1.01
CA ASN A 96 5.25 -1.05 2.24
C ASN A 96 4.61 0.29 2.60
N CYS A 97 4.02 0.36 3.80
CA CYS A 97 3.49 1.60 4.35
C CYS A 97 4.64 2.34 5.04
N ALA A 98 5.15 3.36 4.36
CA ALA A 98 6.21 4.23 4.87
C ALA A 98 5.59 5.59 5.23
N ALA A 99 6.07 6.23 6.32
CA ALA A 99 5.45 7.48 6.82
C ALA A 99 6.36 8.67 6.50
N GLY A 100 5.80 9.62 5.76
CA GLY A 100 6.48 10.82 5.31
C GLY A 100 5.56 11.70 4.48
N LYS A 101 5.67 13.02 4.64
CA LYS A 101 4.79 13.99 3.95
C LYS A 101 5.31 14.22 2.52
N TRP A 102 4.64 13.58 1.55
CA TRP A 102 5.00 13.61 0.10
C TRP A 102 6.42 13.06 -0.13
N ASP A 103 6.52 11.73 -0.23
CA ASP A 103 7.79 11.02 -0.45
C ASP A 103 8.21 11.09 -1.93
N GLY A 104 9.53 11.22 -2.16
CA GLY A 104 10.11 11.27 -3.51
C GLY A 104 10.65 9.93 -3.98
N SER A 105 10.76 8.97 -3.02
CA SER A 105 11.24 7.58 -3.27
C SER A 105 12.74 7.52 -3.67
N TYR A 106 13.43 8.67 -3.58
CA TYR A 106 14.83 8.84 -4.00
C TYR A 106 15.23 10.29 -3.69
N TYR A 107 14.47 11.24 -4.28
CA TYR A 107 14.59 12.67 -3.99
C TYR A 107 13.79 12.95 -2.71
N GLY A 108 14.44 12.73 -1.56
CA GLY A 108 13.77 12.66 -0.28
C GLY A 108 13.33 11.25 0.04
N ALA A 109 13.24 10.94 1.33
CA ALA A 109 12.92 9.60 1.83
C ALA A 109 11.98 9.72 3.04
N PRO A 110 11.15 8.66 3.36
CA PRO A 110 10.26 8.68 4.53
C PRO A 110 11.05 8.55 5.84
N ASP A 111 10.61 9.29 6.88
CA ASP A 111 11.30 9.31 8.19
C ASP A 111 11.05 7.98 8.95
N TYR A 112 9.94 7.31 8.61
CA TYR A 112 9.59 6.00 9.17
C TYR A 112 9.34 5.01 8.04
N TRP A 113 9.51 3.71 8.33
CA TRP A 113 9.42 2.63 7.34
C TRP A 113 8.61 1.46 7.92
N GLY A 114 7.88 0.74 7.05
CA GLY A 114 7.06 -0.41 7.45
C GLY A 114 7.81 -1.73 7.44
N GLN A 115 7.07 -2.84 7.60
CA GLN A 115 7.63 -4.20 7.52
C GLN A 115 7.65 -4.67 6.06
N GLY A 116 6.60 -4.32 5.33
CA GLY A 116 6.38 -4.77 3.97
C GLY A 116 5.48 -5.99 3.92
N THR A 117 4.24 -5.83 3.43
CA THR A 117 3.31 -6.94 3.21
C THR A 117 3.31 -7.35 1.73
N GLN A 118 3.80 -8.57 1.46
CA GLN A 118 3.87 -9.12 0.10
C GLN A 118 2.49 -9.69 -0.25
N VAL A 119 1.90 -9.20 -1.35
CA VAL A 119 0.65 -9.76 -1.91
C VAL A 119 0.97 -10.46 -3.23
N THR A 120 0.35 -11.63 -3.46
CA THR A 120 0.50 -12.37 -4.71
C THR A 120 -0.86 -12.46 -5.39
N VAL A 121 -1.05 -11.67 -6.45
CA VAL A 121 -2.25 -11.77 -7.28
C VAL A 121 -1.98 -12.81 -8.39
N SER A 122 -2.52 -14.02 -8.15
CA SER A 122 -2.31 -15.19 -8.99
C SER A 122 -2.94 -14.97 -10.38
N SER A 123 -2.07 -14.89 -11.40
CA SER A 123 -2.48 -14.73 -12.79
C SER A 123 -3.15 -16.03 -13.29
N LEU A 124 -4.49 -16.06 -13.20
CA LEU A 124 -5.31 -17.20 -13.66
C LEU A 124 -5.45 -17.14 -15.19
N GLU A 125 -4.31 -17.35 -15.87
CA GLU A 125 -4.18 -17.18 -17.32
C GLU A 125 -4.94 -18.30 -18.07
N HIS A 126 -4.40 -19.53 -18.05
CA HIS A 126 -5.01 -20.71 -18.71
C HIS A 126 -4.84 -21.93 -17.79
N HIS A 127 -3.56 -22.37 -17.67
CA HIS A 127 -3.14 -23.54 -16.88
C HIS A 127 -3.83 -24.83 -17.37
N HIS A 128 -3.19 -25.49 -18.34
CA HIS A 128 -3.71 -26.72 -18.98
C HIS A 128 -2.55 -27.68 -19.28
N HIS A 129 -2.89 -28.85 -19.89
CA HIS A 129 -1.93 -29.93 -20.19
C HIS A 129 -1.32 -30.51 -18.86
N HIS A 130 -2.14 -30.46 -17.80
CA HIS A 130 -1.78 -30.97 -16.45
C HIS A 130 -1.44 -32.48 -16.52
N HIS A 131 -2.12 -33.18 -17.44
CA HIS A 131 -1.76 -34.56 -17.85
C HIS A 131 -0.91 -34.49 -19.14
N MET A 1 12.31 7.36 20.76
CA MET A 1 10.94 6.97 20.35
C MET A 1 10.90 6.72 18.83
N GLN A 2 10.98 5.43 18.44
CA GLN A 2 10.88 5.00 17.03
C GLN A 2 9.40 4.82 16.62
N LEU A 3 9.16 4.48 15.33
CA LEU A 3 7.83 4.15 14.82
C LEU A 3 7.80 2.66 14.44
N GLN A 4 7.03 1.88 15.21
CA GLN A 4 6.83 0.45 14.97
C GLN A 4 5.67 0.25 13.97
N LEU A 5 6.03 -0.07 12.71
CA LEU A 5 5.06 -0.37 11.64
C LEU A 5 5.05 -1.89 11.39
N VAL A 6 4.01 -2.58 11.87
CA VAL A 6 3.83 -4.03 11.64
C VAL A 6 2.65 -4.23 10.68
N GLU A 7 2.96 -4.76 9.48
CA GLU A 7 2.01 -4.81 8.34
C GLU A 7 1.64 -6.27 8.04
N SER A 8 0.33 -6.53 7.83
CA SER A 8 -0.22 -7.88 7.57
C SER A 8 -1.57 -7.76 6.84
N GLY A 9 -1.89 -8.75 6.00
CA GLY A 9 -3.16 -8.77 5.26
C GLY A 9 -3.04 -9.47 3.91
N GLY A 10 -1.80 -9.82 3.52
CA GLY A 10 -1.53 -10.43 2.20
C GLY A 10 -1.90 -11.90 2.12
N GLY A 11 -2.24 -12.34 0.90
CA GLY A 11 -2.63 -13.73 0.62
C GLY A 11 -2.86 -13.95 -0.86
N LEU A 12 -3.46 -15.09 -1.21
CA LEU A 12 -3.81 -15.44 -2.60
C LEU A 12 -5.26 -15.02 -2.91
N VAL A 13 -5.44 -14.36 -4.07
CA VAL A 13 -6.74 -13.86 -4.54
C VAL A 13 -6.74 -13.80 -6.08
N GLN A 14 -7.89 -14.12 -6.69
CA GLN A 14 -8.06 -14.18 -8.17
C GLN A 14 -7.82 -12.80 -8.85
N ALA A 15 -7.52 -12.86 -10.17
CA ALA A 15 -7.34 -11.66 -11.02
C ALA A 15 -8.67 -10.88 -11.14
N GLY A 16 -8.64 -9.61 -10.74
CA GLY A 16 -9.82 -8.75 -10.70
C GLY A 16 -10.50 -8.76 -9.34
N GLY A 17 -9.93 -9.55 -8.41
CA GLY A 17 -10.45 -9.68 -7.05
C GLY A 17 -10.04 -8.54 -6.13
N SER A 18 -10.18 -8.77 -4.82
CA SER A 18 -9.91 -7.77 -3.78
C SER A 18 -9.14 -8.37 -2.60
N LEU A 19 -8.28 -7.55 -1.97
CA LEU A 19 -7.48 -7.96 -0.82
C LEU A 19 -7.12 -6.72 0.02
N ARG A 20 -7.52 -6.75 1.30
CA ARG A 20 -7.32 -5.65 2.27
C ARG A 20 -6.06 -5.91 3.11
N LEU A 21 -5.18 -4.89 3.20
CA LEU A 21 -3.97 -4.89 4.04
C LEU A 21 -4.24 -4.04 5.29
N SER A 22 -3.48 -4.26 6.37
CA SER A 22 -3.65 -3.54 7.63
C SER A 22 -2.31 -3.45 8.39
N CYS A 23 -1.90 -2.22 8.70
CA CYS A 23 -0.63 -1.94 9.41
C CYS A 23 -0.91 -1.29 10.76
N ALA A 24 -0.54 -1.97 11.85
CA ALA A 24 -0.63 -1.41 13.20
C ALA A 24 0.64 -0.57 13.46
N ALA A 25 0.43 0.73 13.72
CA ALA A 25 1.49 1.73 13.96
C ALA A 25 1.54 2.09 15.44
N SER A 26 2.76 2.24 15.99
CA SER A 26 2.96 2.56 17.41
C SER A 26 4.30 3.28 17.62
N GLY A 27 4.54 3.75 18.86
CA GLY A 27 5.76 4.48 19.21
C GLY A 27 5.59 5.98 19.09
N ARG A 28 6.18 6.58 18.04
CA ARG A 28 6.00 8.02 17.76
C ARG A 28 4.69 8.23 16.95
N THR A 29 4.28 9.50 16.84
CA THR A 29 3.08 9.87 16.08
C THR A 29 3.32 9.74 14.56
N PHE A 30 2.79 8.66 13.98
CA PHE A 30 2.70 8.48 12.52
C PHE A 30 1.75 9.55 11.92
N SER A 31 0.82 10.04 12.77
CA SER A 31 -0.16 11.08 12.44
C SER A 31 0.46 12.50 12.39
N SER A 32 1.78 12.59 12.64
CA SER A 32 2.55 13.83 12.42
C SER A 32 3.18 13.82 10.99
N TYR A 33 3.06 12.68 10.29
CA TYR A 33 3.64 12.46 8.96
C TYR A 33 2.58 11.92 7.99
N ALA A 34 2.77 12.17 6.68
CA ALA A 34 2.03 11.47 5.63
C ALA A 34 2.75 10.16 5.32
N MET A 35 2.00 9.10 5.00
CA MET A 35 2.57 7.77 4.70
C MET A 35 2.17 7.35 3.29
N GLY A 36 2.93 6.42 2.72
CA GLY A 36 2.74 5.97 1.35
C GLY A 36 3.09 4.51 1.17
N TRP A 37 2.29 3.84 0.34
CA TRP A 37 2.48 2.42 0.00
C TRP A 37 3.26 2.32 -1.32
N PHE A 38 4.29 1.47 -1.31
CA PHE A 38 5.10 1.12 -2.50
C PHE A 38 5.09 -0.40 -2.66
N ARG A 39 5.50 -0.90 -3.84
CA ARG A 39 5.54 -2.36 -4.09
C ARG A 39 6.69 -2.74 -5.02
N GLN A 40 7.16 -3.99 -4.89
CA GLN A 40 8.15 -4.58 -5.82
C GLN A 40 8.21 -6.10 -5.64
N ALA A 41 8.44 -6.83 -6.76
CA ALA A 41 8.63 -8.32 -6.78
C ALA A 41 8.68 -8.89 -8.22
N PRO A 42 7.68 -8.59 -9.15
CA PRO A 42 7.54 -9.30 -10.45
C PRO A 42 8.44 -8.70 -11.55
N GLY A 43 9.74 -8.53 -11.22
CA GLY A 43 10.70 -7.89 -12.12
C GLY A 43 10.63 -6.37 -12.08
N LYS A 44 9.60 -5.84 -11.40
CA LYS A 44 9.36 -4.40 -11.28
C LYS A 44 9.98 -3.89 -9.98
N GLU A 45 10.74 -2.78 -10.06
CA GLU A 45 11.39 -2.14 -8.91
C GLU A 45 10.35 -1.37 -8.05
N ARG A 46 10.83 -0.76 -6.94
CA ARG A 46 9.99 0.04 -6.03
C ARG A 46 9.23 1.13 -6.81
N GLU A 47 7.93 0.89 -7.00
CA GLU A 47 7.05 1.80 -7.74
C GLU A 47 6.04 2.46 -6.81
N PHE A 48 5.65 3.69 -7.17
CA PHE A 48 4.63 4.47 -6.45
C PHE A 48 3.26 3.82 -6.64
N VAL A 49 2.69 3.31 -5.55
CA VAL A 49 1.30 2.83 -5.52
C VAL A 49 0.40 4.00 -5.16
N ALA A 50 0.54 4.50 -3.93
CA ALA A 50 -0.33 5.56 -3.39
C ALA A 50 0.30 6.17 -2.14
N VAL A 51 -0.20 7.36 -1.76
CA VAL A 51 0.16 8.07 -0.51
C VAL A 51 -1.14 8.67 0.08
N VAL A 52 -1.17 8.83 1.40
CA VAL A 52 -2.26 9.53 2.10
C VAL A 52 -1.65 10.55 3.08
N ASN A 53 -2.30 11.70 3.22
CA ASN A 53 -1.91 12.71 4.23
C ASN A 53 -2.28 12.21 5.64
N TRP A 54 -1.61 12.76 6.68
CA TRP A 54 -1.85 12.38 8.10
C TRP A 54 -3.33 12.60 8.52
N SER A 55 -3.94 13.67 7.98
CA SER A 55 -5.35 14.02 8.24
C SER A 55 -6.27 13.10 7.43
N GLY A 56 -5.78 12.63 6.26
CA GLY A 56 -6.57 11.80 5.34
C GLY A 56 -7.49 12.60 4.42
N ARG A 57 -7.40 13.93 4.51
CA ARG A 57 -8.23 14.88 3.72
C ARG A 57 -7.95 14.72 2.21
N ARG A 58 -6.68 14.41 1.89
CA ARG A 58 -6.23 14.17 0.50
C ARG A 58 -5.48 12.83 0.41
N THR A 59 -5.87 12.02 -0.58
CA THR A 59 -5.20 10.76 -0.93
C THR A 59 -4.63 10.90 -2.36
N TYR A 60 -3.34 10.56 -2.51
CA TYR A 60 -2.64 10.51 -3.80
C TYR A 60 -2.71 9.07 -4.34
N TYR A 61 -2.89 8.92 -5.66
CA TYR A 61 -2.93 7.60 -6.32
C TYR A 61 -1.99 7.61 -7.55
N ALA A 62 -1.47 6.43 -7.89
CA ALA A 62 -0.90 6.18 -9.22
C ALA A 62 -2.06 5.97 -10.19
N ASP A 63 -1.90 6.41 -11.45
CA ASP A 63 -2.99 6.40 -12.45
C ASP A 63 -3.55 4.97 -12.68
N SER A 64 -2.70 3.94 -12.49
CA SER A 64 -3.10 2.53 -12.62
C SER A 64 -4.03 2.11 -11.45
N VAL A 65 -3.66 2.50 -10.21
CA VAL A 65 -4.39 2.08 -9.00
C VAL A 65 -5.48 3.11 -8.60
N LYS A 66 -5.61 4.16 -9.43
CA LYS A 66 -6.52 5.29 -9.20
C LYS A 66 -7.98 4.84 -9.17
N GLY A 67 -8.59 4.86 -7.96
CA GLY A 67 -10.00 4.55 -7.76
C GLY A 67 -10.27 3.08 -7.44
N ARG A 68 -9.37 2.18 -7.91
CA ARG A 68 -9.51 0.73 -7.64
C ARG A 68 -8.91 0.40 -6.26
N PHE A 69 -7.85 1.13 -5.86
CA PHE A 69 -7.28 1.06 -4.50
C PHE A 69 -7.84 2.22 -3.67
N THR A 70 -7.80 2.07 -2.34
CA THR A 70 -8.23 3.09 -1.38
C THR A 70 -7.33 3.02 -0.14
N ILE A 71 -6.80 4.18 0.30
CA ILE A 71 -5.97 4.26 1.52
C ILE A 71 -6.84 4.83 2.64
N SER A 72 -6.89 4.11 3.76
CA SER A 72 -7.60 4.52 4.97
C SER A 72 -6.62 4.53 6.14
N ARG A 73 -6.91 5.34 7.16
CA ARG A 73 -6.16 5.34 8.42
C ARG A 73 -7.16 5.52 9.56
N ASP A 74 -6.89 4.85 10.68
CA ASP A 74 -7.73 4.92 11.88
C ASP A 74 -6.84 5.41 13.01
N ASN A 75 -6.88 6.72 13.27
CA ASN A 75 -5.97 7.39 14.23
C ASN A 75 -6.25 6.94 15.68
N ALA A 76 -7.49 6.49 15.94
CA ALA A 76 -7.92 6.03 17.28
C ALA A 76 -7.22 4.71 17.67
N LYS A 77 -7.31 3.71 16.77
CA LYS A 77 -6.66 2.40 16.95
C LYS A 77 -5.21 2.41 16.42
N ASN A 78 -4.81 3.56 15.82
CA ASN A 78 -3.46 3.79 15.26
C ASN A 78 -3.11 2.78 14.15
N THR A 79 -4.15 2.34 13.43
CA THR A 79 -4.02 1.28 12.40
C THR A 79 -4.43 1.81 11.02
N VAL A 80 -3.59 1.54 10.02
CA VAL A 80 -3.80 1.92 8.62
C VAL A 80 -4.41 0.72 7.86
N TYR A 81 -5.20 1.00 6.81
CA TYR A 81 -5.85 -0.02 5.97
C TYR A 81 -5.62 0.32 4.50
N LEU A 82 -5.48 -0.69 3.64
CA LEU A 82 -5.31 -0.52 2.17
C LEU A 82 -6.23 -1.50 1.44
N GLN A 83 -7.35 -1.00 0.92
CA GLN A 83 -8.33 -1.82 0.18
C GLN A 83 -7.92 -1.89 -1.30
N MET A 84 -7.35 -3.02 -1.71
CA MET A 84 -7.00 -3.28 -3.11
C MET A 84 -8.18 -3.94 -3.83
N ASN A 85 -8.74 -3.29 -4.85
CA ASN A 85 -9.78 -3.89 -5.72
C ASN A 85 -9.25 -3.95 -7.17
N SER A 86 -9.82 -4.87 -7.98
CA SER A 86 -9.52 -4.98 -9.43
C SER A 86 -8.02 -5.24 -9.67
N LEU A 87 -7.50 -6.22 -8.90
CA LEU A 87 -6.08 -6.59 -8.89
C LEU A 87 -5.62 -7.16 -10.25
N LYS A 88 -4.67 -6.45 -10.88
CA LYS A 88 -4.06 -6.89 -12.16
C LYS A 88 -3.04 -8.02 -11.88
N PRO A 89 -2.73 -8.92 -12.87
CA PRO A 89 -1.70 -10.00 -12.71
C PRO A 89 -0.30 -9.47 -12.23
N GLU A 90 -0.01 -8.19 -12.50
CA GLU A 90 1.26 -7.53 -12.12
C GLU A 90 1.33 -7.20 -10.61
N ASP A 91 0.16 -7.17 -9.94
CA ASP A 91 0.03 -6.74 -8.53
C ASP A 91 0.65 -7.74 -7.53
N THR A 92 1.08 -8.93 -8.01
CA THR A 92 1.84 -9.89 -7.19
C THR A 92 3.19 -9.25 -6.77
N ALA A 93 3.23 -8.73 -5.54
CA ALA A 93 4.34 -7.92 -5.04
C ALA A 93 4.24 -7.69 -3.53
N VAL A 94 5.37 -7.34 -2.89
CA VAL A 94 5.36 -6.93 -1.48
C VAL A 94 5.01 -5.43 -1.37
N TYR A 95 3.84 -5.16 -0.78
CA TYR A 95 3.35 -3.80 -0.50
C TYR A 95 3.87 -3.34 0.87
N ASN A 96 4.77 -2.34 0.86
CA ASN A 96 5.41 -1.79 2.06
C ASN A 96 4.78 -0.46 2.44
N CYS A 97 4.40 -0.33 3.72
CA CYS A 97 3.87 0.90 4.30
C CYS A 97 5.05 1.77 4.80
N ALA A 98 5.42 2.81 4.04
CA ALA A 98 6.54 3.71 4.37
C ALA A 98 5.97 5.05 4.88
N ALA A 99 6.21 5.34 6.17
CA ALA A 99 5.65 6.54 6.83
C ALA A 99 6.73 7.59 6.99
N GLY A 100 6.39 8.86 6.70
CA GLY A 100 7.33 9.98 6.81
C GLY A 100 7.32 10.87 5.59
N LYS A 101 7.00 10.28 4.43
CA LYS A 101 6.98 10.99 3.15
C LYS A 101 5.75 11.91 3.08
N TRP A 102 5.95 13.17 3.48
CA TRP A 102 4.91 14.23 3.48
C TRP A 102 5.04 15.12 2.21
N ASP A 103 6.01 14.77 1.35
CA ASP A 103 6.33 15.53 0.13
C ASP A 103 6.64 14.57 -1.02
N GLY A 104 6.14 14.92 -2.22
CA GLY A 104 6.37 14.15 -3.45
C GLY A 104 6.81 15.04 -4.60
N SER A 105 7.76 15.95 -4.31
CA SER A 105 8.32 16.89 -5.30
C SER A 105 9.82 17.12 -5.05
N TYR A 106 10.14 17.80 -3.93
CA TYR A 106 11.54 18.05 -3.51
C TYR A 106 12.27 16.72 -3.21
N TYR A 107 11.70 15.95 -2.28
CA TYR A 107 12.25 14.66 -1.85
C TYR A 107 11.19 13.91 -1.00
N GLY A 108 10.97 14.39 0.24
CA GLY A 108 10.08 13.72 1.18
C GLY A 108 10.60 12.34 1.58
N ALA A 109 11.52 12.31 2.54
CA ALA A 109 12.16 11.07 3.00
C ALA A 109 11.18 10.21 3.85
N PRO A 110 11.08 8.86 3.59
CA PRO A 110 10.36 7.94 4.49
C PRO A 110 11.09 7.85 5.86
N ASP A 111 10.40 8.30 6.91
CA ASP A 111 10.90 8.34 8.30
C ASP A 111 11.20 6.92 8.81
N TYR A 112 10.25 6.01 8.56
CA TYR A 112 10.40 4.56 8.82
C TYR A 112 9.79 3.76 7.67
N TRP A 113 10.29 2.52 7.51
CA TRP A 113 9.86 1.58 6.48
C TRP A 113 9.20 0.37 7.17
N GLY A 114 7.93 0.13 6.86
CA GLY A 114 7.21 -1.06 7.35
C GLY A 114 7.61 -2.30 6.57
N GLN A 115 7.54 -3.49 7.22
CA GLN A 115 8.00 -4.76 6.61
C GLN A 115 7.20 -5.10 5.35
N GLY A 116 5.88 -4.78 5.39
CA GLY A 116 4.99 -5.02 4.27
C GLY A 116 4.63 -6.49 4.11
N THR A 117 3.67 -6.78 3.21
CA THR A 117 3.25 -8.18 2.94
C THR A 117 3.30 -8.47 1.42
N GLN A 118 3.85 -9.65 1.07
CA GLN A 118 3.89 -10.11 -0.32
C GLN A 118 2.52 -10.70 -0.67
N VAL A 119 1.75 -9.98 -1.49
CA VAL A 119 0.44 -10.43 -1.98
C VAL A 119 0.63 -11.19 -3.31
N THR A 120 -0.20 -12.21 -3.55
CA THR A 120 -0.19 -13.00 -4.78
C THR A 120 -1.57 -12.95 -5.44
N VAL A 121 -1.64 -12.33 -6.62
CA VAL A 121 -2.85 -12.31 -7.44
C VAL A 121 -2.72 -13.38 -8.55
N SER A 122 -3.67 -14.31 -8.54
CA SER A 122 -3.73 -15.44 -9.46
C SER A 122 -4.12 -14.95 -10.87
N SER A 123 -3.18 -15.03 -11.82
CA SER A 123 -3.43 -14.76 -13.23
C SER A 123 -4.25 -15.92 -13.83
N LEU A 124 -5.47 -15.62 -14.31
CA LEU A 124 -6.40 -16.59 -14.88
C LEU A 124 -5.85 -17.10 -16.26
N GLU A 125 -4.88 -18.02 -16.17
CA GLU A 125 -4.10 -18.54 -17.31
C GLU A 125 -3.08 -19.58 -16.80
N HIS A 126 -2.49 -19.28 -15.61
CA HIS A 126 -1.50 -20.15 -14.94
C HIS A 126 -2.08 -20.66 -13.61
N HIS A 127 -3.29 -21.25 -13.66
CA HIS A 127 -3.91 -21.91 -12.50
C HIS A 127 -3.25 -23.30 -12.33
N HIS A 128 -2.05 -23.31 -11.72
CA HIS A 128 -1.19 -24.49 -11.58
C HIS A 128 -1.45 -25.20 -10.23
N HIS A 129 -1.94 -26.44 -10.29
CA HIS A 129 -2.25 -27.26 -9.10
C HIS A 129 -1.03 -28.09 -8.70
N HIS A 130 -0.11 -27.45 -7.98
CA HIS A 130 1.08 -28.08 -7.39
C HIS A 130 1.24 -27.59 -5.95
N HIS A 131 1.77 -28.46 -5.08
CA HIS A 131 1.96 -28.20 -3.65
C HIS A 131 3.45 -28.40 -3.27
N MET A 1 12.96 6.84 18.44
CA MET A 1 12.46 7.86 17.50
C MET A 1 12.10 7.24 16.12
N GLN A 2 11.73 5.94 16.12
CA GLN A 2 11.29 5.22 14.90
C GLN A 2 9.77 4.93 14.96
N LEU A 3 9.19 4.68 13.79
CA LEU A 3 7.80 4.22 13.66
C LEU A 3 7.83 2.81 13.06
N GLN A 4 7.46 1.82 13.89
CA GLN A 4 7.35 0.41 13.49
C GLN A 4 5.96 0.18 12.89
N LEU A 5 5.94 -0.30 11.63
CA LEU A 5 4.71 -0.65 10.91
C LEU A 5 4.69 -2.18 10.68
N VAL A 6 3.83 -2.90 11.43
CA VAL A 6 3.63 -4.35 11.27
C VAL A 6 2.41 -4.58 10.37
N GLU A 7 2.70 -4.94 9.13
CA GLU A 7 1.71 -5.11 8.07
C GLU A 7 1.14 -6.53 8.05
N SER A 8 -0.06 -6.68 7.49
CA SER A 8 -0.84 -7.93 7.49
C SER A 8 -1.88 -7.90 6.37
N GLY A 9 -2.55 -9.04 6.13
CA GLY A 9 -3.64 -9.14 5.15
C GLY A 9 -3.17 -9.65 3.79
N GLY A 10 -1.84 -9.84 3.63
CA GLY A 10 -1.27 -10.31 2.37
C GLY A 10 -1.41 -11.82 2.20
N GLY A 11 -1.92 -12.23 1.03
CA GLY A 11 -2.13 -13.64 0.70
C GLY A 11 -2.60 -13.82 -0.73
N LEU A 12 -3.13 -15.01 -1.04
CA LEU A 12 -3.63 -15.34 -2.39
C LEU A 12 -5.03 -14.75 -2.64
N VAL A 13 -5.27 -14.39 -3.91
CA VAL A 13 -6.52 -13.76 -4.36
C VAL A 13 -6.76 -14.12 -5.85
N GLN A 14 -8.03 -14.16 -6.27
CA GLN A 14 -8.43 -14.48 -7.65
C GLN A 14 -8.23 -13.26 -8.57
N ALA A 15 -8.12 -13.52 -9.91
CA ALA A 15 -7.93 -12.48 -10.93
C ALA A 15 -9.21 -11.62 -11.05
N GLY A 16 -9.11 -10.35 -10.63
CA GLY A 16 -10.24 -9.41 -10.64
C GLY A 16 -10.93 -9.35 -9.28
N GLY A 17 -10.32 -10.02 -8.28
CA GLY A 17 -10.85 -10.06 -6.91
C GLY A 17 -10.44 -8.85 -6.08
N SER A 18 -10.59 -8.98 -4.76
CA SER A 18 -10.28 -7.91 -3.79
C SER A 18 -9.54 -8.48 -2.57
N LEU A 19 -8.71 -7.64 -1.94
CA LEU A 19 -7.93 -8.02 -0.75
C LEU A 19 -7.58 -6.75 0.04
N ARG A 20 -8.02 -6.70 1.31
CA ARG A 20 -7.74 -5.58 2.21
C ARG A 20 -6.48 -5.88 3.04
N LEU A 21 -5.46 -5.02 2.88
CA LEU A 21 -4.26 -5.01 3.71
C LEU A 21 -4.52 -4.19 4.97
N SER A 22 -3.71 -4.42 6.00
CA SER A 22 -3.76 -3.67 7.25
C SER A 22 -2.33 -3.46 7.78
N CYS A 23 -2.18 -2.51 8.70
CA CYS A 23 -0.88 -2.13 9.28
C CYS A 23 -1.08 -1.63 10.70
N ALA A 24 -0.14 -1.94 11.60
CA ALA A 24 -0.13 -1.45 12.99
C ALA A 24 1.02 -0.46 13.16
N ALA A 25 0.71 0.74 13.65
CA ALA A 25 1.68 1.84 13.78
C ALA A 25 2.04 2.01 15.26
N SER A 26 3.34 1.90 15.57
CA SER A 26 3.87 1.93 16.93
C SER A 26 5.13 2.80 16.98
N GLY A 27 5.36 3.47 18.12
CA GLY A 27 6.53 4.33 18.30
C GLY A 27 6.20 5.80 18.06
N ARG A 28 6.58 6.30 16.87
CA ARG A 28 6.40 7.72 16.51
C ARG A 28 4.95 8.08 16.20
N THR A 29 4.68 9.39 16.31
CA THR A 29 3.40 9.99 15.95
C THR A 29 3.25 10.00 14.41
N PHE A 30 2.64 8.92 13.87
CA PHE A 30 2.32 8.80 12.43
C PHE A 30 1.32 9.88 11.98
N SER A 31 0.55 10.40 12.96
CA SER A 31 -0.43 11.48 12.76
C SER A 31 0.26 12.87 12.60
N SER A 32 1.60 12.90 12.63
CA SER A 32 2.40 14.10 12.29
C SER A 32 2.93 13.98 10.83
N TYR A 33 2.64 12.84 10.16
CA TYR A 33 3.19 12.51 8.82
C TYR A 33 2.09 12.06 7.84
N ALA A 34 2.48 11.85 6.57
CA ALA A 34 1.64 11.24 5.54
C ALA A 34 2.22 9.86 5.16
N MET A 35 1.40 8.81 5.15
CA MET A 35 1.86 7.42 4.91
C MET A 35 1.28 6.90 3.60
N GLY A 36 1.97 5.94 2.97
CA GLY A 36 1.51 5.37 1.70
C GLY A 36 2.06 3.98 1.43
N TRP A 37 1.33 3.21 0.63
CA TRP A 37 1.68 1.82 0.25
C TRP A 37 2.38 1.81 -1.12
N PHE A 38 3.38 0.93 -1.26
CA PHE A 38 4.24 0.82 -2.45
C PHE A 38 4.45 -0.67 -2.77
N ARG A 39 4.41 -1.07 -4.06
CA ARG A 39 4.54 -2.51 -4.44
C ARG A 39 5.87 -2.77 -5.20
N GLN A 40 6.37 -4.01 -5.07
CA GLN A 40 7.54 -4.50 -5.82
C GLN A 40 7.70 -6.01 -5.63
N ALA A 41 8.30 -6.68 -6.64
CA ALA A 41 8.61 -8.14 -6.62
C ALA A 41 9.24 -8.63 -7.96
N PRO A 42 8.61 -8.37 -9.18
CA PRO A 42 9.13 -8.91 -10.45
C PRO A 42 10.22 -8.00 -11.09
N GLY A 43 11.29 -7.73 -10.30
CA GLY A 43 12.42 -6.93 -10.78
C GLY A 43 12.21 -5.43 -10.62
N LYS A 44 11.34 -5.06 -9.65
CA LYS A 44 10.90 -3.66 -9.45
C LYS A 44 11.36 -3.11 -8.08
N GLU A 45 11.33 -1.77 -7.96
CA GLU A 45 11.54 -1.05 -6.69
C GLU A 45 10.17 -0.67 -6.11
N ARG A 46 10.13 -0.24 -4.82
CA ARG A 46 8.88 0.26 -4.19
C ARG A 46 8.41 1.51 -4.95
N GLU A 47 7.37 1.33 -5.79
CA GLU A 47 6.85 2.39 -6.66
C GLU A 47 5.56 2.97 -6.06
N PHE A 48 5.27 4.24 -6.39
CA PHE A 48 4.07 4.96 -5.93
C PHE A 48 2.79 4.22 -6.36
N VAL A 49 2.11 3.62 -5.38
CA VAL A 49 0.79 3.01 -5.56
C VAL A 49 -0.26 4.01 -5.06
N ALA A 50 -0.22 4.30 -3.76
CA ALA A 50 -1.20 5.19 -3.11
C ALA A 50 -0.62 5.76 -1.81
N VAL A 51 -0.74 7.09 -1.61
CA VAL A 51 -0.29 7.79 -0.39
C VAL A 51 -1.46 8.60 0.20
N VAL A 52 -1.79 8.36 1.46
CA VAL A 52 -2.81 9.12 2.20
C VAL A 52 -2.13 10.01 3.25
N ASN A 53 -2.84 11.03 3.70
CA ASN A 53 -2.45 11.83 4.87
C ASN A 53 -3.12 11.23 6.13
N TRP A 54 -2.58 11.61 7.29
CA TRP A 54 -2.99 11.08 8.60
C TRP A 54 -4.50 11.24 8.89
N SER A 55 -5.06 12.43 8.59
CA SER A 55 -6.48 12.73 8.83
C SER A 55 -7.35 12.20 7.67
N GLY A 56 -6.71 11.85 6.54
CA GLY A 56 -7.41 11.34 5.36
C GLY A 56 -7.96 12.44 4.46
N ARG A 57 -7.57 13.71 4.74
CA ARG A 57 -8.01 14.89 3.97
C ARG A 57 -7.45 14.87 2.55
N ARG A 58 -6.20 14.41 2.41
CA ARG A 58 -5.54 14.20 1.11
C ARG A 58 -5.31 12.71 0.87
N THR A 59 -5.88 12.21 -0.24
CA THR A 59 -5.66 10.86 -0.75
C THR A 59 -5.02 10.97 -2.15
N TYR A 60 -3.94 10.21 -2.39
CA TYR A 60 -3.18 10.23 -3.66
C TYR A 60 -3.12 8.79 -4.20
N TYR A 61 -3.35 8.63 -5.52
CA TYR A 61 -3.30 7.30 -6.19
C TYR A 61 -2.64 7.45 -7.56
N ALA A 62 -1.76 6.50 -7.92
CA ALA A 62 -1.25 6.36 -9.29
C ALA A 62 -2.40 5.84 -10.17
N ASP A 63 -2.48 6.33 -11.43
CA ASP A 63 -3.60 6.01 -12.37
C ASP A 63 -3.79 4.50 -12.59
N SER A 64 -2.67 3.76 -12.46
CA SER A 64 -2.59 2.30 -12.65
C SER A 64 -3.46 1.52 -11.63
N VAL A 65 -3.64 2.11 -10.44
CA VAL A 65 -4.41 1.54 -9.33
C VAL A 65 -5.55 2.48 -8.86
N LYS A 66 -5.65 3.66 -9.50
CA LYS A 66 -6.58 4.72 -9.08
C LYS A 66 -8.03 4.35 -9.43
N GLY A 67 -8.91 4.42 -8.42
CA GLY A 67 -10.34 4.11 -8.58
C GLY A 67 -10.69 2.69 -8.17
N ARG A 68 -9.70 1.78 -8.22
CA ARG A 68 -9.88 0.38 -7.78
C ARG A 68 -9.22 0.15 -6.39
N PHE A 69 -8.24 0.99 -6.03
CA PHE A 69 -7.61 0.96 -4.69
C PHE A 69 -8.14 2.13 -3.83
N THR A 70 -8.10 1.95 -2.51
CA THR A 70 -8.49 2.96 -1.51
C THR A 70 -7.60 2.81 -0.25
N ILE A 71 -7.08 3.93 0.30
CA ILE A 71 -6.38 3.90 1.61
C ILE A 71 -7.36 4.41 2.67
N SER A 72 -7.52 3.64 3.75
CA SER A 72 -8.31 4.01 4.92
C SER A 72 -7.42 3.89 6.15
N ARG A 73 -7.55 4.80 7.12
CA ARG A 73 -6.69 4.82 8.32
C ARG A 73 -7.50 5.32 9.52
N ASP A 74 -7.13 4.82 10.70
CA ASP A 74 -7.78 5.14 11.98
C ASP A 74 -6.69 5.55 12.98
N ASN A 75 -6.69 6.85 13.30
CA ASN A 75 -5.66 7.48 14.12
C ASN A 75 -5.74 7.01 15.58
N ALA A 76 -6.99 6.85 16.07
CA ALA A 76 -7.28 6.42 17.45
C ALA A 76 -6.83 4.96 17.69
N LYS A 77 -7.05 4.09 16.69
CA LYS A 77 -6.70 2.66 16.78
C LYS A 77 -5.21 2.43 16.44
N ASN A 78 -4.55 3.47 15.86
CA ASN A 78 -3.15 3.40 15.37
C ASN A 78 -3.01 2.34 14.25
N THR A 79 -4.11 2.13 13.49
CA THR A 79 -4.18 1.05 12.47
C THR A 79 -4.56 1.64 11.10
N VAL A 80 -3.81 1.24 10.05
CA VAL A 80 -4.04 1.63 8.65
C VAL A 80 -4.57 0.42 7.86
N TYR A 81 -5.22 0.68 6.71
CA TYR A 81 -5.83 -0.31 5.82
C TYR A 81 -5.60 0.11 4.35
N LEU A 82 -5.47 -0.87 3.44
CA LEU A 82 -5.37 -0.62 1.98
C LEU A 82 -6.34 -1.59 1.29
N GLN A 83 -7.50 -1.08 0.90
CA GLN A 83 -8.54 -1.85 0.20
C GLN A 83 -8.19 -1.95 -1.29
N MET A 84 -7.67 -3.11 -1.69
CA MET A 84 -7.44 -3.43 -3.11
C MET A 84 -8.71 -4.06 -3.69
N ASN A 85 -9.13 -3.58 -4.86
CA ASN A 85 -10.25 -4.16 -5.63
C ASN A 85 -9.80 -4.28 -7.10
N SER A 86 -10.40 -5.23 -7.84
CA SER A 86 -10.17 -5.42 -9.29
C SER A 86 -8.67 -5.67 -9.57
N LEU A 87 -8.15 -6.74 -8.98
CA LEU A 87 -6.72 -7.08 -9.01
C LEU A 87 -6.31 -7.75 -10.34
N LYS A 88 -5.43 -7.05 -11.06
CA LYS A 88 -4.80 -7.55 -12.30
C LYS A 88 -3.72 -8.59 -11.90
N PRO A 89 -3.39 -9.60 -12.78
CA PRO A 89 -2.30 -10.59 -12.49
C PRO A 89 -0.94 -9.94 -12.10
N GLU A 90 -0.72 -8.68 -12.55
CA GLU A 90 0.54 -7.94 -12.31
C GLU A 90 0.71 -7.50 -10.82
N ASP A 91 -0.41 -7.40 -10.08
CA ASP A 91 -0.43 -6.91 -8.68
C ASP A 91 0.21 -7.90 -7.69
N THR A 92 0.62 -9.08 -8.18
CA THR A 92 1.43 -10.04 -7.42
C THR A 92 2.78 -9.40 -7.04
N ALA A 93 2.86 -8.92 -5.78
CA ALA A 93 4.01 -8.17 -5.26
C ALA A 93 3.87 -7.97 -3.75
N VAL A 94 5.00 -7.66 -3.09
CA VAL A 94 4.98 -7.27 -1.68
C VAL A 94 4.65 -5.76 -1.57
N TYR A 95 3.53 -5.45 -0.91
CA TYR A 95 3.11 -4.07 -0.62
C TYR A 95 3.70 -3.66 0.74
N ASN A 96 4.63 -2.70 0.69
CA ASN A 96 5.28 -2.10 1.85
C ASN A 96 4.77 -0.66 2.03
N CYS A 97 4.18 -0.38 3.20
CA CYS A 97 3.77 0.97 3.57
C CYS A 97 4.92 1.71 4.26
N ALA A 98 5.04 3.00 3.98
CA ALA A 98 6.11 3.85 4.48
C ALA A 98 5.54 5.25 4.80
N ALA A 99 5.90 5.78 5.98
CA ALA A 99 5.40 7.06 6.50
C ALA A 99 6.50 8.13 6.48
N GLY A 100 6.10 9.37 6.22
CA GLY A 100 7.03 10.50 6.23
C GLY A 100 6.42 11.77 5.66
N LYS A 101 7.22 12.82 5.62
CA LYS A 101 6.81 14.11 5.03
C LYS A 101 7.17 14.12 3.53
N TRP A 102 6.18 13.77 2.68
CA TRP A 102 6.31 13.86 1.21
C TRP A 102 6.10 15.34 0.81
N ASP A 103 7.16 16.15 0.99
CA ASP A 103 7.14 17.61 0.69
C ASP A 103 8.58 18.16 0.75
N GLY A 104 9.07 18.64 -0.40
CA GLY A 104 10.43 19.20 -0.50
C GLY A 104 10.91 19.21 -1.95
N SER A 105 12.23 19.34 -2.14
CA SER A 105 12.86 19.37 -3.47
C SER A 105 14.15 18.51 -3.44
N TYR A 106 15.20 19.04 -2.78
CA TYR A 106 16.49 18.33 -2.61
C TYR A 106 16.31 17.20 -1.59
N TYR A 107 15.37 17.41 -0.67
CA TYR A 107 15.02 16.46 0.39
C TYR A 107 13.95 15.50 -0.13
N GLY A 108 14.01 14.25 0.33
CA GLY A 108 13.08 13.21 -0.09
C GLY A 108 13.17 11.98 0.79
N ALA A 109 12.67 10.84 0.27
CA ALA A 109 12.66 9.52 0.95
C ALA A 109 11.68 9.51 2.16
N PRO A 110 11.01 8.36 2.46
CA PRO A 110 10.16 8.24 3.67
C PRO A 110 11.03 8.24 4.95
N ASP A 111 10.57 8.97 5.97
CA ASP A 111 11.24 9.06 7.28
C ASP A 111 11.25 7.68 7.98
N TYR A 112 10.19 6.89 7.72
CA TYR A 112 9.99 5.53 8.29
C TYR A 112 9.40 4.63 7.20
N TRP A 113 9.61 3.32 7.34
CA TRP A 113 8.98 2.28 6.49
C TRP A 113 8.68 1.04 7.34
N GLY A 114 7.77 0.20 6.82
CA GLY A 114 7.30 -0.99 7.52
C GLY A 114 8.04 -2.25 7.13
N GLN A 115 7.32 -3.37 7.21
CA GLN A 115 7.86 -4.71 6.91
C GLN A 115 7.64 -5.05 5.42
N GLY A 116 6.39 -4.94 5.01
CA GLY A 116 5.92 -5.39 3.70
C GLY A 116 5.08 -6.65 3.83
N THR A 117 3.82 -6.57 3.38
CA THR A 117 2.91 -7.72 3.32
C THR A 117 2.74 -8.19 1.86
N GLN A 118 3.09 -9.48 1.60
CA GLN A 118 3.17 -10.03 0.22
C GLN A 118 1.79 -10.55 -0.23
N VAL A 119 1.32 -10.04 -1.39
CA VAL A 119 0.07 -10.51 -2.03
C VAL A 119 0.40 -11.26 -3.35
N THR A 120 -0.40 -12.29 -3.65
CA THR A 120 -0.27 -13.10 -4.88
C THR A 120 -1.65 -13.27 -5.51
N VAL A 121 -1.81 -12.80 -6.75
CA VAL A 121 -3.07 -12.93 -7.50
C VAL A 121 -2.90 -14.02 -8.59
N SER A 122 -3.70 -15.10 -8.44
CA SER A 122 -3.75 -16.24 -9.37
C SER A 122 -4.27 -15.77 -10.74
N SER A 123 -3.40 -15.83 -11.75
CA SER A 123 -3.70 -15.35 -13.11
C SER A 123 -4.68 -16.32 -13.84
N LEU A 124 -6.00 -16.08 -13.64
CA LEU A 124 -7.06 -16.78 -14.36
C LEU A 124 -7.20 -16.14 -15.76
N GLU A 125 -6.25 -16.52 -16.64
CA GLU A 125 -6.05 -15.91 -17.96
C GLU A 125 -6.16 -16.99 -19.08
N HIS A 126 -6.50 -18.22 -18.69
CA HIS A 126 -6.63 -19.37 -19.60
C HIS A 126 -8.02 -20.02 -19.43
N HIS A 127 -8.57 -20.56 -20.53
CA HIS A 127 -9.96 -21.05 -20.60
C HIS A 127 -10.13 -22.37 -19.81
N HIS A 128 -9.50 -23.46 -20.31
CA HIS A 128 -9.72 -24.82 -19.77
C HIS A 128 -8.44 -25.36 -19.09
N HIS A 129 -7.61 -24.44 -18.56
CA HIS A 129 -6.43 -24.84 -17.79
C HIS A 129 -6.83 -25.15 -16.33
N HIS A 130 -6.78 -26.44 -15.99
CA HIS A 130 -6.90 -26.92 -14.61
C HIS A 130 -5.74 -26.39 -13.75
N HIS A 131 -6.07 -25.66 -12.67
CA HIS A 131 -5.08 -25.21 -11.67
C HIS A 131 -4.60 -26.42 -10.83
N MET A 1 12.92 7.84 19.57
CA MET A 1 11.70 7.02 19.66
C MET A 1 11.62 6.03 18.47
N GLN A 2 11.59 6.59 17.24
CA GLN A 2 11.50 5.86 15.95
C GLN A 2 10.13 5.17 15.77
N LEU A 3 9.60 5.23 14.54
CA LEU A 3 8.34 4.57 14.19
C LEU A 3 8.59 3.10 13.82
N GLN A 4 7.84 2.19 14.45
CA GLN A 4 7.74 0.81 14.03
C GLN A 4 6.38 0.60 13.35
N LEU A 5 6.39 -0.02 12.16
CA LEU A 5 5.20 -0.33 11.37
C LEU A 5 5.15 -1.85 11.13
N VAL A 6 4.08 -2.50 11.61
CA VAL A 6 3.84 -3.92 11.37
C VAL A 6 2.82 -4.03 10.23
N GLU A 7 3.31 -4.35 9.02
CA GLU A 7 2.50 -4.43 7.80
C GLU A 7 2.18 -5.92 7.52
N SER A 8 0.89 -6.24 7.34
CA SER A 8 0.38 -7.62 7.29
C SER A 8 -0.93 -7.67 6.48
N GLY A 9 -1.10 -8.73 5.69
CA GLY A 9 -2.27 -8.92 4.82
C GLY A 9 -1.90 -9.62 3.51
N GLY A 10 -0.82 -10.43 3.56
CA GLY A 10 -0.27 -11.10 2.39
C GLY A 10 -0.94 -12.42 2.12
N GLY A 11 -1.33 -12.65 0.85
CA GLY A 11 -1.99 -13.89 0.43
C GLY A 11 -2.23 -13.90 -1.07
N LEU A 12 -2.62 -15.07 -1.60
CA LEU A 12 -2.99 -15.22 -3.01
C LEU A 12 -4.45 -14.74 -3.24
N VAL A 13 -4.66 -14.14 -4.41
CA VAL A 13 -5.92 -13.50 -4.82
C VAL A 13 -6.03 -13.60 -6.36
N GLN A 14 -7.26 -13.59 -6.90
CA GLN A 14 -7.51 -13.77 -8.34
C GLN A 14 -7.43 -12.43 -9.09
N ALA A 15 -7.16 -12.49 -10.42
CA ALA A 15 -7.18 -11.32 -11.31
C ALA A 15 -8.62 -10.81 -11.50
N GLY A 16 -8.90 -9.62 -10.95
CA GLY A 16 -10.24 -9.03 -10.93
C GLY A 16 -10.88 -9.18 -9.55
N GLY A 17 -10.12 -9.72 -8.58
CA GLY A 17 -10.58 -9.88 -7.21
C GLY A 17 -10.23 -8.68 -6.33
N SER A 18 -10.32 -8.90 -5.01
CA SER A 18 -10.04 -7.87 -4.00
C SER A 18 -9.22 -8.47 -2.84
N LEU A 19 -8.38 -7.65 -2.22
CA LEU A 19 -7.54 -8.06 -1.07
C LEU A 19 -7.13 -6.80 -0.28
N ARG A 20 -7.01 -6.92 1.04
CA ARG A 20 -6.75 -5.75 1.91
C ARG A 20 -5.42 -5.94 2.68
N LEU A 21 -4.58 -4.90 2.66
CA LEU A 21 -3.36 -4.80 3.49
C LEU A 21 -3.71 -4.06 4.80
N SER A 22 -2.89 -4.24 5.83
CA SER A 22 -3.09 -3.57 7.14
C SER A 22 -1.74 -3.31 7.81
N CYS A 23 -1.47 -2.05 8.15
CA CYS A 23 -0.22 -1.63 8.80
C CYS A 23 -0.51 -0.83 10.07
N ALA A 24 -0.30 -1.45 11.23
CA ALA A 24 -0.42 -0.79 12.53
C ALA A 24 0.91 -0.09 12.87
N ALA A 25 0.84 1.09 13.47
CA ALA A 25 2.03 1.89 13.85
C ALA A 25 2.23 1.81 15.36
N SER A 26 3.43 2.19 15.82
CA SER A 26 3.80 2.21 17.24
C SER A 26 2.97 3.28 18.02
N GLY A 27 3.02 3.19 19.36
CA GLY A 27 2.28 4.12 20.25
C GLY A 27 2.73 5.58 20.12
N ARG A 28 3.89 5.79 19.47
CA ARG A 28 4.44 7.12 19.16
C ARG A 28 3.48 7.86 18.20
N THR A 29 3.23 9.16 18.46
CA THR A 29 2.35 10.00 17.63
C THR A 29 3.04 10.46 16.31
N PHE A 30 3.22 9.49 15.41
CA PHE A 30 3.54 9.72 13.98
C PHE A 30 2.27 10.09 13.19
N SER A 31 1.10 9.95 13.87
CA SER A 31 -0.22 10.43 13.39
C SER A 31 -0.26 11.96 13.07
N SER A 32 0.85 12.69 13.29
CA SER A 32 0.99 14.11 12.91
C SER A 32 1.57 14.29 11.49
N TYR A 33 2.08 13.19 10.89
CA TYR A 33 2.78 13.23 9.57
C TYR A 33 1.92 12.62 8.47
N ALA A 34 2.34 12.84 7.22
CA ALA A 34 1.82 12.16 6.04
C ALA A 34 2.40 10.73 5.97
N MET A 35 1.75 9.86 5.21
CA MET A 35 2.18 8.45 5.04
C MET A 35 1.93 7.99 3.60
N GLY A 36 2.46 6.81 3.23
CA GLY A 36 2.27 6.28 1.87
C GLY A 36 2.64 4.80 1.74
N TRP A 37 1.90 4.11 0.85
CA TRP A 37 2.12 2.71 0.48
C TRP A 37 2.94 2.63 -0.82
N PHE A 38 3.85 1.65 -0.86
CA PHE A 38 4.76 1.41 -1.98
C PHE A 38 4.74 -0.10 -2.33
N ARG A 39 5.26 -0.48 -3.51
CA ARG A 39 5.31 -1.92 -3.92
C ARG A 39 6.65 -2.20 -4.61
N GLN A 40 7.05 -3.49 -4.60
CA GLN A 40 8.22 -3.99 -5.33
C GLN A 40 8.20 -5.53 -5.37
N ALA A 41 8.50 -6.12 -6.55
CA ALA A 41 8.72 -7.59 -6.73
C ALA A 41 8.90 -7.97 -8.24
N PRO A 42 7.86 -7.73 -9.15
CA PRO A 42 7.87 -8.29 -10.53
C PRO A 42 8.67 -7.40 -11.51
N GLY A 43 9.99 -7.33 -11.27
CA GLY A 43 10.86 -6.41 -11.99
C GLY A 43 10.76 -4.96 -11.49
N LYS A 44 9.86 -4.73 -10.53
CA LYS A 44 9.52 -3.41 -10.03
C LYS A 44 10.28 -3.11 -8.74
N GLU A 45 10.86 -1.91 -8.67
CA GLU A 45 11.51 -1.40 -7.45
C GLU A 45 10.47 -0.65 -6.61
N ARG A 46 10.87 -0.20 -5.39
CA ARG A 46 9.93 0.42 -4.43
C ARG A 46 9.37 1.73 -5.02
N GLU A 47 8.10 1.68 -5.46
CA GLU A 47 7.45 2.74 -6.24
C GLU A 47 6.12 3.17 -5.60
N PHE A 48 5.76 4.43 -5.84
CA PHE A 48 4.51 5.07 -5.36
C PHE A 48 3.26 4.31 -5.82
N VAL A 49 2.57 3.66 -4.86
CA VAL A 49 1.23 3.09 -5.08
C VAL A 49 0.19 4.16 -4.75
N ALA A 50 0.27 4.70 -3.53
CA ALA A 50 -0.68 5.70 -3.03
C ALA A 50 -0.18 6.33 -1.72
N VAL A 51 -0.22 7.67 -1.63
CA VAL A 51 0.13 8.44 -0.42
C VAL A 51 -1.15 9.07 0.14
N VAL A 52 -1.30 9.10 1.47
CA VAL A 52 -2.45 9.75 2.13
C VAL A 52 -1.96 10.60 3.31
N ASN A 53 -2.68 11.69 3.59
CA ASN A 53 -2.46 12.48 4.81
C ASN A 53 -3.14 11.79 6.00
N TRP A 54 -2.64 12.09 7.20
CA TRP A 54 -3.02 11.43 8.47
C TRP A 54 -4.54 11.42 8.75
N SER A 55 -5.21 12.54 8.42
CA SER A 55 -6.67 12.70 8.62
C SER A 55 -7.47 11.90 7.57
N GLY A 56 -6.87 11.70 6.39
CA GLY A 56 -7.52 11.03 5.27
C GLY A 56 -8.43 11.96 4.48
N ARG A 57 -8.24 13.27 4.67
CA ARG A 57 -8.98 14.32 3.95
C ARG A 57 -8.56 14.31 2.47
N ARG A 58 -7.23 14.43 2.23
CA ARG A 58 -6.64 14.37 0.89
C ARG A 58 -5.90 13.03 0.69
N THR A 59 -6.29 12.32 -0.38
CA THR A 59 -5.65 11.07 -0.82
C THR A 59 -4.95 11.29 -2.17
N TYR A 60 -3.86 10.55 -2.38
CA TYR A 60 -3.05 10.57 -3.60
C TYR A 60 -2.90 9.12 -4.06
N TYR A 61 -3.29 8.83 -5.30
CA TYR A 61 -3.15 7.47 -5.87
C TYR A 61 -2.27 7.55 -7.12
N ALA A 62 -1.69 6.40 -7.50
CA ALA A 62 -1.08 6.21 -8.82
C ALA A 62 -2.20 6.06 -9.85
N ASP A 63 -1.98 6.58 -11.07
CA ASP A 63 -2.99 6.57 -12.16
C ASP A 63 -3.50 5.14 -12.51
N SER A 64 -2.60 4.14 -12.38
CA SER A 64 -2.94 2.72 -12.63
C SER A 64 -3.95 2.19 -11.60
N VAL A 65 -3.84 2.66 -10.34
CA VAL A 65 -4.62 2.13 -9.19
C VAL A 65 -5.65 3.15 -8.67
N LYS A 66 -5.81 4.29 -9.37
CA LYS A 66 -6.62 5.43 -8.89
C LYS A 66 -8.12 5.09 -8.87
N GLY A 67 -8.68 5.00 -7.64
CA GLY A 67 -10.11 4.80 -7.42
C GLY A 67 -10.51 3.35 -7.21
N ARG A 68 -9.73 2.40 -7.79
CA ARG A 68 -9.94 0.96 -7.52
C ARG A 68 -9.23 0.57 -6.21
N PHE A 69 -8.18 1.33 -5.86
CA PHE A 69 -7.54 1.26 -4.53
C PHE A 69 -8.07 2.42 -3.68
N THR A 70 -8.06 2.24 -2.35
CA THR A 70 -8.44 3.26 -1.37
C THR A 70 -7.60 3.07 -0.11
N ILE A 71 -7.10 4.18 0.46
CA ILE A 71 -6.36 4.15 1.74
C ILE A 71 -7.32 4.64 2.84
N SER A 72 -7.55 3.80 3.85
CA SER A 72 -8.33 4.18 5.04
C SER A 72 -7.48 3.91 6.27
N ARG A 73 -7.52 4.82 7.25
CA ARG A 73 -6.69 4.75 8.44
C ARG A 73 -7.47 5.25 9.66
N ASP A 74 -7.42 4.46 10.74
CA ASP A 74 -7.88 4.86 12.06
C ASP A 74 -6.76 5.70 12.68
N ASN A 75 -6.90 7.03 12.54
CA ASN A 75 -5.87 8.03 12.95
C ASN A 75 -5.56 7.95 14.46
N ALA A 76 -6.62 7.73 15.27
CA ALA A 76 -6.49 7.60 16.74
C ALA A 76 -5.76 6.28 17.13
N LYS A 77 -5.99 5.22 16.34
CA LYS A 77 -5.40 3.88 16.58
C LYS A 77 -4.04 3.72 15.87
N ASN A 78 -3.70 4.71 15.00
CA ASN A 78 -2.46 4.74 14.20
C ASN A 78 -2.36 3.49 13.28
N THR A 79 -3.53 2.94 12.89
CA THR A 79 -3.62 1.70 12.09
C THR A 79 -4.19 2.03 10.71
N VAL A 80 -3.55 1.53 9.65
CA VAL A 80 -3.88 1.84 8.25
C VAL A 80 -4.31 0.55 7.53
N TYR A 81 -5.07 0.71 6.44
CA TYR A 81 -5.59 -0.39 5.61
C TYR A 81 -5.53 0.04 4.13
N LEU A 82 -4.92 -0.78 3.27
CA LEU A 82 -4.86 -0.53 1.81
C LEU A 82 -5.86 -1.47 1.11
N GLN A 83 -7.02 -0.92 0.78
CA GLN A 83 -8.13 -1.63 0.15
C GLN A 83 -7.88 -1.75 -1.37
N MET A 84 -7.47 -2.96 -1.81
CA MET A 84 -7.26 -3.25 -3.24
C MET A 84 -8.53 -3.86 -3.84
N ASN A 85 -9.03 -3.28 -4.94
CA ASN A 85 -10.16 -3.83 -5.72
C ASN A 85 -9.76 -3.89 -7.21
N SER A 86 -10.31 -4.90 -7.94
CA SER A 86 -10.10 -5.09 -9.39
C SER A 86 -8.59 -5.23 -9.72
N LEU A 87 -7.98 -6.24 -9.09
CA LEU A 87 -6.54 -6.49 -9.17
C LEU A 87 -6.10 -7.04 -10.53
N LYS A 88 -5.27 -6.27 -11.22
CA LYS A 88 -4.56 -6.70 -12.44
C LYS A 88 -3.39 -7.62 -12.03
N PRO A 89 -2.99 -8.65 -12.86
CA PRO A 89 -1.85 -9.56 -12.53
C PRO A 89 -0.52 -8.83 -12.16
N GLU A 90 -0.37 -7.59 -12.65
CA GLU A 90 0.84 -6.76 -12.44
C GLU A 90 0.99 -6.24 -10.98
N ASP A 91 -0.10 -6.29 -10.19
CA ASP A 91 -0.12 -5.79 -8.79
C ASP A 91 0.57 -6.79 -7.79
N THR A 92 0.98 -7.98 -8.29
CA THR A 92 1.71 -9.00 -7.49
C THR A 92 3.05 -8.43 -7.00
N ALA A 93 3.12 -8.07 -5.70
CA ALA A 93 4.29 -7.42 -5.11
C ALA A 93 4.19 -7.39 -3.57
N VAL A 94 5.34 -7.13 -2.90
CA VAL A 94 5.33 -6.83 -1.47
C VAL A 94 4.97 -5.34 -1.29
N TYR A 95 3.89 -5.09 -0.55
CA TYR A 95 3.46 -3.73 -0.19
C TYR A 95 4.21 -3.31 1.06
N ASN A 96 4.57 -2.04 1.12
CA ASN A 96 5.33 -1.46 2.22
C ASN A 96 4.68 -0.13 2.58
N CYS A 97 4.08 -0.08 3.77
CA CYS A 97 3.53 1.15 4.33
C CYS A 97 4.67 1.93 4.98
N ALA A 98 4.64 3.25 4.81
CA ALA A 98 5.73 4.15 5.20
C ALA A 98 5.14 5.46 5.72
N ALA A 99 5.94 6.25 6.44
CA ALA A 99 5.50 7.51 7.05
C ALA A 99 6.66 8.51 7.14
N GLY A 100 6.32 9.78 6.98
CA GLY A 100 7.27 10.88 7.02
C GLY A 100 6.62 12.20 6.61
N LYS A 101 7.28 13.31 6.92
CA LYS A 101 6.73 14.66 6.63
C LYS A 101 7.24 15.14 5.26
N TRP A 102 6.31 15.21 4.27
CA TRP A 102 6.61 15.59 2.85
C TRP A 102 7.47 14.50 2.19
N ASP A 103 6.80 13.48 1.60
CA ASP A 103 7.47 12.33 0.92
C ASP A 103 6.61 11.77 -0.21
N GLY A 104 7.13 10.71 -0.86
CA GLY A 104 6.49 10.12 -2.05
C GLY A 104 6.86 10.86 -3.33
N SER A 105 7.96 11.64 -3.29
CA SER A 105 8.43 12.48 -4.41
C SER A 105 9.50 11.72 -5.22
N TYR A 106 9.07 10.55 -5.78
CA TYR A 106 9.89 9.64 -6.62
C TYR A 106 11.08 9.03 -5.84
N TYR A 107 12.14 9.83 -5.65
CA TYR A 107 13.34 9.43 -4.89
C TYR A 107 13.15 9.76 -3.40
N GLY A 108 12.15 10.62 -3.09
CA GLY A 108 11.82 11.04 -1.73
C GLY A 108 11.24 9.90 -0.88
N ALA A 109 12.15 9.08 -0.33
CA ALA A 109 11.81 7.93 0.51
C ALA A 109 11.41 8.40 1.93
N PRO A 110 10.23 7.96 2.48
CA PRO A 110 9.74 8.36 3.84
C PRO A 110 10.70 7.98 4.97
N ASP A 111 10.62 8.73 6.09
CA ASP A 111 11.53 8.60 7.25
C ASP A 111 11.60 7.17 7.77
N TYR A 112 10.43 6.52 7.94
CA TYR A 112 10.35 5.12 8.47
C TYR A 112 9.30 4.32 7.69
N TRP A 113 9.67 3.11 7.27
CA TRP A 113 8.77 2.16 6.60
C TRP A 113 8.72 0.84 7.36
N GLY A 114 7.67 0.05 7.09
CA GLY A 114 7.42 -1.21 7.78
C GLY A 114 8.09 -2.41 7.14
N GLN A 115 7.79 -3.58 7.69
CA GLN A 115 8.30 -4.88 7.22
C GLN A 115 7.76 -5.20 5.82
N GLY A 116 6.45 -4.97 5.64
CA GLY A 116 5.76 -5.27 4.40
C GLY A 116 5.25 -6.71 4.35
N THR A 117 4.32 -6.98 3.41
CA THR A 117 3.81 -8.34 3.17
C THR A 117 3.54 -8.54 1.67
N GLN A 118 3.90 -9.72 1.15
CA GLN A 118 3.85 -10.03 -0.29
C GLN A 118 2.49 -10.64 -0.65
N VAL A 119 1.77 -9.98 -1.58
CA VAL A 119 0.50 -10.46 -2.14
C VAL A 119 0.72 -10.94 -3.59
N THR A 120 -0.01 -12.00 -3.98
CA THR A 120 0.11 -12.59 -5.32
C THR A 120 -1.26 -12.61 -6.00
N VAL A 121 -1.47 -11.71 -6.97
CA VAL A 121 -2.65 -11.73 -7.82
C VAL A 121 -2.39 -12.65 -9.04
N SER A 122 -2.94 -13.86 -8.93
CA SER A 122 -2.85 -14.91 -9.93
C SER A 122 -3.59 -14.51 -11.22
N SER A 123 -2.93 -14.75 -12.37
CA SER A 123 -3.43 -14.37 -13.70
C SER A 123 -4.63 -15.26 -14.12
N LEU A 124 -5.84 -14.84 -13.70
CA LEU A 124 -7.11 -15.50 -14.05
C LEU A 124 -8.02 -14.53 -14.83
N GLU A 125 -7.57 -14.08 -16.01
CA GLU A 125 -8.45 -13.35 -16.95
C GLU A 125 -9.35 -14.38 -17.65
N HIS A 126 -10.64 -14.10 -17.71
CA HIS A 126 -11.62 -14.97 -18.38
C HIS A 126 -12.60 -14.07 -19.14
N HIS A 127 -12.14 -13.64 -20.31
CA HIS A 127 -12.91 -12.78 -21.22
C HIS A 127 -12.42 -13.03 -22.66
N HIS A 128 -11.08 -12.94 -22.84
CA HIS A 128 -10.39 -13.18 -24.12
C HIS A 128 -10.93 -12.30 -25.26
N HIS A 129 -11.10 -11.01 -24.95
CA HIS A 129 -11.44 -9.98 -25.93
C HIS A 129 -10.80 -8.67 -25.47
N HIS A 130 -9.96 -8.09 -26.32
CA HIS A 130 -9.31 -6.79 -26.06
C HIS A 130 -10.15 -5.67 -26.71
N HIS A 131 -10.24 -4.51 -26.04
CA HIS A 131 -10.94 -3.33 -26.55
C HIS A 131 -10.05 -2.60 -27.60
N MET A 1 13.70 6.58 19.14
CA MET A 1 12.76 7.28 18.24
C MET A 1 12.77 6.60 16.86
N GLN A 2 12.02 5.50 16.75
CA GLN A 2 11.91 4.70 15.53
C GLN A 2 10.45 4.25 15.37
N LEU A 3 9.91 4.41 14.15
CA LEU A 3 8.52 4.05 13.85
C LEU A 3 8.49 2.62 13.31
N GLN A 4 7.91 1.70 14.12
CA GLN A 4 7.70 0.32 13.72
C GLN A 4 6.36 0.21 12.97
N LEU A 5 6.41 -0.34 11.74
CA LEU A 5 5.25 -0.58 10.89
C LEU A 5 5.16 -2.10 10.63
N VAL A 6 4.03 -2.73 11.02
CA VAL A 6 3.82 -4.18 10.89
C VAL A 6 2.60 -4.44 10.00
N GLU A 7 2.84 -4.82 8.74
CA GLU A 7 1.80 -5.02 7.73
C GLU A 7 1.40 -6.50 7.67
N SER A 8 0.09 -6.76 7.56
CA SER A 8 -0.48 -8.12 7.51
C SER A 8 -1.77 -8.13 6.67
N GLY A 9 -2.23 -9.33 6.30
CA GLY A 9 -3.49 -9.49 5.54
C GLY A 9 -3.26 -9.91 4.09
N GLY A 10 -1.98 -10.03 3.71
CA GLY A 10 -1.60 -10.46 2.36
C GLY A 10 -1.76 -11.96 2.15
N GLY A 11 -2.14 -12.35 0.93
CA GLY A 11 -2.33 -13.75 0.57
C GLY A 11 -2.63 -13.90 -0.91
N LEU A 12 -3.09 -15.09 -1.31
CA LEU A 12 -3.46 -15.38 -2.70
C LEU A 12 -4.91 -14.90 -3.01
N VAL A 13 -5.11 -14.42 -4.25
CA VAL A 13 -6.40 -13.92 -4.75
C VAL A 13 -6.44 -14.13 -6.28
N GLN A 14 -7.62 -14.11 -6.92
CA GLN A 14 -7.74 -14.27 -8.39
C GLN A 14 -7.72 -12.88 -9.08
N ALA A 15 -7.51 -12.87 -10.41
CA ALA A 15 -7.50 -11.64 -11.24
C ALA A 15 -8.93 -11.09 -11.39
N GLY A 16 -9.05 -9.75 -11.38
CA GLY A 16 -10.33 -9.06 -11.20
C GLY A 16 -10.74 -9.02 -9.72
N GLY A 17 -9.86 -9.56 -8.83
CA GLY A 17 -10.17 -9.75 -7.41
C GLY A 17 -9.91 -8.53 -6.55
N SER A 18 -9.98 -8.73 -5.22
CA SER A 18 -9.88 -7.67 -4.23
C SER A 18 -9.32 -8.24 -2.90
N LEU A 19 -8.57 -7.41 -2.16
CA LEU A 19 -7.94 -7.82 -0.88
C LEU A 19 -7.56 -6.57 -0.06
N ARG A 20 -7.98 -6.53 1.21
CA ARG A 20 -7.62 -5.46 2.15
C ARG A 20 -6.38 -5.86 2.96
N LEU A 21 -5.30 -5.09 2.79
CA LEU A 21 -4.11 -5.14 3.63
C LEU A 21 -4.32 -4.23 4.85
N SER A 22 -3.54 -4.47 5.90
CA SER A 22 -3.55 -3.66 7.12
C SER A 22 -2.09 -3.41 7.57
N CYS A 23 -1.91 -2.45 8.48
CA CYS A 23 -0.62 -2.12 9.09
C CYS A 23 -0.84 -1.67 10.53
N ALA A 24 0.11 -1.99 11.40
CA ALA A 24 0.05 -1.65 12.83
C ALA A 24 1.31 -0.84 13.16
N ALA A 25 1.13 0.44 13.53
CA ALA A 25 2.24 1.36 13.82
C ALA A 25 2.38 1.59 15.31
N SER A 26 3.60 1.94 15.73
CA SER A 26 3.91 2.36 17.11
C SER A 26 3.13 3.65 17.48
N GLY A 27 2.99 3.90 18.79
CA GLY A 27 2.23 5.05 19.31
C GLY A 27 3.01 6.35 19.30
N ARG A 28 3.56 6.69 18.14
CA ARG A 28 4.35 7.90 17.88
C ARG A 28 3.45 9.00 17.29
N THR A 29 4.08 10.08 16.78
CA THR A 29 3.39 11.15 16.03
C THR A 29 2.97 10.70 14.59
N PHE A 30 2.85 9.35 14.37
CA PHE A 30 2.33 8.76 13.12
C PHE A 30 0.88 9.21 12.84
N SER A 31 0.14 9.48 13.93
CA SER A 31 -1.21 10.06 13.89
C SER A 31 -1.24 11.40 13.11
N SER A 32 -0.09 12.11 13.09
CA SER A 32 0.07 13.41 12.40
C SER A 32 1.03 13.30 11.18
N TYR A 33 1.65 12.12 10.93
CA TYR A 33 2.55 11.93 9.76
C TYR A 33 1.72 11.61 8.50
N ALA A 34 1.97 12.38 7.42
CA ALA A 34 1.43 12.07 6.08
C ALA A 34 2.15 10.83 5.53
N MET A 35 1.40 9.76 5.33
CA MET A 35 1.96 8.42 5.06
C MET A 35 1.62 7.94 3.64
N GLY A 36 2.23 6.84 3.21
CA GLY A 36 1.99 6.28 1.88
C GLY A 36 2.36 4.82 1.77
N TRP A 37 1.87 4.15 0.72
CA TRP A 37 2.18 2.74 0.42
C TRP A 37 3.03 2.66 -0.87
N PHE A 38 4.04 1.79 -0.84
CA PHE A 38 4.93 1.49 -1.97
C PHE A 38 4.86 -0.02 -2.26
N ARG A 39 5.13 -0.44 -3.51
CA ARG A 39 5.06 -1.87 -3.90
C ARG A 39 6.37 -2.31 -4.53
N GLN A 40 6.60 -3.63 -4.53
CA GLN A 40 7.77 -4.26 -5.19
C GLN A 40 7.66 -5.78 -5.10
N ALA A 41 8.38 -6.50 -6.00
CA ALA A 41 8.56 -7.98 -5.95
C ALA A 41 9.28 -8.50 -7.22
N PRO A 42 8.75 -8.26 -8.48
CA PRO A 42 9.27 -8.93 -9.72
C PRO A 42 10.49 -8.20 -10.32
N GLY A 43 11.59 -8.14 -9.55
CA GLY A 43 12.81 -7.42 -9.94
C GLY A 43 12.70 -5.91 -9.69
N LYS A 44 11.50 -5.46 -9.28
CA LYS A 44 11.20 -4.03 -9.04
C LYS A 44 11.45 -3.70 -7.57
N GLU A 45 11.87 -2.45 -7.30
CA GLU A 45 12.00 -1.91 -5.93
C GLU A 45 10.79 -1.02 -5.60
N ARG A 46 10.73 -0.53 -4.34
CA ARG A 46 9.57 0.20 -3.80
C ARG A 46 9.29 1.48 -4.60
N GLU A 47 8.21 1.43 -5.39
CA GLU A 47 7.75 2.51 -6.27
C GLU A 47 6.48 3.14 -5.69
N PHE A 48 6.25 4.42 -6.01
CA PHE A 48 5.05 5.17 -5.60
C PHE A 48 3.77 4.47 -6.10
N VAL A 49 2.98 3.98 -5.15
CA VAL A 49 1.64 3.44 -5.42
C VAL A 49 0.62 4.52 -5.10
N ALA A 50 0.62 4.94 -3.83
CA ALA A 50 -0.35 5.88 -3.29
C ALA A 50 0.16 6.50 -1.98
N VAL A 51 -0.35 7.69 -1.66
CA VAL A 51 -0.05 8.42 -0.41
C VAL A 51 -1.37 8.97 0.14
N VAL A 52 -1.59 8.88 1.45
CA VAL A 52 -2.77 9.44 2.10
C VAL A 52 -2.33 10.46 3.16
N ASN A 53 -3.15 11.50 3.36
CA ASN A 53 -3.01 12.41 4.49
C ASN A 53 -3.48 11.68 5.76
N TRP A 54 -2.77 11.94 6.87
CA TRP A 54 -3.06 11.35 8.19
C TRP A 54 -4.54 11.53 8.62
N SER A 55 -5.10 12.73 8.36
CA SER A 55 -6.51 13.06 8.71
C SER A 55 -7.50 12.52 7.66
N GLY A 56 -6.95 12.03 6.52
CA GLY A 56 -7.78 11.58 5.41
C GLY A 56 -8.30 12.73 4.55
N ARG A 57 -7.65 13.90 4.67
CA ARG A 57 -8.01 15.12 3.94
C ARG A 57 -7.74 14.94 2.42
N ARG A 58 -6.46 14.80 2.08
CA ARG A 58 -6.02 14.65 0.68
C ARG A 58 -5.42 13.26 0.45
N THR A 59 -5.93 12.58 -0.57
CA THR A 59 -5.43 11.27 -1.00
C THR A 59 -4.70 11.45 -2.34
N TYR A 60 -3.71 10.58 -2.59
CA TYR A 60 -2.81 10.64 -3.76
C TYR A 60 -2.72 9.23 -4.34
N TYR A 61 -2.93 9.08 -5.65
CA TYR A 61 -2.88 7.77 -6.33
C TYR A 61 -2.16 7.90 -7.66
N ALA A 62 -1.38 6.87 -8.00
CA ALA A 62 -0.91 6.65 -9.37
C ALA A 62 -2.11 6.15 -10.20
N ASP A 63 -2.21 6.59 -11.47
CA ASP A 63 -3.33 6.23 -12.38
C ASP A 63 -3.49 4.70 -12.54
N SER A 64 -2.38 3.98 -12.32
CA SER A 64 -2.31 2.51 -12.35
C SER A 64 -3.24 1.86 -11.30
N VAL A 65 -3.26 2.46 -10.11
CA VAL A 65 -3.96 1.90 -8.92
C VAL A 65 -5.13 2.82 -8.47
N LYS A 66 -5.35 3.91 -9.22
CA LYS A 66 -6.32 4.96 -8.86
C LYS A 66 -7.77 4.44 -8.90
N GLY A 67 -8.50 4.60 -7.79
CA GLY A 67 -9.93 4.28 -7.69
C GLY A 67 -10.23 2.83 -7.33
N ARG A 68 -9.30 1.92 -7.65
CA ARG A 68 -9.39 0.49 -7.29
C ARG A 68 -8.65 0.22 -5.97
N PHE A 69 -7.60 1.02 -5.70
CA PHE A 69 -6.92 1.04 -4.40
C PHE A 69 -7.48 2.22 -3.57
N THR A 70 -7.56 2.03 -2.25
CA THR A 70 -8.04 3.05 -1.30
C THR A 70 -7.32 2.84 0.03
N ILE A 71 -6.75 3.91 0.62
CA ILE A 71 -6.09 3.85 1.93
C ILE A 71 -7.04 4.43 2.99
N SER A 72 -7.17 3.71 4.10
CA SER A 72 -7.92 4.14 5.29
C SER A 72 -6.97 4.06 6.49
N ARG A 73 -7.17 4.89 7.54
CA ARG A 73 -6.36 4.80 8.77
C ARG A 73 -7.11 5.34 9.99
N ASP A 74 -6.97 4.62 11.11
CA ASP A 74 -7.36 5.09 12.44
C ASP A 74 -6.12 5.71 13.10
N ASN A 75 -6.12 7.04 13.24
CA ASN A 75 -5.00 7.79 13.88
C ASN A 75 -4.90 7.43 15.37
N ALA A 76 -6.07 7.24 16.02
CA ALA A 76 -6.15 6.90 17.46
C ALA A 76 -5.47 5.55 17.77
N LYS A 77 -5.61 4.60 16.84
CA LYS A 77 -5.01 3.25 16.96
C LYS A 77 -3.65 3.17 16.26
N ASN A 78 -3.36 4.15 15.37
CA ASN A 78 -2.17 4.17 14.49
C ASN A 78 -2.18 2.94 13.53
N THR A 79 -3.38 2.54 13.10
CA THR A 79 -3.58 1.35 12.26
C THR A 79 -4.07 1.77 10.86
N VAL A 80 -3.43 1.22 9.82
CA VAL A 80 -3.68 1.60 8.41
C VAL A 80 -4.30 0.40 7.66
N TYR A 81 -4.94 0.66 6.50
CA TYR A 81 -5.62 -0.35 5.68
C TYR A 81 -5.42 -0.01 4.19
N LEU A 82 -4.73 -0.87 3.43
CA LEU A 82 -4.58 -0.67 1.97
C LEU A 82 -5.56 -1.63 1.26
N GLN A 83 -6.71 -1.09 0.89
CA GLN A 83 -7.78 -1.84 0.21
C GLN A 83 -7.49 -1.90 -1.29
N MET A 84 -7.54 -3.10 -1.87
CA MET A 84 -7.30 -3.31 -3.31
C MET A 84 -8.56 -3.87 -3.97
N ASN A 85 -8.75 -3.52 -5.26
CA ASN A 85 -9.84 -4.04 -6.11
C ASN A 85 -9.34 -4.16 -7.56
N SER A 86 -10.04 -4.99 -8.37
CA SER A 86 -9.84 -5.11 -9.83
C SER A 86 -8.37 -5.44 -10.16
N LEU A 87 -7.85 -6.43 -9.43
CA LEU A 87 -6.43 -6.79 -9.45
C LEU A 87 -6.03 -7.50 -10.76
N LYS A 88 -5.16 -6.85 -11.53
CA LYS A 88 -4.44 -7.45 -12.66
C LYS A 88 -3.48 -8.53 -12.13
N PRO A 89 -3.15 -9.59 -12.94
CA PRO A 89 -2.16 -10.65 -12.56
C PRO A 89 -0.75 -10.08 -12.21
N GLU A 90 -0.47 -8.88 -12.73
CA GLU A 90 0.81 -8.16 -12.53
C GLU A 90 0.79 -7.29 -11.25
N ASP A 91 -0.27 -7.41 -10.43
CA ASP A 91 -0.34 -6.73 -9.11
C ASP A 91 0.29 -7.62 -7.99
N THR A 92 0.82 -8.81 -8.38
CA THR A 92 1.56 -9.71 -7.46
C THR A 92 2.82 -9.00 -6.93
N ALA A 93 2.75 -8.53 -5.66
CA ALA A 93 3.79 -7.69 -5.07
C ALA A 93 3.57 -7.52 -3.57
N VAL A 94 4.68 -7.31 -2.83
CA VAL A 94 4.66 -6.95 -1.41
C VAL A 94 4.41 -5.44 -1.26
N TYR A 95 3.42 -5.10 -0.41
CA TYR A 95 3.07 -3.70 -0.11
C TYR A 95 3.66 -3.29 1.23
N ASN A 96 4.47 -2.22 1.19
CA ASN A 96 5.08 -1.65 2.38
C ASN A 96 4.35 -0.36 2.75
N CYS A 97 4.03 -0.24 4.03
CA CYS A 97 3.50 0.99 4.63
C CYS A 97 4.69 1.88 4.95
N ALA A 98 4.53 3.17 4.74
CA ALA A 98 5.61 4.16 4.87
C ALA A 98 5.05 5.46 5.45
N ALA A 99 5.95 6.29 5.98
CA ALA A 99 5.60 7.63 6.50
C ALA A 99 6.72 8.60 6.16
N GLY A 100 6.36 9.87 5.90
CA GLY A 100 7.33 10.88 5.53
C GLY A 100 6.85 12.29 5.83
N LYS A 101 7.81 13.20 6.03
CA LYS A 101 7.54 14.64 6.20
C LYS A 101 7.60 15.32 4.82
N TRP A 102 6.42 15.68 4.30
CA TRP A 102 6.24 16.19 2.92
C TRP A 102 6.42 17.71 2.84
N ASP A 103 7.54 18.20 3.40
CA ASP A 103 8.01 19.59 3.19
C ASP A 103 8.71 19.67 1.83
N GLY A 104 9.35 18.54 1.43
CA GLY A 104 9.95 18.38 0.11
C GLY A 104 9.17 17.37 -0.73
N SER A 105 9.28 17.49 -2.07
CA SER A 105 8.59 16.60 -3.02
C SER A 105 9.39 15.31 -3.26
N TYR A 106 9.13 14.29 -2.41
CA TYR A 106 9.79 12.97 -2.49
C TYR A 106 8.97 12.02 -3.34
N TYR A 107 9.41 11.80 -4.59
CA TYR A 107 8.78 10.84 -5.51
C TYR A 107 9.33 9.39 -5.25
N GLY A 108 10.22 9.29 -4.24
CA GLY A 108 10.76 8.03 -3.76
C GLY A 108 11.62 8.24 -2.53
N ALA A 109 11.86 7.15 -1.77
CA ALA A 109 12.63 7.15 -0.51
C ALA A 109 11.93 7.98 0.59
N PRO A 110 11.07 7.33 1.46
CA PRO A 110 10.42 8.02 2.61
C PRO A 110 11.36 8.09 3.85
N ASP A 111 10.85 8.69 4.95
CA ASP A 111 11.56 8.74 6.24
C ASP A 111 11.51 7.38 6.93
N TYR A 112 10.31 6.76 6.88
CA TYR A 112 10.02 5.48 7.52
C TYR A 112 9.35 4.56 6.51
N TRP A 113 9.58 3.26 6.67
CA TRP A 113 9.00 2.20 5.84
C TRP A 113 8.81 0.95 6.71
N GLY A 114 7.93 0.07 6.28
CA GLY A 114 7.59 -1.14 7.02
C GLY A 114 8.26 -2.38 6.49
N GLN A 115 7.82 -3.52 7.03
CA GLN A 115 8.38 -4.84 6.73
C GLN A 115 7.77 -5.40 5.42
N GLY A 116 6.45 -5.17 5.25
CA GLY A 116 5.73 -5.53 4.03
C GLY A 116 4.66 -6.59 4.25
N THR A 117 3.77 -6.73 3.24
CA THR A 117 2.74 -7.78 3.18
C THR A 117 2.56 -8.26 1.70
N GLN A 118 3.04 -9.48 1.40
CA GLN A 118 3.05 -10.05 0.03
C GLN A 118 1.66 -10.53 -0.38
N VAL A 119 1.21 -10.11 -1.56
CA VAL A 119 -0.01 -10.62 -2.21
C VAL A 119 0.39 -11.33 -3.52
N THR A 120 -0.34 -12.41 -3.85
CA THR A 120 -0.13 -13.16 -5.09
C THR A 120 -1.47 -13.29 -5.81
N VAL A 121 -1.63 -12.55 -6.90
CA VAL A 121 -2.86 -12.54 -7.71
C VAL A 121 -2.70 -13.49 -8.91
N SER A 122 -3.38 -14.64 -8.80
CA SER A 122 -3.45 -15.67 -9.84
C SER A 122 -4.10 -15.11 -11.12
N SER A 123 -3.46 -15.38 -12.26
CA SER A 123 -3.84 -14.82 -13.57
C SER A 123 -5.15 -15.41 -14.10
N LEU A 124 -6.03 -14.53 -14.62
CA LEU A 124 -7.29 -14.91 -15.30
C LEU A 124 -6.97 -15.65 -16.63
N GLU A 125 -5.71 -15.49 -17.09
CA GLU A 125 -5.15 -16.23 -18.23
C GLU A 125 -5.21 -17.74 -17.98
N HIS A 126 -4.82 -18.13 -16.75
CA HIS A 126 -4.66 -19.54 -16.35
C HIS A 126 -5.75 -19.93 -15.32
N HIS A 127 -6.81 -20.60 -15.81
CA HIS A 127 -7.92 -21.08 -14.96
C HIS A 127 -7.63 -22.48 -14.40
N HIS A 128 -6.73 -23.23 -15.07
CA HIS A 128 -6.31 -24.57 -14.60
C HIS A 128 -5.35 -24.41 -13.42
N HIS A 129 -5.90 -24.46 -12.20
CA HIS A 129 -5.14 -24.38 -10.94
C HIS A 129 -5.44 -25.62 -10.08
N HIS A 130 -4.54 -26.61 -10.19
CA HIS A 130 -4.66 -27.90 -9.48
C HIS A 130 -4.12 -27.79 -8.04
N HIS A 131 -4.86 -28.39 -7.10
CA HIS A 131 -4.43 -28.57 -5.71
C HIS A 131 -4.02 -30.05 -5.52
N MET A 1 11.96 7.64 18.96
CA MET A 1 12.38 7.56 17.53
C MET A 1 11.92 6.22 16.93
N GLN A 2 11.88 6.17 15.58
CA GLN A 2 11.45 4.99 14.78
C GLN A 2 9.95 4.69 14.95
N LEU A 3 9.26 4.46 13.82
CA LEU A 3 7.85 4.11 13.78
C LEU A 3 7.72 2.64 13.34
N GLN A 4 7.27 1.79 14.27
CA GLN A 4 7.11 0.37 14.01
C GLN A 4 5.78 0.11 13.30
N LEU A 5 5.87 -0.15 11.98
CA LEU A 5 4.73 -0.47 11.12
C LEU A 5 4.64 -1.99 10.95
N VAL A 6 3.45 -2.54 11.20
CA VAL A 6 3.16 -3.98 11.06
C VAL A 6 2.05 -4.18 10.03
N GLU A 7 2.45 -4.59 8.81
CA GLU A 7 1.51 -4.81 7.70
C GLU A 7 1.03 -6.26 7.68
N SER A 8 -0.20 -6.48 7.19
CA SER A 8 -0.86 -7.80 7.16
C SER A 8 -1.91 -7.83 6.04
N GLY A 9 -2.44 -9.03 5.76
CA GLY A 9 -3.44 -9.24 4.69
C GLY A 9 -2.85 -9.89 3.44
N GLY A 10 -1.54 -10.17 3.47
CA GLY A 10 -0.81 -10.72 2.33
C GLY A 10 -1.15 -12.19 2.07
N GLY A 11 -2.20 -12.42 1.26
CA GLY A 11 -2.65 -13.77 0.89
C GLY A 11 -2.79 -13.94 -0.61
N LEU A 12 -3.35 -15.10 -1.03
CA LEU A 12 -3.57 -15.42 -2.45
C LEU A 12 -4.96 -14.89 -2.91
N VAL A 13 -4.98 -14.34 -4.13
CA VAL A 13 -6.20 -13.77 -4.77
C VAL A 13 -6.05 -13.88 -6.30
N GLN A 14 -7.15 -13.95 -7.05
CA GLN A 14 -7.12 -14.05 -8.53
C GLN A 14 -7.20 -12.65 -9.17
N ALA A 15 -6.78 -12.57 -10.44
CA ALA A 15 -6.71 -11.31 -11.21
C ALA A 15 -8.11 -10.77 -11.49
N GLY A 16 -8.36 -9.52 -11.08
CA GLY A 16 -9.69 -8.89 -11.16
C GLY A 16 -10.39 -8.85 -9.81
N GLY A 17 -9.81 -9.56 -8.82
CA GLY A 17 -10.37 -9.67 -7.48
C GLY A 17 -9.97 -8.51 -6.57
N SER A 18 -10.48 -8.56 -5.33
CA SER A 18 -10.21 -7.54 -4.30
C SER A 18 -9.42 -8.17 -3.12
N LEU A 19 -8.80 -7.30 -2.31
CA LEU A 19 -8.01 -7.71 -1.13
C LEU A 19 -7.85 -6.53 -0.16
N ARG A 20 -8.23 -6.74 1.12
CA ARG A 20 -8.05 -5.72 2.17
C ARG A 20 -6.74 -5.99 2.94
N LEU A 21 -5.90 -4.95 3.00
CA LEU A 21 -4.63 -4.95 3.74
C LEU A 21 -4.80 -4.09 4.99
N SER A 22 -3.93 -4.29 5.98
CA SER A 22 -3.89 -3.47 7.19
C SER A 22 -2.45 -3.20 7.60
N CYS A 23 -2.25 -2.15 8.40
CA CYS A 23 -0.96 -1.78 9.00
C CYS A 23 -1.22 -1.09 10.33
N ALA A 24 -0.49 -1.47 11.39
CA ALA A 24 -0.60 -0.83 12.71
C ALA A 24 0.72 -0.14 13.06
N ALA A 25 0.65 1.13 13.49
CA ALA A 25 1.83 1.93 13.82
C ALA A 25 1.98 2.09 15.34
N SER A 26 3.22 1.97 15.82
CA SER A 26 3.57 2.12 17.25
C SER A 26 4.96 2.79 17.38
N GLY A 27 5.32 3.19 18.61
CA GLY A 27 6.62 3.83 18.89
C GLY A 27 6.56 5.34 18.69
N ARG A 28 6.73 5.76 17.43
CA ARG A 28 6.63 7.18 17.02
C ARG A 28 5.15 7.55 16.82
N THR A 29 4.83 8.85 16.95
CA THR A 29 3.48 9.37 16.70
C THR A 29 3.25 9.51 15.18
N PHE A 30 2.61 8.47 14.59
CA PHE A 30 2.24 8.43 13.16
C PHE A 30 1.22 9.54 12.81
N SER A 31 0.51 10.05 13.84
CA SER A 31 -0.47 11.15 13.69
C SER A 31 0.19 12.48 13.25
N SER A 32 1.53 12.53 13.20
CA SER A 32 2.29 13.71 12.73
C SER A 32 2.96 13.43 11.35
N TYR A 33 2.69 12.25 10.77
CA TYR A 33 3.37 11.76 9.55
C TYR A 33 2.36 11.16 8.55
N ALA A 34 2.60 11.44 7.26
CA ALA A 34 1.82 10.86 6.14
C ALA A 34 2.36 9.45 5.82
N MET A 35 1.59 8.66 5.06
CA MET A 35 1.96 7.28 4.71
C MET A 35 1.64 7.01 3.24
N GLY A 36 2.34 6.03 2.64
CA GLY A 36 2.03 5.55 1.30
C GLY A 36 2.32 4.08 1.15
N TRP A 37 1.52 3.39 0.33
CA TRP A 37 1.75 1.98 -0.03
C TRP A 37 2.50 1.96 -1.37
N PHE A 38 3.59 1.18 -1.40
CA PHE A 38 4.45 1.01 -2.58
C PHE A 38 4.63 -0.50 -2.82
N ARG A 39 4.64 -0.94 -4.10
CA ARG A 39 4.78 -2.37 -4.45
C ARG A 39 6.18 -2.64 -5.00
N GLN A 40 6.74 -3.82 -4.66
CA GLN A 40 8.04 -4.27 -5.17
C GLN A 40 8.25 -5.76 -4.85
N ALA A 41 8.96 -6.49 -5.75
CA ALA A 41 9.43 -7.88 -5.52
C ALA A 41 10.12 -8.45 -6.80
N PRO A 42 9.40 -8.57 -7.99
CA PRO A 42 9.94 -9.27 -9.18
C PRO A 42 10.78 -8.34 -10.07
N GLY A 43 11.99 -7.99 -9.58
CA GLY A 43 12.88 -7.05 -10.25
C GLY A 43 12.42 -5.59 -10.14
N LYS A 44 11.31 -5.38 -9.41
CA LYS A 44 10.70 -4.05 -9.25
C LYS A 44 11.14 -3.45 -7.90
N GLU A 45 11.43 -2.14 -7.91
CA GLU A 45 11.69 -1.36 -6.69
C GLU A 45 10.38 -0.70 -6.21
N ARG A 46 10.42 -0.01 -5.06
CA ARG A 46 9.22 0.69 -4.50
C ARG A 46 8.73 1.77 -5.49
N GLU A 47 7.62 1.47 -6.17
CA GLU A 47 6.99 2.39 -7.13
C GLU A 47 5.68 2.93 -6.52
N PHE A 48 5.34 4.18 -6.90
CA PHE A 48 4.17 4.90 -6.37
C PHE A 48 2.86 4.18 -6.72
N VAL A 49 2.20 3.62 -5.70
CA VAL A 49 0.85 3.08 -5.81
C VAL A 49 -0.14 4.15 -5.33
N ALA A 50 -0.08 4.48 -4.03
CA ALA A 50 -1.01 5.46 -3.42
C ALA A 50 -0.48 5.98 -2.07
N VAL A 51 -0.57 7.32 -1.85
CA VAL A 51 -0.16 7.99 -0.59
C VAL A 51 -1.38 8.75 0.00
N VAL A 52 -1.42 8.89 1.33
CA VAL A 52 -2.48 9.60 2.07
C VAL A 52 -1.85 10.33 3.27
N ASN A 53 -2.57 11.29 3.86
CA ASN A 53 -2.18 11.92 5.13
C ASN A 53 -2.67 11.07 6.33
N TRP A 54 -2.11 11.37 7.51
CA TRP A 54 -2.41 10.69 8.79
C TRP A 54 -3.92 10.63 9.13
N SER A 55 -4.63 11.76 8.91
CA SER A 55 -6.09 11.86 9.13
C SER A 55 -6.88 11.62 7.83
N GLY A 56 -6.16 11.49 6.71
CA GLY A 56 -6.80 11.40 5.39
C GLY A 56 -7.08 12.77 4.78
N ARG A 57 -6.36 13.79 5.29
CA ARG A 57 -6.52 15.20 4.89
C ARG A 57 -6.31 15.41 3.38
N ARG A 58 -5.30 14.71 2.83
CA ARG A 58 -4.99 14.72 1.39
C ARG A 58 -4.80 13.27 0.91
N THR A 59 -5.34 12.97 -0.28
CA THR A 59 -5.24 11.64 -0.92
C THR A 59 -4.48 11.75 -2.25
N TYR A 60 -3.66 10.74 -2.52
CA TYR A 60 -2.81 10.64 -3.72
C TYR A 60 -2.93 9.20 -4.25
N TYR A 61 -3.29 9.05 -5.52
CA TYR A 61 -3.39 7.74 -6.18
C TYR A 61 -2.78 7.82 -7.57
N ALA A 62 -2.11 6.74 -7.99
CA ALA A 62 -1.77 6.51 -9.39
C ALA A 62 -3.09 6.30 -10.15
N ASP A 63 -3.30 7.00 -11.29
CA ASP A 63 -4.61 7.03 -12.00
C ASP A 63 -5.11 5.61 -12.39
N SER A 64 -4.15 4.69 -12.57
CA SER A 64 -4.42 3.27 -12.86
C SER A 64 -5.08 2.57 -11.67
N VAL A 65 -4.58 2.85 -10.45
CA VAL A 65 -5.12 2.27 -9.20
C VAL A 65 -6.22 3.18 -8.58
N LYS A 66 -6.39 4.38 -9.13
CA LYS A 66 -7.39 5.35 -8.64
C LYS A 66 -8.79 4.92 -9.10
N GLY A 67 -9.65 4.60 -8.13
CA GLY A 67 -11.01 4.10 -8.40
C GLY A 67 -11.14 2.61 -8.13
N ARG A 68 -10.01 1.89 -8.01
CA ARG A 68 -9.99 0.45 -7.66
C ARG A 68 -9.27 0.25 -6.30
N PHE A 69 -8.41 1.20 -5.92
CA PHE A 69 -7.73 1.23 -4.61
C PHE A 69 -8.28 2.41 -3.80
N THR A 70 -8.40 2.22 -2.47
CA THR A 70 -8.86 3.24 -1.53
C THR A 70 -8.10 3.08 -0.21
N ILE A 71 -7.55 4.20 0.30
CA ILE A 71 -6.82 4.22 1.58
C ILE A 71 -7.75 4.78 2.65
N SER A 72 -7.92 4.03 3.74
CA SER A 72 -8.78 4.41 4.87
C SER A 72 -8.05 4.08 6.16
N ARG A 73 -8.09 4.99 7.14
CA ARG A 73 -7.26 4.90 8.35
C ARG A 73 -7.93 5.56 9.56
N ASP A 74 -7.55 5.07 10.75
CA ASP A 74 -7.91 5.65 12.03
C ASP A 74 -6.65 6.33 12.60
N ASN A 75 -6.68 7.66 12.66
CA ASN A 75 -5.52 8.48 13.04
C ASN A 75 -5.19 8.35 14.56
N ALA A 76 -6.22 8.10 15.39
CA ALA A 76 -6.07 8.02 16.86
C ALA A 76 -5.40 6.71 17.29
N LYS A 77 -5.63 5.63 16.52
CA LYS A 77 -5.01 4.31 16.75
C LYS A 77 -3.79 4.12 15.85
N ASN A 78 -3.56 5.10 14.94
CA ASN A 78 -2.40 5.13 14.04
C ASN A 78 -2.40 3.88 13.11
N THR A 79 -3.60 3.39 12.77
CA THR A 79 -3.80 2.15 12.02
C THR A 79 -4.40 2.47 10.63
N VAL A 80 -3.81 1.87 9.58
CA VAL A 80 -4.23 2.07 8.19
C VAL A 80 -4.79 0.75 7.61
N TYR A 81 -5.66 0.88 6.60
CA TYR A 81 -6.22 -0.23 5.81
C TYR A 81 -6.16 0.17 4.33
N LEU A 82 -5.92 -0.80 3.44
CA LEU A 82 -5.85 -0.56 1.99
C LEU A 82 -6.82 -1.50 1.26
N GLN A 83 -7.91 -0.93 0.76
CA GLN A 83 -8.93 -1.64 -0.01
C GLN A 83 -8.47 -1.75 -1.47
N MET A 84 -7.97 -2.93 -1.86
CA MET A 84 -7.60 -3.24 -3.25
C MET A 84 -8.79 -3.83 -3.99
N ASN A 85 -8.90 -3.50 -5.28
CA ASN A 85 -9.85 -4.11 -6.22
C ASN A 85 -9.17 -4.18 -7.59
N SER A 86 -9.57 -5.15 -8.44
CA SER A 86 -9.12 -5.27 -9.85
C SER A 86 -7.58 -5.42 -9.95
N LEU A 87 -7.04 -6.31 -9.11
CA LEU A 87 -5.61 -6.62 -9.05
C LEU A 87 -5.16 -7.33 -10.35
N LYS A 88 -4.12 -6.80 -11.02
CA LYS A 88 -3.49 -7.46 -12.18
C LYS A 88 -2.53 -8.55 -11.66
N PRO A 89 -2.20 -9.61 -12.47
CA PRO A 89 -1.24 -10.68 -12.05
C PRO A 89 0.18 -10.14 -11.70
N GLU A 90 0.51 -8.94 -12.23
CA GLU A 90 1.81 -8.28 -11.99
C GLU A 90 1.86 -7.62 -10.59
N ASP A 91 0.68 -7.39 -9.98
CA ASP A 91 0.57 -6.80 -8.62
C ASP A 91 1.13 -7.75 -7.52
N THR A 92 1.44 -9.02 -7.93
CA THR A 92 2.16 -9.99 -7.08
C THR A 92 3.52 -9.40 -6.64
N ALA A 93 3.55 -8.93 -5.40
CA ALA A 93 4.67 -8.18 -4.84
C ALA A 93 4.44 -7.94 -3.35
N VAL A 94 5.49 -7.59 -2.62
CA VAL A 94 5.36 -7.15 -1.24
C VAL A 94 5.07 -5.64 -1.21
N TYR A 95 3.90 -5.29 -0.66
CA TYR A 95 3.49 -3.90 -0.45
C TYR A 95 4.02 -3.43 0.91
N ASN A 96 4.91 -2.45 0.86
CA ASN A 96 5.53 -1.88 2.06
C ASN A 96 4.84 -0.55 2.37
N CYS A 97 4.47 -0.39 3.62
CA CYS A 97 3.90 0.84 4.17
C CYS A 97 5.07 1.76 4.53
N ALA A 98 5.26 2.80 3.72
CA ALA A 98 6.34 3.77 3.89
C ALA A 98 5.74 5.07 4.44
N ALA A 99 6.11 5.38 5.69
CA ALA A 99 5.59 6.55 6.42
C ALA A 99 6.68 7.62 6.54
N GLY A 100 6.27 8.80 6.98
CA GLY A 100 7.14 9.95 7.09
C GLY A 100 6.44 11.20 6.62
N LYS A 101 7.06 12.36 6.81
CA LYS A 101 6.46 13.63 6.43
C LYS A 101 6.68 13.80 4.91
N TRP A 102 5.70 13.34 4.11
CA TRP A 102 5.72 13.48 2.64
C TRP A 102 5.29 14.91 2.29
N ASP A 103 6.28 15.79 2.10
CA ASP A 103 6.05 17.23 1.87
C ASP A 103 7.20 17.81 1.04
N GLY A 104 6.97 17.93 -0.28
CA GLY A 104 7.95 18.51 -1.21
C GLY A 104 8.13 17.69 -2.47
N SER A 105 9.00 18.19 -3.38
CA SER A 105 9.22 17.62 -4.72
C SER A 105 10.14 16.36 -4.71
N TYR A 106 10.54 15.90 -3.50
CA TYR A 106 11.45 14.77 -3.34
C TYR A 106 10.72 13.43 -3.61
N TYR A 107 9.62 13.19 -2.84
CA TYR A 107 8.73 11.99 -2.99
C TYR A 107 9.49 10.65 -2.91
N GLY A 108 10.65 10.65 -2.24
CA GLY A 108 11.51 9.47 -2.12
C GLY A 108 12.25 9.44 -0.80
N ALA A 109 12.76 8.25 -0.44
CA ALA A 109 13.47 8.01 0.84
C ALA A 109 12.55 8.35 2.05
N PRO A 110 11.62 7.40 2.44
CA PRO A 110 10.69 7.62 3.58
C PRO A 110 11.44 7.69 4.92
N ASP A 111 10.94 8.50 5.86
CA ASP A 111 11.50 8.60 7.23
C ASP A 111 11.38 7.25 7.94
N TYR A 112 10.24 6.57 7.71
CA TYR A 112 9.91 5.28 8.33
C TYR A 112 9.38 4.34 7.25
N TRP A 113 9.54 3.03 7.48
CA TRP A 113 9.00 1.98 6.61
C TRP A 113 8.77 0.72 7.45
N GLY A 114 7.81 -0.11 7.04
CA GLY A 114 7.44 -1.30 7.80
C GLY A 114 8.15 -2.56 7.34
N GLN A 115 7.55 -3.71 7.69
CA GLN A 115 8.07 -5.04 7.38
C GLN A 115 7.58 -5.52 6.00
N GLY A 116 6.43 -5.00 5.57
CA GLY A 116 5.82 -5.36 4.29
C GLY A 116 4.76 -6.46 4.43
N THR A 117 3.85 -6.52 3.44
CA THR A 117 2.82 -7.56 3.33
C THR A 117 2.85 -8.12 1.88
N GLN A 118 3.34 -9.36 1.72
CA GLN A 118 3.53 -9.98 0.40
C GLN A 118 2.21 -10.54 -0.10
N VAL A 119 1.60 -9.85 -1.08
CA VAL A 119 0.37 -10.31 -1.73
C VAL A 119 0.74 -11.12 -2.99
N THR A 120 -0.03 -12.19 -3.26
CA THR A 120 0.15 -13.01 -4.45
C THR A 120 -1.17 -13.06 -5.23
N VAL A 121 -1.18 -12.43 -6.40
CA VAL A 121 -2.35 -12.40 -7.29
C VAL A 121 -2.04 -13.18 -8.58
N SER A 122 -2.66 -14.36 -8.69
CA SER A 122 -2.53 -15.23 -9.86
C SER A 122 -3.44 -14.72 -10.99
N SER A 123 -2.98 -14.87 -12.24
CA SER A 123 -3.75 -14.48 -13.43
C SER A 123 -5.05 -15.30 -13.55
N LEU A 124 -6.10 -14.70 -14.16
CA LEU A 124 -7.37 -15.39 -14.40
C LEU A 124 -7.16 -16.54 -15.40
N GLU A 125 -6.78 -17.71 -14.83
CA GLU A 125 -6.30 -18.90 -15.56
C GLU A 125 -5.03 -18.58 -16.38
N HIS A 126 -4.58 -19.54 -17.19
CA HIS A 126 -3.48 -19.33 -18.16
C HIS A 126 -4.11 -18.87 -19.50
N HIS A 127 -4.83 -17.73 -19.41
CA HIS A 127 -5.74 -17.24 -20.47
C HIS A 127 -5.16 -15.99 -21.18
N HIS A 128 -3.96 -15.55 -20.75
CA HIS A 128 -3.27 -14.36 -21.31
C HIS A 128 -1.78 -14.66 -21.48
N HIS A 129 -1.17 -14.17 -22.57
CA HIS A 129 0.22 -14.51 -22.94
C HIS A 129 0.85 -13.41 -23.82
N HIS A 130 0.65 -12.14 -23.40
CA HIS A 130 1.14 -10.92 -24.12
C HIS A 130 0.35 -10.69 -25.43
N HIS A 131 0.15 -9.42 -25.82
CA HIS A 131 -0.56 -9.05 -27.05
C HIS A 131 0.34 -9.26 -28.30
N MET A 1 11.90 7.29 20.58
CA MET A 1 10.51 6.91 20.21
C MET A 1 10.42 6.89 18.69
N GLN A 2 10.47 5.69 18.10
CA GLN A 2 10.33 5.49 16.65
C GLN A 2 8.92 4.92 16.34
N LEU A 3 8.52 5.00 15.08
CA LEU A 3 7.24 4.47 14.61
C LEU A 3 7.43 3.02 14.15
N GLN A 4 6.85 2.09 14.92
CA GLN A 4 6.81 0.66 14.59
C GLN A 4 5.61 0.41 13.64
N LEU A 5 5.91 0.21 12.36
CA LEU A 5 4.91 -0.13 11.34
C LEU A 5 4.86 -1.66 11.16
N VAL A 6 3.77 -2.27 11.63
CA VAL A 6 3.52 -3.71 11.51
C VAL A 6 2.61 -3.91 10.29
N GLU A 7 3.22 -4.31 9.18
CA GLU A 7 2.54 -4.32 7.87
C GLU A 7 2.39 -5.78 7.42
N SER A 8 1.13 -6.24 7.39
CA SER A 8 0.74 -7.61 7.03
C SER A 8 -0.72 -7.62 6.54
N GLY A 9 -1.06 -8.61 5.70
CA GLY A 9 -2.43 -8.76 5.17
C GLY A 9 -2.44 -9.35 3.77
N GLY A 10 -1.25 -9.51 3.18
CA GLY A 10 -1.09 -10.05 1.83
C GLY A 10 -1.18 -11.57 1.81
N GLY A 11 -1.75 -12.10 0.72
CA GLY A 11 -1.96 -13.54 0.53
C GLY A 11 -2.53 -13.83 -0.84
N LEU A 12 -3.06 -15.04 -1.05
CA LEU A 12 -3.65 -15.45 -2.34
C LEU A 12 -5.07 -14.87 -2.51
N VAL A 13 -5.33 -14.37 -3.73
CA VAL A 13 -6.61 -13.77 -4.14
C VAL A 13 -6.77 -13.98 -5.66
N GLN A 14 -8.00 -14.19 -6.15
CA GLN A 14 -8.25 -14.42 -7.60
C GLN A 14 -8.29 -13.08 -8.36
N ALA A 15 -8.07 -13.13 -9.68
CA ALA A 15 -8.15 -11.97 -10.58
C ALA A 15 -9.61 -11.45 -10.65
N GLY A 16 -9.79 -10.15 -10.36
CA GLY A 16 -11.11 -9.54 -10.23
C GLY A 16 -11.60 -9.51 -8.79
N GLY A 17 -10.76 -10.01 -7.86
CA GLY A 17 -11.09 -10.08 -6.43
C GLY A 17 -10.56 -8.90 -5.63
N SER A 18 -10.74 -8.97 -4.30
CA SER A 18 -10.33 -7.93 -3.35
C SER A 18 -9.41 -8.52 -2.27
N LEU A 19 -8.47 -7.70 -1.79
CA LEU A 19 -7.52 -8.07 -0.72
C LEU A 19 -7.09 -6.80 0.03
N ARG A 20 -7.13 -6.84 1.36
CA ARG A 20 -6.82 -5.68 2.21
C ARG A 20 -5.53 -5.91 2.99
N LEU A 21 -4.60 -4.95 2.89
CA LEU A 21 -3.38 -4.91 3.70
C LEU A 21 -3.64 -4.05 4.96
N SER A 22 -2.87 -4.26 6.02
CA SER A 22 -3.07 -3.53 7.28
C SER A 22 -1.71 -3.20 7.92
N CYS A 23 -1.49 -1.90 8.21
CA CYS A 23 -0.27 -1.41 8.84
C CYS A 23 -0.59 -0.79 10.22
N ALA A 24 -0.28 -1.54 11.30
CA ALA A 24 -0.49 -1.07 12.68
C ALA A 24 0.71 -0.21 13.11
N ALA A 25 0.43 1.04 13.49
CA ALA A 25 1.45 2.06 13.76
C ALA A 25 1.56 2.27 15.29
N SER A 26 2.78 2.11 15.82
CA SER A 26 3.04 2.09 17.28
C SER A 26 4.22 3.03 17.64
N GLY A 27 4.32 3.35 18.94
CA GLY A 27 5.40 4.21 19.47
C GLY A 27 5.18 5.69 19.15
N ARG A 28 5.92 6.20 18.15
CA ARG A 28 5.86 7.61 17.71
C ARG A 28 4.71 7.73 16.69
N THR A 29 3.61 8.38 17.10
CA THR A 29 2.33 8.37 16.37
C THR A 29 2.45 8.86 14.90
N PHE A 30 1.84 8.09 13.97
CA PHE A 30 1.90 8.35 12.50
C PHE A 30 1.12 9.62 12.10
N SER A 31 0.20 10.05 12.98
CA SER A 31 -0.74 11.17 12.69
C SER A 31 -0.03 12.54 12.69
N SER A 32 1.26 12.57 13.05
CA SER A 32 2.09 13.78 12.96
C SER A 32 2.75 13.87 11.55
N TYR A 33 2.50 12.85 10.70
CA TYR A 33 3.18 12.68 9.40
C TYR A 33 2.17 12.30 8.30
N ALA A 34 2.67 12.24 7.06
CA ALA A 34 1.97 11.60 5.93
C ALA A 34 2.55 10.18 5.77
N MET A 35 1.84 9.31 5.04
CA MET A 35 2.30 7.94 4.79
C MET A 35 1.93 7.50 3.36
N GLY A 36 2.65 6.50 2.84
CA GLY A 36 2.43 6.01 1.48
C GLY A 36 2.86 4.57 1.28
N TRP A 37 2.12 3.88 0.41
CA TRP A 37 2.33 2.48 0.05
C TRP A 37 3.11 2.39 -1.28
N PHE A 38 4.06 1.44 -1.33
CA PHE A 38 4.90 1.14 -2.51
C PHE A 38 4.85 -0.37 -2.78
N ARG A 39 5.38 -0.83 -3.93
CA ARG A 39 5.39 -2.28 -4.27
C ARG A 39 6.53 -2.62 -5.25
N GLN A 40 6.90 -3.91 -5.26
CA GLN A 40 7.89 -4.47 -6.21
C GLN A 40 7.80 -6.01 -6.21
N ALA A 41 8.19 -6.65 -7.32
CA ALA A 41 8.35 -8.13 -7.44
C ALA A 41 8.77 -8.53 -8.88
N PRO A 42 8.00 -8.16 -9.98
CA PRO A 42 8.29 -8.65 -11.35
C PRO A 42 9.43 -7.84 -12.05
N GLY A 43 10.66 -7.98 -11.50
CA GLY A 43 11.85 -7.28 -11.98
C GLY A 43 11.78 -5.77 -11.80
N LYS A 44 10.99 -5.31 -10.81
CA LYS A 44 10.74 -3.87 -10.58
C LYS A 44 11.29 -3.39 -9.23
N GLU A 45 11.46 -2.06 -9.12
CA GLU A 45 11.78 -1.36 -7.87
C GLU A 45 10.47 -0.95 -7.15
N ARG A 46 10.61 -0.39 -5.93
CA ARG A 46 9.46 0.14 -5.17
C ARG A 46 8.88 1.36 -5.92
N GLU A 47 7.73 1.12 -6.59
CA GLU A 47 7.02 2.15 -7.36
C GLU A 47 5.91 2.77 -6.49
N PHE A 48 5.56 4.02 -6.82
CA PHE A 48 4.44 4.74 -6.21
C PHE A 48 3.12 4.02 -6.49
N VAL A 49 2.54 3.43 -5.44
CA VAL A 49 1.17 2.91 -5.49
C VAL A 49 0.23 4.05 -5.15
N ALA A 50 0.42 4.63 -3.95
CA ALA A 50 -0.45 5.68 -3.42
C ALA A 50 0.13 6.29 -2.13
N VAL A 51 -0.11 7.60 -1.92
CA VAL A 51 0.26 8.32 -0.68
C VAL A 51 -0.97 9.07 -0.16
N VAL A 52 -1.19 9.02 1.16
CA VAL A 52 -2.32 9.69 1.83
C VAL A 52 -1.79 10.63 2.93
N ASN A 53 -2.62 11.58 3.33
CA ASN A 53 -2.41 12.38 4.55
C ASN A 53 -3.00 11.61 5.76
N TRP A 54 -2.48 11.88 6.97
CA TRP A 54 -2.92 11.19 8.21
C TRP A 54 -4.44 11.34 8.47
N SER A 55 -4.97 12.52 8.14
CA SER A 55 -6.41 12.83 8.27
C SER A 55 -7.19 12.16 7.12
N GLY A 56 -6.51 12.00 5.97
CA GLY A 56 -7.09 11.37 4.79
C GLY A 56 -7.68 12.36 3.80
N ARG A 57 -7.75 13.65 4.20
CA ARG A 57 -8.31 14.75 3.37
C ARG A 57 -7.56 14.92 2.02
N ARG A 58 -6.26 14.56 2.02
CA ARG A 58 -5.45 14.47 0.78
C ARG A 58 -5.17 13.00 0.47
N THR A 59 -5.57 12.57 -0.73
CA THR A 59 -5.33 11.22 -1.27
C THR A 59 -4.66 11.36 -2.65
N TYR A 60 -3.60 10.57 -2.88
CA TYR A 60 -2.84 10.55 -4.13
C TYR A 60 -2.73 9.08 -4.58
N TYR A 61 -3.12 8.79 -5.84
CA TYR A 61 -3.13 7.41 -6.39
C TYR A 61 -2.40 7.37 -7.74
N ALA A 62 -1.76 6.22 -8.02
CA ALA A 62 -1.25 5.89 -9.36
C ALA A 62 -2.45 5.49 -10.24
N ASP A 63 -2.48 5.98 -11.49
CA ASP A 63 -3.64 5.85 -12.40
C ASP A 63 -4.05 4.37 -12.65
N SER A 64 -3.06 3.46 -12.61
CA SER A 64 -3.29 2.02 -12.81
C SER A 64 -4.06 1.38 -11.62
N VAL A 65 -3.70 1.80 -10.39
CA VAL A 65 -4.30 1.26 -9.15
C VAL A 65 -5.49 2.13 -8.68
N LYS A 66 -5.67 3.30 -9.31
CA LYS A 66 -6.72 4.27 -8.96
C LYS A 66 -8.11 3.69 -9.27
N GLY A 67 -9.10 4.03 -8.44
CA GLY A 67 -10.48 3.59 -8.60
C GLY A 67 -10.78 2.23 -7.97
N ARG A 68 -9.74 1.39 -7.82
CA ARG A 68 -9.87 0.05 -7.25
C ARG A 68 -9.15 -0.06 -5.88
N PHE A 69 -8.18 0.86 -5.62
CA PHE A 69 -7.48 0.95 -4.32
C PHE A 69 -8.07 2.09 -3.47
N THR A 70 -7.89 1.97 -2.15
CA THR A 70 -8.23 3.02 -1.16
C THR A 70 -7.27 2.90 0.02
N ILE A 71 -6.75 4.05 0.52
CA ILE A 71 -6.03 4.08 1.80
C ILE A 71 -7.02 4.63 2.83
N SER A 72 -7.26 3.85 3.87
CA SER A 72 -8.15 4.21 4.98
C SER A 72 -7.33 4.07 6.27
N ARG A 73 -7.45 5.04 7.19
CA ARG A 73 -6.62 5.06 8.39
C ARG A 73 -7.43 5.59 9.59
N ASP A 74 -7.34 4.85 10.69
CA ASP A 74 -7.93 5.21 11.97
C ASP A 74 -6.82 5.74 12.87
N ASN A 75 -6.82 7.04 13.12
CA ASN A 75 -5.83 7.69 14.00
C ASN A 75 -6.04 7.24 15.47
N ALA A 76 -7.31 6.88 15.79
CA ALA A 76 -7.70 6.40 17.14
C ALA A 76 -7.09 5.01 17.44
N LYS A 77 -7.22 4.07 16.48
CA LYS A 77 -6.61 2.72 16.59
C LYS A 77 -5.12 2.77 16.20
N ASN A 78 -4.72 3.88 15.53
CA ASN A 78 -3.37 4.07 14.96
C ASN A 78 -3.08 3.01 13.88
N THR A 79 -4.14 2.52 13.22
CA THR A 79 -4.05 1.41 12.25
C THR A 79 -4.55 1.84 10.87
N VAL A 80 -3.78 1.47 9.84
CA VAL A 80 -4.05 1.80 8.44
C VAL A 80 -4.48 0.52 7.68
N TYR A 81 -5.24 0.71 6.58
CA TYR A 81 -5.83 -0.37 5.78
C TYR A 81 -5.75 0.01 4.29
N LEU A 82 -4.95 -0.72 3.50
CA LEU A 82 -4.89 -0.54 2.04
C LEU A 82 -5.89 -1.52 1.40
N GLN A 83 -7.07 -1.02 1.07
CA GLN A 83 -8.16 -1.80 0.48
C GLN A 83 -7.98 -1.91 -1.04
N MET A 84 -7.54 -3.09 -1.51
CA MET A 84 -7.45 -3.38 -2.95
C MET A 84 -8.72 -4.10 -3.41
N ASN A 85 -9.17 -3.78 -4.63
CA ASN A 85 -10.30 -4.45 -5.32
C ASN A 85 -9.91 -4.64 -6.78
N SER A 86 -10.63 -5.55 -7.48
CA SER A 86 -10.55 -5.71 -8.95
C SER A 86 -9.11 -5.90 -9.44
N LEU A 87 -8.39 -6.76 -8.73
CA LEU A 87 -6.94 -6.99 -8.93
C LEU A 87 -6.65 -7.72 -10.25
N LYS A 88 -5.74 -7.15 -11.05
CA LYS A 88 -5.24 -7.76 -12.30
C LYS A 88 -4.07 -8.69 -11.96
N PRO A 89 -3.90 -9.85 -12.68
CA PRO A 89 -2.81 -10.86 -12.44
C PRO A 89 -1.40 -10.25 -12.23
N GLU A 90 -1.13 -9.15 -12.95
CA GLU A 90 0.19 -8.46 -12.99
C GLU A 90 0.50 -7.67 -11.69
N ASP A 91 -0.49 -7.54 -10.79
CA ASP A 91 -0.37 -6.79 -9.51
C ASP A 91 0.31 -7.62 -8.40
N THR A 92 0.66 -8.89 -8.70
CA THR A 92 1.40 -9.77 -7.78
C THR A 92 2.76 -9.13 -7.41
N ALA A 93 2.85 -8.61 -6.18
CA ALA A 93 4.00 -7.82 -5.71
C ALA A 93 3.99 -7.67 -4.19
N VAL A 94 5.19 -7.56 -3.59
CA VAL A 94 5.31 -7.26 -2.15
C VAL A 94 5.13 -5.74 -1.93
N TYR A 95 4.03 -5.41 -1.24
CA TYR A 95 3.71 -4.03 -0.85
C TYR A 95 4.41 -3.70 0.45
N ASN A 96 4.84 -2.44 0.59
CA ASN A 96 5.59 -1.96 1.76
C ASN A 96 5.05 -0.59 2.14
N CYS A 97 4.67 -0.43 3.42
CA CYS A 97 4.22 0.85 3.97
C CYS A 97 5.43 1.67 4.39
N ALA A 98 5.36 2.98 4.13
CA ALA A 98 6.36 3.96 4.54
C ALA A 98 5.64 5.16 5.18
N ALA A 99 6.36 5.91 6.02
CA ALA A 99 5.80 7.09 6.72
C ALA A 99 6.85 8.18 6.87
N GLY A 100 6.39 9.40 7.18
CA GLY A 100 7.26 10.56 7.35
C GLY A 100 6.70 11.77 6.63
N LYS A 101 7.57 12.72 6.25
CA LYS A 101 7.16 13.92 5.53
C LYS A 101 7.19 13.62 4.02
N TRP A 102 6.01 13.71 3.36
CA TRP A 102 5.79 13.27 1.96
C TRP A 102 6.71 14.00 0.96
N ASP A 103 6.80 15.34 1.09
CA ASP A 103 7.72 16.15 0.28
C ASP A 103 9.06 16.29 1.01
N GLY A 104 10.12 16.49 0.23
CA GLY A 104 11.45 16.74 0.75
C GLY A 104 12.29 17.44 -0.30
N SER A 105 11.71 18.52 -0.87
CA SER A 105 12.25 19.22 -2.05
C SER A 105 12.32 18.25 -3.26
N TYR A 106 11.16 18.14 -3.95
CA TYR A 106 10.92 17.21 -5.08
C TYR A 106 10.72 15.76 -4.56
N TYR A 107 11.74 15.25 -3.85
CA TYR A 107 11.66 14.00 -3.09
C TYR A 107 12.71 14.02 -1.97
N GLY A 108 12.32 13.51 -0.78
CA GLY A 108 13.21 13.40 0.38
C GLY A 108 13.58 11.96 0.67
N ALA A 109 13.12 11.45 1.84
CA ALA A 109 13.37 10.05 2.27
C ALA A 109 12.27 9.63 3.28
N PRO A 110 11.74 8.36 3.20
CA PRO A 110 10.76 7.82 4.19
C PRO A 110 11.39 7.78 5.60
N ASP A 111 10.93 8.67 6.49
CA ASP A 111 11.43 8.77 7.89
C ASP A 111 11.24 7.45 8.66
N TYR A 112 10.19 6.71 8.29
CA TYR A 112 9.82 5.44 8.96
C TYR A 112 9.57 4.36 7.90
N TRP A 113 9.84 3.10 8.29
CA TRP A 113 9.85 1.95 7.38
C TRP A 113 8.88 0.87 7.88
N GLY A 114 8.14 0.24 6.94
CA GLY A 114 7.21 -0.86 7.25
C GLY A 114 7.82 -2.22 6.95
N GLN A 115 7.17 -3.29 7.45
CA GLN A 115 7.65 -4.68 7.28
C GLN A 115 7.51 -5.14 5.82
N GLY A 116 6.31 -4.92 5.25
CA GLY A 116 6.02 -5.31 3.87
C GLY A 116 5.44 -6.72 3.77
N THR A 117 4.30 -6.87 3.06
CA THR A 117 3.63 -8.17 2.85
C THR A 117 3.43 -8.44 1.33
N GLN A 118 3.67 -9.71 0.91
CA GLN A 118 3.53 -10.14 -0.49
C GLN A 118 2.07 -10.44 -0.82
N VAL A 119 1.51 -9.73 -1.81
CA VAL A 119 0.18 -10.03 -2.35
C VAL A 119 0.34 -10.93 -3.58
N THR A 120 -0.52 -11.94 -3.69
CA THR A 120 -0.51 -12.89 -4.80
C THR A 120 -1.89 -12.88 -5.46
N VAL A 121 -2.00 -12.23 -6.62
CA VAL A 121 -3.23 -12.21 -7.41
C VAL A 121 -3.10 -13.23 -8.55
N SER A 122 -3.79 -14.36 -8.36
CA SER A 122 -3.83 -15.49 -9.28
C SER A 122 -4.36 -15.08 -10.67
N SER A 123 -3.66 -15.55 -11.70
CA SER A 123 -4.06 -15.36 -13.10
C SER A 123 -5.25 -16.27 -13.42
N LEU A 124 -6.47 -15.71 -13.32
CA LEU A 124 -7.71 -16.41 -13.68
C LEU A 124 -7.69 -16.73 -15.18
N GLU A 125 -8.22 -17.91 -15.56
CA GLU A 125 -8.07 -18.52 -16.91
C GLU A 125 -8.50 -17.55 -18.05
N HIS A 126 -7.52 -16.77 -18.52
CA HIS A 126 -7.63 -15.84 -19.64
C HIS A 126 -6.29 -15.83 -20.36
N HIS A 127 -6.15 -16.68 -21.38
CA HIS A 127 -4.90 -16.84 -22.14
C HIS A 127 -5.19 -17.48 -23.50
N HIS A 128 -4.53 -16.95 -24.54
CA HIS A 128 -4.60 -17.49 -25.91
C HIS A 128 -3.70 -18.73 -26.02
N HIS A 129 -4.32 -19.91 -25.90
CA HIS A 129 -3.62 -21.19 -25.97
C HIS A 129 -3.38 -21.56 -27.45
N HIS A 130 -2.10 -21.63 -27.84
CA HIS A 130 -1.68 -22.01 -29.20
C HIS A 130 -2.04 -23.48 -29.51
N HIS A 131 -2.09 -23.80 -30.80
CA HIS A 131 -2.49 -25.11 -31.31
C HIS A 131 -1.72 -25.42 -32.62
N MET A 1 11.72 6.55 19.08
CA MET A 1 12.79 6.71 18.07
C MET A 1 12.19 6.74 16.66
N GLN A 2 11.39 5.71 16.31
CA GLN A 2 10.79 5.57 14.98
C GLN A 2 9.37 4.98 15.06
N LEU A 3 8.67 5.04 13.92
CA LEU A 3 7.34 4.47 13.74
C LEU A 3 7.48 3.02 13.25
N GLN A 4 7.10 2.08 14.13
CA GLN A 4 6.98 0.66 13.79
C GLN A 4 5.70 0.41 13.00
N LEU A 5 5.87 0.15 11.70
CA LEU A 5 4.77 -0.26 10.82
C LEU A 5 4.86 -1.77 10.60
N VAL A 6 3.86 -2.52 11.10
CA VAL A 6 3.76 -3.97 10.90
C VAL A 6 2.60 -4.25 9.92
N GLU A 7 2.94 -4.53 8.65
CA GLU A 7 1.93 -4.84 7.62
C GLU A 7 1.47 -6.29 7.73
N SER A 8 0.24 -6.54 7.28
CA SER A 8 -0.44 -7.83 7.38
C SER A 8 -1.49 -7.95 6.26
N GLY A 9 -2.04 -9.16 6.10
CA GLY A 9 -2.96 -9.46 4.98
C GLY A 9 -2.23 -10.12 3.81
N GLY A 10 -1.03 -10.67 4.10
CA GLY A 10 -0.21 -11.36 3.10
C GLY A 10 -0.83 -12.69 2.68
N GLY A 11 -1.73 -12.62 1.69
CA GLY A 11 -2.45 -13.78 1.17
C GLY A 11 -2.66 -13.70 -0.32
N LEU A 12 -3.52 -14.59 -0.83
CA LEU A 12 -3.79 -14.71 -2.27
C LEU A 12 -5.28 -14.48 -2.62
N VAL A 13 -5.50 -13.91 -3.81
CA VAL A 13 -6.82 -13.61 -4.37
C VAL A 13 -6.73 -13.67 -5.90
N GLN A 14 -7.79 -14.08 -6.59
CA GLN A 14 -7.78 -14.22 -8.07
C GLN A 14 -7.95 -12.84 -8.75
N ALA A 15 -7.61 -12.78 -10.06
CA ALA A 15 -7.69 -11.53 -10.85
C ALA A 15 -9.14 -11.03 -10.98
N GLY A 16 -9.32 -9.71 -10.86
CA GLY A 16 -10.65 -9.08 -10.78
C GLY A 16 -11.19 -9.00 -9.35
N GLY A 17 -10.47 -9.65 -8.41
CA GLY A 17 -10.89 -9.71 -7.00
C GLY A 17 -10.40 -8.51 -6.19
N SER A 18 -10.68 -8.56 -4.88
CA SER A 18 -10.34 -7.50 -3.92
C SER A 18 -9.52 -8.09 -2.76
N LEU A 19 -8.78 -7.25 -2.04
CA LEU A 19 -7.97 -7.67 -0.88
C LEU A 19 -7.82 -6.51 0.09
N ARG A 20 -8.26 -6.72 1.35
CA ARG A 20 -8.15 -5.73 2.43
C ARG A 20 -6.91 -6.02 3.28
N LEU A 21 -5.94 -5.10 3.21
CA LEU A 21 -4.69 -5.16 3.96
C LEU A 21 -4.82 -4.35 5.26
N SER A 22 -4.00 -4.67 6.25
CA SER A 22 -3.95 -3.97 7.53
C SER A 22 -2.48 -3.68 7.89
N CYS A 23 -2.24 -2.63 8.66
CA CYS A 23 -0.88 -2.22 9.08
C CYS A 23 -0.95 -1.55 10.46
N ALA A 24 -0.44 -2.22 11.49
CA ALA A 24 -0.48 -1.71 12.87
C ALA A 24 0.71 -0.75 13.09
N ALA A 25 0.38 0.50 13.45
CA ALA A 25 1.37 1.58 13.62
C ALA A 25 1.58 1.85 15.12
N SER A 26 2.86 1.87 15.53
CA SER A 26 3.28 2.00 16.93
C SER A 26 4.55 2.87 17.02
N GLY A 27 4.75 3.52 18.17
CA GLY A 27 5.93 4.38 18.38
C GLY A 27 5.63 5.84 18.04
N ARG A 28 6.29 6.35 16.98
CA ARG A 28 6.09 7.75 16.50
C ARG A 28 4.64 7.96 16.03
N THR A 29 4.05 9.08 16.46
CA THR A 29 2.69 9.46 16.08
C THR A 29 2.59 9.70 14.57
N PHE A 30 1.98 8.75 13.83
CA PHE A 30 1.71 8.89 12.38
C PHE A 30 0.71 10.05 12.15
N SER A 31 0.00 10.44 13.22
CA SER A 31 -0.88 11.62 13.24
C SER A 31 -0.10 12.95 13.12
N SER A 32 1.23 12.88 13.22
CA SER A 32 2.13 14.03 13.01
C SER A 32 2.70 14.04 11.58
N TYR A 33 2.52 12.92 10.83
CA TYR A 33 3.19 12.71 9.53
C TYR A 33 2.18 12.34 8.43
N ALA A 34 2.56 12.60 7.16
CA ALA A 34 1.86 12.05 6.00
C ALA A 34 2.54 10.73 5.61
N MET A 35 1.74 9.76 5.16
CA MET A 35 2.22 8.40 4.87
C MET A 35 1.79 7.95 3.46
N GLY A 36 2.33 6.82 2.99
CA GLY A 36 2.01 6.30 1.67
C GLY A 36 2.49 4.88 1.47
N TRP A 37 1.88 4.18 0.51
CA TRP A 37 2.19 2.77 0.19
C TRP A 37 3.01 2.70 -1.10
N PHE A 38 4.04 1.86 -1.07
CA PHE A 38 4.94 1.59 -2.22
C PHE A 38 5.05 0.05 -2.39
N ARG A 39 5.32 -0.43 -3.61
CA ARG A 39 5.40 -1.89 -3.88
C ARG A 39 6.61 -2.25 -4.74
N GLN A 40 7.02 -3.53 -4.64
CA GLN A 40 8.09 -4.11 -5.47
C GLN A 40 8.04 -5.65 -5.37
N ALA A 41 8.57 -6.32 -6.42
CA ALA A 41 8.84 -7.80 -6.42
C ALA A 41 9.33 -8.25 -7.82
N PRO A 42 8.52 -8.10 -8.94
CA PRO A 42 8.89 -8.64 -10.28
C PRO A 42 9.91 -7.76 -11.04
N GLY A 43 11.15 -7.74 -10.54
CA GLY A 43 12.19 -6.85 -11.05
C GLY A 43 11.86 -5.37 -10.84
N LYS A 44 10.99 -5.11 -9.85
CA LYS A 44 10.46 -3.76 -9.54
C LYS A 44 11.20 -3.14 -8.37
N GLU A 45 11.38 -1.81 -8.45
CA GLU A 45 11.75 -0.98 -7.30
C GLU A 45 10.47 -0.49 -6.59
N ARG A 46 10.62 0.19 -5.43
CA ARG A 46 9.49 0.77 -4.70
C ARG A 46 8.87 1.91 -5.53
N GLU A 47 7.73 1.62 -6.16
CA GLU A 47 6.99 2.60 -6.99
C GLU A 47 5.81 3.15 -6.20
N PHE A 48 5.41 4.39 -6.55
CA PHE A 48 4.25 5.07 -5.94
C PHE A 48 2.97 4.27 -6.23
N VAL A 49 2.37 3.70 -5.19
CA VAL A 49 1.03 3.11 -5.26
C VAL A 49 0.02 4.19 -4.85
N ALA A 50 0.25 4.76 -3.65
CA ALA A 50 -0.67 5.73 -3.06
C ALA A 50 0.02 6.52 -1.92
N VAL A 51 -0.60 7.65 -1.53
CA VAL A 51 -0.24 8.45 -0.34
C VAL A 51 -1.54 8.96 0.31
N VAL A 52 -1.66 8.79 1.63
CA VAL A 52 -2.82 9.26 2.41
C VAL A 52 -2.35 10.21 3.52
N ASN A 53 -3.23 11.13 3.90
CA ASN A 53 -3.05 11.98 5.08
C ASN A 53 -3.50 11.20 6.33
N TRP A 54 -2.84 11.49 7.46
CA TRP A 54 -3.12 10.86 8.77
C TRP A 54 -4.61 11.01 9.21
N SER A 55 -5.18 12.19 8.94
CA SER A 55 -6.58 12.51 9.23
C SER A 55 -7.51 11.94 8.15
N GLY A 56 -6.93 11.62 6.98
CA GLY A 56 -7.69 11.15 5.83
C GLY A 56 -8.27 12.30 5.02
N ARG A 57 -7.70 13.51 5.20
CA ARG A 57 -8.13 14.72 4.50
C ARG A 57 -7.68 14.69 3.01
N ARG A 58 -6.63 13.90 2.75
CA ARG A 58 -6.02 13.77 1.41
C ARG A 58 -5.79 12.29 1.08
N THR A 59 -6.10 11.92 -0.18
CA THR A 59 -5.73 10.62 -0.79
C THR A 59 -5.21 10.86 -2.21
N TYR A 60 -4.07 10.25 -2.53
CA TYR A 60 -3.39 10.37 -3.83
C TYR A 60 -3.16 8.95 -4.35
N TYR A 61 -3.39 8.73 -5.64
CA TYR A 61 -3.28 7.39 -6.26
C TYR A 61 -2.44 7.46 -7.53
N ALA A 62 -1.74 6.36 -7.82
CA ALA A 62 -1.09 6.16 -9.11
C ALA A 62 -2.16 5.80 -10.15
N ASP A 63 -1.94 6.22 -11.40
CA ASP A 63 -2.92 6.07 -12.51
C ASP A 63 -3.48 4.63 -12.64
N SER A 64 -2.59 3.64 -12.54
CA SER A 64 -2.92 2.21 -12.76
C SER A 64 -3.78 1.64 -11.62
N VAL A 65 -3.61 2.17 -10.40
CA VAL A 65 -4.33 1.69 -9.20
C VAL A 65 -5.50 2.62 -8.81
N LYS A 66 -5.60 3.79 -9.51
CA LYS A 66 -6.63 4.80 -9.23
C LYS A 66 -8.02 4.30 -9.66
N GLY A 67 -9.02 4.47 -8.77
CA GLY A 67 -10.40 4.05 -9.02
C GLY A 67 -10.69 2.60 -8.63
N ARG A 68 -9.71 1.94 -7.97
CA ARG A 68 -9.87 0.55 -7.47
C ARG A 68 -9.15 0.36 -6.13
N PHE A 69 -8.09 1.16 -5.87
CA PHE A 69 -7.42 1.17 -4.56
C PHE A 69 -7.97 2.33 -3.72
N THR A 70 -7.90 2.15 -2.39
CA THR A 70 -8.35 3.13 -1.39
C THR A 70 -7.49 2.96 -0.13
N ILE A 71 -6.99 4.07 0.46
CA ILE A 71 -6.31 4.01 1.75
C ILE A 71 -7.23 4.56 2.83
N SER A 72 -7.33 3.84 3.94
CA SER A 72 -8.12 4.24 5.11
C SER A 72 -7.26 4.03 6.36
N ARG A 73 -7.66 4.64 7.49
CA ARG A 73 -6.99 4.41 8.78
C ARG A 73 -7.90 4.82 9.94
N ASP A 74 -7.80 4.08 11.05
CA ASP A 74 -8.44 4.43 12.32
C ASP A 74 -7.40 4.98 13.29
N ASN A 75 -7.60 6.23 13.75
CA ASN A 75 -6.72 6.88 14.75
C ASN A 75 -6.89 6.20 16.12
N ALA A 76 -8.14 5.77 16.40
CA ALA A 76 -8.50 5.08 17.68
C ALA A 76 -7.81 3.70 17.80
N LYS A 77 -7.45 3.10 16.65
CA LYS A 77 -6.73 1.79 16.61
C LYS A 77 -5.25 2.00 16.26
N ASN A 78 -4.95 3.17 15.66
CA ASN A 78 -3.63 3.51 15.09
C ASN A 78 -3.23 2.51 13.99
N THR A 79 -4.23 2.04 13.23
CA THR A 79 -4.05 0.99 12.21
C THR A 79 -4.54 1.49 10.84
N VAL A 80 -3.70 1.27 9.81
CA VAL A 80 -3.98 1.67 8.41
C VAL A 80 -4.48 0.46 7.61
N TYR A 81 -5.61 0.64 6.90
CA TYR A 81 -6.22 -0.41 6.08
C TYR A 81 -6.13 -0.03 4.59
N LEU A 82 -5.37 -0.81 3.81
CA LEU A 82 -5.22 -0.58 2.35
C LEU A 82 -6.20 -1.51 1.62
N GLN A 83 -7.30 -0.93 1.12
CA GLN A 83 -8.34 -1.67 0.39
C GLN A 83 -8.01 -1.71 -1.11
N MET A 84 -7.87 -2.92 -1.64
CA MET A 84 -7.64 -3.19 -3.08
C MET A 84 -8.93 -3.70 -3.71
N ASN A 85 -9.13 -3.37 -5.00
CA ASN A 85 -10.20 -3.97 -5.84
C ASN A 85 -9.64 -4.17 -7.26
N SER A 86 -10.28 -5.08 -8.03
CA SER A 86 -10.01 -5.28 -9.48
C SER A 86 -8.51 -5.57 -9.76
N LEU A 87 -7.92 -6.40 -8.88
CA LEU A 87 -6.48 -6.75 -8.92
C LEU A 87 -6.15 -7.60 -10.14
N LYS A 88 -5.27 -7.07 -11.00
CA LYS A 88 -4.71 -7.81 -12.15
C LYS A 88 -3.50 -8.63 -11.65
N PRO A 89 -3.12 -9.78 -12.30
CA PRO A 89 -1.94 -10.61 -11.88
C PRO A 89 -0.61 -9.81 -11.71
N GLU A 90 -0.54 -8.62 -12.34
CA GLU A 90 0.64 -7.73 -12.29
C GLU A 90 0.77 -6.96 -10.94
N ASP A 91 -0.29 -6.99 -10.10
CA ASP A 91 -0.28 -6.35 -8.76
C ASP A 91 0.42 -7.25 -7.69
N THR A 92 0.82 -8.49 -8.08
CA THR A 92 1.58 -9.41 -7.20
C THR A 92 2.94 -8.79 -6.80
N ALA A 93 3.01 -8.31 -5.54
CA ALA A 93 4.19 -7.58 -5.03
C ALA A 93 4.10 -7.41 -3.51
N VAL A 94 5.26 -7.16 -2.88
CA VAL A 94 5.32 -6.80 -1.45
C VAL A 94 5.10 -5.28 -1.28
N TYR A 95 3.94 -4.93 -0.68
CA TYR A 95 3.55 -3.55 -0.40
C TYR A 95 4.10 -3.14 0.98
N ASN A 96 5.04 -2.19 0.96
CA ASN A 96 5.65 -1.62 2.15
C ASN A 96 5.02 -0.25 2.42
N CYS A 97 4.52 -0.09 3.65
CA CYS A 97 3.95 1.17 4.14
C CYS A 97 5.08 2.05 4.65
N ALA A 98 5.03 3.34 4.30
CA ALA A 98 6.06 4.32 4.65
C ALA A 98 5.41 5.58 5.23
N ALA A 99 6.20 6.41 5.93
CA ALA A 99 5.73 7.67 6.52
C ALA A 99 6.87 8.70 6.54
N GLY A 100 6.51 9.97 6.82
CA GLY A 100 7.45 11.08 6.75
C GLY A 100 7.63 11.56 5.30
N LYS A 101 6.50 11.59 4.57
CA LYS A 101 6.45 12.02 3.16
C LYS A 101 6.74 13.54 3.06
N TRP A 102 7.89 13.88 2.47
CA TRP A 102 8.30 15.27 2.25
C TRP A 102 7.49 15.90 1.09
N ASP A 103 6.97 17.11 1.33
CA ASP A 103 6.33 17.94 0.30
C ASP A 103 7.44 18.72 -0.44
N GLY A 104 7.78 18.25 -1.64
CA GLY A 104 8.84 18.83 -2.45
C GLY A 104 9.59 17.77 -3.24
N SER A 105 10.11 18.15 -4.42
CA SER A 105 10.88 17.25 -5.29
C SER A 105 12.31 17.06 -4.74
N TYR A 106 12.44 16.21 -3.70
CA TYR A 106 13.73 15.88 -3.08
C TYR A 106 13.91 14.36 -3.06
N TYR A 107 13.03 13.69 -2.26
CA TYR A 107 12.94 12.22 -2.17
C TYR A 107 14.30 11.58 -1.76
N GLY A 108 14.52 10.31 -2.13
CA GLY A 108 15.78 9.61 -1.88
C GLY A 108 15.55 8.32 -1.11
N ALA A 109 15.04 8.48 0.12
CA ALA A 109 14.70 7.36 1.01
C ALA A 109 13.64 7.85 2.02
N PRO A 110 12.48 7.12 2.18
CA PRO A 110 11.44 7.47 3.20
C PRO A 110 12.03 7.46 4.63
N ASP A 111 11.53 8.35 5.50
CA ASP A 111 12.05 8.49 6.88
C ASP A 111 11.63 7.27 7.71
N TYR A 112 10.35 6.92 7.62
CA TYR A 112 9.79 5.70 8.23
C TYR A 112 9.39 4.74 7.12
N TRP A 113 9.51 3.44 7.36
CA TRP A 113 8.98 2.39 6.49
C TRP A 113 8.63 1.15 7.32
N GLY A 114 7.92 0.23 6.69
CA GLY A 114 7.44 -0.97 7.34
C GLY A 114 8.12 -2.24 6.85
N GLN A 115 7.54 -3.37 7.24
CA GLN A 115 8.09 -4.72 6.98
C GLN A 115 7.69 -5.19 5.57
N GLY A 116 6.44 -4.90 5.19
CA GLY A 116 5.91 -5.25 3.89
C GLY A 116 5.01 -6.48 3.93
N THR A 117 3.84 -6.37 3.30
CA THR A 117 2.90 -7.50 3.12
C THR A 117 2.93 -7.93 1.64
N GLN A 118 3.48 -9.14 1.37
CA GLN A 118 3.55 -9.68 0.01
C GLN A 118 2.17 -10.24 -0.36
N VAL A 119 1.48 -9.56 -1.29
CA VAL A 119 0.19 -10.01 -1.83
C VAL A 119 0.44 -10.77 -3.14
N THR A 120 -0.30 -11.86 -3.34
CA THR A 120 -0.22 -12.69 -4.56
C THR A 120 -1.60 -12.71 -5.21
N VAL A 121 -1.72 -12.10 -6.39
CA VAL A 121 -2.95 -12.14 -7.18
C VAL A 121 -2.77 -13.14 -8.34
N SER A 122 -3.64 -14.17 -8.32
CA SER A 122 -3.62 -15.31 -9.24
C SER A 122 -3.92 -14.86 -10.68
N SER A 123 -3.18 -15.43 -11.65
CA SER A 123 -3.30 -15.11 -13.06
C SER A 123 -4.56 -15.76 -13.66
N LEU A 124 -5.71 -15.11 -13.41
CA LEU A 124 -6.98 -15.50 -14.02
C LEU A 124 -7.03 -14.94 -15.44
N GLU A 125 -6.68 -15.82 -16.40
CA GLU A 125 -6.69 -15.52 -17.83
C GLU A 125 -8.08 -15.02 -18.29
N HIS A 126 -8.09 -13.91 -19.04
CA HIS A 126 -9.32 -13.25 -19.49
C HIS A 126 -9.84 -13.97 -20.75
N HIS A 127 -10.86 -14.83 -20.55
CA HIS A 127 -11.50 -15.60 -21.63
C HIS A 127 -12.40 -14.68 -22.45
N HIS A 128 -11.94 -14.32 -23.67
CA HIS A 128 -12.72 -13.49 -24.62
C HIS A 128 -13.87 -14.34 -25.20
N HIS A 129 -15.11 -13.85 -25.07
CA HIS A 129 -16.29 -14.54 -25.59
C HIS A 129 -16.24 -14.53 -27.13
N HIS A 130 -15.79 -15.67 -27.69
CA HIS A 130 -15.61 -15.85 -29.13
C HIS A 130 -16.96 -16.16 -29.80
N HIS A 131 -17.54 -15.15 -30.47
CA HIS A 131 -18.72 -15.32 -31.30
C HIS A 131 -18.25 -15.63 -32.75
N MET A 1 12.95 7.33 18.21
CA MET A 1 12.60 8.07 16.97
C MET A 1 12.25 7.07 15.85
N GLN A 2 11.88 7.63 14.67
CA GLN A 2 11.42 6.89 13.46
C GLN A 2 10.01 6.26 13.68
N LEU A 3 9.20 6.28 12.61
CA LEU A 3 7.88 5.66 12.59
C LEU A 3 8.00 4.19 12.14
N GLN A 4 7.74 3.26 13.07
CA GLN A 4 7.84 1.80 12.84
C GLN A 4 6.47 1.25 12.40
N LEU A 5 6.41 0.72 11.16
CA LEU A 5 5.16 0.24 10.54
C LEU A 5 5.25 -1.27 10.23
N VAL A 6 4.29 -2.04 10.77
CA VAL A 6 4.27 -3.52 10.71
C VAL A 6 3.15 -3.97 9.75
N GLU A 7 3.55 -4.39 8.55
CA GLU A 7 2.59 -4.76 7.48
C GLU A 7 1.97 -6.15 7.75
N SER A 8 0.73 -6.37 7.25
CA SER A 8 -0.02 -7.63 7.45
C SER A 8 -0.93 -7.89 6.23
N GLY A 9 -1.12 -9.19 5.89
CA GLY A 9 -1.99 -9.61 4.78
C GLY A 9 -1.20 -10.13 3.57
N GLY A 10 0.06 -10.55 3.80
CA GLY A 10 0.92 -11.11 2.76
C GLY A 10 0.49 -12.53 2.37
N GLY A 11 -0.46 -12.63 1.44
CA GLY A 11 -1.00 -13.92 0.98
C GLY A 11 -1.40 -13.86 -0.49
N LEU A 12 -2.18 -14.85 -0.94
CA LEU A 12 -2.62 -14.94 -2.35
C LEU A 12 -4.16 -14.85 -2.47
N VAL A 13 -4.61 -14.21 -3.55
CA VAL A 13 -6.03 -14.08 -3.92
C VAL A 13 -6.12 -13.93 -5.45
N GLN A 14 -7.25 -14.36 -6.02
CA GLN A 14 -7.47 -14.38 -7.48
C GLN A 14 -7.50 -12.96 -8.08
N ALA A 15 -7.22 -12.89 -9.40
CA ALA A 15 -7.35 -11.66 -10.19
C ALA A 15 -8.84 -11.31 -10.31
N GLY A 16 -9.16 -10.01 -10.21
CA GLY A 16 -10.56 -9.55 -10.17
C GLY A 16 -11.12 -9.51 -8.74
N GLY A 17 -10.48 -10.25 -7.82
CA GLY A 17 -10.90 -10.32 -6.42
C GLY A 17 -10.37 -9.16 -5.57
N SER A 18 -10.69 -9.21 -4.27
CA SER A 18 -10.31 -8.17 -3.29
C SER A 18 -9.34 -8.73 -2.23
N LEU A 19 -8.62 -7.82 -1.55
CA LEU A 19 -7.68 -8.19 -0.47
C LEU A 19 -7.49 -6.99 0.47
N ARG A 20 -7.71 -7.21 1.77
CA ARG A 20 -7.51 -6.17 2.80
C ARG A 20 -6.11 -6.30 3.42
N LEU A 21 -5.29 -5.28 3.20
CA LEU A 21 -3.99 -5.14 3.85
C LEU A 21 -4.16 -4.27 5.11
N SER A 22 -3.24 -4.41 6.06
CA SER A 22 -3.28 -3.67 7.32
C SER A 22 -1.86 -3.34 7.77
N CYS A 23 -1.69 -2.17 8.38
CA CYS A 23 -0.41 -1.69 8.89
C CYS A 23 -0.57 -1.32 10.37
N ALA A 24 0.11 -2.09 11.25
CA ALA A 24 0.14 -1.82 12.69
C ALA A 24 1.23 -0.78 12.95
N ALA A 25 0.81 0.42 13.38
CA ALA A 25 1.70 1.58 13.51
C ALA A 25 2.04 1.80 14.98
N SER A 26 3.35 1.79 15.30
CA SER A 26 3.85 2.10 16.64
C SER A 26 3.48 3.55 16.97
N GLY A 27 2.80 3.75 18.13
CA GLY A 27 2.10 4.99 18.48
C GLY A 27 2.98 6.25 18.53
N ARG A 28 3.36 6.75 17.34
CA ARG A 28 4.05 8.03 17.14
C ARG A 28 3.00 9.08 16.74
N THR A 29 3.48 10.29 16.41
CA THR A 29 2.64 11.32 15.82
C THR A 29 2.53 11.10 14.29
N PHE A 30 1.56 10.25 13.88
CA PHE A 30 1.28 9.96 12.45
C PHE A 30 0.70 11.23 11.79
N SER A 31 0.06 12.06 12.63
CA SER A 31 -0.58 13.32 12.23
C SER A 31 0.42 14.38 11.72
N SER A 32 1.72 14.16 11.96
CA SER A 32 2.78 15.09 11.55
C SER A 32 3.18 14.86 10.06
N TYR A 33 2.77 13.73 9.47
CA TYR A 33 3.22 13.31 8.11
C TYR A 33 2.05 12.80 7.26
N ALA A 34 2.06 13.14 5.96
CA ALA A 34 1.20 12.48 4.97
C ALA A 34 1.83 11.11 4.60
N MET A 35 0.99 10.08 4.50
CA MET A 35 1.44 8.67 4.38
C MET A 35 0.79 8.03 3.15
N GLY A 36 1.43 7.00 2.58
CA GLY A 36 0.89 6.31 1.41
C GLY A 36 1.45 4.92 1.23
N TRP A 37 0.75 4.11 0.43
CA TRP A 37 1.16 2.74 0.10
C TRP A 37 1.86 2.74 -1.27
N PHE A 38 2.95 1.95 -1.37
CA PHE A 38 3.78 1.84 -2.59
C PHE A 38 4.13 0.35 -2.83
N ARG A 39 4.36 -0.04 -4.10
CA ARG A 39 4.69 -1.46 -4.44
C ARG A 39 5.91 -1.55 -5.36
N GLN A 40 6.50 -2.77 -5.39
CA GLN A 40 7.58 -3.15 -6.32
C GLN A 40 7.87 -4.65 -6.21
N ALA A 41 8.25 -5.28 -7.36
CA ALA A 41 8.74 -6.68 -7.40
C ALA A 41 9.14 -7.10 -8.85
N PRO A 42 8.20 -7.10 -9.88
CA PRO A 42 8.50 -7.66 -11.23
C PRO A 42 9.31 -6.67 -12.11
N GLY A 43 10.59 -6.46 -11.75
CA GLY A 43 11.46 -5.50 -12.42
C GLY A 43 11.16 -4.04 -12.08
N LYS A 44 10.24 -3.85 -11.12
CA LYS A 44 9.75 -2.51 -10.74
C LYS A 44 10.55 -1.95 -9.55
N GLU A 45 10.80 -0.63 -9.60
CA GLU A 45 11.20 0.14 -8.43
C GLU A 45 9.94 0.61 -7.69
N ARG A 46 10.12 1.29 -6.54
CA ARG A 46 9.01 1.79 -5.71
C ARG A 46 8.17 2.79 -6.53
N GLU A 47 6.98 2.33 -6.97
CA GLU A 47 6.04 3.15 -7.76
C GLU A 47 4.93 3.68 -6.85
N PHE A 48 4.43 4.88 -7.20
CA PHE A 48 3.27 5.49 -6.52
C PHE A 48 2.03 4.64 -6.78
N VAL A 49 1.40 4.17 -5.69
CA VAL A 49 0.12 3.44 -5.73
C VAL A 49 -0.97 4.37 -5.24
N ALA A 50 -0.85 4.86 -4.00
CA ALA A 50 -1.82 5.80 -3.40
C ALA A 50 -1.23 6.46 -2.16
N VAL A 51 -1.54 7.75 -1.96
CA VAL A 51 -1.18 8.51 -0.74
C VAL A 51 -2.44 9.11 -0.10
N VAL A 52 -2.59 8.90 1.21
CA VAL A 52 -3.67 9.48 2.01
C VAL A 52 -3.11 10.61 2.91
N ASN A 53 -3.98 11.55 3.25
CA ASN A 53 -3.70 12.57 4.28
C ASN A 53 -3.80 11.91 5.67
N TRP A 54 -3.04 12.43 6.65
CA TRP A 54 -3.02 11.90 8.03
C TRP A 54 -4.41 11.92 8.70
N SER A 55 -5.19 12.97 8.41
CA SER A 55 -6.60 13.11 8.86
C SER A 55 -7.55 12.37 7.91
N GLY A 56 -7.06 12.01 6.71
CA GLY A 56 -7.87 11.36 5.68
C GLY A 56 -8.71 12.36 4.89
N ARG A 57 -8.38 13.65 5.04
CA ARG A 57 -9.08 14.76 4.33
C ARG A 57 -8.92 14.64 2.81
N ARG A 58 -7.65 14.46 2.38
CA ARG A 58 -7.30 14.34 0.95
C ARG A 58 -6.76 12.93 0.67
N THR A 59 -7.00 12.45 -0.56
CA THR A 59 -6.49 11.16 -1.05
C THR A 59 -6.01 11.33 -2.50
N TYR A 60 -4.97 10.58 -2.85
CA TYR A 60 -4.31 10.63 -4.17
C TYR A 60 -4.14 9.19 -4.64
N TYR A 61 -4.55 8.88 -5.87
CA TYR A 61 -4.49 7.52 -6.43
C TYR A 61 -3.66 7.54 -7.72
N ALA A 62 -2.93 6.45 -7.97
CA ALA A 62 -2.23 6.22 -9.23
C ALA A 62 -3.24 5.78 -10.28
N ASP A 63 -2.99 6.12 -11.56
CA ASP A 63 -3.95 5.88 -12.65
C ASP A 63 -4.24 4.37 -12.86
N SER A 64 -3.25 3.52 -12.48
CA SER A 64 -3.37 2.05 -12.54
C SER A 64 -4.43 1.52 -11.53
N VAL A 65 -4.42 2.11 -10.33
CA VAL A 65 -5.24 1.63 -9.19
C VAL A 65 -6.34 2.65 -8.82
N LYS A 66 -6.56 3.63 -9.71
CA LYS A 66 -7.47 4.77 -9.50
C LYS A 66 -8.93 4.31 -9.33
N GLY A 67 -9.41 4.37 -8.07
CA GLY A 67 -10.81 4.02 -7.75
C GLY A 67 -11.00 2.57 -7.31
N ARG A 68 -10.11 1.66 -7.77
CA ARG A 68 -10.18 0.23 -7.41
C ARG A 68 -9.49 -0.03 -6.06
N PHE A 69 -8.48 0.80 -5.73
CA PHE A 69 -7.83 0.81 -4.40
C PHE A 69 -8.35 1.98 -3.57
N THR A 70 -8.36 1.79 -2.25
CA THR A 70 -8.82 2.80 -1.29
C THR A 70 -8.02 2.66 0.02
N ILE A 71 -7.52 3.79 0.54
CA ILE A 71 -6.82 3.81 1.83
C ILE A 71 -7.78 4.35 2.90
N SER A 72 -7.73 3.72 4.06
CA SER A 72 -8.42 4.16 5.27
C SER A 72 -7.42 4.02 6.43
N ARG A 73 -7.62 4.79 7.51
CA ARG A 73 -6.74 4.69 8.69
C ARG A 73 -7.50 5.13 9.95
N ASP A 74 -7.05 4.61 11.09
CA ASP A 74 -7.65 4.86 12.40
C ASP A 74 -6.55 5.33 13.34
N ASN A 75 -6.60 6.62 13.70
CA ASN A 75 -5.59 7.27 14.55
C ASN A 75 -5.70 6.76 16.00
N ALA A 76 -6.94 6.40 16.42
CA ALA A 76 -7.21 5.84 17.77
C ALA A 76 -6.78 4.37 17.86
N LYS A 77 -7.01 3.60 16.77
CA LYS A 77 -6.61 2.18 16.70
C LYS A 77 -5.11 2.04 16.39
N ASN A 78 -4.51 3.14 15.89
CA ASN A 78 -3.09 3.19 15.45
C ASN A 78 -2.86 2.17 14.31
N THR A 79 -3.90 1.97 13.47
CA THR A 79 -3.91 0.93 12.42
C THR A 79 -4.41 1.51 11.08
N VAL A 80 -3.68 1.21 9.99
CA VAL A 80 -4.03 1.61 8.63
C VAL A 80 -4.60 0.40 7.86
N TYR A 81 -5.42 0.65 6.83
CA TYR A 81 -6.03 -0.38 5.98
C TYR A 81 -5.89 0.02 4.50
N LEU A 82 -5.57 -0.97 3.65
CA LEU A 82 -5.51 -0.79 2.19
C LEU A 82 -6.46 -1.81 1.55
N GLN A 83 -7.60 -1.31 1.08
CA GLN A 83 -8.64 -2.12 0.45
C GLN A 83 -8.36 -2.25 -1.05
N MET A 84 -7.95 -3.45 -1.47
CA MET A 84 -7.74 -3.80 -2.87
C MET A 84 -9.05 -4.32 -3.47
N ASN A 85 -9.36 -3.91 -4.69
CA ASN A 85 -10.50 -4.46 -5.47
C ASN A 85 -10.03 -4.62 -6.92
N SER A 86 -10.32 -5.78 -7.54
CA SER A 86 -9.89 -6.10 -8.91
C SER A 86 -8.36 -6.03 -9.06
N LEU A 87 -7.67 -7.03 -8.49
CA LEU A 87 -6.22 -7.17 -8.66
C LEU A 87 -5.89 -7.62 -10.09
N LYS A 88 -4.86 -7.00 -10.67
CA LYS A 88 -4.38 -7.29 -12.02
C LYS A 88 -3.60 -8.63 -12.01
N PRO A 89 -3.53 -9.40 -13.13
CA PRO A 89 -2.75 -10.67 -13.18
C PRO A 89 -1.23 -10.49 -12.90
N GLU A 90 -0.70 -9.27 -13.16
CA GLU A 90 0.71 -8.90 -12.86
C GLU A 90 0.85 -8.15 -11.51
N ASP A 91 -0.24 -8.05 -10.72
CA ASP A 91 -0.28 -7.19 -9.48
C ASP A 91 0.60 -7.77 -8.33
N THR A 92 1.12 -9.01 -8.51
CA THR A 92 2.04 -9.66 -7.56
C THR A 92 3.27 -8.76 -7.26
N ALA A 93 3.27 -8.18 -6.06
CA ALA A 93 4.31 -7.22 -5.63
C ALA A 93 4.26 -7.05 -4.11
N VAL A 94 5.38 -6.58 -3.52
CA VAL A 94 5.43 -6.29 -2.09
C VAL A 94 5.01 -4.83 -1.84
N TYR A 95 4.00 -4.65 -0.97
CA TYR A 95 3.46 -3.33 -0.60
C TYR A 95 4.06 -2.88 0.74
N ASN A 96 4.70 -1.71 0.73
CA ASN A 96 5.19 -1.05 1.93
C ASN A 96 4.39 0.24 2.13
N CYS A 97 3.83 0.42 3.33
CA CYS A 97 3.14 1.65 3.71
C CYS A 97 4.23 2.63 4.18
N ALA A 98 4.58 3.59 3.33
CA ALA A 98 5.67 4.54 3.58
C ALA A 98 5.11 5.93 3.93
N ALA A 99 5.64 6.53 5.02
CA ALA A 99 5.20 7.84 5.52
C ALA A 99 6.26 8.90 5.24
N GLY A 100 5.87 10.18 5.41
CA GLY A 100 6.76 11.30 5.17
C GLY A 100 6.79 11.68 3.69
N LYS A 101 5.62 12.09 3.17
CA LYS A 101 5.48 12.60 1.78
C LYS A 101 6.36 13.85 1.63
N TRP A 102 7.32 13.78 0.66
CA TRP A 102 8.51 14.66 0.60
C TRP A 102 9.43 14.35 1.80
N ASP A 103 10.55 13.64 1.56
CA ASP A 103 11.47 13.19 2.63
C ASP A 103 12.13 14.40 3.33
N GLY A 104 12.72 14.12 4.51
CA GLY A 104 13.38 15.17 5.30
C GLY A 104 14.02 14.64 6.56
N SER A 105 13.33 13.71 7.25
CA SER A 105 13.80 13.14 8.52
C SER A 105 14.98 12.18 8.29
N TYR A 106 14.88 11.30 7.27
CA TYR A 106 15.93 10.31 6.93
C TYR A 106 16.14 10.28 5.40
N TYR A 107 17.33 9.83 4.99
CA TYR A 107 17.67 9.59 3.57
C TYR A 107 17.08 8.25 3.09
N GLY A 108 16.44 8.27 1.92
CA GLY A 108 15.84 7.09 1.32
C GLY A 108 14.76 7.47 0.33
N ALA A 109 14.35 6.51 -0.54
CA ALA A 109 13.19 6.69 -1.40
C ALA A 109 11.92 6.90 -0.55
N PRO A 110 11.65 6.06 0.52
CA PRO A 110 10.71 6.44 1.59
C PRO A 110 11.44 7.14 2.77
N ASP A 111 10.78 8.14 3.37
CA ASP A 111 11.29 8.83 4.58
C ASP A 111 11.15 7.89 5.79
N TYR A 112 9.92 7.36 5.92
CA TYR A 112 9.59 6.22 6.77
C TYR A 112 9.04 5.12 5.86
N TRP A 113 9.17 3.85 6.26
CA TRP A 113 8.71 2.72 5.43
C TRP A 113 7.99 1.68 6.27
N GLY A 114 7.10 0.92 5.59
CA GLY A 114 6.57 -0.30 6.13
C GLY A 114 7.53 -1.46 5.91
N GLN A 115 7.34 -2.54 6.66
CA GLN A 115 8.23 -3.72 6.61
C GLN A 115 7.87 -4.69 5.46
N GLY A 116 6.98 -4.24 4.54
CA GLY A 116 6.61 -4.99 3.34
C GLY A 116 5.60 -6.09 3.59
N THR A 117 4.62 -6.23 2.68
CA THR A 117 3.64 -7.33 2.67
C THR A 117 3.49 -7.84 1.22
N GLN A 118 4.05 -9.04 0.95
CA GLN A 118 4.06 -9.62 -0.41
C GLN A 118 2.68 -10.16 -0.75
N VAL A 119 1.96 -9.45 -1.63
CA VAL A 119 0.68 -9.90 -2.16
C VAL A 119 0.93 -10.68 -3.46
N THR A 120 0.19 -11.76 -3.65
CA THR A 120 0.30 -12.63 -4.82
C THR A 120 -1.09 -12.75 -5.45
N VAL A 121 -1.16 -12.67 -6.78
CA VAL A 121 -2.43 -12.71 -7.50
C VAL A 121 -2.49 -13.98 -8.38
N SER A 122 -3.55 -14.79 -8.20
CA SER A 122 -3.80 -16.00 -8.98
C SER A 122 -4.48 -15.61 -10.31
N SER A 123 -3.76 -15.77 -11.41
CA SER A 123 -4.19 -15.36 -12.76
C SER A 123 -5.20 -16.37 -13.35
N LEU A 124 -6.25 -15.81 -14.00
CA LEU A 124 -7.31 -16.56 -14.71
C LEU A 124 -8.29 -17.31 -13.76
N GLU A 125 -7.97 -17.40 -12.45
CA GLU A 125 -8.78 -18.16 -11.47
C GLU A 125 -10.14 -17.47 -11.23
N HIS A 126 -11.20 -18.00 -11.90
CA HIS A 126 -12.60 -17.53 -11.76
C HIS A 126 -13.56 -18.73 -11.93
N HIS A 127 -13.31 -19.51 -13.01
CA HIS A 127 -14.17 -20.64 -13.45
C HIS A 127 -15.57 -20.11 -13.83
N HIS A 128 -15.58 -18.88 -14.41
CA HIS A 128 -16.81 -18.18 -14.80
C HIS A 128 -17.48 -18.89 -15.99
N HIS A 129 -18.60 -19.54 -15.71
CA HIS A 129 -19.40 -20.26 -16.73
C HIS A 129 -20.63 -19.41 -17.09
N HIS A 130 -21.03 -19.45 -18.38
CA HIS A 130 -22.21 -18.70 -18.88
C HIS A 130 -23.50 -19.48 -18.59
N HIS A 131 -24.40 -18.90 -17.76
CA HIS A 131 -25.73 -19.45 -17.46
C HIS A 131 -26.82 -18.56 -18.12
N MET A 1 13.07 5.99 20.36
CA MET A 1 11.78 6.44 19.82
C MET A 1 11.76 6.24 18.29
N GLN A 2 11.07 5.17 17.84
CA GLN A 2 10.92 4.82 16.41
C GLN A 2 9.44 4.48 16.11
N LEU A 3 9.03 4.68 14.86
CA LEU A 3 7.69 4.30 14.38
C LEU A 3 7.69 2.82 13.95
N GLN A 4 7.00 1.99 14.73
CA GLN A 4 6.78 0.57 14.43
C GLN A 4 5.57 0.41 13.50
N LEU A 5 5.76 -0.30 12.38
CA LEU A 5 4.71 -0.57 11.38
C LEU A 5 4.64 -2.09 11.13
N VAL A 6 3.43 -2.68 11.27
CA VAL A 6 3.21 -4.14 11.13
C VAL A 6 1.99 -4.39 10.21
N GLU A 7 2.27 -4.80 8.96
CA GLU A 7 1.24 -5.04 7.94
C GLU A 7 0.75 -6.49 8.03
N SER A 8 -0.56 -6.69 7.92
CA SER A 8 -1.19 -8.01 8.00
C SER A 8 -2.44 -8.07 7.10
N GLY A 9 -3.01 -9.28 6.94
CA GLY A 9 -4.17 -9.50 6.09
C GLY A 9 -3.81 -9.80 4.63
N GLY A 10 -2.51 -10.08 4.38
CA GLY A 10 -2.01 -10.39 3.04
C GLY A 10 -2.10 -11.88 2.73
N GLY A 11 -2.37 -12.21 1.46
CA GLY A 11 -2.49 -13.61 1.03
C GLY A 11 -2.68 -13.74 -0.47
N LEU A 12 -3.13 -14.94 -0.89
CA LEU A 12 -3.43 -15.23 -2.30
C LEU A 12 -4.83 -14.71 -2.66
N VAL A 13 -4.97 -14.22 -3.89
CA VAL A 13 -6.22 -13.64 -4.42
C VAL A 13 -6.26 -13.86 -5.93
N GLN A 14 -7.48 -13.96 -6.50
CA GLN A 14 -7.66 -14.14 -7.94
C GLN A 14 -7.59 -12.78 -8.67
N ALA A 15 -7.24 -12.82 -9.96
CA ALA A 15 -7.29 -11.63 -10.83
C ALA A 15 -8.76 -11.30 -11.15
N GLY A 16 -9.13 -10.02 -10.94
CA GLY A 16 -10.53 -9.57 -10.93
C GLY A 16 -11.09 -9.56 -9.50
N GLY A 17 -10.23 -9.92 -8.53
CA GLY A 17 -10.59 -9.97 -7.12
C GLY A 17 -10.19 -8.72 -6.34
N SER A 18 -10.24 -8.84 -5.00
CA SER A 18 -9.96 -7.75 -4.06
C SER A 18 -9.33 -8.30 -2.77
N LEU A 19 -8.68 -7.42 -2.02
CA LEU A 19 -7.97 -7.75 -0.76
C LEU A 19 -7.86 -6.49 0.10
N ARG A 20 -7.89 -6.62 1.43
CA ARG A 20 -7.78 -5.47 2.35
C ARG A 20 -6.68 -5.73 3.39
N LEU A 21 -5.66 -4.87 3.37
CA LEU A 21 -4.53 -4.92 4.31
C LEU A 21 -4.85 -4.06 5.54
N SER A 22 -4.17 -4.36 6.65
CA SER A 22 -4.30 -3.65 7.91
C SER A 22 -2.92 -3.55 8.56
N CYS A 23 -2.46 -2.33 8.87
CA CYS A 23 -1.10 -2.08 9.38
C CYS A 23 -1.16 -1.36 10.73
N ALA A 24 -0.63 -2.00 11.79
CA ALA A 24 -0.59 -1.44 13.15
C ALA A 24 0.64 -0.53 13.31
N ALA A 25 0.39 0.73 13.71
CA ALA A 25 1.43 1.75 13.92
C ALA A 25 1.57 2.04 15.43
N SER A 26 2.82 2.28 15.88
CA SER A 26 3.13 2.50 17.31
C SER A 26 4.49 3.22 17.45
N GLY A 27 4.87 3.57 18.70
CA GLY A 27 6.14 4.25 19.00
C GLY A 27 6.04 5.75 18.74
N ARG A 28 6.50 6.18 17.54
CA ARG A 28 6.29 7.56 17.07
C ARG A 28 4.86 7.69 16.52
N THR A 29 4.25 8.85 16.73
CA THR A 29 2.89 9.13 16.29
C THR A 29 2.88 9.33 14.75
N PHE A 30 2.42 8.30 14.00
CA PHE A 30 2.39 8.29 12.52
C PHE A 30 1.57 9.47 11.95
N SER A 31 0.61 9.96 12.75
CA SER A 31 -0.29 11.06 12.38
C SER A 31 0.41 12.44 12.45
N SER A 32 1.69 12.45 12.82
CA SER A 32 2.55 13.64 12.71
C SER A 32 3.22 13.69 11.30
N TYR A 33 3.16 12.57 10.55
CA TYR A 33 3.89 12.41 9.26
C TYR A 33 2.92 12.04 8.13
N ALA A 34 3.44 12.06 6.88
CA ALA A 34 2.72 11.54 5.70
C ALA A 34 3.09 10.06 5.53
N MET A 35 2.08 9.20 5.29
CA MET A 35 2.24 7.74 5.31
C MET A 35 1.64 7.15 4.01
N GLY A 36 2.39 6.27 3.32
CA GLY A 36 1.95 5.70 2.04
C GLY A 36 2.51 4.32 1.74
N TRP A 37 1.84 3.60 0.82
CA TRP A 37 2.19 2.23 0.41
C TRP A 37 3.01 2.26 -0.89
N PHE A 38 4.12 1.51 -0.88
CA PHE A 38 5.04 1.34 -2.03
C PHE A 38 5.27 -0.17 -2.25
N ARG A 39 5.11 -0.65 -3.50
CA ARG A 39 5.20 -2.10 -3.81
C ARG A 39 6.40 -2.41 -4.72
N GLN A 40 6.86 -3.67 -4.68
CA GLN A 40 7.91 -4.19 -5.58
C GLN A 40 7.98 -5.71 -5.49
N ALA A 41 8.37 -6.36 -6.62
CA ALA A 41 8.72 -7.80 -6.65
C ALA A 41 9.12 -8.25 -8.09
N PRO A 42 8.23 -8.13 -9.15
CA PRO A 42 8.52 -8.68 -10.50
C PRO A 42 9.40 -7.72 -11.35
N GLY A 43 10.70 -7.66 -10.99
CA GLY A 43 11.65 -6.77 -11.67
C GLY A 43 11.43 -5.30 -11.35
N LYS A 44 10.84 -5.03 -10.18
CA LYS A 44 10.42 -3.69 -9.76
C LYS A 44 11.21 -3.21 -8.52
N GLU A 45 11.48 -1.89 -8.48
CA GLU A 45 11.87 -1.19 -7.24
C GLU A 45 10.58 -0.67 -6.57
N ARG A 46 10.66 -0.18 -5.31
CA ARG A 46 9.47 0.34 -4.59
C ARG A 46 8.91 1.57 -5.32
N GLU A 47 7.80 1.33 -6.03
CA GLU A 47 7.13 2.34 -6.85
C GLU A 47 6.00 2.98 -6.05
N PHE A 48 5.72 4.25 -6.37
CA PHE A 48 4.61 5.00 -5.78
C PHE A 48 3.27 4.38 -6.20
N VAL A 49 2.60 3.74 -5.22
CA VAL A 49 1.23 3.27 -5.40
C VAL A 49 0.30 4.40 -4.94
N ALA A 50 0.32 4.69 -3.63
CA ALA A 50 -0.58 5.69 -3.05
C ALA A 50 -0.11 6.13 -1.65
N VAL A 51 -0.11 7.45 -1.40
CA VAL A 51 0.21 8.04 -0.07
C VAL A 51 -1.03 8.77 0.48
N VAL A 52 -1.35 8.53 1.75
CA VAL A 52 -2.48 9.17 2.43
C VAL A 52 -1.98 10.24 3.44
N ASN A 53 -2.79 11.28 3.61
CA ASN A 53 -2.65 12.27 4.69
C ASN A 53 -3.16 11.64 5.99
N TRP A 54 -2.60 12.06 7.14
CA TRP A 54 -2.89 11.45 8.46
C TRP A 54 -4.39 11.54 8.85
N SER A 55 -5.02 12.65 8.45
CA SER A 55 -6.45 12.91 8.72
C SER A 55 -7.35 12.29 7.63
N GLY A 56 -6.71 11.85 6.52
CA GLY A 56 -7.42 11.41 5.33
C GLY A 56 -7.86 12.58 4.45
N ARG A 57 -7.28 13.76 4.72
CA ARG A 57 -7.60 15.02 4.02
C ARG A 57 -7.33 14.90 2.52
N ARG A 58 -6.15 14.35 2.19
CA ARG A 58 -5.64 14.24 0.81
C ARG A 58 -5.10 12.83 0.58
N THR A 59 -5.55 12.20 -0.51
CA THR A 59 -5.04 10.91 -0.96
C THR A 59 -4.40 11.10 -2.34
N TYR A 60 -3.17 10.63 -2.49
CA TYR A 60 -2.37 10.76 -3.71
C TYR A 60 -2.24 9.37 -4.34
N TYR A 61 -2.77 9.19 -5.54
CA TYR A 61 -2.70 7.91 -6.28
C TYR A 61 -1.85 8.07 -7.54
N ALA A 62 -1.27 6.95 -7.98
CA ALA A 62 -0.77 6.82 -9.36
C ALA A 62 -1.97 6.60 -10.30
N ASP A 63 -1.90 7.12 -11.53
CA ASP A 63 -3.01 7.05 -12.51
C ASP A 63 -3.38 5.59 -12.86
N SER A 64 -2.40 4.68 -12.71
CA SER A 64 -2.59 3.23 -12.92
C SER A 64 -3.45 2.62 -11.79
N VAL A 65 -3.17 3.06 -10.54
CA VAL A 65 -3.79 2.49 -9.33
C VAL A 65 -5.04 3.28 -8.88
N LYS A 66 -5.31 4.40 -9.58
CA LYS A 66 -6.38 5.34 -9.24
C LYS A 66 -7.76 4.69 -9.46
N GLY A 67 -8.56 4.60 -8.37
CA GLY A 67 -9.94 4.10 -8.41
C GLY A 67 -10.07 2.61 -8.08
N ARG A 68 -9.00 1.85 -8.33
CA ARG A 68 -8.95 0.39 -8.05
C ARG A 68 -8.28 0.12 -6.69
N PHE A 69 -7.61 1.16 -6.14
CA PHE A 69 -7.09 1.14 -4.76
C PHE A 69 -7.67 2.34 -3.99
N THR A 70 -7.72 2.21 -2.67
CA THR A 70 -8.14 3.27 -1.73
C THR A 70 -7.38 3.10 -0.42
N ILE A 71 -6.90 4.20 0.20
CA ILE A 71 -6.27 4.14 1.54
C ILE A 71 -7.26 4.65 2.58
N SER A 72 -7.21 4.03 3.76
CA SER A 72 -7.96 4.42 4.95
C SER A 72 -7.00 4.35 6.14
N ARG A 73 -7.29 5.10 7.20
CA ARG A 73 -6.49 5.09 8.43
C ARG A 73 -7.37 5.54 9.60
N ASP A 74 -6.98 5.16 10.81
CA ASP A 74 -7.69 5.52 12.03
C ASP A 74 -6.67 5.85 13.11
N ASN A 75 -6.72 7.09 13.60
CA ASN A 75 -5.72 7.64 14.53
C ASN A 75 -6.00 7.24 15.99
N ALA A 76 -7.13 6.56 16.26
CA ALA A 76 -7.43 6.00 17.60
C ALA A 76 -6.78 4.62 17.75
N LYS A 77 -7.08 3.73 16.79
CA LYS A 77 -6.52 2.37 16.74
C LYS A 77 -5.08 2.38 16.18
N ASN A 78 -4.71 3.54 15.57
CA ASN A 78 -3.39 3.77 14.97
C ASN A 78 -3.11 2.78 13.83
N THR A 79 -4.18 2.40 13.10
CA THR A 79 -4.12 1.36 12.06
C THR A 79 -4.50 1.93 10.68
N VAL A 80 -3.66 1.60 9.66
CA VAL A 80 -3.87 2.01 8.26
C VAL A 80 -4.40 0.81 7.43
N TYR A 81 -5.60 0.96 6.85
CA TYR A 81 -6.25 -0.08 6.04
C TYR A 81 -6.10 0.25 4.54
N LEU A 82 -5.48 -0.65 3.74
CA LEU A 82 -5.33 -0.45 2.29
C LEU A 82 -6.30 -1.38 1.55
N GLN A 83 -7.31 -0.78 0.92
CA GLN A 83 -8.31 -1.48 0.13
C GLN A 83 -7.79 -1.69 -1.32
N MET A 84 -7.35 -2.92 -1.60
CA MET A 84 -6.98 -3.37 -2.95
C MET A 84 -8.23 -3.90 -3.66
N ASN A 85 -8.38 -3.60 -4.96
CA ASN A 85 -9.53 -4.09 -5.75
C ASN A 85 -9.19 -4.12 -7.26
N SER A 86 -9.91 -5.01 -8.00
CA SER A 86 -9.80 -5.14 -9.47
C SER A 86 -8.37 -5.57 -9.86
N LEU A 87 -7.80 -6.46 -9.02
CA LEU A 87 -6.38 -6.82 -9.05
C LEU A 87 -6.02 -7.61 -10.30
N LYS A 88 -4.97 -7.16 -10.97
CA LYS A 88 -4.44 -7.76 -12.20
C LYS A 88 -3.21 -8.61 -11.82
N PRO A 89 -2.85 -9.67 -12.62
CA PRO A 89 -1.74 -10.62 -12.27
C PRO A 89 -0.37 -9.94 -11.97
N GLU A 90 -0.19 -8.73 -12.51
CA GLU A 90 1.04 -7.93 -12.39
C GLU A 90 1.15 -7.21 -11.02
N ASP A 91 0.04 -7.15 -10.27
CA ASP A 91 -0.02 -6.51 -8.93
C ASP A 91 0.61 -7.39 -7.82
N THR A 92 1.06 -8.62 -8.20
CA THR A 92 1.80 -9.52 -7.28
C THR A 92 3.12 -8.86 -6.84
N ALA A 93 3.17 -8.43 -5.57
CA ALA A 93 4.30 -7.64 -5.03
C ALA A 93 4.20 -7.53 -3.51
N VAL A 94 5.34 -7.22 -2.87
CA VAL A 94 5.37 -6.92 -1.43
C VAL A 94 5.05 -5.42 -1.23
N TYR A 95 3.91 -5.15 -0.56
CA TYR A 95 3.42 -3.79 -0.26
C TYR A 95 3.92 -3.39 1.13
N ASN A 96 4.76 -2.36 1.21
CA ASN A 96 5.27 -1.84 2.48
C ASN A 96 4.52 -0.57 2.87
N CYS A 97 4.07 -0.54 4.12
CA CYS A 97 3.49 0.64 4.75
C CYS A 97 4.65 1.50 5.23
N ALA A 98 4.93 2.56 4.47
CA ALA A 98 6.05 3.47 4.71
C ALA A 98 5.55 4.81 5.24
N ALA A 99 6.47 5.58 5.84
CA ALA A 99 6.19 6.93 6.35
C ALA A 99 7.46 7.78 6.22
N GLY A 100 7.31 8.96 5.61
CA GLY A 100 8.42 9.88 5.37
C GLY A 100 7.92 11.23 4.88
N LYS A 101 8.76 12.26 5.04
CA LYS A 101 8.43 13.63 4.64
C LYS A 101 8.72 13.80 3.13
N TRP A 102 7.71 14.29 2.40
CA TRP A 102 7.83 14.69 0.99
C TRP A 102 6.86 15.87 0.76
N ASP A 103 7.32 16.90 0.01
CA ASP A 103 6.54 18.13 -0.22
C ASP A 103 5.55 17.95 -1.38
N GLY A 104 6.01 17.29 -2.44
CA GLY A 104 5.19 17.03 -3.62
C GLY A 104 6.05 16.66 -4.82
N SER A 105 6.45 17.67 -5.59
CA SER A 105 7.42 17.52 -6.68
C SER A 105 8.79 17.13 -6.09
N TYR A 106 9.19 17.84 -5.03
CA TYR A 106 10.35 17.46 -4.23
C TYR A 106 9.93 16.37 -3.22
N TYR A 107 10.34 15.14 -3.52
CA TYR A 107 10.19 14.00 -2.61
C TYR A 107 11.49 13.85 -1.80
N GLY A 108 11.39 13.22 -0.62
CA GLY A 108 12.56 12.90 0.18
C GLY A 108 12.89 11.42 0.10
N ALA A 109 12.77 10.73 1.24
CA ALA A 109 12.95 9.28 1.35
C ALA A 109 12.05 8.77 2.50
N PRO A 110 11.26 7.67 2.30
CA PRO A 110 10.49 7.06 3.40
C PRO A 110 11.44 6.57 4.52
N ASP A 111 11.41 7.24 5.68
CA ASP A 111 12.33 6.95 6.79
C ASP A 111 11.99 5.58 7.40
N TYR A 112 10.69 5.35 7.59
CA TYR A 112 10.16 4.11 8.18
C TYR A 112 9.38 3.31 7.13
N TRP A 113 9.40 1.99 7.31
CA TRP A 113 8.47 1.05 6.65
C TRP A 113 8.43 -0.23 7.48
N GLY A 114 7.30 -0.94 7.40
CA GLY A 114 7.15 -2.21 8.10
C GLY A 114 7.80 -3.37 7.37
N GLN A 115 7.41 -4.59 7.76
CA GLN A 115 8.00 -5.84 7.22
C GLN A 115 7.64 -6.00 5.74
N GLY A 116 6.41 -5.60 5.41
CA GLY A 116 5.87 -5.71 4.06
C GLY A 116 4.96 -6.91 3.90
N THR A 117 3.77 -6.68 3.33
CA THR A 117 2.77 -7.74 3.10
C THR A 117 2.82 -8.19 1.62
N GLN A 118 3.35 -9.42 1.43
CA GLN A 118 3.51 -10.03 0.10
C GLN A 118 2.16 -10.59 -0.37
N VAL A 119 1.51 -9.86 -1.28
CA VAL A 119 0.24 -10.28 -1.90
C VAL A 119 0.55 -11.06 -3.20
N THR A 120 -0.17 -12.17 -3.40
CA THR A 120 0.01 -13.02 -4.58
C THR A 120 -1.31 -13.10 -5.34
N VAL A 121 -1.39 -12.41 -6.48
CA VAL A 121 -2.58 -12.43 -7.34
C VAL A 121 -2.33 -13.37 -8.53
N SER A 122 -3.14 -14.46 -8.59
CA SER A 122 -3.02 -15.51 -9.60
C SER A 122 -3.24 -14.96 -11.02
N SER A 123 -2.45 -15.47 -11.97
CA SER A 123 -2.44 -15.01 -13.34
C SER A 123 -3.68 -15.52 -14.11
N LEU A 124 -4.61 -14.59 -14.38
CA LEU A 124 -5.77 -14.85 -15.27
C LEU A 124 -5.23 -15.01 -16.71
N GLU A 125 -5.92 -15.83 -17.52
CA GLU A 125 -5.51 -16.20 -18.88
C GLU A 125 -5.25 -14.96 -19.77
N HIS A 126 -4.03 -14.86 -20.32
CA HIS A 126 -3.65 -13.83 -21.28
C HIS A 126 -3.78 -14.39 -22.71
N HIS A 127 -4.98 -14.22 -23.27
CA HIS A 127 -5.24 -14.42 -24.71
C HIS A 127 -5.07 -13.05 -25.39
N HIS A 128 -3.84 -12.78 -25.90
CA HIS A 128 -3.51 -11.50 -26.56
C HIS A 128 -4.45 -11.22 -27.75
N HIS A 129 -4.85 -9.95 -27.88
CA HIS A 129 -5.87 -9.51 -28.83
C HIS A 129 -5.37 -9.62 -30.29
N HIS A 130 -5.66 -10.79 -30.91
CA HIS A 130 -5.48 -11.03 -32.35
C HIS A 130 -6.02 -12.44 -32.69
N HIS A 131 -6.95 -12.51 -33.66
CA HIS A 131 -7.49 -13.79 -34.18
C HIS A 131 -6.65 -14.25 -35.40
N MET A 1 10.29 5.09 20.90
CA MET A 1 11.57 5.34 20.19
C MET A 1 11.32 5.87 18.77
N GLN A 2 10.57 5.09 17.98
CA GLN A 2 10.37 5.34 16.54
C GLN A 2 9.01 4.80 16.06
N LEU A 3 8.66 5.11 14.80
CA LEU A 3 7.41 4.64 14.18
C LEU A 3 7.64 3.24 13.56
N GLN A 4 6.98 2.23 14.14
CA GLN A 4 7.07 0.84 13.68
C GLN A 4 5.79 0.47 12.90
N LEU A 5 5.92 0.39 11.56
CA LEU A 5 4.83 0.00 10.66
C LEU A 5 4.86 -1.54 10.46
N VAL A 6 3.71 -2.21 10.69
CA VAL A 6 3.59 -3.69 10.61
C VAL A 6 2.42 -4.05 9.67
N GLU A 7 2.74 -4.46 8.43
CA GLU A 7 1.74 -4.76 7.40
C GLU A 7 1.19 -6.18 7.55
N SER A 8 -0.14 -6.29 7.70
CA SER A 8 -0.86 -7.56 7.81
C SER A 8 -1.84 -7.67 6.62
N GLY A 9 -1.81 -8.83 5.93
CA GLY A 9 -2.69 -9.09 4.79
C GLY A 9 -1.99 -9.80 3.64
N GLY A 10 -0.71 -10.19 3.85
CA GLY A 10 0.04 -10.94 2.85
C GLY A 10 -0.52 -12.35 2.62
N GLY A 11 -1.26 -12.53 1.51
CA GLY A 11 -1.89 -13.82 1.18
C GLY A 11 -2.34 -13.87 -0.26
N LEU A 12 -3.02 -14.96 -0.64
CA LEU A 12 -3.47 -15.20 -2.03
C LEU A 12 -4.84 -14.56 -2.32
N VAL A 13 -5.00 -14.07 -3.54
CA VAL A 13 -6.21 -13.36 -4.01
C VAL A 13 -6.43 -13.68 -5.50
N GLN A 14 -7.67 -13.58 -5.97
CA GLN A 14 -8.03 -13.91 -7.37
C GLN A 14 -7.85 -12.68 -8.30
N ALA A 15 -7.55 -12.96 -9.59
CA ALA A 15 -7.34 -11.91 -10.61
C ALA A 15 -8.66 -11.22 -10.96
N GLY A 16 -8.78 -9.94 -10.55
CA GLY A 16 -10.00 -9.15 -10.73
C GLY A 16 -10.78 -8.99 -9.44
N GLY A 17 -10.29 -9.65 -8.38
CA GLY A 17 -10.92 -9.60 -7.05
C GLY A 17 -10.40 -8.47 -6.19
N SER A 18 -10.74 -8.52 -4.89
CA SER A 18 -10.39 -7.49 -3.91
C SER A 18 -9.64 -8.11 -2.72
N LEU A 19 -8.89 -7.26 -2.01
CA LEU A 19 -8.08 -7.65 -0.85
C LEU A 19 -7.87 -6.42 0.06
N ARG A 20 -8.27 -6.52 1.32
CA ARG A 20 -8.07 -5.45 2.31
C ARG A 20 -6.77 -5.71 3.07
N LEU A 21 -5.85 -4.76 2.97
CA LEU A 21 -4.57 -4.78 3.71
C LEU A 21 -4.67 -3.78 4.85
N SER A 22 -3.90 -3.99 5.92
CA SER A 22 -3.96 -3.13 7.10
C SER A 22 -2.59 -3.11 7.80
N CYS A 23 -2.02 -1.91 7.97
CA CYS A 23 -0.74 -1.71 8.67
C CYS A 23 -0.98 -1.12 10.07
N ALA A 24 -0.42 -1.77 11.09
CA ALA A 24 -0.46 -1.29 12.47
C ALA A 24 0.78 -0.45 12.77
N ALA A 25 0.59 0.78 13.29
CA ALA A 25 1.69 1.70 13.61
C ALA A 25 1.89 1.74 15.13
N SER A 26 3.15 1.54 15.57
CA SER A 26 3.49 1.33 16.98
C SER A 26 4.45 2.42 17.49
N GLY A 27 4.37 2.70 18.81
CA GLY A 27 5.24 3.66 19.48
C GLY A 27 4.90 5.11 19.12
N ARG A 28 5.53 5.59 18.03
CA ARG A 28 5.39 6.98 17.57
C ARG A 28 4.01 7.19 16.90
N THR A 29 3.48 8.40 17.06
CA THR A 29 2.30 8.87 16.35
C THR A 29 2.59 8.97 14.84
N PHE A 30 1.99 8.06 14.05
CA PHE A 30 2.11 8.05 12.57
C PHE A 30 1.55 9.35 11.97
N SER A 31 0.64 9.98 12.75
CA SER A 31 -0.09 11.19 12.37
C SER A 31 0.79 12.45 12.35
N SER A 32 2.03 12.33 12.84
CA SER A 32 3.02 13.40 12.74
C SER A 32 3.72 13.38 11.36
N TYR A 33 3.37 12.38 10.51
CA TYR A 33 4.01 12.14 9.20
C TYR A 33 2.93 11.85 8.13
N ALA A 34 3.33 11.95 6.86
CA ALA A 34 2.53 11.49 5.71
C ALA A 34 3.06 10.13 5.27
N MET A 35 2.18 9.12 5.17
CA MET A 35 2.59 7.71 4.95
C MET A 35 1.98 7.18 3.63
N GLY A 36 2.81 6.47 2.84
CA GLY A 36 2.41 5.94 1.54
C GLY A 36 2.80 4.50 1.33
N TRP A 37 2.22 3.87 0.31
CA TRP A 37 2.38 2.43 0.01
C TRP A 37 3.09 2.27 -1.33
N PHE A 38 3.93 1.22 -1.42
CA PHE A 38 4.77 0.92 -2.59
C PHE A 38 4.70 -0.59 -2.88
N ARG A 39 4.76 -1.00 -4.16
CA ARG A 39 4.72 -2.44 -4.55
C ARG A 39 5.94 -2.80 -5.42
N GLN A 40 6.42 -4.06 -5.30
CA GLN A 40 7.51 -4.60 -6.13
C GLN A 40 7.67 -6.11 -5.92
N ALA A 41 8.24 -6.79 -6.95
CA ALA A 41 8.71 -8.19 -6.86
C ALA A 41 9.23 -8.67 -8.25
N PRO A 42 8.37 -8.70 -9.36
CA PRO A 42 8.76 -9.33 -10.66
C PRO A 42 9.69 -8.43 -11.51
N GLY A 43 10.97 -8.33 -11.11
CA GLY A 43 11.93 -7.42 -11.75
C GLY A 43 11.56 -5.95 -11.55
N LYS A 44 10.81 -5.69 -10.47
CA LYS A 44 10.23 -4.37 -10.15
C LYS A 44 10.89 -3.80 -8.90
N GLU A 45 11.06 -2.47 -8.88
CA GLU A 45 11.46 -1.71 -7.67
C GLU A 45 10.22 -0.99 -7.10
N ARG A 46 10.30 -0.57 -5.81
CA ARG A 46 9.17 0.05 -5.09
C ARG A 46 8.69 1.33 -5.80
N GLU A 47 7.54 1.23 -6.47
CA GLU A 47 6.92 2.36 -7.16
C GLU A 47 5.87 3.02 -6.28
N PHE A 48 5.69 4.32 -6.49
CA PHE A 48 4.64 5.14 -5.85
C PHE A 48 3.26 4.55 -6.20
N VAL A 49 2.57 3.97 -5.20
CA VAL A 49 1.22 3.40 -5.37
C VAL A 49 0.18 4.39 -4.87
N ALA A 50 0.17 4.66 -3.56
CA ALA A 50 -0.81 5.58 -2.96
C ALA A 50 -0.32 6.10 -1.60
N VAL A 51 -0.38 7.42 -1.41
CA VAL A 51 0.05 8.10 -0.17
C VAL A 51 -1.16 8.80 0.44
N VAL A 52 -1.31 8.72 1.75
CA VAL A 52 -2.37 9.43 2.48
C VAL A 52 -1.76 10.29 3.59
N ASN A 53 -2.32 11.49 3.75
CA ASN A 53 -1.97 12.38 4.86
C ASN A 53 -2.80 11.96 6.10
N TRP A 54 -2.32 12.28 7.30
CA TRP A 54 -2.83 11.74 8.59
C TRP A 54 -4.35 11.97 8.81
N SER A 55 -4.84 13.15 8.45
CA SER A 55 -6.24 13.57 8.67
C SER A 55 -7.11 13.24 7.44
N GLY A 56 -6.48 12.66 6.40
CA GLY A 56 -7.17 12.28 5.15
C GLY A 56 -7.58 13.47 4.28
N ARG A 57 -7.13 14.68 4.66
CA ARG A 57 -7.47 15.93 3.97
C ARG A 57 -6.85 15.94 2.56
N ARG A 58 -5.61 15.42 2.45
CA ARG A 58 -4.91 15.24 1.16
C ARG A 58 -4.70 13.75 0.91
N THR A 59 -4.91 13.34 -0.36
CA THR A 59 -4.76 11.96 -0.83
C THR A 59 -3.93 11.98 -2.14
N TYR A 60 -3.10 10.95 -2.32
CA TYR A 60 -2.22 10.79 -3.48
C TYR A 60 -2.43 9.39 -4.05
N TYR A 61 -2.51 9.28 -5.39
CA TYR A 61 -2.65 7.99 -6.08
C TYR A 61 -1.77 7.98 -7.33
N ALA A 62 -1.31 6.79 -7.70
CA ALA A 62 -0.72 6.51 -9.02
C ALA A 62 -1.87 6.29 -10.00
N ASP A 63 -1.74 6.83 -11.21
CA ASP A 63 -2.83 6.80 -12.23
C ASP A 63 -3.21 5.34 -12.61
N SER A 64 -2.23 4.42 -12.48
CA SER A 64 -2.41 2.98 -12.75
C SER A 64 -3.38 2.33 -11.74
N VAL A 65 -3.24 2.71 -10.46
CA VAL A 65 -4.01 2.11 -9.34
C VAL A 65 -5.15 3.05 -8.88
N LYS A 66 -5.25 4.24 -9.49
CA LYS A 66 -6.22 5.28 -9.11
C LYS A 66 -7.67 4.81 -9.34
N GLY A 67 -8.45 4.72 -8.25
CA GLY A 67 -9.87 4.35 -8.30
C GLY A 67 -10.12 2.88 -7.98
N ARG A 68 -9.12 2.02 -8.26
CA ARG A 68 -9.20 0.57 -7.91
C ARG A 68 -8.50 0.33 -6.56
N PHE A 69 -7.59 1.24 -6.18
CA PHE A 69 -6.96 1.27 -4.84
C PHE A 69 -7.54 2.46 -4.07
N THR A 70 -7.54 2.35 -2.73
CA THR A 70 -8.03 3.40 -1.82
C THR A 70 -7.18 3.39 -0.54
N ILE A 71 -6.69 4.57 -0.14
CA ILE A 71 -5.97 4.76 1.14
C ILE A 71 -6.88 5.44 2.17
N SER A 72 -6.96 4.81 3.34
CA SER A 72 -7.70 5.31 4.51
C SER A 72 -6.88 5.05 5.76
N ARG A 73 -7.24 5.67 6.89
CA ARG A 73 -6.54 5.46 8.17
C ARG A 73 -7.42 5.88 9.34
N ASP A 74 -7.05 5.38 10.52
CA ASP A 74 -7.72 5.64 11.79
C ASP A 74 -6.68 6.15 12.78
N ASN A 75 -6.82 7.42 13.19
CA ASN A 75 -5.82 8.12 14.03
C ASN A 75 -5.74 7.53 15.44
N ALA A 76 -6.91 7.09 15.97
CA ALA A 76 -7.02 6.59 17.35
C ALA A 76 -6.27 5.26 17.53
N LYS A 77 -6.48 4.31 16.60
CA LYS A 77 -5.84 2.98 16.64
C LYS A 77 -4.43 3.01 16.03
N ASN A 78 -4.15 4.07 15.23
CA ASN A 78 -2.90 4.22 14.45
C ASN A 78 -2.83 3.17 13.32
N THR A 79 -3.99 2.80 12.78
CA THR A 79 -4.11 1.72 11.78
C THR A 79 -4.48 2.29 10.42
N VAL A 80 -3.73 1.91 9.38
CA VAL A 80 -3.96 2.34 7.99
C VAL A 80 -4.53 1.17 7.18
N TYR A 81 -5.43 1.48 6.23
CA TYR A 81 -6.11 0.47 5.39
C TYR A 81 -5.82 0.76 3.91
N LEU A 82 -5.40 -0.29 3.18
CA LEU A 82 -5.16 -0.23 1.74
C LEU A 82 -6.17 -1.17 1.07
N GLN A 83 -7.18 -0.58 0.41
CA GLN A 83 -8.24 -1.31 -0.28
C GLN A 83 -7.82 -1.62 -1.72
N MET A 84 -7.44 -2.87 -1.99
CA MET A 84 -7.15 -3.36 -3.34
C MET A 84 -8.45 -3.86 -3.98
N ASN A 85 -8.68 -3.45 -5.23
CA ASN A 85 -9.84 -3.90 -6.05
C ASN A 85 -9.36 -4.10 -7.49
N SER A 86 -9.94 -5.12 -8.18
CA SER A 86 -9.66 -5.42 -9.60
C SER A 86 -8.15 -5.66 -9.83
N LEU A 87 -7.56 -6.49 -8.96
CA LEU A 87 -6.12 -6.81 -8.99
C LEU A 87 -5.74 -7.55 -10.28
N LYS A 88 -4.77 -6.98 -11.01
CA LYS A 88 -4.26 -7.58 -12.25
C LYS A 88 -3.46 -8.85 -11.91
N PRO A 89 -3.32 -9.84 -12.85
CA PRO A 89 -2.49 -11.05 -12.62
C PRO A 89 -0.99 -10.74 -12.35
N GLU A 90 -0.56 -9.50 -12.65
CA GLU A 90 0.83 -9.04 -12.40
C GLU A 90 1.01 -8.38 -11.01
N ASP A 91 -0.09 -8.23 -10.24
CA ASP A 91 -0.06 -7.59 -8.89
C ASP A 91 0.52 -8.52 -7.80
N THR A 92 1.03 -9.71 -8.17
CA THR A 92 1.81 -10.57 -7.28
C THR A 92 3.12 -9.84 -6.92
N ALA A 93 3.14 -9.23 -5.73
CA ALA A 93 4.21 -8.34 -5.29
C ALA A 93 4.14 -8.12 -3.78
N VAL A 94 5.29 -7.84 -3.17
CA VAL A 94 5.35 -7.41 -1.77
C VAL A 94 5.02 -5.91 -1.69
N TYR A 95 3.99 -5.58 -0.89
CA TYR A 95 3.63 -4.19 -0.62
C TYR A 95 4.31 -3.75 0.68
N ASN A 96 4.83 -2.51 0.69
CA ASN A 96 5.59 -1.95 1.79
C ASN A 96 5.15 -0.50 2.02
N CYS A 97 4.67 -0.21 3.23
CA CYS A 97 4.31 1.15 3.64
C CYS A 97 5.54 1.88 4.18
N ALA A 98 5.64 3.18 3.91
CA ALA A 98 6.79 4.02 4.30
C ALA A 98 6.31 5.45 4.59
N ALA A 99 6.79 6.03 5.71
CA ALA A 99 6.35 7.36 6.18
C ALA A 99 7.44 8.41 5.94
N GLY A 100 7.03 9.69 5.96
CA GLY A 100 7.93 10.81 5.77
C GLY A 100 7.34 12.11 6.28
N LYS A 101 8.14 12.89 7.05
CA LYS A 101 7.74 14.22 7.52
C LYS A 101 7.74 15.23 6.35
N TRP A 102 6.53 15.76 6.03
CA TRP A 102 6.25 16.72 4.93
C TRP A 102 6.44 16.10 3.54
N ASP A 103 5.32 15.77 2.87
CA ASP A 103 5.32 15.27 1.48
C ASP A 103 4.37 16.13 0.60
N GLY A 104 4.79 16.34 -0.65
CA GLY A 104 3.98 16.97 -1.67
C GLY A 104 4.29 16.34 -3.02
N SER A 105 4.21 14.98 -3.05
CA SER A 105 4.59 14.13 -4.20
C SER A 105 6.12 14.19 -4.46
N TYR A 106 6.87 14.70 -3.46
CA TYR A 106 8.34 14.92 -3.55
C TYR A 106 9.00 14.49 -2.22
N TYR A 107 8.52 13.34 -1.69
CA TYR A 107 9.12 12.65 -0.53
C TYR A 107 10.64 12.43 -0.77
N GLY A 108 11.46 13.08 0.08
CA GLY A 108 12.92 13.06 -0.05
C GLY A 108 13.50 11.66 0.12
N ALA A 109 13.03 10.98 1.16
CA ALA A 109 13.47 9.62 1.53
C ALA A 109 12.40 8.97 2.43
N PRO A 110 12.31 7.60 2.48
CA PRO A 110 11.51 6.90 3.50
C PRO A 110 12.10 7.17 4.91
N ASP A 111 11.53 8.17 5.59
CA ASP A 111 11.90 8.56 6.97
C ASP A 111 11.62 7.40 7.93
N TYR A 112 10.51 6.69 7.65
CA TYR A 112 10.19 5.39 8.25
C TYR A 112 9.75 4.45 7.15
N TRP A 113 9.68 3.16 7.49
CA TRP A 113 9.18 2.11 6.60
C TRP A 113 8.63 0.96 7.45
N GLY A 114 7.95 0.04 6.76
CA GLY A 114 7.39 -1.14 7.40
C GLY A 114 8.13 -2.40 7.04
N GLN A 115 7.57 -3.53 7.48
CA GLN A 115 8.15 -4.86 7.24
C GLN A 115 8.03 -5.24 5.76
N GLY A 116 6.84 -5.00 5.19
CA GLY A 116 6.48 -5.47 3.86
C GLY A 116 6.09 -6.94 3.88
N THR A 117 5.00 -7.30 3.18
CA THR A 117 4.53 -8.69 3.09
C THR A 117 3.97 -8.99 1.69
N GLN A 118 4.25 -10.20 1.19
CA GLN A 118 3.98 -10.62 -0.19
C GLN A 118 2.52 -11.03 -0.37
N VAL A 119 1.82 -10.37 -1.31
CA VAL A 119 0.50 -10.84 -1.81
C VAL A 119 0.72 -11.58 -3.13
N THR A 120 -0.08 -12.62 -3.37
CA THR A 120 0.04 -13.49 -4.54
C THR A 120 -1.32 -13.58 -5.25
N VAL A 121 -1.44 -12.91 -6.40
CA VAL A 121 -2.68 -12.93 -7.19
C VAL A 121 -2.62 -14.09 -8.22
N SER A 122 -3.57 -15.03 -8.08
CA SER A 122 -3.75 -16.15 -9.00
C SER A 122 -4.24 -15.64 -10.35
N SER A 123 -3.42 -15.86 -11.40
CA SER A 123 -3.73 -15.40 -12.76
C SER A 123 -4.87 -16.24 -13.37
N LEU A 124 -6.10 -15.72 -13.28
CA LEU A 124 -7.29 -16.32 -13.91
C LEU A 124 -7.56 -15.59 -15.22
N GLU A 125 -7.23 -16.25 -16.34
CA GLU A 125 -7.37 -15.70 -17.69
C GLU A 125 -7.58 -16.84 -18.70
N HIS A 126 -7.85 -16.46 -19.97
CA HIS A 126 -8.07 -17.41 -21.06
C HIS A 126 -7.79 -16.68 -22.40
N HIS A 127 -8.55 -15.60 -22.64
CA HIS A 127 -8.42 -14.79 -23.87
C HIS A 127 -9.09 -13.40 -23.69
N HIS A 128 -10.25 -13.39 -22.99
CA HIS A 128 -11.15 -12.21 -22.87
C HIS A 128 -11.75 -11.81 -24.25
N HIS A 129 -12.54 -10.72 -24.28
CA HIS A 129 -13.05 -10.14 -25.53
C HIS A 129 -13.06 -8.61 -25.41
N HIS A 130 -12.32 -7.95 -26.32
CA HIS A 130 -12.28 -6.48 -26.38
C HIS A 130 -13.03 -6.02 -27.63
N HIS A 131 -14.14 -5.30 -27.42
CA HIS A 131 -14.90 -4.69 -28.52
C HIS A 131 -14.35 -3.25 -28.75
N MET A 1 12.16 7.97 18.18
CA MET A 1 10.72 7.69 18.07
C MET A 1 10.47 6.69 16.91
N GLN A 2 11.23 5.57 16.92
CA GLN A 2 11.22 4.54 15.86
C GLN A 2 9.79 3.99 15.61
N LEU A 3 9.21 4.38 14.46
CA LEU A 3 7.88 3.92 14.05
C LEU A 3 8.00 2.53 13.42
N GLN A 4 7.48 1.52 14.12
CA GLN A 4 7.36 0.16 13.60
C GLN A 4 5.99 0.01 12.94
N LEU A 5 5.98 -0.45 11.70
CA LEU A 5 4.77 -0.74 10.93
C LEU A 5 4.70 -2.26 10.68
N VAL A 6 3.54 -2.87 10.96
CA VAL A 6 3.31 -4.31 10.77
C VAL A 6 2.27 -4.51 9.66
N GLU A 7 2.72 -4.83 8.46
CA GLU A 7 1.85 -5.01 7.29
C GLU A 7 1.28 -6.45 7.31
N SER A 8 -0.05 -6.56 7.15
CA SER A 8 -0.78 -7.82 7.24
C SER A 8 -1.84 -7.86 6.12
N GLY A 9 -2.01 -9.04 5.50
CA GLY A 9 -2.92 -9.19 4.35
C GLY A 9 -2.19 -9.71 3.11
N GLY A 10 -0.96 -10.20 3.31
CA GLY A 10 -0.13 -10.75 2.23
C GLY A 10 -0.52 -12.19 1.88
N GLY A 11 -1.76 -12.36 1.38
CA GLY A 11 -2.32 -13.66 1.00
C GLY A 11 -2.63 -13.74 -0.48
N LEU A 12 -3.43 -14.75 -0.87
CA LEU A 12 -3.80 -14.98 -2.27
C LEU A 12 -5.26 -14.55 -2.54
N VAL A 13 -5.48 -13.98 -3.74
CA VAL A 13 -6.79 -13.54 -4.25
C VAL A 13 -6.76 -13.63 -5.79
N GLN A 14 -7.89 -13.99 -6.41
CA GLN A 14 -7.97 -14.22 -7.88
C GLN A 14 -7.83 -12.90 -8.65
N ALA A 15 -7.37 -13.01 -9.92
CA ALA A 15 -7.27 -11.87 -10.85
C ALA A 15 -8.69 -11.36 -11.17
N GLY A 16 -8.96 -10.11 -10.76
CA GLY A 16 -10.29 -9.48 -10.88
C GLY A 16 -10.95 -9.27 -9.52
N GLY A 17 -10.40 -9.95 -8.50
CA GLY A 17 -10.92 -9.88 -7.13
C GLY A 17 -10.50 -8.62 -6.37
N SER A 18 -10.66 -8.66 -5.04
CA SER A 18 -10.37 -7.53 -4.15
C SER A 18 -9.80 -8.04 -2.82
N LEU A 19 -8.97 -7.22 -2.17
CA LEU A 19 -8.23 -7.61 -0.95
C LEU A 19 -7.87 -6.36 -0.13
N ARG A 20 -8.28 -6.35 1.15
CA ARG A 20 -7.94 -5.27 2.09
C ARG A 20 -6.67 -5.63 2.88
N LEU A 21 -5.71 -4.70 2.90
CA LEU A 21 -4.49 -4.77 3.71
C LEU A 21 -4.70 -4.00 5.01
N SER A 22 -3.94 -4.32 6.05
CA SER A 22 -4.00 -3.64 7.35
C SER A 22 -2.60 -3.57 7.97
N CYS A 23 -2.15 -2.35 8.29
CA CYS A 23 -0.83 -2.10 8.89
C CYS A 23 -0.99 -1.55 10.31
N ALA A 24 -0.53 -2.33 11.30
CA ALA A 24 -0.54 -1.91 12.72
C ALA A 24 0.70 -1.07 13.02
N ALA A 25 0.48 0.18 13.42
CA ALA A 25 1.56 1.17 13.61
C ALA A 25 1.80 1.39 15.10
N SER A 26 3.07 1.62 15.45
CA SER A 26 3.48 1.96 16.82
C SER A 26 2.89 3.35 17.21
N GLY A 27 2.80 3.61 18.52
CA GLY A 27 2.27 4.88 19.05
C GLY A 27 3.30 6.00 19.03
N ARG A 28 3.87 6.24 17.84
CA ARG A 28 4.87 7.28 17.59
C ARG A 28 4.22 8.53 16.97
N THR A 29 5.05 9.47 16.52
CA THR A 29 4.60 10.74 15.90
C THR A 29 4.24 10.55 14.39
N PHE A 30 3.55 9.44 14.05
CA PHE A 30 3.17 9.12 12.64
C PHE A 30 2.10 10.09 12.11
N SER A 31 1.39 10.76 13.03
CA SER A 31 0.36 11.77 12.69
C SER A 31 1.00 13.11 12.27
N SER A 32 2.30 13.29 12.58
CA SER A 32 3.09 14.45 12.10
C SER A 32 3.57 14.19 10.66
N TYR A 33 3.46 12.92 10.20
CA TYR A 33 3.88 12.49 8.87
C TYR A 33 2.65 12.17 8.01
N ALA A 34 2.83 12.19 6.69
CA ALA A 34 1.86 11.59 5.75
C ALA A 34 2.35 10.17 5.43
N MET A 35 1.42 9.21 5.41
CA MET A 35 1.74 7.79 5.23
C MET A 35 1.45 7.41 3.77
N GLY A 36 2.11 6.37 3.24
CA GLY A 36 1.89 5.93 1.86
C GLY A 36 2.20 4.47 1.66
N TRP A 37 1.50 3.85 0.72
CA TRP A 37 1.69 2.46 0.33
C TRP A 37 2.56 2.39 -0.94
N PHE A 38 3.58 1.53 -0.88
CA PHE A 38 4.52 1.28 -1.99
C PHE A 38 4.64 -0.24 -2.18
N ARG A 39 5.22 -0.71 -3.31
CA ARG A 39 5.43 -2.17 -3.56
C ARG A 39 6.55 -2.41 -4.58
N GLN A 40 7.04 -3.66 -4.62
CA GLN A 40 8.02 -4.13 -5.62
C GLN A 40 8.16 -5.65 -5.51
N ALA A 41 8.71 -6.29 -6.57
CA ALA A 41 9.11 -7.73 -6.58
C ALA A 41 9.56 -8.17 -8.00
N PRO A 42 8.71 -8.04 -9.10
CA PRO A 42 9.02 -8.64 -10.43
C PRO A 42 10.01 -7.77 -11.26
N GLY A 43 11.27 -7.74 -10.79
CA GLY A 43 12.32 -6.91 -11.40
C GLY A 43 12.08 -5.41 -11.27
N LYS A 44 11.20 -5.02 -10.33
CA LYS A 44 10.80 -3.62 -10.12
C LYS A 44 11.41 -3.07 -8.83
N GLU A 45 11.74 -1.76 -8.85
CA GLU A 45 12.10 -1.00 -7.65
C GLU A 45 10.83 -0.56 -6.93
N ARG A 46 10.98 -0.13 -5.65
CA ARG A 46 9.84 0.28 -4.80
C ARG A 46 9.09 1.48 -5.44
N GLU A 47 7.92 1.17 -6.01
CA GLU A 47 7.12 2.07 -6.85
C GLU A 47 6.03 2.76 -6.02
N PHE A 48 5.55 3.91 -6.51
CA PHE A 48 4.40 4.62 -5.95
C PHE A 48 3.10 3.88 -6.26
N VAL A 49 2.37 3.49 -5.21
CA VAL A 49 1.02 2.91 -5.33
C VAL A 49 -0.02 3.97 -4.94
N ALA A 50 0.16 4.54 -3.74
CA ALA A 50 -0.75 5.55 -3.18
C ALA A 50 -0.12 6.22 -1.94
N VAL A 51 -0.51 7.49 -1.69
CA VAL A 51 -0.15 8.24 -0.45
C VAL A 51 -1.41 8.92 0.09
N VAL A 52 -1.47 9.04 1.42
CA VAL A 52 -2.57 9.65 2.16
C VAL A 52 -2.00 10.60 3.22
N ASN A 53 -2.74 11.68 3.53
CA ASN A 53 -2.40 12.54 4.69
C ASN A 53 -2.88 11.84 5.99
N TRP A 54 -2.35 12.24 7.15
CA TRP A 54 -2.56 11.52 8.45
C TRP A 54 -4.05 11.36 8.84
N SER A 55 -4.88 12.37 8.53
CA SER A 55 -6.33 12.36 8.84
C SER A 55 -7.15 11.77 7.67
N GLY A 56 -6.47 11.54 6.54
CA GLY A 56 -7.14 11.12 5.30
C GLY A 56 -7.70 12.30 4.52
N ARG A 57 -7.14 13.49 4.80
CA ARG A 57 -7.61 14.76 4.22
C ARG A 57 -7.51 14.75 2.68
N ARG A 58 -6.29 14.55 2.17
CA ARG A 58 -6.02 14.45 0.73
C ARG A 58 -5.25 13.16 0.43
N THR A 59 -5.65 12.49 -0.67
CA THR A 59 -5.03 11.24 -1.16
C THR A 59 -4.45 11.42 -2.57
N TYR A 60 -3.54 10.52 -2.95
CA TYR A 60 -2.90 10.47 -4.27
C TYR A 60 -2.74 9.00 -4.66
N TYR A 61 -2.99 8.67 -5.92
CA TYR A 61 -2.98 7.27 -6.41
C TYR A 61 -2.20 7.18 -7.74
N ALA A 62 -1.63 6.00 -8.01
CA ALA A 62 -1.10 5.66 -9.33
C ALA A 62 -2.29 5.48 -10.28
N ASP A 63 -2.22 6.07 -11.48
CA ASP A 63 -3.39 6.20 -12.40
C ASP A 63 -3.97 4.84 -12.84
N SER A 64 -3.10 3.82 -12.89
CA SER A 64 -3.50 2.44 -13.25
C SER A 64 -4.40 1.80 -12.16
N VAL A 65 -4.19 2.22 -10.90
CA VAL A 65 -4.91 1.70 -9.73
C VAL A 65 -5.82 2.78 -9.08
N LYS A 66 -5.91 3.96 -9.74
CA LYS A 66 -6.62 5.14 -9.17
C LYS A 66 -8.15 4.97 -9.24
N GLY A 67 -8.78 4.97 -8.05
CA GLY A 67 -10.23 4.85 -7.92
C GLY A 67 -10.68 3.46 -7.53
N ARG A 68 -9.86 2.44 -7.88
CA ARG A 68 -10.10 1.03 -7.48
C ARG A 68 -9.30 0.72 -6.19
N PHE A 69 -8.30 1.55 -5.87
CA PHE A 69 -7.59 1.51 -4.57
C PHE A 69 -8.07 2.71 -3.73
N THR A 70 -8.14 2.51 -2.39
CA THR A 70 -8.54 3.56 -1.43
C THR A 70 -7.82 3.33 -0.10
N ILE A 71 -7.33 4.42 0.55
CA ILE A 71 -6.66 4.32 1.86
C ILE A 71 -7.65 4.76 2.95
N SER A 72 -7.74 3.94 4.00
CA SER A 72 -8.47 4.27 5.25
C SER A 72 -7.48 4.18 6.42
N ARG A 73 -7.72 4.89 7.52
CA ARG A 73 -6.86 4.86 8.69
C ARG A 73 -7.63 5.30 9.94
N ASP A 74 -7.48 4.54 11.02
CA ASP A 74 -8.02 4.90 12.33
C ASP A 74 -6.85 5.25 13.26
N ASN A 75 -6.71 6.55 13.56
CA ASN A 75 -5.59 7.09 14.34
C ASN A 75 -5.65 6.61 15.80
N ALA A 76 -6.87 6.35 16.30
CA ALA A 76 -7.10 5.86 17.68
C ALA A 76 -6.64 4.40 17.84
N LYS A 77 -6.92 3.55 16.83
CA LYS A 77 -6.47 2.14 16.81
C LYS A 77 -4.99 2.04 16.43
N ASN A 78 -4.46 3.16 15.86
CA ASN A 78 -3.09 3.27 15.34
C ASN A 78 -2.89 2.29 14.17
N THR A 79 -3.98 1.98 13.46
CA THR A 79 -3.98 0.97 12.38
C THR A 79 -4.52 1.57 11.07
N VAL A 80 -3.80 1.32 9.97
CA VAL A 80 -4.15 1.79 8.63
C VAL A 80 -4.69 0.61 7.79
N TYR A 81 -5.46 0.91 6.74
CA TYR A 81 -6.15 -0.08 5.90
C TYR A 81 -6.00 0.34 4.42
N LEU A 82 -5.89 -0.63 3.50
CA LEU A 82 -5.79 -0.34 2.05
C LEU A 82 -6.73 -1.28 1.27
N GLN A 83 -7.81 -0.73 0.74
CA GLN A 83 -8.81 -1.49 -0.01
C GLN A 83 -8.40 -1.56 -1.49
N MET A 84 -7.92 -2.74 -1.92
CA MET A 84 -7.67 -3.04 -3.34
C MET A 84 -8.94 -3.62 -3.95
N ASN A 85 -9.35 -3.11 -5.11
CA ASN A 85 -10.51 -3.62 -5.87
C ASN A 85 -10.08 -3.84 -7.33
N SER A 86 -10.59 -4.91 -7.96
CA SER A 86 -10.36 -5.22 -9.39
C SER A 86 -8.86 -5.35 -9.68
N LEU A 87 -8.26 -6.43 -9.18
CA LEU A 87 -6.82 -6.70 -9.33
C LEU A 87 -6.51 -7.37 -10.68
N LYS A 88 -5.27 -7.23 -11.12
CA LYS A 88 -4.72 -7.88 -12.32
C LYS A 88 -3.56 -8.78 -11.86
N PRO A 89 -3.17 -9.85 -12.63
CA PRO A 89 -2.10 -10.80 -12.20
C PRO A 89 -0.71 -10.11 -11.98
N GLU A 90 -0.55 -8.94 -12.61
CA GLU A 90 0.69 -8.16 -12.60
C GLU A 90 0.91 -7.40 -11.28
N ASP A 91 -0.12 -7.33 -10.41
CA ASP A 91 -0.02 -6.62 -9.11
C ASP A 91 0.62 -7.51 -8.00
N THR A 92 1.02 -8.75 -8.37
CA THR A 92 1.74 -9.68 -7.47
C THR A 92 3.12 -9.11 -7.07
N ALA A 93 3.24 -8.67 -5.79
CA ALA A 93 4.44 -7.99 -5.27
C ALA A 93 4.40 -7.89 -3.75
N VAL A 94 5.56 -7.60 -3.12
CA VAL A 94 5.66 -7.31 -1.68
C VAL A 94 5.45 -5.81 -1.44
N TYR A 95 4.32 -5.47 -0.78
CA TYR A 95 3.99 -4.07 -0.47
C TYR A 95 4.60 -3.69 0.87
N ASN A 96 5.12 -2.46 0.95
CA ASN A 96 5.72 -1.88 2.14
C ASN A 96 5.02 -0.54 2.43
N CYS A 97 4.57 -0.36 3.67
CA CYS A 97 4.00 0.88 4.17
C CYS A 97 5.15 1.79 4.65
N ALA A 98 5.24 2.98 4.07
CA ALA A 98 6.24 4.00 4.44
C ALA A 98 5.55 5.22 5.06
N ALA A 99 6.32 6.04 5.77
CA ALA A 99 5.83 7.26 6.44
C ALA A 99 6.92 8.34 6.41
N GLY A 100 6.50 9.59 6.26
CA GLY A 100 7.42 10.72 6.20
C GLY A 100 6.69 11.99 5.86
N LYS A 101 7.34 13.15 6.06
CA LYS A 101 6.73 14.46 5.76
C LYS A 101 6.69 14.64 4.23
N TRP A 102 5.46 14.64 3.69
CA TRP A 102 5.17 14.74 2.23
C TRP A 102 5.49 16.15 1.64
N ASP A 103 6.00 17.04 2.50
CA ASP A 103 6.43 18.40 2.15
C ASP A 103 7.61 18.31 1.14
N GLY A 104 7.27 18.21 -0.15
CA GLY A 104 8.24 17.88 -1.19
C GLY A 104 8.57 16.39 -1.15
N SER A 105 9.86 16.06 -0.87
CA SER A 105 10.34 14.68 -0.61
C SER A 105 10.15 13.72 -1.81
N TYR A 106 9.91 14.29 -3.02
CA TYR A 106 9.71 13.51 -4.26
C TYR A 106 11.01 12.84 -4.70
N TYR A 107 12.13 13.55 -4.46
CA TYR A 107 13.49 13.02 -4.63
C TYR A 107 14.15 12.98 -3.26
N GLY A 108 14.15 11.79 -2.64
CA GLY A 108 14.69 11.60 -1.30
C GLY A 108 14.33 10.22 -0.75
N ALA A 109 14.05 10.17 0.57
CA ALA A 109 13.71 8.91 1.27
C ALA A 109 12.65 9.20 2.37
N PRO A 110 11.68 8.26 2.60
CA PRO A 110 10.75 8.32 3.76
C PRO A 110 11.52 8.29 5.10
N ASP A 111 10.97 8.98 6.11
CA ASP A 111 11.58 9.07 7.45
C ASP A 111 11.57 7.69 8.13
N TYR A 112 10.40 7.04 8.08
CA TYR A 112 10.20 5.68 8.60
C TYR A 112 9.56 4.80 7.52
N TRP A 113 9.60 3.48 7.73
CA TRP A 113 9.01 2.47 6.83
C TRP A 113 8.78 1.17 7.61
N GLY A 114 8.01 0.26 7.01
CA GLY A 114 7.59 -0.97 7.68
C GLY A 114 8.44 -2.17 7.32
N GLN A 115 7.86 -3.35 7.59
CA GLN A 115 8.49 -4.65 7.29
C GLN A 115 8.18 -5.04 5.84
N GLY A 116 6.86 -5.11 5.53
CA GLY A 116 6.38 -5.51 4.21
C GLY A 116 5.98 -6.98 4.17
N THR A 117 4.93 -7.29 3.38
CA THR A 117 4.48 -8.67 3.15
C THR A 117 3.98 -8.80 1.70
N GLN A 118 4.14 -10.01 1.13
CA GLN A 118 3.95 -10.25 -0.30
C GLN A 118 2.49 -10.68 -0.58
N VAL A 119 1.77 -9.87 -1.38
CA VAL A 119 0.41 -10.23 -1.88
C VAL A 119 0.53 -10.98 -3.20
N THR A 120 -0.09 -12.16 -3.25
CA THR A 120 -0.15 -13.00 -4.45
C THR A 120 -1.54 -12.85 -5.08
N VAL A 121 -1.64 -12.10 -6.18
CA VAL A 121 -2.89 -12.07 -6.96
C VAL A 121 -2.81 -13.19 -8.01
N SER A 122 -3.50 -14.30 -7.68
CA SER A 122 -3.51 -15.55 -8.45
C SER A 122 -3.99 -15.31 -9.89
N SER A 123 -3.06 -15.57 -10.84
CA SER A 123 -3.30 -15.45 -12.27
C SER A 123 -4.45 -16.39 -12.70
N LEU A 124 -5.67 -15.81 -12.71
CA LEU A 124 -6.91 -16.54 -13.03
C LEU A 124 -7.08 -16.73 -14.55
N GLU A 125 -6.13 -16.15 -15.33
CA GLU A 125 -6.09 -16.21 -16.80
C GLU A 125 -7.34 -15.48 -17.36
N HIS A 126 -7.21 -14.14 -17.41
CA HIS A 126 -8.29 -13.21 -17.76
C HIS A 126 -8.55 -13.23 -19.27
N HIS A 127 -9.77 -13.63 -19.64
CA HIS A 127 -10.17 -13.84 -21.04
C HIS A 127 -10.66 -12.53 -21.67
N HIS A 128 -11.70 -11.92 -21.06
CA HIS A 128 -12.44 -10.79 -21.65
C HIS A 128 -11.75 -9.46 -21.30
N HIS A 129 -10.69 -9.14 -22.07
CA HIS A 129 -9.80 -8.00 -21.81
C HIS A 129 -10.42 -6.67 -22.28
N HIS A 130 -10.44 -5.69 -21.37
CA HIS A 130 -10.90 -4.31 -21.67
C HIS A 130 -9.76 -3.52 -22.32
N HIS A 131 -10.14 -2.55 -23.19
CA HIS A 131 -9.16 -1.66 -23.83
C HIS A 131 -8.68 -0.58 -22.82
#